data_7K90
#
_entry.id   7K90
#
_cell.length_a   1.00
_cell.length_b   1.00
_cell.length_c   1.00
_cell.angle_alpha   90.00
_cell.angle_beta   90.00
_cell.angle_gamma   90.00
#
_symmetry.space_group_name_H-M   'P 1'
#
loop_
_entity.id
_entity.type
_entity.pdbx_description
1 polymer 'Spike glycoprotein'
2 polymer 'C144 Fab Heavy Chain'
3 polymer 'C144 Fab Light Chain'
4 non-polymer 2-acetamido-2-deoxy-beta-D-glucopyranose
#
loop_
_entity_poly.entity_id
_entity_poly.type
_entity_poly.pdbx_seq_one_letter_code
_entity_poly.pdbx_strand_id
1 'polypeptide(L)'
;MFVFLVLLPLVSSQCVNLTTRTQLPPAYTNSFTRGVYYPDKVFRSSVLHSTQDLFLPFFSNVTWFHAIHVSGTNGTKRFD
NPVLPFNDGVYFASTEKSNIIRGWIFGTTLDSKTQSLLIVNNATNVVIKVCEFQFCNDPFLGVYYHKNNKSWMESEFRVY
SSANNCTFEYVSQPFLMDLEGKQGNFKNLREFVFKNIDGYFKIYSKHTPINLVRDLPQGFSALEPLVDLPIGINITRFQT
LLALHRSYLTPGDSSSGWTAGAAAYYVGYLQPRTFLLKYNENGTITDAVDCALDPLSETKCTLKSFTVEKGIYQTSNFRV
QPTESIVRFPNITNLCPFGEVFNATRFASVYAWNRKRISNCVADYSVLYNSASFSTFKCYGVSPTKLNDLCFTNVYADSF
VIRGDEVRQIAPGQTGKIADYNYKLPDDFTGCVIAWNSNNLDSKVGGNYNYLYRLFRKSNLKPFERDISTEIYQAGSTPC
NGVEGFNCYFPLQSYGFQPTNGVGYQPYRVVVLSFELLHAPATVCGPKKSTNLVKNKCVNFNFNGLTGTGVLTESNKKFL
PFQQFGRDIADTTDAVRDPQTLEILDITPCSFGGVSVITPGTNTSNQVAVLYQDVNCTEVPVAIHADQLTPTWRVYSTGS
NVFQTRAGCLIGAEHVNNSYECDIPIGAGICASYQTQTNSPGSASSVASQSIIAYTMSLGAENSVAYSNNSIAIPTNFTI
SVTTEILPVSMTKTSVDCTMYICGDSTECSNLLLQYGSFCTQLNRALTGIAVEQDKNTQEVFAQVKQIYKTPPIKDFGGF
NFSQILPDPSKPSKRSPIEDLLFNKVTLADAGFIKQYGDCLGDIAARDLICAQKFNGLTVLPPLLTDEMIAQYTSALLAG
TITSGWTFGAGPALQIPFPMQMAYRFNGIGVTQNVLYENQKLIANQFNSAIGKIQDSLSSTPSALGKLQDVVNQNAQALN
TLVKQLSSNFGAISSVLNDILSRLDPPEAEVQIDRLITGRLQSLQTYVTQQLIRAAEIRASANLAATKMSECVLGQSKRV
DFCGKGYHLMSFPQSAPHGVVFLHVTYVPAQEKNFTTAPAICHDGKAHFPREGVFVSNGTHWFVTQRNFYEPQIITTDNT
FVSGNCDVVIGIVNNTVYDPLQPELDSFKEELDKYFKNHTSPDVDLGDISGINASVVNIQKEIDRLNEVAKNLNESLIDL
QELGKYEQGSGYIPEAPRDGQAYVRKDGEWVLLSTFLGRSLEVLFQGPGHHHHHHHHSAWSHPQFEKGGGSGGGGSGGSA
WSHPQFEK
;
A,B,C
2 'polypeptide(L)'
;EVQLVESGGGLIQPGGSLRLSCAASGFTVSNNYMSWVRQAPGKGLEWVSVIYSGGSTYYADSVKGRFTISRDKSKNTLYL
QMNRLRAEDTAVYYCAREGEVEGYNDFWSGYSRDRYYFDYWGQGTLVTVSSASTKGPSVFPLAPSSKSTSGGTAALGCLV
KDYFPEPVTVSWNSGALTSGVHTFPAVLQSSGLYSLSSVVTVPSSSLGTQTYICNVNHKPSNTKVDKRVEPKSCDKTHHH
HHH
;
H,M,O
3 'polypeptide(L)'
;QSALTQPASVSGSPGQSITISCTGTSSDVGGYNYVSWYQQHPGKAPKLMIYDVSNRPSGVSNRFSGSKSGNTASLTISGL
QAEDEADYYCSSYTSSSTRVFGTGTKVTVLGQPKAAPSVTLFPPSSEELQANKATLVCLISDFYPGAVTVAWKADSSPVK
AGVETTTPSKQSNNKYAASSYLSLTPEQWKSHRSYSCQVTHEGSTVEKTVAPTECS
;
L,N,P
#
loop_
_chem_comp.id
_chem_comp.type
_chem_comp.name
_chem_comp.formula
NAG D-saccharide, beta linking 2-acetamido-2-deoxy-beta-D-glucopyranose 'C8 H15 N O6'
#
# COMPACT_ATOMS: atom_id res chain seq x y z
N ALA A 27 31.19 11.91 48.23
CA ALA A 27 31.83 12.84 47.31
C ALA A 27 31.34 12.59 45.88
N TYR A 28 31.28 13.67 45.09
CA TYR A 28 30.83 13.61 43.71
C TYR A 28 31.84 14.28 42.81
N THR A 29 31.71 14.03 41.51
CA THR A 29 32.65 14.55 40.53
C THR A 29 31.90 14.68 39.21
N ASN A 30 32.45 15.49 38.29
CA ASN A 30 31.82 15.77 37.02
C ASN A 30 32.35 14.82 35.96
N SER A 31 31.46 14.05 35.34
CA SER A 31 31.82 13.14 34.25
C SER A 31 31.87 13.94 32.96
N PHE A 32 33.04 14.56 32.74
CA PHE A 32 33.23 15.53 31.66
C PHE A 32 32.73 15.03 30.31
N THR A 33 33.39 14.01 29.75
CA THR A 33 32.97 13.46 28.47
C THR A 33 33.12 11.94 28.41
N ARG A 34 33.19 11.27 29.55
CA ARG A 34 33.53 9.85 29.59
C ARG A 34 32.28 8.99 29.43
N GLY A 35 32.51 7.72 29.12
CA GLY A 35 31.44 6.75 28.99
C GLY A 35 31.01 6.45 27.58
N VAL A 36 31.84 6.73 26.58
CA VAL A 36 31.51 6.51 25.17
C VAL A 36 32.26 5.28 24.68
N TYR A 37 31.53 4.38 24.02
CA TYR A 37 32.08 3.11 23.55
C TYR A 37 31.61 2.85 22.13
N TYR A 38 32.19 1.81 21.52
CA TYR A 38 31.77 1.35 20.20
C TYR A 38 30.58 0.42 20.36
N PRO A 39 29.37 0.85 19.99
CA PRO A 39 28.17 0.09 20.34
C PRO A 39 27.76 -1.01 19.38
N ASP A 40 28.46 -1.21 18.25
CA ASP A 40 28.00 -2.15 17.24
C ASP A 40 29.07 -3.07 16.67
N LYS A 41 30.36 -2.79 16.90
CA LYS A 41 31.45 -3.59 16.33
C LYS A 41 31.40 -3.62 14.81
N VAL A 42 30.87 -2.57 14.19
CA VAL A 42 30.81 -2.42 12.75
C VAL A 42 31.68 -1.24 12.35
N PHE A 43 32.61 -1.46 11.44
CA PHE A 43 33.55 -0.42 11.08
C PHE A 43 32.85 0.71 10.33
N ARG A 44 33.16 1.94 10.73
CA ARG A 44 32.63 3.13 10.08
C ARG A 44 33.70 4.20 10.10
N SER A 45 33.87 4.92 8.99
CA SER A 45 34.93 5.90 8.86
C SER A 45 34.38 7.19 8.26
N SER A 46 34.73 8.31 8.89
CA SER A 46 34.34 9.64 8.41
C SER A 46 32.83 9.74 8.21
N VAL A 47 32.09 9.33 9.24
CA VAL A 47 30.63 9.33 9.20
C VAL A 47 30.11 9.56 10.60
N LEU A 48 29.15 10.48 10.73
CA LEU A 48 28.54 10.81 12.02
C LEU A 48 27.28 9.97 12.18
N HIS A 49 27.43 8.79 12.77
CA HIS A 49 26.31 7.88 12.99
C HIS A 49 25.58 8.26 14.25
N SER A 50 24.26 8.40 14.16
CA SER A 50 23.42 8.78 15.30
C SER A 50 22.71 7.51 15.78
N THR A 51 23.18 6.96 16.89
CA THR A 51 22.63 5.74 17.46
C THR A 51 21.95 6.01 18.78
N GLN A 52 21.01 5.16 19.13
CA GLN A 52 20.28 5.23 20.40
C GLN A 52 20.68 4.02 21.23
N ASP A 53 21.55 4.24 22.22
CA ASP A 53 22.00 3.17 23.08
C ASP A 53 22.20 3.72 24.49
N LEU A 54 22.48 2.81 25.42
CA LEU A 54 22.68 3.18 26.82
C LEU A 54 24.08 3.76 26.98
N PHE A 55 24.16 5.07 27.09
CA PHE A 55 25.42 5.77 27.31
C PHE A 55 25.39 6.46 28.67
N LEU A 56 26.56 6.95 29.08
CA LEU A 56 26.64 7.78 30.28
C LEU A 56 26.35 9.22 29.88
N PRO A 57 25.26 9.81 30.40
CA PRO A 57 24.95 11.20 30.05
C PRO A 57 26.10 12.13 30.41
N PHE A 58 26.42 13.04 29.49
CA PHE A 58 27.53 13.96 29.70
C PHE A 58 27.26 14.84 30.91
N PHE A 59 28.34 15.12 31.66
CA PHE A 59 28.27 16.00 32.84
C PHE A 59 27.27 15.46 33.87
N SER A 60 27.35 14.16 34.14
CA SER A 60 26.52 13.54 35.15
C SER A 60 27.30 13.40 36.47
N ASN A 61 26.55 13.35 37.56
CA ASN A 61 27.15 13.21 38.89
C ASN A 61 27.60 11.77 39.10
N VAL A 62 28.91 11.56 39.14
CA VAL A 62 29.49 10.25 39.44
C VAL A 62 29.80 10.18 40.93
N THR A 63 29.42 9.07 41.56
CA THR A 63 29.56 8.92 43.00
C THR A 63 30.97 8.42 43.31
N TRP A 64 31.84 9.34 43.73
CA TRP A 64 33.21 8.99 44.07
C TRP A 64 33.23 8.24 45.40
N PHE A 65 33.63 6.97 45.35
CA PHE A 65 33.66 6.11 46.53
C PHE A 65 35.09 5.94 47.03
N HIS A 66 35.21 5.61 48.31
CA HIS A 66 36.51 5.39 48.92
C HIS A 66 36.52 4.07 49.69
N ASN A 81 33.95 -2.15 50.23
CA ASN A 81 33.06 -1.11 49.72
C ASN A 81 31.61 -1.59 49.72
N PRO A 82 30.68 -0.68 49.99
CA PRO A 82 29.26 -1.07 50.07
C PRO A 82 28.73 -1.47 48.71
N VAL A 83 27.56 -2.14 48.74
CA VAL A 83 26.93 -2.58 47.51
C VAL A 83 26.31 -1.39 46.79
N LEU A 84 26.32 -1.44 45.46
CA LEU A 84 25.85 -0.34 44.64
C LEU A 84 24.81 -0.84 43.64
N PRO A 85 23.76 -0.06 43.39
CA PRO A 85 22.74 -0.49 42.43
C PRO A 85 23.28 -0.61 41.01
N PHE A 86 22.85 -1.60 40.24
CA PHE A 86 23.30 -1.73 38.82
C PHE A 86 22.01 -1.70 38.02
N ASN A 87 21.31 -0.56 38.09
CA ASN A 87 19.91 -0.43 37.59
C ASN A 87 19.76 -0.71 36.09
N ASP A 88 20.66 -0.22 35.24
CA ASP A 88 20.49 -0.51 33.79
C ASP A 88 21.88 -0.46 33.18
N GLY A 89 22.88 -0.52 34.04
CA GLY A 89 24.25 -0.36 33.60
C GLY A 89 25.03 0.51 34.55
N VAL A 90 26.36 0.39 34.53
CA VAL A 90 27.21 1.09 35.48
C VAL A 90 28.54 1.41 34.81
N TYR A 91 28.96 2.66 34.91
CA TYR A 91 30.29 3.08 34.52
C TYR A 91 31.24 2.90 35.71
N PHE A 92 32.52 2.67 35.41
CA PHE A 92 33.48 2.40 36.47
C PHE A 92 34.86 2.82 35.99
N ALA A 93 35.53 3.69 36.77
CA ALA A 93 36.87 4.12 36.49
C ALA A 93 37.62 4.34 37.79
N SER A 94 38.92 4.04 37.78
CA SER A 94 39.74 4.20 38.96
C SER A 94 41.20 4.28 38.54
N THR A 95 41.91 5.26 39.09
CA THR A 95 43.34 5.46 38.80
C THR A 95 44.16 4.94 39.97
N GLU A 96 44.90 3.86 39.73
CA GLU A 96 45.75 3.24 40.76
C GLU A 96 47.12 3.00 40.15
N LYS A 97 48.03 2.48 40.98
CA LYS A 97 49.37 2.14 40.51
C LYS A 97 49.87 0.79 41.02
N SER A 98 49.12 0.10 41.88
CA SER A 98 49.57 -1.19 42.40
C SER A 98 48.45 -2.23 42.40
N ASN A 99 47.37 -1.99 41.65
CA ASN A 99 46.27 -2.95 41.50
C ASN A 99 45.59 -3.23 42.84
N ILE A 100 45.33 -2.16 43.60
CA ILE A 100 44.53 -2.30 44.80
C ILE A 100 43.09 -2.66 44.45
N ILE A 101 42.61 -2.18 43.31
CA ILE A 101 41.33 -2.64 42.77
C ILE A 101 41.54 -4.04 42.20
N ARG A 102 40.63 -4.96 42.55
CA ARG A 102 40.89 -6.37 42.30
C ARG A 102 39.74 -7.14 41.65
N GLY A 103 38.67 -6.47 41.24
CA GLY A 103 37.62 -7.16 40.54
C GLY A 103 36.26 -6.57 40.89
N TRP A 104 35.24 -7.39 40.71
CA TRP A 104 33.85 -6.95 40.85
C TRP A 104 32.99 -8.09 41.34
N ILE A 105 31.75 -7.75 41.69
CA ILE A 105 30.70 -8.72 42.01
C ILE A 105 29.40 -8.19 41.44
N PHE A 106 28.63 -9.05 40.80
CA PHE A 106 27.34 -8.66 40.23
C PHE A 106 26.30 -9.71 40.61
N GLY A 107 25.08 -9.25 40.86
CA GLY A 107 24.01 -10.16 41.20
C GLY A 107 22.74 -9.43 41.56
N THR A 108 21.81 -10.16 42.16
CA THR A 108 20.53 -9.62 42.58
C THR A 108 20.39 -9.59 44.10
N THR A 109 20.57 -10.73 44.77
CA THR A 109 20.49 -10.82 46.21
C THR A 109 21.76 -11.34 46.86
N LEU A 110 22.57 -12.12 46.15
CA LEU A 110 23.86 -12.60 46.63
C LEU A 110 23.72 -13.46 47.89
N ASP A 111 22.66 -14.24 47.98
CA ASP A 111 22.41 -15.11 49.13
C ASP A 111 22.23 -16.56 48.70
N SER A 112 22.94 -16.97 47.65
CA SER A 112 23.01 -18.34 47.15
C SER A 112 21.69 -18.85 46.59
N LYS A 113 20.62 -18.06 46.62
CA LYS A 113 19.35 -18.51 46.06
C LYS A 113 19.29 -18.31 44.55
N THR A 114 20.13 -17.44 44.00
CA THR A 114 20.15 -17.17 42.57
C THR A 114 21.60 -17.09 42.10
N GLN A 115 21.77 -17.03 40.78
CA GLN A 115 23.10 -16.90 40.20
C GLN A 115 23.59 -15.45 40.31
N SER A 116 24.91 -15.30 40.25
CA SER A 116 25.52 -13.98 40.41
C SER A 116 26.89 -13.99 39.76
N LEU A 117 27.14 -12.99 38.91
CA LEU A 117 28.45 -12.87 38.28
C LEU A 117 29.50 -12.47 39.31
N LEU A 118 30.75 -12.77 39.00
CA LEU A 118 31.86 -12.48 39.91
C LEU A 118 33.16 -12.49 39.11
N ILE A 119 33.88 -11.37 39.15
CA ILE A 119 35.14 -11.22 38.43
C ILE A 119 36.23 -10.94 39.43
N VAL A 120 37.28 -11.77 39.41
CA VAL A 120 38.47 -11.56 40.24
C VAL A 120 39.69 -11.70 39.34
N ASN A 121 40.51 -10.65 39.29
CA ASN A 121 41.72 -10.66 38.50
C ASN A 121 42.79 -11.47 39.22
N ASN A 122 42.86 -12.76 38.92
CA ASN A 122 43.95 -13.58 39.44
C ASN A 122 45.26 -13.13 38.84
N ALA A 123 46.36 -13.57 39.46
CA ALA A 123 47.70 -13.06 39.17
C ALA A 123 47.97 -12.83 37.69
N THR A 124 47.63 -13.80 36.85
CA THR A 124 47.89 -13.71 35.42
C THR A 124 46.65 -13.85 34.55
N ASN A 125 45.60 -14.51 35.05
CA ASN A 125 44.41 -14.79 34.25
C ASN A 125 43.18 -14.25 34.97
N VAL A 126 42.27 -13.63 34.21
CA VAL A 126 40.99 -13.23 34.78
C VAL A 126 40.13 -14.45 35.04
N VAL A 127 39.13 -14.27 35.90
CA VAL A 127 38.20 -15.33 36.28
C VAL A 127 36.80 -14.75 36.29
N ILE A 128 35.92 -15.33 35.47
CA ILE A 128 34.53 -14.90 35.38
C ILE A 128 33.66 -16.12 35.64
N LYS A 129 32.96 -16.11 36.77
CA LYS A 129 32.11 -17.23 37.17
C LYS A 129 30.73 -16.73 37.53
N VAL A 130 29.72 -17.53 37.24
CA VAL A 130 28.32 -17.18 37.53
C VAL A 130 27.78 -18.31 38.41
N CYS A 131 28.02 -18.22 39.70
CA CYS A 131 27.63 -19.29 40.62
C CYS A 131 26.80 -18.72 41.74
N GLU A 132 25.97 -19.58 42.36
CA GLU A 132 25.18 -19.17 43.52
C GLU A 132 26.10 -18.99 44.72
N PHE A 133 26.96 -17.97 44.66
CA PHE A 133 27.91 -17.71 45.72
C PHE A 133 27.19 -17.27 46.98
N GLN A 134 27.87 -17.44 48.12
CA GLN A 134 27.46 -16.86 49.38
C GLN A 134 28.51 -15.82 49.75
N PHE A 135 28.22 -14.56 49.49
CA PHE A 135 29.15 -13.48 49.77
C PHE A 135 29.09 -13.10 51.24
N CYS A 136 30.25 -12.84 51.81
CA CYS A 136 30.32 -12.43 53.21
C CYS A 136 29.73 -11.03 53.39
N ASN A 137 29.69 -10.58 54.64
CA ASN A 137 29.22 -9.22 54.90
C ASN A 137 30.17 -8.20 54.31
N ASP A 138 31.47 -8.50 54.30
CA ASP A 138 32.49 -7.65 53.68
C ASP A 138 33.46 -8.53 52.91
N PRO A 139 33.07 -9.00 51.73
CA PRO A 139 33.95 -9.89 50.97
C PRO A 139 35.14 -9.13 50.38
N PHE A 140 36.31 -9.78 50.44
CA PHE A 140 37.54 -9.20 49.92
C PHE A 140 38.35 -10.28 49.23
N LEU A 141 39.28 -9.86 48.40
CA LEU A 141 40.15 -10.78 47.67
C LEU A 141 41.56 -10.22 47.53
N SER A 155 44.93 -10.01 51.07
CA SER A 155 45.05 -10.69 49.79
C SER A 155 44.38 -12.06 49.83
N GLU A 156 43.70 -12.35 50.94
CA GLU A 156 43.02 -13.62 51.13
C GLU A 156 41.57 -13.53 50.66
N PHE A 157 41.15 -14.48 49.84
CA PHE A 157 39.78 -14.52 49.34
C PHE A 157 38.91 -15.30 50.32
N ARG A 158 37.67 -14.83 50.49
CA ARG A 158 36.79 -15.37 51.53
C ARG A 158 35.42 -15.71 50.98
N VAL A 159 35.01 -15.05 49.89
CA VAL A 159 33.65 -15.23 49.39
C VAL A 159 33.55 -16.41 48.42
N TYR A 160 34.65 -16.74 47.74
CA TYR A 160 34.64 -17.79 46.71
C TYR A 160 34.72 -19.18 47.35
N SER A 161 33.70 -19.49 48.15
CA SER A 161 33.58 -20.80 48.78
C SER A 161 32.14 -21.27 48.70
N SER A 162 31.98 -22.60 48.59
CA SER A 162 30.67 -23.24 48.53
C SER A 162 29.82 -22.69 47.39
N ALA A 163 30.29 -22.92 46.17
CA ALA A 163 29.55 -22.59 44.95
C ALA A 163 29.00 -23.88 44.36
N ASN A 164 27.69 -23.91 44.13
CA ASN A 164 26.99 -25.13 43.76
C ASN A 164 26.26 -24.97 42.43
N ASN A 165 26.46 -25.91 41.52
CA ASN A 165 25.62 -26.09 40.33
C ASN A 165 25.48 -24.78 39.54
N CYS A 166 26.61 -24.27 39.08
CA CYS A 166 26.63 -23.07 38.26
C CYS A 166 26.97 -23.38 36.82
N THR A 167 26.57 -22.46 35.92
CA THR A 167 26.44 -22.73 34.50
C THR A 167 27.38 -21.92 33.63
N PHE A 168 28.45 -21.37 34.19
CA PHE A 168 29.36 -20.58 33.38
C PHE A 168 30.73 -20.48 34.04
N GLU A 169 31.76 -20.64 33.22
CA GLU A 169 33.14 -20.38 33.61
C GLU A 169 33.81 -19.64 32.48
N TYR A 170 34.88 -18.92 32.78
CA TYR A 170 35.56 -18.12 31.77
C TYR A 170 36.95 -17.75 32.24
N VAL A 171 37.91 -17.86 31.31
CA VAL A 171 39.30 -17.44 31.55
C VAL A 171 39.78 -16.75 30.29
N SER A 172 40.57 -15.68 30.46
CA SER A 172 41.10 -14.94 29.33
C SER A 172 42.35 -14.18 29.79
N GLN A 173 42.83 -13.28 28.94
CA GLN A 173 43.98 -12.46 29.25
C GLN A 173 43.66 -11.53 30.43
N PRO A 174 44.67 -11.10 31.16
CA PRO A 174 44.41 -10.27 32.35
C PRO A 174 43.97 -8.87 31.98
N PHE A 175 43.06 -8.33 32.78
CA PHE A 175 42.62 -6.95 32.65
C PHE A 175 43.54 -6.04 33.48
N LEU A 176 43.31 -4.73 33.35
CA LEU A 176 44.07 -3.73 34.07
C LEU A 176 45.57 -3.85 33.83
N LYS A 187 48.53 7.27 38.09
CA LYS A 187 48.76 7.91 36.79
C LYS A 187 48.22 7.04 35.66
N ASN A 188 47.49 5.98 36.02
CA ASN A 188 46.91 5.04 35.06
C ASN A 188 45.41 4.98 35.31
N LEU A 189 44.64 5.66 34.45
CA LEU A 189 43.19 5.68 34.57
C LEU A 189 42.61 4.52 33.76
N ARG A 190 41.88 3.64 34.43
CA ARG A 190 41.30 2.45 33.81
C ARG A 190 39.79 2.55 33.90
N GLU A 191 39.13 2.70 32.75
CA GLU A 191 37.69 2.84 32.68
C GLU A 191 37.05 1.52 32.28
N PHE A 192 35.83 1.31 32.76
CA PHE A 192 35.06 0.11 32.45
C PHE A 192 33.59 0.45 32.35
N VAL A 193 32.91 -0.16 31.39
CA VAL A 193 31.47 0.00 31.21
C VAL A 193 30.82 -1.38 31.28
N PHE A 194 29.85 -1.53 32.16
CA PHE A 194 29.19 -2.81 32.39
C PHE A 194 27.72 -2.68 32.00
N LYS A 195 27.31 -3.41 30.97
CA LYS A 195 25.94 -3.37 30.49
C LYS A 195 25.40 -4.79 30.35
N ASN A 196 24.13 -4.97 30.70
CA ASN A 196 23.44 -6.25 30.61
C ASN A 196 22.34 -6.11 29.58
N ILE A 197 22.60 -6.59 28.36
CA ILE A 197 21.68 -6.44 27.24
C ILE A 197 21.20 -7.83 26.83
N ASP A 198 19.93 -8.12 27.12
CA ASP A 198 19.28 -9.37 26.73
C ASP A 198 20.09 -10.58 27.20
N GLY A 199 20.41 -10.59 28.50
CA GLY A 199 21.17 -11.66 29.09
C GLY A 199 22.63 -11.71 28.70
N TYR A 200 23.06 -10.92 27.71
CA TYR A 200 24.46 -10.88 27.30
C TYR A 200 25.19 -9.81 28.12
N PHE A 201 26.14 -10.23 28.93
CA PHE A 201 26.94 -9.30 29.72
C PHE A 201 28.03 -8.69 28.83
N LYS A 202 27.96 -7.38 28.62
CA LYS A 202 28.91 -6.67 27.78
C LYS A 202 29.85 -5.87 28.65
N ILE A 203 31.16 -6.03 28.43
CA ILE A 203 32.18 -5.32 29.17
C ILE A 203 33.01 -4.52 28.18
N TYR A 204 33.09 -3.21 28.40
CA TYR A 204 33.94 -2.32 27.62
C TYR A 204 35.01 -1.75 28.53
N SER A 205 36.14 -1.36 27.94
CA SER A 205 37.25 -0.89 28.76
C SER A 205 38.18 -0.02 27.93
N LYS A 206 38.89 0.87 28.62
CA LYS A 206 39.92 1.68 28.01
C LYS A 206 40.86 2.17 29.12
N HIS A 207 42.09 1.66 29.12
CA HIS A 207 43.09 2.05 30.11
C HIS A 207 43.95 3.16 29.51
N THR A 208 43.89 4.34 30.11
CA THR A 208 44.62 5.50 29.60
C THR A 208 45.46 6.11 30.70
N PRO A 209 46.67 6.60 30.37
CA PRO A 209 47.53 7.26 31.36
C PRO A 209 47.02 8.62 31.78
N PRO A 217 39.57 13.74 35.28
CA PRO A 217 39.37 12.85 34.13
C PRO A 217 38.93 13.60 32.88
N GLN A 218 39.29 14.87 32.77
CA GLN A 218 38.91 15.65 31.59
C GLN A 218 39.59 15.11 30.34
N GLY A 219 38.90 15.24 29.22
CA GLY A 219 39.33 14.65 27.97
C GLY A 219 38.31 13.65 27.46
N PHE A 220 38.67 13.03 26.33
CA PHE A 220 37.80 12.06 25.69
C PHE A 220 38.59 10.84 25.25
N SER A 221 37.95 9.68 25.32
CA SER A 221 38.59 8.42 24.92
C SER A 221 37.50 7.40 24.65
N ALA A 222 37.52 6.81 23.45
CA ALA A 222 36.53 5.80 23.09
C ALA A 222 36.90 4.47 23.72
N LEU A 223 35.89 3.74 24.18
CA LEU A 223 36.09 2.49 24.90
C LEU A 223 35.80 1.32 23.96
N GLU A 224 36.83 0.54 23.66
CA GLU A 224 36.67 -0.63 22.80
C GLU A 224 36.10 -1.79 23.60
N PRO A 225 35.28 -2.64 22.96
CA PRO A 225 34.68 -3.76 23.68
C PRO A 225 35.69 -4.85 23.98
N LEU A 226 35.53 -5.49 25.14
CA LEU A 226 36.42 -6.55 25.59
C LEU A 226 35.80 -7.93 25.42
N VAL A 227 34.63 -8.16 26.03
CA VAL A 227 33.98 -9.47 26.01
C VAL A 227 32.48 -9.26 25.86
N ASP A 228 31.79 -10.34 25.49
CA ASP A 228 30.34 -10.37 25.40
C ASP A 228 29.91 -11.69 26.05
N LEU A 229 29.55 -11.62 27.33
CA LEU A 229 29.35 -12.82 28.12
C LEU A 229 27.89 -13.27 28.05
N PRO A 230 27.59 -14.45 27.50
CA PRO A 230 26.21 -14.98 27.52
C PRO A 230 25.85 -15.61 28.85
N ILE A 231 25.49 -14.76 29.81
CA ILE A 231 25.20 -15.19 31.18
C ILE A 231 23.71 -15.39 31.40
N GLY A 232 22.89 -14.48 30.91
CA GLY A 232 21.44 -14.63 31.04
C GLY A 232 20.92 -14.61 32.45
N ILE A 233 21.48 -13.76 33.32
CA ILE A 233 21.05 -13.68 34.71
C ILE A 233 20.56 -12.26 34.99
N ASN A 234 19.80 -12.14 36.07
CA ASN A 234 19.27 -10.85 36.50
C ASN A 234 20.25 -10.21 37.48
N ILE A 235 20.72 -9.02 37.15
CA ILE A 235 21.65 -8.27 37.99
C ILE A 235 20.99 -6.95 38.35
N THR A 236 20.80 -6.71 39.65
CA THR A 236 20.22 -5.47 40.14
C THR A 236 21.18 -4.63 40.97
N ARG A 237 22.10 -5.25 41.70
CA ARG A 237 23.12 -4.55 42.46
C ARG A 237 24.49 -5.08 42.08
N PHE A 238 25.53 -4.39 42.52
CA PHE A 238 26.89 -4.82 42.27
C PHE A 238 27.80 -4.25 43.34
N GLN A 239 29.01 -4.79 43.43
CA GLN A 239 29.97 -4.41 44.45
C GLN A 239 31.37 -4.73 43.97
N THR A 240 32.29 -3.80 44.17
CA THR A 240 33.67 -4.02 43.77
C THR A 240 34.42 -4.83 44.81
N LEU A 241 35.42 -5.58 44.35
CA LEU A 241 36.23 -6.45 45.20
C LEU A 241 37.57 -5.79 45.45
N LEU A 242 37.82 -5.38 46.69
CA LEU A 242 39.08 -4.77 47.06
C LEU A 242 39.99 -5.78 47.73
N ALA A 263 41.77 2.07 46.17
CA ALA A 263 40.80 2.33 47.23
C ALA A 263 39.97 3.57 46.92
N ALA A 264 40.03 4.02 45.67
CA ALA A 264 39.30 5.22 45.23
C ALA A 264 38.83 4.97 43.81
N TYR A 265 37.53 4.81 43.63
CA TYR A 265 36.95 4.54 42.32
C TYR A 265 35.67 5.36 42.15
N TYR A 266 35.33 5.60 40.89
CA TYR A 266 34.12 6.35 40.54
C TYR A 266 33.09 5.41 39.92
N VAL A 267 31.82 5.76 40.08
CA VAL A 267 30.72 4.94 39.58
C VAL A 267 29.68 5.86 38.96
N GLY A 268 29.50 5.77 37.64
CA GLY A 268 28.46 6.50 36.94
C GLY A 268 27.43 5.52 36.39
N TYR A 269 26.20 5.97 36.30
CA TYR A 269 25.14 5.08 35.79
C TYR A 269 24.81 5.48 34.36
N LEU A 270 24.69 4.51 33.45
CA LEU A 270 24.27 4.70 32.07
C LEU A 270 22.79 5.06 32.00
N GLN A 271 22.38 5.61 30.86
CA GLN A 271 20.99 5.96 30.63
C GLN A 271 20.69 5.81 29.15
N PRO A 272 19.45 5.50 28.79
CA PRO A 272 19.10 5.36 27.37
C PRO A 272 19.00 6.70 26.65
N ARG A 273 20.15 7.26 26.26
CA ARG A 273 20.19 8.57 25.62
C ARG A 273 21.01 8.49 24.35
N THR A 274 20.41 8.90 23.24
CA THR A 274 21.06 8.79 21.94
C THR A 274 22.22 9.77 21.82
N PHE A 275 23.20 9.39 21.00
CA PHE A 275 24.42 10.16 20.81
C PHE A 275 24.65 10.38 19.32
N LEU A 276 25.58 11.28 19.01
CA LEU A 276 26.04 11.52 17.64
C LEU A 276 27.54 11.24 17.63
N LEU A 277 27.90 10.00 17.31
CA LEU A 277 29.29 9.57 17.39
C LEU A 277 30.04 9.97 16.13
N LYS A 278 31.19 10.61 16.31
CA LYS A 278 32.04 11.07 15.21
C LYS A 278 33.17 10.06 15.04
N TYR A 279 33.06 9.21 14.02
CA TYR A 279 34.11 8.26 13.70
C TYR A 279 35.22 8.95 12.91
N ASN A 280 36.47 8.75 13.34
CA ASN A 280 37.60 9.37 12.68
C ASN A 280 37.83 8.73 11.31
N GLU A 281 38.76 9.31 10.55
CA GLU A 281 39.13 8.75 9.26
C GLU A 281 39.77 7.37 9.40
N ASN A 282 40.23 7.02 10.61
CA ASN A 282 40.80 5.71 10.88
C ASN A 282 39.78 4.75 11.49
N GLY A 283 38.53 5.19 11.66
CA GLY A 283 37.49 4.33 12.18
C GLY A 283 37.31 4.35 13.67
N THR A 284 37.94 5.29 14.38
CA THR A 284 37.84 5.39 15.83
C THR A 284 36.94 6.56 16.22
N ILE A 285 36.18 6.39 17.30
CA ILE A 285 35.30 7.45 17.78
C ILE A 285 36.14 8.55 18.40
N THR A 286 36.09 9.73 17.81
CA THR A 286 36.85 10.88 18.26
C THR A 286 36.05 11.83 19.14
N ASP A 287 34.80 12.09 18.78
CA ASP A 287 33.95 13.02 19.50
C ASP A 287 32.56 12.40 19.67
N ALA A 288 31.69 13.11 20.40
CA ALA A 288 30.34 12.64 20.62
C ALA A 288 29.52 13.81 21.17
N VAL A 289 28.24 13.83 20.82
CA VAL A 289 27.31 14.87 21.24
C VAL A 289 26.19 14.22 22.04
N ASP A 290 26.12 14.53 23.32
CA ASP A 290 25.01 14.09 24.16
C ASP A 290 23.75 14.81 23.71
N CYS A 291 22.87 14.08 23.01
CA CYS A 291 21.82 14.74 22.24
C CYS A 291 20.84 15.48 23.14
N ALA A 292 20.50 14.89 24.30
CA ALA A 292 19.52 15.46 25.20
C ALA A 292 20.16 16.20 26.36
N LEU A 293 21.37 16.74 26.17
CA LEU A 293 22.06 17.44 27.25
C LEU A 293 21.61 18.89 27.37
N ASP A 294 21.51 19.59 26.25
CA ASP A 294 21.17 21.01 26.26
C ASP A 294 20.55 21.36 24.90
N PRO A 295 19.85 22.49 24.81
CA PRO A 295 19.23 22.84 23.51
C PRO A 295 20.21 22.90 22.36
N LEU A 296 21.43 23.37 22.60
CA LEU A 296 22.42 23.45 21.53
C LEU A 296 22.77 22.07 20.99
N SER A 297 22.91 21.09 21.89
CA SER A 297 23.29 19.75 21.46
C SER A 297 22.18 19.05 20.70
N GLU A 298 20.93 19.34 21.02
CA GLU A 298 19.83 18.76 20.26
C GLU A 298 19.81 19.29 18.82
N THR A 299 20.27 20.53 18.63
CA THR A 299 20.44 21.05 17.27
C THR A 299 21.49 20.26 16.50
N LYS A 300 22.55 19.85 17.20
CA LYS A 300 23.62 19.09 16.55
C LYS A 300 23.15 17.71 16.09
N CYS A 301 22.07 17.19 16.64
CA CYS A 301 21.52 15.93 16.13
C CYS A 301 20.59 16.17 14.95
N THR A 302 19.84 17.27 14.96
CA THR A 302 18.97 17.58 13.84
C THR A 302 19.76 17.83 12.57
N LEU A 303 20.74 18.72 12.63
CA LEU A 303 21.59 19.01 11.47
C LEU A 303 22.64 17.93 11.24
N LYS A 304 22.84 17.02 12.18
CA LYS A 304 23.84 15.97 12.10
C LYS A 304 25.22 16.56 11.79
N SER A 305 25.63 17.48 12.64
CA SER A 305 26.94 18.11 12.51
C SER A 305 27.40 18.59 13.88
N PHE A 306 28.71 18.79 14.01
CA PHE A 306 29.29 19.27 15.26
C PHE A 306 29.42 20.79 15.30
N THR A 307 29.25 21.46 14.16
CA THR A 307 29.25 22.92 14.11
C THR A 307 27.99 23.36 13.37
N VAL A 308 27.18 24.19 14.02
CA VAL A 308 25.95 24.71 13.44
C VAL A 308 26.16 26.19 13.13
N GLU A 309 25.59 26.63 12.01
CA GLU A 309 25.74 28.01 11.58
C GLU A 309 24.63 28.87 12.18
N LYS A 310 24.87 30.18 12.18
CA LYS A 310 23.92 31.13 12.74
C LYS A 310 22.55 30.97 12.09
N GLY A 311 21.54 30.78 12.92
CA GLY A 311 20.19 30.62 12.41
C GLY A 311 19.25 30.21 13.51
N ILE A 312 18.05 29.80 13.10
CA ILE A 312 17.00 29.36 14.01
C ILE A 312 16.50 28.01 13.48
N TYR A 313 16.88 26.93 14.15
CA TYR A 313 16.56 25.59 13.72
C TYR A 313 15.49 24.97 14.61
N GLN A 314 14.52 24.32 13.99
CA GLN A 314 13.46 23.63 14.71
C GLN A 314 13.94 22.22 15.05
N THR A 315 14.25 21.99 16.32
CA THR A 315 14.80 20.71 16.74
C THR A 315 13.71 19.70 17.08
N SER A 316 12.76 20.08 17.93
CA SER A 316 11.72 19.16 18.36
C SER A 316 10.44 19.96 18.56
N ASN A 317 9.46 19.36 19.23
CA ASN A 317 8.17 19.98 19.45
C ASN A 317 7.79 19.89 20.93
N PHE A 318 7.49 21.04 21.52
CA PHE A 318 7.02 21.07 22.90
C PHE A 318 5.60 20.53 22.98
N ARG A 319 5.29 19.84 24.08
CA ARG A 319 3.98 19.24 24.25
C ARG A 319 3.73 19.04 25.74
N VAL A 320 2.72 19.73 26.27
CA VAL A 320 2.37 19.59 27.67
C VAL A 320 1.89 18.16 27.92
N GLN A 321 2.48 17.52 28.92
CA GLN A 321 2.08 16.15 29.16
C GLN A 321 0.87 16.09 30.10
N PRO A 322 0.05 15.05 29.97
CA PRO A 322 -1.13 14.94 30.84
C PRO A 322 -0.73 14.66 32.28
N THR A 323 -1.50 15.22 33.21
CA THR A 323 -1.21 15.11 34.63
C THR A 323 -2.00 14.00 35.32
N GLU A 324 -3.29 13.84 35.00
CA GLU A 324 -4.12 12.84 35.63
C GLU A 324 -4.95 12.13 34.57
N SER A 325 -5.33 10.89 34.88
CA SER A 325 -6.18 10.08 34.01
C SER A 325 -7.53 9.90 34.70
N ILE A 326 -8.56 10.55 34.16
CA ILE A 326 -9.89 10.51 34.74
C ILE A 326 -10.76 9.58 33.90
N VAL A 327 -11.56 8.76 34.58
CA VAL A 327 -12.51 7.85 33.95
C VAL A 327 -13.91 8.27 34.37
N ARG A 328 -14.81 8.43 33.40
CA ARG A 328 -16.17 8.87 33.66
C ARG A 328 -17.12 7.90 32.97
N PHE A 329 -17.44 6.80 33.64
CA PHE A 329 -18.37 5.81 33.17
C PHE A 329 -19.73 6.00 33.85
N PRO A 330 -20.80 5.46 33.28
CA PRO A 330 -22.09 5.49 33.98
C PRO A 330 -22.02 4.65 35.25
N ASN A 331 -22.71 5.13 36.28
CA ASN A 331 -22.66 4.49 37.59
C ASN A 331 -23.82 3.53 37.82
N ILE A 332 -24.49 3.07 36.76
CA ILE A 332 -25.48 2.02 36.90
C ILE A 332 -24.76 0.74 37.30
N THR A 333 -25.05 0.25 38.50
CA THR A 333 -24.33 -0.86 39.10
C THR A 333 -24.97 -2.22 38.81
N ASN A 334 -25.90 -2.29 37.87
CA ASN A 334 -26.50 -3.56 37.51
C ASN A 334 -25.47 -4.45 36.81
N LEU A 335 -25.40 -5.71 37.23
CA LEU A 335 -24.53 -6.68 36.57
C LEU A 335 -25.32 -7.32 35.43
N CYS A 336 -24.74 -7.28 34.23
CA CYS A 336 -25.44 -7.79 33.06
C CYS A 336 -25.75 -9.27 33.21
N PRO A 337 -26.88 -9.74 32.66
CA PRO A 337 -27.32 -11.13 32.84
C PRO A 337 -26.53 -12.13 32.02
N PHE A 338 -25.20 -12.07 32.11
CA PHE A 338 -24.37 -13.07 31.45
C PHE A 338 -24.50 -14.44 32.09
N GLY A 339 -25.08 -14.52 33.29
CA GLY A 339 -25.46 -15.81 33.83
C GLY A 339 -26.77 -16.34 33.28
N GLU A 340 -27.60 -15.46 32.71
CA GLU A 340 -28.87 -15.86 32.13
C GLU A 340 -28.76 -16.26 30.66
N VAL A 341 -27.65 -15.94 30.00
CA VAL A 341 -27.45 -16.36 28.62
C VAL A 341 -26.42 -17.48 28.50
N PHE A 342 -25.54 -17.65 29.48
CA PHE A 342 -24.61 -18.77 29.51
C PHE A 342 -25.09 -19.91 30.38
N ASN A 343 -25.52 -19.63 31.62
CA ASN A 343 -25.91 -20.65 32.57
C ASN A 343 -27.40 -20.93 32.52
N ALA A 344 -27.99 -20.84 31.33
CA ALA A 344 -29.40 -21.16 31.17
C ALA A 344 -29.59 -22.67 31.07
N THR A 345 -30.80 -23.12 31.38
CA THR A 345 -31.09 -24.54 31.38
C THR A 345 -31.44 -25.06 30.00
N ARG A 346 -32.22 -24.29 29.23
CA ARG A 346 -32.70 -24.70 27.93
C ARG A 346 -32.13 -23.77 26.86
N PHE A 347 -31.30 -24.32 25.98
CA PHE A 347 -30.75 -23.58 24.86
C PHE A 347 -31.61 -23.82 23.62
N ALA A 348 -31.83 -22.76 22.85
CA ALA A 348 -32.71 -22.83 21.70
C ALA A 348 -32.01 -23.51 20.53
N SER A 349 -32.80 -24.24 19.74
CA SER A 349 -32.26 -24.88 18.54
C SER A 349 -31.76 -23.83 17.55
N VAL A 350 -30.82 -24.25 16.70
CA VAL A 350 -30.13 -23.30 15.84
C VAL A 350 -31.08 -22.64 14.86
N TYR A 351 -32.15 -23.34 14.47
CA TYR A 351 -33.10 -22.75 13.53
C TYR A 351 -33.96 -21.67 14.18
N ALA A 352 -34.01 -21.62 15.50
CA ALA A 352 -34.79 -20.64 16.26
C ALA A 352 -33.94 -20.07 17.39
N TRP A 353 -32.73 -19.63 17.06
CA TRP A 353 -31.79 -19.17 18.07
C TRP A 353 -32.35 -17.99 18.86
N ASN A 354 -32.15 -18.02 20.16
CA ASN A 354 -32.61 -16.96 21.04
C ASN A 354 -31.69 -15.74 20.96
N ARG A 355 -32.22 -14.60 21.40
CA ARG A 355 -31.44 -13.37 21.43
C ARG A 355 -32.11 -12.41 22.40
N LYS A 356 -31.40 -12.04 23.46
CA LYS A 356 -31.85 -11.00 24.38
C LYS A 356 -30.86 -9.85 24.33
N ARG A 357 -31.34 -8.66 23.96
CA ARG A 357 -30.49 -7.49 23.89
C ARG A 357 -30.12 -7.02 25.29
N ILE A 358 -28.82 -6.95 25.57
CA ILE A 358 -28.31 -6.57 26.89
C ILE A 358 -27.97 -5.10 26.88
N SER A 359 -28.44 -4.38 27.88
CA SER A 359 -28.20 -2.94 27.98
C SER A 359 -28.47 -2.48 29.41
N ASN A 360 -27.97 -1.29 29.73
CA ASN A 360 -28.16 -0.64 31.03
C ASN A 360 -27.69 -1.53 32.17
N CYS A 361 -26.42 -1.95 32.08
CA CYS A 361 -25.82 -2.78 33.12
C CYS A 361 -24.30 -2.69 32.98
N VAL A 362 -23.60 -3.29 33.95
CA VAL A 362 -22.15 -3.37 33.94
C VAL A 362 -21.77 -4.75 33.42
N ALA A 363 -21.02 -4.77 32.32
CA ALA A 363 -20.62 -6.01 31.66
C ALA A 363 -19.24 -6.42 32.14
N ASP A 364 -19.14 -7.60 32.74
CA ASP A 364 -17.89 -8.13 33.25
C ASP A 364 -17.49 -9.31 32.36
N TYR A 365 -16.67 -9.04 31.35
CA TYR A 365 -16.14 -10.08 30.48
C TYR A 365 -14.90 -10.74 31.05
N SER A 366 -14.60 -10.51 32.33
CA SER A 366 -13.46 -11.16 32.96
C SER A 366 -13.81 -12.59 33.35
N VAL A 367 -15.01 -12.80 33.90
CA VAL A 367 -15.41 -14.13 34.31
C VAL A 367 -15.57 -15.05 33.11
N LEU A 368 -15.87 -14.48 31.93
CA LEU A 368 -16.01 -15.27 30.73
C LEU A 368 -14.66 -15.52 30.05
N TYR A 369 -13.75 -14.54 30.10
CA TYR A 369 -12.49 -14.68 29.39
C TYR A 369 -11.55 -15.65 30.09
N ASN A 370 -11.59 -15.70 31.42
CA ASN A 370 -10.68 -16.55 32.17
C ASN A 370 -11.22 -17.96 32.39
N SER A 371 -12.51 -18.19 32.16
CA SER A 371 -13.06 -19.53 32.29
C SER A 371 -12.47 -20.44 31.21
N ALA A 372 -12.19 -21.69 31.60
CA ALA A 372 -11.50 -22.61 30.72
C ALA A 372 -12.41 -23.64 30.07
N SER A 373 -13.66 -23.74 30.53
CA SER A 373 -14.59 -24.70 29.91
C SER A 373 -14.92 -24.33 28.47
N PHE A 374 -14.75 -23.07 28.09
CA PHE A 374 -15.01 -22.64 26.72
C PHE A 374 -13.98 -23.24 25.79
N SER A 375 -14.46 -23.95 24.75
CA SER A 375 -13.54 -24.60 23.83
C SER A 375 -12.96 -23.61 22.82
N THR A 376 -13.82 -22.82 22.18
CA THR A 376 -13.39 -21.83 21.20
C THR A 376 -13.91 -20.47 21.62
N PHE A 377 -13.00 -19.52 21.79
CA PHE A 377 -13.32 -18.14 22.15
C PHE A 377 -12.63 -17.26 21.11
N LYS A 378 -13.29 -17.05 19.98
CA LYS A 378 -12.76 -16.25 18.88
C LYS A 378 -13.52 -14.95 18.80
N CYS A 379 -12.80 -13.84 18.70
CA CYS A 379 -13.39 -12.52 18.61
C CYS A 379 -12.98 -11.86 17.30
N TYR A 380 -13.94 -11.21 16.65
CA TYR A 380 -13.74 -10.56 15.37
C TYR A 380 -13.97 -9.07 15.54
N GLY A 381 -12.96 -8.27 15.21
CA GLY A 381 -13.03 -6.83 15.38
C GLY A 381 -12.67 -6.34 16.75
N VAL A 382 -12.54 -7.23 17.73
CA VAL A 382 -12.17 -6.89 19.09
C VAL A 382 -11.25 -7.98 19.62
N SER A 383 -10.52 -7.65 20.68
CA SER A 383 -9.66 -8.63 21.34
C SER A 383 -10.29 -9.06 22.65
N PRO A 384 -10.31 -10.36 22.95
CA PRO A 384 -11.01 -10.83 24.16
C PRO A 384 -10.39 -10.33 25.46
N THR A 385 -9.18 -9.78 25.42
CA THR A 385 -8.54 -9.26 26.63
C THR A 385 -8.79 -7.77 26.84
N LYS A 386 -9.29 -7.06 25.84
CA LYS A 386 -9.59 -5.64 25.95
C LYS A 386 -11.08 -5.36 25.99
N LEU A 387 -11.90 -6.36 26.31
CA LEU A 387 -13.34 -6.17 26.42
C LEU A 387 -13.75 -5.50 27.72
N ASN A 388 -12.86 -5.41 28.70
CA ASN A 388 -13.19 -4.80 29.98
C ASN A 388 -13.08 -3.29 29.98
N ASP A 389 -12.44 -2.70 28.98
CA ASP A 389 -12.24 -1.26 28.92
C ASP A 389 -13.09 -0.59 27.84
N LEU A 390 -14.07 -1.29 27.28
CA LEU A 390 -14.87 -0.76 26.19
C LEU A 390 -16.29 -0.45 26.67
N CYS A 391 -17.00 0.33 25.85
CA CYS A 391 -18.39 0.67 26.09
C CYS A 391 -19.16 0.47 24.79
N PHE A 392 -20.18 -0.38 24.83
CA PHE A 392 -20.96 -0.72 23.65
C PHE A 392 -22.35 -0.11 23.77
N THR A 393 -22.90 0.31 22.62
CA THR A 393 -24.26 0.87 22.64
C THR A 393 -25.30 -0.22 22.83
N ASN A 394 -25.02 -1.44 22.39
CA ASN A 394 -25.92 -2.57 22.58
C ASN A 394 -25.15 -3.85 22.31
N VAL A 395 -25.30 -4.84 23.18
CA VAL A 395 -24.65 -6.13 23.04
C VAL A 395 -25.72 -7.20 23.01
N TYR A 396 -25.74 -7.98 21.93
CA TYR A 396 -26.66 -9.10 21.81
C TYR A 396 -26.00 -10.38 22.31
N ALA A 397 -26.81 -11.44 22.41
CA ALA A 397 -26.30 -12.74 22.82
C ALA A 397 -27.14 -13.82 22.12
N ASP A 398 -26.65 -14.27 20.97
CA ASP A 398 -27.34 -15.27 20.17
C ASP A 398 -26.86 -16.65 20.60
N SER A 399 -27.70 -17.37 21.34
CA SER A 399 -27.34 -18.68 21.87
C SER A 399 -28.09 -19.78 21.13
N PHE A 400 -27.36 -20.85 20.81
CA PHE A 400 -27.94 -22.00 20.11
C PHE A 400 -26.98 -23.18 20.24
N VAL A 401 -27.36 -24.30 19.66
CA VAL A 401 -26.60 -25.55 19.73
C VAL A 401 -26.44 -26.10 18.34
N ILE A 402 -25.20 -26.41 17.95
CA ILE A 402 -24.87 -26.88 16.60
C ILE A 402 -24.01 -28.12 16.73
N ARG A 403 -24.61 -29.29 16.60
CA ARG A 403 -23.90 -30.56 16.64
C ARG A 403 -23.60 -31.04 15.21
N GLY A 404 -23.14 -32.28 15.10
CA GLY A 404 -22.73 -32.82 13.81
C GLY A 404 -21.55 -32.05 13.27
N ASP A 405 -21.56 -31.83 11.96
CA ASP A 405 -20.57 -30.97 11.34
C ASP A 405 -20.93 -29.52 11.64
N GLU A 406 -20.21 -28.58 11.00
CA GLU A 406 -20.53 -27.17 11.05
C GLU A 406 -20.36 -26.57 12.44
N VAL A 407 -19.42 -27.10 13.23
CA VAL A 407 -19.12 -26.49 14.52
C VAL A 407 -18.32 -25.20 14.34
N ARG A 408 -17.72 -25.00 13.17
CA ARG A 408 -16.91 -23.82 12.90
C ARG A 408 -17.50 -22.93 11.82
N GLN A 409 -18.73 -23.20 11.39
CA GLN A 409 -19.39 -22.35 10.41
C GLN A 409 -19.93 -21.06 11.00
N ILE A 410 -19.86 -20.89 12.32
CA ILE A 410 -20.34 -19.67 12.98
C ILE A 410 -19.16 -18.70 12.96
N ALA A 411 -19.02 -18.01 11.83
CA ALA A 411 -17.93 -17.08 11.60
C ALA A 411 -18.23 -16.27 10.35
N PRO A 412 -17.75 -15.04 10.24
CA PRO A 412 -18.01 -14.24 9.04
C PRO A 412 -17.31 -14.84 7.83
N GLY A 413 -18.06 -14.95 6.73
CA GLY A 413 -17.51 -15.48 5.49
C GLY A 413 -17.33 -16.99 5.50
N GLN A 414 -18.36 -17.70 5.92
CA GLN A 414 -18.35 -19.16 5.93
C GLN A 414 -19.64 -19.67 5.31
N THR A 415 -19.55 -20.84 4.67
CA THR A 415 -20.69 -21.45 3.99
C THR A 415 -20.92 -22.85 4.51
N GLY A 416 -22.13 -23.34 4.32
CA GLY A 416 -22.50 -24.66 4.78
C GLY A 416 -23.98 -24.73 5.06
N LYS A 417 -24.40 -25.87 5.60
CA LYS A 417 -25.81 -26.09 5.90
C LYS A 417 -26.27 -25.29 7.10
N ILE A 418 -25.37 -24.86 7.97
CA ILE A 418 -25.74 -24.07 9.15
C ILE A 418 -25.62 -22.58 8.88
N ALA A 419 -24.48 -22.14 8.34
CA ALA A 419 -24.23 -20.73 8.13
C ALA A 419 -24.99 -20.15 6.94
N ASP A 420 -25.68 -20.98 6.15
CA ASP A 420 -26.44 -20.49 5.01
C ASP A 420 -27.93 -20.73 5.12
N TYR A 421 -28.36 -21.65 5.97
CA TYR A 421 -29.77 -21.97 6.12
C TYR A 421 -30.30 -21.78 7.54
N ASN A 422 -29.42 -21.61 8.53
CA ASN A 422 -29.85 -21.51 9.92
C ASN A 422 -29.48 -20.18 10.56
N TYR A 423 -28.21 -19.80 10.51
CA TYR A 423 -27.76 -18.60 11.22
C TYR A 423 -26.53 -18.05 10.49
N LYS A 424 -26.72 -16.97 9.75
CA LYS A 424 -25.65 -16.36 8.97
C LYS A 424 -25.20 -15.07 9.64
N LEU A 425 -23.88 -14.96 9.86
CA LEU A 425 -23.30 -13.75 10.42
C LEU A 425 -22.84 -12.82 9.28
N PRO A 426 -22.86 -11.52 9.50
CA PRO A 426 -22.44 -10.59 8.44
C PRO A 426 -20.94 -10.67 8.20
N ASP A 427 -20.46 -9.98 7.17
CA ASP A 427 -19.04 -9.92 6.89
C ASP A 427 -18.32 -8.87 7.71
N ASP A 428 -19.05 -7.87 8.20
CA ASP A 428 -18.51 -6.84 9.10
C ASP A 428 -18.82 -7.15 10.55
N PHE A 429 -18.81 -8.43 10.92
CA PHE A 429 -19.17 -8.84 12.27
C PHE A 429 -18.17 -8.28 13.27
N THR A 430 -18.70 -7.73 14.37
CA THR A 430 -17.89 -7.17 15.45
C THR A 430 -18.37 -7.78 16.75
N GLY A 431 -17.59 -8.70 17.30
CA GLY A 431 -17.98 -9.37 18.53
C GLY A 431 -17.13 -10.58 18.81
N CYS A 432 -17.69 -11.52 19.55
CA CYS A 432 -16.99 -12.75 19.91
C CYS A 432 -17.91 -13.93 19.70
N VAL A 433 -17.30 -15.09 19.50
CA VAL A 433 -18.02 -16.35 19.28
C VAL A 433 -17.50 -17.36 20.29
N ILE A 434 -18.32 -17.70 21.27
CA ILE A 434 -17.95 -18.59 22.35
C ILE A 434 -18.65 -19.93 22.15
N ALA A 435 -17.92 -21.02 22.36
CA ALA A 435 -18.47 -22.35 22.14
C ALA A 435 -17.84 -23.34 23.11
N TRP A 436 -18.60 -24.38 23.44
CA TRP A 436 -18.14 -25.44 24.32
C TRP A 436 -19.07 -26.64 24.22
N ASN A 437 -18.52 -27.84 24.14
CA ASN A 437 -19.36 -29.03 24.02
C ASN A 437 -20.12 -29.27 25.31
N SER A 438 -21.43 -29.45 25.20
CA SER A 438 -22.31 -29.66 26.33
C SER A 438 -22.89 -31.07 26.30
N ASN A 439 -22.03 -32.05 25.96
CA ASN A 439 -22.48 -33.44 25.87
C ASN A 439 -23.09 -33.93 27.17
N ASN A 440 -22.68 -33.38 28.31
CA ASN A 440 -23.21 -33.85 29.59
C ASN A 440 -24.35 -33.00 30.10
N LEU A 441 -24.91 -32.12 29.27
CA LEU A 441 -26.17 -31.48 29.63
C LEU A 441 -27.19 -31.63 28.51
N ASP A 442 -26.75 -31.45 27.26
CA ASP A 442 -27.62 -31.71 26.12
C ASP A 442 -27.30 -33.02 25.42
N SER A 443 -27.34 -34.14 26.15
CA SER A 443 -27.15 -35.43 25.47
C SER A 443 -28.38 -36.28 25.72
N LYS A 444 -28.56 -36.68 27.00
CA LYS A 444 -29.62 -37.54 27.62
C LYS A 444 -29.20 -39.01 27.56
N VAL A 445 -29.80 -39.86 28.40
CA VAL A 445 -29.46 -41.32 28.46
C VAL A 445 -29.77 -41.94 27.08
N GLY A 446 -30.91 -41.60 26.47
CA GLY A 446 -31.23 -42.17 25.16
C GLY A 446 -30.74 -41.25 24.06
N GLY A 447 -31.64 -40.79 23.20
CA GLY A 447 -31.26 -39.81 22.17
C GLY A 447 -32.01 -38.52 22.41
N ASN A 448 -31.29 -37.42 22.60
CA ASN A 448 -31.96 -36.12 22.83
C ASN A 448 -32.31 -35.55 21.46
N TYR A 449 -33.28 -36.15 20.76
CA TYR A 449 -33.58 -35.63 19.43
C TYR A 449 -34.52 -34.44 19.55
N ASN A 450 -33.95 -33.32 20.00
CA ASN A 450 -34.74 -32.12 20.31
C ASN A 450 -34.23 -30.84 19.67
N TYR A 451 -33.29 -30.92 18.73
CA TYR A 451 -32.78 -29.74 18.06
C TYR A 451 -32.92 -29.90 16.56
N LEU A 452 -33.47 -28.85 15.96
CA LEU A 452 -33.76 -28.89 14.52
C LEU A 452 -32.71 -28.10 13.77
N TYR A 453 -32.62 -28.36 12.47
CA TYR A 453 -31.63 -27.59 11.70
C TYR A 453 -32.06 -27.24 10.29
N ARG A 454 -33.34 -27.00 10.02
CA ARG A 454 -33.78 -26.38 8.73
C ARG A 454 -33.03 -26.96 7.54
N LEU A 455 -33.03 -28.29 7.42
CA LEU A 455 -32.26 -29.09 6.43
C LEU A 455 -32.11 -28.35 5.10
N PHE A 456 -33.18 -28.27 4.32
CA PHE A 456 -33.11 -27.47 3.07
C PHE A 456 -34.20 -26.40 3.18
N ARG A 457 -33.79 -25.13 3.25
CA ARG A 457 -34.78 -24.02 3.33
C ARG A 457 -34.98 -23.47 1.92
N LYS A 458 -36.14 -22.83 1.69
CA LYS A 458 -36.56 -22.24 0.38
C LYS A 458 -35.37 -21.66 -0.40
N SER A 459 -34.76 -20.58 0.09
CA SER A 459 -33.59 -19.95 -0.59
C SER A 459 -32.52 -19.54 0.43
N ASN A 460 -31.40 -19.00 -0.03
CA ASN A 460 -30.26 -18.62 0.85
C ASN A 460 -30.70 -17.58 1.88
N LEU A 461 -30.10 -17.63 3.06
CA LEU A 461 -30.48 -16.76 4.21
C LEU A 461 -29.67 -15.46 4.27
N LYS A 462 -30.32 -14.30 4.44
CA LYS A 462 -29.61 -13.05 4.70
C LYS A 462 -28.97 -13.07 6.09
N PRO A 463 -27.97 -12.22 6.33
CA PRO A 463 -27.29 -12.22 7.63
C PRO A 463 -28.20 -11.82 8.77
N PHE A 464 -28.02 -12.48 9.92
CA PHE A 464 -28.71 -12.16 11.16
C PHE A 464 -30.23 -12.25 11.01
N GLU A 465 -30.70 -13.13 10.14
CA GLU A 465 -32.12 -13.35 9.95
C GLU A 465 -32.53 -14.69 10.55
N ARG A 466 -33.77 -14.75 11.02
CA ARG A 466 -34.31 -15.97 11.62
C ARG A 466 -35.66 -16.27 10.99
N ASP A 467 -35.92 -17.56 10.76
CA ASP A 467 -37.21 -18.02 10.25
C ASP A 467 -37.68 -19.22 11.05
N ILE A 468 -38.95 -19.20 11.45
CA ILE A 468 -39.58 -20.33 12.10
C ILE A 468 -40.65 -20.97 11.22
N SER A 469 -40.87 -20.46 10.02
CA SER A 469 -41.87 -21.01 9.13
C SER A 469 -41.51 -22.44 8.76
N THR A 470 -42.44 -23.36 9.02
CA THR A 470 -42.25 -24.78 8.74
C THR A 470 -43.01 -25.23 7.50
N GLU A 471 -43.33 -24.31 6.59
CA GLU A 471 -44.04 -24.66 5.38
C GLU A 471 -43.24 -25.67 4.55
N ILE A 472 -43.95 -26.53 3.84
CA ILE A 472 -43.32 -27.64 3.13
C ILE A 472 -42.53 -27.09 1.95
N TYR A 473 -41.28 -27.51 1.82
CA TYR A 473 -40.40 -27.04 0.75
C TYR A 473 -40.51 -27.97 -0.46
N GLN A 474 -40.66 -27.36 -1.64
CA GLN A 474 -40.79 -28.10 -2.88
C GLN A 474 -39.57 -27.86 -3.76
N ALA A 475 -38.94 -28.94 -4.21
CA ALA A 475 -37.78 -28.85 -5.08
C ALA A 475 -38.10 -29.19 -6.53
N GLY A 476 -39.21 -29.86 -6.79
CA GLY A 476 -39.60 -30.21 -8.13
C GLY A 476 -40.72 -29.35 -8.69
N SER A 477 -41.95 -29.86 -8.63
CA SER A 477 -43.11 -29.15 -9.14
C SER A 477 -43.79 -28.35 -8.04
N THR A 478 -44.49 -27.30 -8.45
CA THR A 478 -45.19 -26.37 -7.57
C THR A 478 -46.47 -26.88 -6.92
N PRO A 479 -47.31 -27.72 -7.60
CA PRO A 479 -48.66 -28.06 -7.08
C PRO A 479 -48.81 -28.21 -5.57
N CYS A 480 -47.89 -28.90 -4.91
CA CYS A 480 -48.04 -29.17 -3.48
C CYS A 480 -48.09 -27.87 -2.69
N ASN A 481 -49.22 -27.66 -2.01
CA ASN A 481 -49.44 -26.47 -1.18
C ASN A 481 -49.69 -26.96 0.24
N GLY A 482 -48.69 -26.83 1.11
CA GLY A 482 -48.83 -27.25 2.48
C GLY A 482 -49.07 -28.74 2.64
N VAL A 483 -48.49 -29.54 1.76
CA VAL A 483 -48.59 -30.99 1.84
C VAL A 483 -47.25 -31.59 1.42
N GLU A 484 -46.74 -32.52 2.23
CA GLU A 484 -45.47 -33.16 1.91
C GLU A 484 -45.70 -34.26 0.88
N GLY A 485 -45.53 -33.92 -0.40
CA GLY A 485 -45.82 -34.82 -1.49
C GLY A 485 -44.60 -35.58 -1.96
N PHE A 486 -44.63 -35.93 -3.24
CA PHE A 486 -43.54 -36.71 -3.84
C PHE A 486 -42.23 -35.96 -3.76
N ASN A 487 -42.19 -34.73 -4.26
CA ASN A 487 -40.99 -33.90 -4.26
C ASN A 487 -41.17 -32.67 -3.38
N CYS A 488 -41.85 -32.83 -2.26
CA CYS A 488 -42.14 -31.74 -1.32
C CYS A 488 -41.86 -32.29 0.09
N TYR A 489 -40.72 -31.89 0.66
CA TYR A 489 -40.27 -32.43 1.93
C TYR A 489 -40.58 -31.48 3.07
N PHE A 490 -40.82 -32.06 4.25
CA PHE A 490 -41.09 -31.30 5.51
C PHE A 490 -39.91 -30.35 5.81
N PRO A 491 -40.18 -29.15 6.37
CA PRO A 491 -39.16 -28.12 6.66
C PRO A 491 -37.79 -28.47 7.28
N LEU A 492 -37.72 -28.57 8.61
CA LEU A 492 -36.43 -28.77 9.32
C LEU A 492 -36.12 -30.26 9.56
N GLN A 493 -35.02 -30.51 10.28
CA GLN A 493 -34.54 -31.88 10.61
C GLN A 493 -34.65 -32.06 12.13
N SER A 494 -34.16 -33.17 12.67
CA SER A 494 -34.11 -33.34 14.12
C SER A 494 -32.72 -33.92 14.30
N TYR A 495 -31.98 -33.28 15.15
CA TYR A 495 -30.59 -33.58 15.48
C TYR A 495 -30.50 -34.91 16.24
N GLY A 496 -29.31 -35.52 16.20
CA GLY A 496 -29.08 -36.77 16.89
C GLY A 496 -27.87 -36.72 17.80
N PHE A 497 -28.07 -36.94 19.10
CA PHE A 497 -27.04 -36.74 20.11
C PHE A 497 -26.73 -38.06 20.80
N GLN A 498 -25.47 -38.48 20.74
CA GLN A 498 -24.94 -39.60 21.49
C GLN A 498 -23.43 -39.64 21.36
N PRO A 499 -22.70 -40.05 22.41
CA PRO A 499 -21.23 -40.12 22.34
C PRO A 499 -20.71 -40.90 21.14
N THR A 500 -21.48 -41.90 20.71
CA THR A 500 -21.07 -42.73 19.57
C THR A 500 -20.83 -41.89 18.32
N ASN A 501 -21.62 -40.84 18.12
CA ASN A 501 -21.47 -39.98 16.95
C ASN A 501 -20.32 -39.00 17.14
N VAL A 503 -17.12 -37.37 18.85
CA VAL A 503 -16.64 -36.06 19.25
C VAL A 503 -16.97 -35.03 18.18
N GLY A 504 -16.77 -35.41 16.92
CA GLY A 504 -17.08 -34.53 15.81
C GLY A 504 -18.57 -34.36 15.52
N TYR A 505 -19.44 -34.96 16.34
CA TYR A 505 -20.87 -34.86 16.13
C TYR A 505 -21.64 -34.67 17.44
N GLN A 506 -20.97 -34.28 18.52
CA GLN A 506 -21.70 -34.04 19.76
C GLN A 506 -22.00 -32.56 19.93
N PRO A 507 -23.06 -32.21 20.66
CA PRO A 507 -23.51 -30.81 20.68
C PRO A 507 -22.50 -29.86 21.29
N TYR A 508 -22.41 -28.67 20.71
CA TYR A 508 -21.54 -27.60 21.18
C TYR A 508 -22.40 -26.36 21.42
N ARG A 509 -22.64 -26.03 22.68
CA ARG A 509 -23.37 -24.81 23.00
C ARG A 509 -22.59 -23.59 22.54
N VAL A 510 -23.23 -22.73 21.75
CA VAL A 510 -22.58 -21.57 21.15
C VAL A 510 -23.32 -20.31 21.59
N VAL A 511 -22.56 -19.29 21.98
CA VAL A 511 -23.10 -17.99 22.34
C VAL A 511 -22.33 -16.95 21.53
N VAL A 512 -23.03 -16.21 20.68
CA VAL A 512 -22.42 -15.26 19.76
C VAL A 512 -22.73 -13.86 20.29
N LEU A 513 -21.76 -13.27 20.98
CA LEU A 513 -21.89 -11.90 21.44
C LEU A 513 -21.59 -10.95 20.30
N SER A 514 -22.56 -10.10 19.95
CA SER A 514 -22.44 -9.16 18.84
C SER A 514 -22.53 -7.75 19.40
N PHE A 515 -21.40 -7.06 19.46
CA PHE A 515 -21.36 -5.70 20.00
C PHE A 515 -21.60 -4.69 18.89
N GLU A 516 -22.43 -3.69 19.18
CA GLU A 516 -22.64 -2.54 18.31
C GLU A 516 -22.29 -1.30 19.12
N LEU A 517 -21.17 -0.66 18.79
CA LEU A 517 -20.61 0.40 19.62
C LEU A 517 -20.70 1.77 18.96
N LEU A 518 -21.57 1.93 17.97
CA LEU A 518 -21.76 3.21 17.29
C LEU A 518 -23.21 3.62 17.12
N HIS A 519 -24.15 2.88 17.71
CA HIS A 519 -25.57 3.09 17.42
C HIS A 519 -26.26 4.07 18.36
N ALA A 520 -25.69 4.34 19.53
CA ALA A 520 -26.39 5.13 20.54
C ALA A 520 -25.44 5.66 21.61
N PRO A 521 -25.92 6.43 22.58
CA PRO A 521 -25.10 6.67 23.77
C PRO A 521 -24.78 5.35 24.47
N ALA A 522 -23.51 5.19 24.84
CA ALA A 522 -23.05 3.95 25.44
C ALA A 522 -23.81 3.68 26.74
N THR A 523 -24.49 2.53 26.80
CA THR A 523 -25.30 2.17 27.95
C THR A 523 -24.78 0.95 28.70
N VAL A 524 -24.03 0.06 28.05
CA VAL A 524 -23.40 -1.08 28.72
C VAL A 524 -21.90 -0.90 28.60
N CYS A 525 -21.22 -0.86 29.74
CA CYS A 525 -19.79 -0.58 29.80
C CYS A 525 -19.09 -1.69 30.57
N GLY A 526 -17.79 -1.49 30.79
CA GLY A 526 -16.99 -2.43 31.53
C GLY A 526 -16.92 -2.08 33.01
N PRO A 527 -16.24 -2.91 33.78
CA PRO A 527 -16.12 -2.66 35.24
C PRO A 527 -14.97 -1.71 35.56
N LYS A 528 -15.14 -0.45 35.17
CA LYS A 528 -14.16 0.59 35.46
C LYS A 528 -14.75 1.57 36.48
N LYS A 529 -14.08 1.72 37.61
CA LYS A 529 -14.55 2.60 38.67
C LYS A 529 -14.30 4.05 38.27
N SER A 530 -15.37 4.83 38.20
CA SER A 530 -15.26 6.23 37.82
C SER A 530 -14.42 7.01 38.83
N THR A 531 -13.81 8.08 38.36
CA THR A 531 -13.05 8.99 39.20
C THR A 531 -13.61 10.40 39.05
N ASN A 532 -13.20 11.28 39.95
CA ASN A 532 -13.65 12.66 39.87
C ASN A 532 -13.03 13.34 38.65
N LEU A 533 -13.79 14.26 38.06
CA LEU A 533 -13.33 14.97 36.88
C LEU A 533 -12.63 16.26 37.30
N VAL A 534 -11.55 16.58 36.60
CA VAL A 534 -10.75 17.78 36.87
C VAL A 534 -10.70 18.61 35.60
N LYS A 535 -10.95 19.91 35.74
CA LYS A 535 -10.98 20.82 34.62
C LYS A 535 -9.75 21.72 34.61
N ASN A 536 -9.56 22.42 33.50
CA ASN A 536 -8.48 23.39 33.32
C ASN A 536 -7.10 22.74 33.43
N LYS A 537 -7.00 21.44 33.16
CA LYS A 537 -5.74 20.73 33.19
C LYS A 537 -5.73 19.68 32.08
N CYS A 538 -4.59 19.54 31.39
CA CYS A 538 -4.46 18.52 30.35
C CYS A 538 -4.51 17.14 30.99
N VAL A 539 -5.57 16.39 30.70
CA VAL A 539 -5.79 15.07 31.27
C VAL A 539 -6.16 14.10 30.16
N ASN A 540 -5.98 12.81 30.44
CA ASN A 540 -6.36 11.75 29.51
C ASN A 540 -7.72 11.22 29.95
N PHE A 541 -8.77 11.87 29.49
CA PHE A 541 -10.13 11.55 29.91
C PHE A 541 -10.56 10.21 29.32
N ASN A 542 -11.67 9.71 29.85
CA ASN A 542 -12.32 8.50 29.33
C ASN A 542 -13.81 8.63 29.62
N PHE A 543 -14.55 9.17 28.65
CA PHE A 543 -15.99 9.36 28.79
C PHE A 543 -16.68 8.15 28.16
N ASN A 544 -16.91 7.13 28.99
CA ASN A 544 -17.54 5.87 28.60
C ASN A 544 -16.99 5.37 27.26
N GLY A 545 -15.69 5.08 27.26
CA GLY A 545 -15.02 4.54 26.11
C GLY A 545 -14.42 5.57 25.16
N LEU A 546 -14.90 6.81 25.20
CA LEU A 546 -14.38 7.87 24.34
C LEU A 546 -13.03 8.31 24.91
N THR A 547 -12.00 7.56 24.52
CA THR A 547 -10.65 7.84 25.00
C THR A 547 -10.08 9.06 24.29
N GLY A 548 -9.17 9.74 24.99
CA GLY A 548 -8.53 10.92 24.43
C GLY A 548 -7.94 11.78 25.52
N THR A 549 -7.05 12.68 25.09
CA THR A 549 -6.33 13.57 25.98
C THR A 549 -6.67 15.02 25.65
N GLY A 550 -6.82 15.83 26.70
CA GLY A 550 -7.13 17.24 26.50
C GLY A 550 -7.38 17.91 27.83
N VAL A 551 -7.77 19.18 27.75
CA VAL A 551 -8.08 19.99 28.92
C VAL A 551 -9.55 20.38 28.85
N LEU A 552 -10.31 19.97 29.87
CA LEU A 552 -11.75 20.19 29.90
C LEU A 552 -12.09 21.54 30.54
N THR A 553 -13.02 22.26 29.94
CA THR A 553 -13.48 23.54 30.44
C THR A 553 -14.99 23.58 30.44
N GLU A 554 -15.54 24.51 31.21
CA GLU A 554 -16.97 24.80 31.12
C GLU A 554 -17.28 25.45 29.79
N SER A 555 -18.51 25.24 29.31
CA SER A 555 -18.88 25.65 27.97
C SER A 555 -20.16 26.47 27.98
N ASN A 556 -20.38 27.17 26.87
CA ASN A 556 -21.61 27.90 26.63
C ASN A 556 -22.41 27.34 25.46
N LYS A 557 -21.88 26.34 24.75
CA LYS A 557 -22.58 25.72 23.63
C LYS A 557 -23.80 25.00 24.15
N LYS A 558 -24.98 25.56 23.89
CA LYS A 558 -26.22 25.04 24.46
C LYS A 558 -26.62 23.74 23.80
N PHE A 559 -26.17 22.62 24.36
CA PHE A 559 -26.59 21.31 23.89
C PHE A 559 -28.10 21.16 23.99
N LEU A 560 -28.69 20.53 22.98
CA LEU A 560 -30.09 20.18 23.08
C LEU A 560 -30.26 18.92 23.93
N PRO A 561 -31.41 18.75 24.59
CA PRO A 561 -31.56 17.67 25.58
C PRO A 561 -31.24 16.27 25.08
N PHE A 562 -31.17 16.07 23.77
CA PHE A 562 -30.87 14.76 23.22
C PHE A 562 -29.42 14.61 22.76
N GLN A 563 -28.76 15.70 22.38
CA GLN A 563 -27.37 15.62 21.94
C GLN A 563 -26.45 15.31 23.11
N GLN A 564 -25.48 14.44 22.87
CA GLN A 564 -24.58 13.99 23.92
C GLN A 564 -23.13 14.45 23.75
N PHE A 565 -22.69 14.71 22.52
CA PHE A 565 -21.34 15.23 22.34
C PHE A 565 -21.25 15.96 21.01
N GLY A 566 -20.41 17.00 20.98
CA GLY A 566 -20.10 17.68 19.74
C GLY A 566 -18.92 17.05 19.04
N ARG A 567 -18.81 17.31 17.74
CA ARG A 567 -17.74 16.73 16.94
C ARG A 567 -17.09 17.79 16.06
N ASP A 568 -15.85 17.51 15.67
CA ASP A 568 -15.06 18.37 14.82
C ASP A 568 -15.31 18.02 13.36
N ILE A 569 -14.62 18.73 12.45
CA ILE A 569 -14.69 18.38 11.04
C ILE A 569 -14.13 16.98 10.81
N ALA A 570 -12.98 16.70 11.41
CA ALA A 570 -12.49 15.33 11.48
C ALA A 570 -13.22 14.56 12.56
N ASP A 571 -12.93 13.26 12.65
CA ASP A 571 -13.57 12.40 13.64
C ASP A 571 -12.91 12.55 15.02
N THR A 572 -12.94 13.78 15.53
CA THR A 572 -12.44 14.09 16.85
C THR A 572 -13.51 14.86 17.62
N THR A 573 -13.58 14.59 18.92
CA THR A 573 -14.62 15.16 19.75
C THR A 573 -14.28 16.58 20.16
N ASP A 574 -15.28 17.45 20.17
CA ASP A 574 -15.13 18.84 20.58
C ASP A 574 -15.77 19.14 21.92
N ALA A 575 -16.94 18.57 22.21
CA ALA A 575 -17.61 18.72 23.49
C ALA A 575 -18.19 17.38 23.89
N VAL A 576 -18.37 17.20 25.20
CA VAL A 576 -18.91 15.96 25.76
C VAL A 576 -19.88 16.29 26.88
N ARG A 577 -20.97 15.53 26.96
CA ARG A 577 -21.89 15.59 28.09
C ARG A 577 -21.42 14.55 29.11
N ASP A 578 -20.76 15.03 30.17
CA ASP A 578 -20.17 14.12 31.14
C ASP A 578 -21.26 13.34 31.87
N PRO A 579 -21.11 12.03 32.03
CA PRO A 579 -22.09 11.26 32.79
C PRO A 579 -22.07 11.65 34.27
N GLN A 580 -23.12 11.22 34.97
CA GLN A 580 -23.28 11.38 36.41
C GLN A 580 -23.57 12.82 36.80
N THR A 581 -23.44 13.76 35.86
CA THR A 581 -23.85 15.13 36.12
C THR A 581 -24.54 15.78 34.94
N LEU A 582 -24.46 15.22 33.73
CA LEU A 582 -25.03 15.81 32.53
C LEU A 582 -24.56 17.25 32.34
N GLU A 583 -23.24 17.40 32.28
CA GLU A 583 -22.61 18.69 32.09
C GLU A 583 -21.83 18.69 30.78
N ILE A 584 -21.83 19.84 30.11
CA ILE A 584 -21.25 19.99 28.79
C ILE A 584 -19.86 20.60 28.93
N LEU A 585 -18.83 19.81 28.62
CA LEU A 585 -17.44 20.23 28.73
C LEU A 585 -16.82 20.30 27.34
N ASP A 586 -15.96 21.30 27.13
CA ASP A 586 -15.21 21.43 25.89
C ASP A 586 -13.86 20.74 26.01
N ILE A 587 -13.45 20.08 24.94
CA ILE A 587 -12.18 19.37 24.87
C ILE A 587 -11.26 20.18 23.97
N THR A 588 -10.40 20.98 24.58
CA THR A 588 -9.36 21.60 23.77
C THR A 588 -8.04 20.88 24.00
N PRO A 589 -7.19 20.76 22.98
CA PRO A 589 -5.91 20.09 23.19
C PRO A 589 -4.98 20.93 24.04
N CYS A 590 -4.30 20.28 24.98
CA CYS A 590 -3.31 20.98 25.78
C CYS A 590 -2.16 21.43 24.89
N SER A 591 -1.61 22.61 25.20
CA SER A 591 -0.80 23.35 24.25
C SER A 591 0.38 22.53 23.74
N PHE A 592 0.69 22.73 22.46
CA PHE A 592 1.87 22.13 21.83
C PHE A 592 2.42 23.15 20.85
N GLY A 593 3.58 22.84 20.29
CA GLY A 593 4.20 23.72 19.32
C GLY A 593 5.65 23.36 19.12
N GLY A 594 6.20 23.90 18.05
CA GLY A 594 7.60 23.65 17.73
C GLY A 594 8.53 24.29 18.73
N VAL A 595 9.78 23.81 18.71
CA VAL A 595 10.83 24.33 19.56
C VAL A 595 12.00 24.70 18.66
N SER A 596 12.33 25.99 18.63
CA SER A 596 13.38 26.52 17.78
C SER A 596 14.55 26.96 18.64
N VAL A 597 15.75 26.52 18.28
CA VAL A 597 16.96 26.83 19.02
C VAL A 597 17.69 27.93 18.27
N ILE A 598 17.64 29.15 18.79
CA ILE A 598 18.27 30.30 18.15
C ILE A 598 19.73 30.35 18.55
N THR A 599 20.59 29.71 17.75
CA THR A 599 22.01 29.67 18.07
C THR A 599 22.78 30.68 17.23
N PRO A 600 23.65 31.47 17.84
CA PRO A 600 24.45 32.42 17.05
C PRO A 600 25.57 31.76 16.24
N GLY A 601 25.72 30.44 16.34
CA GLY A 601 26.78 29.75 15.64
C GLY A 601 27.75 29.10 16.61
N THR A 602 28.12 27.85 16.34
CA THR A 602 29.03 27.15 17.24
C THR A 602 30.40 27.82 17.27
N ASN A 603 30.84 28.39 16.15
CA ASN A 603 32.14 29.06 16.12
C ASN A 603 32.13 30.38 16.87
N THR A 604 30.97 30.89 17.25
CA THR A 604 30.87 32.14 17.99
C THR A 604 30.56 31.93 19.47
N SER A 605 29.58 31.10 19.80
CA SER A 605 29.24 30.85 21.19
C SER A 605 28.42 29.57 21.29
N ASN A 606 28.52 28.90 22.42
CA ASN A 606 27.71 27.73 22.72
C ASN A 606 26.46 28.08 23.52
N GLN A 607 26.17 29.37 23.66
CA GLN A 607 24.99 29.85 24.37
C GLN A 607 23.87 30.09 23.38
N VAL A 608 22.69 29.52 23.66
CA VAL A 608 21.57 29.56 22.73
C VAL A 608 20.33 30.05 23.46
N ALA A 609 19.31 30.38 22.67
CA ALA A 609 17.98 30.69 23.16
C ALA A 609 16.98 29.72 22.54
N VAL A 610 15.82 29.57 23.17
CA VAL A 610 14.82 28.61 22.76
C VAL A 610 13.49 29.33 22.57
N LEU A 611 12.89 29.14 21.40
CA LEU A 611 11.62 29.78 21.05
C LEU A 611 10.52 28.72 21.06
N TYR A 612 9.69 28.74 22.10
CA TYR A 612 8.52 27.87 22.16
C TYR A 612 7.41 28.52 21.34
N GLN A 613 7.20 28.04 20.12
CA GLN A 613 6.33 28.72 19.18
C GLN A 613 4.86 28.58 19.57
N ASP A 614 4.14 29.70 19.53
CA ASP A 614 2.70 29.73 19.78
C ASP A 614 2.34 29.07 21.10
N VAL A 615 3.11 29.39 22.14
CA VAL A 615 2.93 28.83 23.46
C VAL A 615 3.12 29.93 24.49
N ASN A 616 2.18 30.04 25.42
CA ASN A 616 2.29 30.97 26.53
C ASN A 616 3.19 30.36 27.61
N CYS A 617 4.06 31.18 28.19
CA CYS A 617 4.89 30.75 29.30
C CYS A 617 4.28 31.05 30.66
N THR A 618 2.95 31.12 30.73
CA THR A 618 2.30 30.80 32.00
C THR A 618 2.40 29.31 32.32
N GLU A 619 2.90 28.52 31.35
CA GLU A 619 3.28 27.14 31.54
C GLU A 619 4.73 26.99 31.06
N VAL A 620 5.23 25.76 31.08
CA VAL A 620 6.61 25.53 30.65
C VAL A 620 6.73 25.68 29.15
N THR A 638 15.91 27.37 28.45
CA THR A 638 16.98 27.29 29.43
C THR A 638 16.48 27.69 30.82
N GLY A 639 15.67 28.74 30.87
CA GLY A 639 15.08 29.19 32.12
C GLY A 639 15.80 30.35 32.76
N SER A 640 16.24 31.31 31.95
CA SER A 640 16.93 32.50 32.46
C SER A 640 16.10 33.76 32.27
N ASN A 641 15.71 34.07 31.04
CA ASN A 641 14.88 35.23 30.74
C ASN A 641 13.67 34.79 29.93
N VAL A 642 12.54 35.45 30.16
CA VAL A 642 11.28 35.09 29.54
C VAL A 642 10.74 36.32 28.82
N PHE A 643 10.70 36.26 27.48
CA PHE A 643 10.17 37.32 26.64
C PHE A 643 9.02 36.75 25.83
N GLN A 644 7.87 37.42 25.88
CA GLN A 644 6.66 36.95 25.20
C GLN A 644 6.54 37.66 23.85
N THR A 645 6.83 36.92 22.78
CA THR A 645 6.66 37.42 21.43
C THR A 645 5.33 36.94 20.87
N ARG A 646 4.94 37.54 19.74
CA ARG A 646 3.70 37.14 19.07
C ARG A 646 3.83 35.82 18.33
N ALA A 647 5.06 35.35 18.09
CA ALA A 647 5.30 34.05 17.47
C ALA A 647 5.45 32.94 18.50
N GLY A 648 5.37 33.27 19.78
CA GLY A 648 5.67 32.34 20.85
C GLY A 648 6.68 32.98 21.76
N CYS A 649 6.66 32.65 23.04
CA CYS A 649 7.50 33.37 23.98
C CYS A 649 8.89 32.76 24.04
N LEU A 650 9.90 33.62 23.94
CA LEU A 650 11.28 33.23 23.76
C LEU A 650 11.96 33.13 25.12
N ILE A 651 12.59 31.98 25.40
CA ILE A 651 13.28 31.74 26.65
C ILE A 651 14.77 31.70 26.37
N GLY A 652 15.52 32.59 27.01
CA GLY A 652 16.96 32.62 26.89
C GLY A 652 17.53 33.84 26.20
N ALA A 653 16.70 34.82 25.85
CA ALA A 653 17.16 36.04 25.19
C ALA A 653 16.65 37.26 25.93
N GLU A 654 17.52 38.25 26.09
CA GLU A 654 17.17 39.49 26.79
C GLU A 654 16.58 40.47 25.77
N HIS A 655 15.31 40.83 25.98
CA HIS A 655 14.65 41.76 25.07
C HIS A 655 15.18 43.17 25.30
N VAL A 656 15.77 43.75 24.26
CA VAL A 656 16.28 45.10 24.31
C VAL A 656 15.28 46.04 23.66
N ASN A 657 15.45 47.34 23.90
CA ASN A 657 14.51 48.33 23.40
C ASN A 657 14.95 48.90 22.04
N ASN A 658 16.18 49.38 21.95
CA ASN A 658 16.66 49.94 20.69
C ASN A 658 16.73 48.85 19.62
N SER A 659 16.70 49.28 18.37
CA SER A 659 16.54 48.38 17.24
C SER A 659 17.80 48.33 16.39
N TYR A 660 18.08 47.16 15.83
CA TYR A 660 19.16 46.99 14.88
C TYR A 660 18.64 46.29 13.63
N GLU A 661 19.54 45.95 12.72
CA GLU A 661 19.17 45.14 11.57
C GLU A 661 18.77 43.74 12.03
N CYS A 662 18.07 43.01 11.17
CA CYS A 662 17.63 41.66 11.50
C CYS A 662 18.79 40.68 11.31
N ASP A 663 19.04 39.89 12.36
CA ASP A 663 20.13 38.92 12.35
C ASP A 663 19.62 37.49 12.26
N ILE A 664 18.75 37.08 13.18
CA ILE A 664 18.12 35.77 13.14
C ILE A 664 16.61 35.99 13.21
N PRO A 665 15.89 35.84 12.10
CA PRO A 665 14.44 36.16 12.10
C PRO A 665 13.68 35.19 12.99
N ILE A 666 12.97 35.74 13.97
CA ILE A 666 12.16 34.93 14.88
C ILE A 666 10.72 34.85 14.40
N GLY A 667 10.09 36.00 14.19
CA GLY A 667 8.72 36.05 13.71
C GLY A 667 7.99 37.23 14.30
N ALA A 668 7.03 37.74 13.52
CA ALA A 668 6.16 38.84 13.95
C ALA A 668 6.94 40.11 14.25
N GLY A 669 8.07 40.31 13.56
CA GLY A 669 8.85 41.52 13.70
C GLY A 669 10.01 41.42 14.67
N ILE A 670 10.15 40.31 15.38
CA ILE A 670 11.23 40.13 16.34
C ILE A 670 12.39 39.44 15.64
N CYS A 671 13.59 39.99 15.80
CA CYS A 671 14.80 39.40 15.26
C CYS A 671 15.85 39.28 16.35
N ALA A 672 16.52 38.13 16.41
CA ALA A 672 17.52 37.88 17.43
C ALA A 672 18.92 38.23 16.94
N VAL A 687 23.65 37.77 18.68
CA VAL A 687 24.47 37.91 19.87
C VAL A 687 25.19 39.26 19.83
N ALA A 688 25.19 39.96 20.96
CA ALA A 688 25.82 41.27 21.06
C ALA A 688 26.14 41.56 22.51
N SER A 689 27.40 41.91 22.78
CA SER A 689 27.86 42.26 24.12
C SER A 689 27.65 41.11 25.10
N GLN A 690 28.20 39.94 24.74
CA GLN A 690 28.25 38.77 25.62
C GLN A 690 26.87 38.22 25.97
N SER A 691 25.88 38.42 25.10
CA SER A 691 24.54 37.93 25.39
C SER A 691 23.74 37.87 24.10
N ILE A 692 22.70 37.03 24.11
CA ILE A 692 21.77 36.91 23.00
C ILE A 692 20.60 37.85 23.25
N ILE A 693 20.34 38.74 22.31
CA ILE A 693 19.28 39.72 22.43
C ILE A 693 18.13 39.35 21.50
N ALA A 694 16.96 39.91 21.79
CA ALA A 694 15.77 39.72 20.96
C ALA A 694 15.06 41.06 20.87
N TYR A 695 15.04 41.66 19.70
CA TYR A 695 14.59 43.02 19.52
C TYR A 695 13.60 43.11 18.37
N THR A 696 13.00 44.29 18.21
CA THR A 696 12.17 44.58 17.05
C THR A 696 13.06 45.06 15.92
N MET A 697 12.99 44.38 14.77
CA MET A 697 13.88 44.70 13.66
C MET A 697 13.63 46.10 13.16
N SER A 698 14.71 46.76 12.74
CA SER A 698 14.65 48.09 12.15
C SER A 698 14.69 47.97 10.64
N LEU A 699 13.87 48.76 9.97
CA LEU A 699 13.77 48.73 8.52
C LEU A 699 14.74 49.69 7.85
N GLY A 700 15.60 50.36 8.61
CA GLY A 700 16.57 51.28 8.06
C GLY A 700 16.51 52.63 8.76
N ALA A 701 17.56 53.41 8.50
CA ALA A 701 17.66 54.75 9.08
C ALA A 701 16.56 55.64 8.51
N GLU A 702 15.58 55.95 9.35
CA GLU A 702 14.44 56.76 8.90
C GLU A 702 14.89 58.18 8.61
N ASN A 703 14.98 58.53 7.33
CA ASN A 703 15.31 59.87 6.91
C ASN A 703 14.19 60.43 6.05
N SER A 704 13.85 61.70 6.27
CA SER A 704 12.82 62.37 5.51
C SER A 704 13.46 63.29 4.48
N VAL A 705 13.08 63.12 3.22
CA VAL A 705 13.63 63.97 2.16
C VAL A 705 13.14 65.39 2.35
N ALA A 706 14.03 66.35 2.19
CA ALA A 706 13.66 67.75 2.37
C ALA A 706 12.83 68.24 1.19
N TYR A 707 11.59 67.77 1.10
CA TYR A 707 10.72 68.17 -0.01
C TYR A 707 10.40 69.65 0.08
N SER A 708 10.43 70.31 -1.08
CA SER A 708 10.05 71.70 -1.20
C SER A 708 9.63 71.94 -2.64
N ASN A 709 8.56 72.72 -2.82
CA ASN A 709 7.99 72.88 -4.16
C ASN A 709 8.89 73.65 -5.11
N ASN A 710 10.05 74.13 -4.68
CA ASN A 710 10.97 74.81 -5.58
C ASN A 710 12.43 74.46 -5.28
N SER A 711 12.70 73.25 -4.81
CA SER A 711 14.05 72.84 -4.46
C SER A 711 14.34 71.47 -5.04
N ILE A 712 15.43 71.36 -5.79
CA ILE A 712 15.89 70.08 -6.34
C ILE A 712 17.30 69.81 -5.83
N ALA A 713 17.64 68.53 -5.74
CA ALA A 713 18.95 68.09 -5.26
C ALA A 713 19.60 67.27 -6.36
N ILE A 714 20.68 67.79 -6.92
CA ILE A 714 21.35 67.20 -8.08
C ILE A 714 22.71 66.68 -7.64
N PRO A 715 23.09 65.45 -8.02
CA PRO A 715 24.41 64.95 -7.63
C PRO A 715 25.51 65.59 -8.46
N THR A 716 26.57 66.02 -7.78
CA THR A 716 27.71 66.66 -8.43
C THR A 716 28.88 65.69 -8.61
N ASN A 717 28.63 64.40 -8.48
CA ASN A 717 29.68 63.38 -8.52
C ASN A 717 29.01 62.02 -8.57
N PHE A 718 29.78 61.03 -9.00
CA PHE A 718 29.25 59.67 -9.14
C PHE A 718 30.19 58.67 -8.48
N THR A 719 29.72 57.43 -8.42
CA THR A 719 30.57 56.29 -8.08
C THR A 719 30.16 55.14 -8.98
N ILE A 720 31.14 54.48 -9.57
CA ILE A 720 30.91 53.34 -10.44
C ILE A 720 31.15 52.08 -9.62
N SER A 721 30.08 51.40 -9.25
CA SER A 721 30.14 50.24 -8.36
C SER A 721 29.83 48.97 -9.13
N VAL A 722 30.54 47.90 -8.80
CA VAL A 722 30.35 46.60 -9.41
C VAL A 722 29.72 45.69 -8.36
N THR A 723 28.48 45.30 -8.60
CA THR A 723 27.75 44.42 -7.70
C THR A 723 27.57 43.05 -8.36
N THR A 724 27.94 42.00 -7.65
CA THR A 724 27.89 40.65 -8.19
C THR A 724 26.51 40.05 -7.97
N GLU A 725 25.93 39.50 -9.03
CA GLU A 725 24.67 38.77 -8.97
C GLU A 725 24.96 37.31 -9.28
N ILE A 726 24.64 36.43 -8.34
CA ILE A 726 24.94 35.01 -8.44
C ILE A 726 23.65 34.28 -8.75
N LEU A 727 23.62 33.58 -9.88
CA LEU A 727 22.42 32.89 -10.33
C LEU A 727 22.76 31.44 -10.68
N PRO A 728 22.02 30.47 -10.17
CA PRO A 728 22.18 29.10 -10.65
C PRO A 728 21.50 28.91 -12.00
N VAL A 729 22.15 28.14 -12.87
CA VAL A 729 21.57 27.86 -14.18
C VAL A 729 21.33 26.38 -14.43
N SER A 730 21.98 25.47 -13.72
CA SER A 730 21.78 24.04 -13.97
C SER A 730 22.03 23.27 -12.68
N MET A 731 21.62 22.01 -12.71
CA MET A 731 21.82 21.09 -11.61
C MET A 731 22.72 19.95 -12.06
N THR A 732 23.01 19.03 -11.15
CA THR A 732 23.74 17.82 -11.50
C THR A 732 22.80 16.86 -12.23
N LYS A 733 23.26 16.36 -13.38
CA LYS A 733 22.44 15.49 -14.21
C LYS A 733 22.51 14.07 -13.66
N THR A 734 21.74 13.83 -12.61
CA THR A 734 21.68 12.50 -12.03
C THR A 734 20.70 11.62 -12.82
N SER A 735 20.87 10.32 -12.68
CA SER A 735 19.99 9.36 -13.31
C SER A 735 19.88 8.15 -12.40
N VAL A 736 18.66 7.78 -12.04
CA VAL A 736 18.42 6.70 -11.10
C VAL A 736 17.73 5.56 -11.85
N ASP A 737 18.43 4.44 -11.98
CA ASP A 737 17.84 3.26 -12.60
C ASP A 737 16.79 2.65 -11.68
N CYS A 738 15.51 2.77 -12.05
CA CYS A 738 14.42 2.35 -11.17
C CYS A 738 14.55 0.88 -10.79
N THR A 739 14.89 0.04 -11.76
CA THR A 739 15.00 -1.39 -11.45
C THR A 739 16.20 -1.67 -10.55
N MET A 740 17.33 -1.05 -10.84
CA MET A 740 18.53 -1.27 -10.02
C MET A 740 18.39 -0.66 -8.64
N TYR A 741 17.56 0.36 -8.49
CA TYR A 741 17.39 0.98 -7.18
C TYR A 741 16.49 0.14 -6.29
N ILE A 742 15.23 -0.06 -6.70
CA ILE A 742 14.27 -0.72 -5.83
C ILE A 742 14.37 -2.23 -5.90
N CYS A 743 14.95 -2.79 -6.95
CA CYS A 743 15.04 -4.23 -7.15
C CYS A 743 16.44 -4.62 -7.61
N GLY A 744 17.45 -4.10 -6.91
CA GLY A 744 18.83 -4.25 -7.37
C GLY A 744 19.36 -5.66 -7.40
N ASP A 745 19.81 -6.09 -8.59
CA ASP A 745 20.51 -7.36 -8.77
C ASP A 745 19.68 -8.56 -8.35
N SER A 746 18.36 -8.47 -8.50
CA SER A 746 17.46 -9.55 -8.10
C SER A 746 16.43 -9.74 -9.19
N THR A 747 16.32 -10.98 -9.69
CA THR A 747 15.27 -11.31 -10.64
C THR A 747 13.97 -11.67 -9.93
N GLU A 748 14.04 -12.04 -8.65
CA GLU A 748 12.85 -12.43 -7.92
C GLU A 748 11.88 -11.27 -7.75
N CYS A 749 12.37 -10.04 -7.65
CA CYS A 749 11.49 -8.88 -7.58
C CYS A 749 11.28 -8.19 -8.91
N SER A 750 12.19 -8.36 -9.87
CA SER A 750 12.01 -7.75 -11.17
C SER A 750 10.76 -8.29 -11.86
N ASN A 751 10.35 -9.52 -11.52
CA ASN A 751 9.08 -10.04 -11.99
C ASN A 751 7.91 -9.52 -11.16
N LEU A 752 8.18 -9.05 -9.94
CA LEU A 752 7.19 -8.41 -9.11
C LEU A 752 7.05 -6.92 -9.40
N LEU A 753 8.07 -6.32 -9.98
CA LEU A 753 8.03 -4.91 -10.33
C LEU A 753 7.33 -4.66 -11.66
N LEU A 754 7.31 -5.65 -12.55
CA LEU A 754 6.58 -5.49 -13.81
C LEU A 754 5.08 -5.44 -13.58
N GLN A 755 4.61 -6.02 -12.48
CA GLN A 755 3.19 -5.96 -12.16
C GLN A 755 2.71 -4.54 -11.89
N TYR A 756 3.62 -3.64 -11.51
CA TYR A 756 3.29 -2.25 -11.27
C TYR A 756 3.24 -1.43 -12.55
N GLY A 757 3.21 -2.08 -13.70
CA GLY A 757 3.02 -1.36 -14.95
C GLY A 757 4.28 -0.66 -15.40
N SER A 758 4.11 0.58 -15.84
CA SER A 758 5.19 1.37 -16.47
C SER A 758 5.72 2.43 -15.53
N PHE A 759 5.90 2.12 -14.25
CA PHE A 759 6.36 3.13 -13.31
C PHE A 759 7.83 3.47 -13.52
N CYS A 760 8.68 2.45 -13.68
CA CYS A 760 10.11 2.72 -13.86
C CYS A 760 10.43 3.35 -15.21
N THR A 761 9.76 2.96 -16.28
CA THR A 761 10.02 3.64 -17.54
C THR A 761 9.38 5.01 -17.60
N GLN A 762 8.64 5.40 -16.56
CA GLN A 762 8.11 6.74 -16.42
C GLN A 762 8.97 7.62 -15.53
N LEU A 763 9.74 7.03 -14.61
CA LEU A 763 10.67 7.80 -13.80
C LEU A 763 11.99 8.00 -14.53
N ASN A 764 12.43 7.00 -15.30
CA ASN A 764 13.62 7.18 -16.12
C ASN A 764 13.39 8.19 -17.23
N ARG A 765 12.13 8.38 -17.64
CA ARG A 765 11.77 9.37 -18.63
C ARG A 765 11.60 10.76 -18.04
N ALA A 766 11.44 10.86 -16.72
CA ALA A 766 11.37 12.15 -16.05
C ALA A 766 12.75 12.63 -15.62
N LEU A 767 13.55 11.73 -15.04
CA LEU A 767 14.92 12.07 -14.68
C LEU A 767 15.81 12.30 -15.89
N THR A 768 15.36 11.91 -17.08
CA THR A 768 16.07 12.24 -18.31
C THR A 768 15.56 13.52 -18.95
N GLY A 769 14.26 13.79 -18.86
CA GLY A 769 13.74 15.05 -19.36
C GLY A 769 14.27 16.24 -18.61
N ILE A 770 14.65 16.06 -17.34
CA ILE A 770 15.28 17.12 -16.56
C ILE A 770 16.79 17.00 -16.57
N ALA A 771 17.36 15.94 -17.14
CA ALA A 771 18.78 15.85 -17.35
C ALA A 771 19.19 16.44 -18.70
N VAL A 772 18.40 16.17 -19.75
CA VAL A 772 18.60 16.84 -21.03
C VAL A 772 18.32 18.33 -20.89
N GLU A 773 17.44 18.70 -19.95
CA GLU A 773 17.12 20.11 -19.75
C GLU A 773 18.30 20.88 -19.18
N GLN A 774 19.17 20.22 -18.41
CA GLN A 774 20.33 20.90 -17.85
C GLN A 774 21.35 21.29 -18.91
N ASP A 775 21.32 20.65 -20.08
CA ASP A 775 22.14 21.06 -21.20
C ASP A 775 21.47 22.13 -22.05
N LYS A 776 20.14 22.23 -21.98
CA LYS A 776 19.44 23.33 -22.61
C LYS A 776 19.52 24.60 -21.79
N ASN A 777 19.68 24.46 -20.48
CA ASN A 777 19.86 25.64 -19.63
C ASN A 777 21.24 26.25 -19.82
N THR A 778 22.29 25.42 -19.77
CA THR A 778 23.64 25.91 -19.94
C THR A 778 23.89 26.41 -21.35
N GLN A 779 23.16 25.92 -22.35
CA GLN A 779 23.31 26.41 -23.71
C GLN A 779 22.53 27.70 -23.92
N GLU A 780 21.42 27.88 -23.22
CA GLU A 780 20.66 29.12 -23.35
C GLU A 780 21.38 30.28 -22.69
N VAL A 781 22.02 30.02 -21.54
CA VAL A 781 22.66 31.09 -20.78
C VAL A 781 23.94 31.54 -21.47
N PHE A 782 24.83 30.60 -21.76
CA PHE A 782 26.16 30.95 -22.23
C PHE A 782 26.25 31.04 -23.74
N ALA A 783 25.63 30.12 -24.46
CA ALA A 783 25.77 30.11 -25.92
C ALA A 783 24.83 31.10 -26.59
N GLN A 784 24.86 32.35 -26.12
CA GLN A 784 24.15 33.43 -26.81
C GLN A 784 24.93 33.97 -27.99
N VAL A 785 26.22 33.61 -28.10
CA VAL A 785 27.09 34.12 -29.14
C VAL A 785 27.28 33.04 -30.20
N LYS A 786 27.50 33.48 -31.43
CA LYS A 786 27.64 32.55 -32.54
C LYS A 786 29.11 32.20 -32.83
N GLN A 787 30.01 33.15 -32.62
CA GLN A 787 31.43 32.96 -32.88
C GLN A 787 32.24 33.22 -31.62
N ILE A 788 33.32 32.47 -31.46
CA ILE A 788 34.19 32.60 -30.30
C ILE A 788 35.16 33.76 -30.56
N TYR A 789 34.97 34.86 -29.87
CA TYR A 789 35.81 36.03 -30.06
C TYR A 789 37.08 35.92 -29.22
N LYS A 790 38.05 36.78 -29.54
CA LYS A 790 39.32 36.82 -28.82
C LYS A 790 39.70 38.26 -28.56
N THR A 791 40.41 38.46 -27.46
CA THR A 791 40.91 39.78 -27.07
C THR A 791 42.30 40.01 -27.65
N PRO A 792 42.60 41.19 -28.15
CA PRO A 792 43.91 41.45 -28.76
C PRO A 792 45.02 41.25 -27.73
N PRO A 793 46.26 41.01 -28.19
CA PRO A 793 47.35 40.77 -27.23
C PRO A 793 47.71 41.97 -26.38
N ILE A 794 47.43 43.18 -26.84
CA ILE A 794 47.73 44.41 -26.10
C ILE A 794 46.43 44.95 -25.53
N LYS A 795 46.44 45.20 -24.21
CA LYS A 795 45.24 45.66 -23.51
C LYS A 795 45.31 47.18 -23.32
N ASP A 796 45.12 47.89 -24.42
CA ASP A 796 45.12 49.35 -24.41
C ASP A 796 43.68 49.87 -24.34
N PHE A 797 43.05 49.56 -23.21
CA PHE A 797 41.63 49.90 -22.99
C PHE A 797 41.46 51.22 -22.26
N GLY A 798 42.40 52.14 -22.39
CA GLY A 798 42.23 53.46 -21.81
C GLY A 798 42.29 53.51 -20.30
N GLY A 799 42.86 52.50 -19.66
CA GLY A 799 42.97 52.45 -18.21
C GLY A 799 42.15 51.37 -17.56
N PHE A 800 41.14 50.85 -18.24
CA PHE A 800 40.32 49.79 -17.67
C PHE A 800 41.13 48.49 -17.62
N ASN A 801 41.12 47.84 -16.46
CA ASN A 801 41.93 46.65 -16.22
C ASN A 801 41.00 45.45 -16.16
N PHE A 802 40.98 44.67 -17.24
CA PHE A 802 40.15 43.48 -17.34
C PHE A 802 40.92 42.20 -17.05
N SER A 803 42.14 42.30 -16.52
CA SER A 803 42.93 41.12 -16.23
C SER A 803 42.21 40.19 -15.25
N GLN A 804 41.31 40.73 -14.43
CA GLN A 804 40.60 39.93 -13.45
C GLN A 804 39.50 39.10 -14.08
N ILE A 805 38.93 39.55 -15.19
CA ILE A 805 37.80 38.87 -15.79
C ILE A 805 38.22 38.13 -17.06
N LEU A 806 39.28 38.63 -17.71
CA LEU A 806 39.76 37.95 -18.91
C LEU A 806 40.60 36.73 -18.53
N PRO A 807 40.57 35.68 -19.36
CA PRO A 807 41.21 34.42 -18.98
C PRO A 807 42.71 34.59 -18.78
N ASP A 808 43.24 33.82 -17.82
CA ASP A 808 44.65 33.87 -17.47
C ASP A 808 45.40 32.77 -18.20
N PRO A 809 46.37 33.08 -19.06
CA PRO A 809 47.07 32.01 -19.78
C PRO A 809 47.98 31.18 -18.90
N SER A 810 48.60 31.79 -17.88
CA SER A 810 49.54 31.06 -17.03
C SER A 810 48.85 29.91 -16.31
N LYS A 811 47.70 30.17 -15.72
CA LYS A 811 46.96 29.10 -15.06
C LYS A 811 46.40 28.13 -16.09
N PRO A 812 46.32 26.85 -15.76
CA PRO A 812 45.66 25.90 -16.66
C PRO A 812 44.15 26.13 -16.68
N SER A 813 43.52 25.58 -17.72
CA SER A 813 42.10 25.68 -18.02
C SER A 813 41.69 27.10 -18.46
N LYS A 814 42.62 28.05 -18.45
CA LYS A 814 42.38 29.42 -18.94
C LYS A 814 41.14 30.03 -18.30
N ARG A 815 41.09 29.99 -16.97
CA ARG A 815 40.02 30.63 -16.20
C ARG A 815 40.55 31.88 -15.55
N SER A 816 39.71 32.92 -15.53
CA SER A 816 40.11 34.22 -15.02
C SER A 816 40.38 34.14 -13.51
N PRO A 817 41.08 35.12 -12.95
CA PRO A 817 41.27 35.14 -11.49
C PRO A 817 39.95 35.07 -10.71
N ILE A 818 38.98 35.92 -11.05
CA ILE A 818 37.68 35.85 -10.39
C ILE A 818 37.01 34.52 -10.69
N GLU A 819 37.15 34.04 -11.94
CA GLU A 819 36.57 32.75 -12.29
C GLU A 819 37.19 31.62 -11.48
N ASP A 820 38.51 31.66 -11.30
CA ASP A 820 39.17 30.63 -10.50
C ASP A 820 38.77 30.74 -9.03
N LEU A 821 38.52 31.95 -8.56
CA LEU A 821 38.10 32.14 -7.18
C LEU A 821 36.71 31.59 -6.96
N LEU A 822 35.85 31.65 -7.97
CA LEU A 822 34.49 31.13 -7.86
C LEU A 822 34.44 29.61 -7.91
N PHE A 823 35.47 28.97 -8.46
CA PHE A 823 35.50 27.52 -8.53
C PHE A 823 36.07 26.87 -7.26
N ASN A 824 36.67 27.66 -6.38
CA ASN A 824 37.17 27.15 -5.11
C ASN A 824 36.21 27.39 -3.95
N LYS A 825 35.29 28.35 -4.08
CA LYS A 825 34.35 28.64 -3.01
C LYS A 825 33.17 27.67 -2.98
N VAL A 826 32.96 26.90 -4.05
CA VAL A 826 31.87 25.94 -4.13
C VAL A 826 32.44 24.54 -3.96
N THR A 827 32.00 23.85 -2.92
CA THR A 827 32.42 22.48 -2.64
C THR A 827 31.35 21.51 -3.12
N LEU A 828 31.73 20.61 -4.01
CA LEU A 828 30.79 19.64 -4.57
C LEU A 828 30.93 18.29 -3.88
N GLN A 853 30.76 9.44 -5.70
CA GLN A 853 30.34 8.25 -4.97
C GLN A 853 29.47 7.34 -5.84
N LYS A 854 29.95 6.12 -6.06
CA LYS A 854 29.20 5.14 -6.84
C LYS A 854 28.26 4.36 -5.94
N PHE A 855 27.02 4.21 -6.38
CA PHE A 855 25.98 3.62 -5.55
C PHE A 855 25.14 2.68 -6.40
N ASN A 856 23.97 2.34 -5.87
CA ASN A 856 23.01 1.40 -6.49
C ASN A 856 22.15 2.15 -7.51
N GLY A 857 22.55 2.14 -8.78
CA GLY A 857 21.76 2.75 -9.81
C GLY A 857 21.96 4.25 -9.96
N LEU A 858 22.43 4.92 -8.91
CA LEU A 858 22.61 6.37 -8.93
C LEU A 858 23.86 6.70 -9.72
N THR A 859 23.67 7.14 -10.96
CA THR A 859 24.77 7.63 -11.79
C THR A 859 24.59 9.12 -12.04
N VAL A 860 25.72 9.79 -12.29
CA VAL A 860 25.74 11.23 -12.52
C VAL A 860 26.31 11.46 -13.91
N LEU A 861 25.46 11.90 -14.83
CA LEU A 861 25.91 12.17 -16.19
C LEU A 861 26.72 13.45 -16.24
N PRO A 862 27.70 13.53 -17.13
CA PRO A 862 28.51 14.74 -17.24
C PRO A 862 27.81 15.78 -18.09
N PRO A 863 28.01 17.06 -17.80
CA PRO A 863 27.42 18.11 -18.63
C PRO A 863 28.03 18.11 -20.03
N LEU A 864 27.18 18.40 -21.02
CA LEU A 864 27.65 18.40 -22.41
C LEU A 864 28.75 19.43 -22.63
N LEU A 865 28.65 20.59 -22.00
CA LEU A 865 29.65 21.65 -22.11
C LEU A 865 30.58 21.54 -20.91
N THR A 866 31.84 21.17 -21.16
CA THR A 866 32.81 21.09 -20.09
C THR A 866 33.07 22.47 -19.49
N ASP A 867 33.55 22.47 -18.24
CA ASP A 867 33.84 23.72 -17.54
C ASP A 867 34.95 24.52 -18.20
N GLU A 868 35.71 23.89 -19.10
CA GLU A 868 36.66 24.60 -19.95
C GLU A 868 36.02 25.07 -21.26
N MET A 869 34.94 24.41 -21.68
CA MET A 869 34.17 24.86 -22.83
C MET A 869 33.22 25.99 -22.45
N ILE A 870 32.67 25.93 -21.24
CA ILE A 870 31.86 27.04 -20.73
C ILE A 870 32.72 28.28 -20.52
N ALA A 871 33.89 28.11 -19.91
CA ALA A 871 34.82 29.21 -19.73
C ALA A 871 35.40 29.70 -21.05
N GLN A 872 35.16 28.98 -22.14
CA GLN A 872 35.49 29.46 -23.47
C GLN A 872 34.35 30.25 -24.10
N TYR A 873 33.12 29.99 -23.66
CA TYR A 873 31.99 30.82 -24.07
C TYR A 873 32.05 32.19 -23.42
N THR A 874 32.19 32.23 -22.09
CA THR A 874 32.25 33.49 -21.36
C THR A 874 33.50 34.26 -21.63
N SER A 875 34.43 33.77 -22.45
CA SER A 875 35.53 34.60 -22.92
C SER A 875 35.24 35.23 -24.28
N ALA A 876 34.26 34.70 -25.00
CA ALA A 876 33.77 35.38 -26.20
C ALA A 876 32.79 36.49 -25.84
N LEU A 877 31.89 36.22 -24.91
CA LEU A 877 31.02 37.25 -24.39
C LEU A 877 31.80 38.35 -23.67
N LEU A 878 33.03 38.07 -23.26
CA LEU A 878 33.87 39.04 -22.60
C LEU A 878 34.84 39.75 -23.54
N ALA A 879 35.13 39.15 -24.70
CA ALA A 879 35.98 39.79 -25.69
C ALA A 879 35.17 40.50 -26.78
N GLY A 880 33.86 40.28 -26.83
CA GLY A 880 33.00 41.03 -27.72
C GLY A 880 32.40 42.21 -27.01
N THR A 881 32.07 42.04 -25.73
CA THR A 881 31.59 43.17 -24.93
C THR A 881 32.66 44.22 -24.76
N ILE A 882 33.93 43.82 -24.79
CA ILE A 882 35.02 44.76 -24.58
C ILE A 882 35.39 45.45 -25.89
N THR A 883 35.60 44.68 -26.95
CA THR A 883 36.06 45.26 -28.21
C THR A 883 34.91 45.80 -29.05
N SER A 884 33.80 45.07 -29.12
CA SER A 884 32.69 45.45 -29.99
C SER A 884 31.55 46.15 -29.27
N GLY A 885 31.32 45.83 -28.01
CA GLY A 885 30.26 46.47 -27.25
C GLY A 885 29.02 45.57 -27.19
N TRP A 886 27.88 46.11 -27.58
CA TRP A 886 26.65 45.34 -27.64
C TRP A 886 26.30 44.89 -29.06
N THR A 887 27.08 45.31 -30.05
CA THR A 887 26.76 45.03 -31.44
C THR A 887 27.00 43.59 -31.84
N PHE A 888 27.71 42.81 -31.03
CA PHE A 888 27.94 41.41 -31.38
C PHE A 888 26.75 40.53 -31.02
N GLY A 889 25.69 41.10 -30.45
CA GLY A 889 24.48 40.35 -30.18
C GLY A 889 23.39 40.68 -31.17
N ALA A 890 23.49 41.87 -31.78
CA ALA A 890 22.51 42.28 -32.78
C ALA A 890 22.85 41.70 -34.15
N GLY A 891 24.01 42.06 -34.69
CA GLY A 891 24.45 41.57 -35.98
C GLY A 891 25.89 41.14 -35.96
N PRO A 892 26.67 41.61 -36.94
CA PRO A 892 28.11 41.33 -36.93
C PRO A 892 28.81 42.21 -35.91
N ALA A 893 29.80 41.62 -35.23
CA ALA A 893 30.54 42.35 -34.21
C ALA A 893 31.26 43.53 -34.86
N LEU A 894 31.02 44.73 -34.31
CA LEU A 894 31.59 45.95 -34.83
C LEU A 894 32.52 46.55 -33.79
N GLN A 895 33.82 46.60 -34.11
CA GLN A 895 34.80 47.08 -33.16
C GLN A 895 34.56 48.54 -32.83
N ILE A 896 34.96 48.92 -31.61
CA ILE A 896 34.86 50.30 -31.13
C ILE A 896 35.73 50.42 -29.88
N PRO A 897 36.54 51.47 -29.76
CA PRO A 897 37.41 51.59 -28.60
C PRO A 897 36.62 51.61 -27.31
N PHE A 898 37.13 50.92 -26.29
CA PHE A 898 36.41 50.83 -25.03
C PHE A 898 36.20 52.19 -24.36
N PRO A 899 37.19 53.07 -24.25
CA PRO A 899 36.89 54.42 -23.74
C PRO A 899 35.84 55.14 -24.54
N MET A 900 35.63 54.76 -25.80
CA MET A 900 34.56 55.30 -26.61
C MET A 900 33.25 54.53 -26.47
N GLN A 901 33.32 53.26 -26.08
CA GLN A 901 32.08 52.52 -25.84
C GLN A 901 31.43 52.94 -24.53
N MET A 902 32.23 53.15 -23.49
CA MET A 902 31.69 53.55 -22.20
C MET A 902 31.00 54.90 -22.26
N ALA A 903 31.31 55.73 -23.25
CA ALA A 903 30.69 57.03 -23.39
C ALA A 903 29.35 56.97 -24.11
N TYR A 904 29.02 55.85 -24.75
CA TYR A 904 27.69 55.63 -25.28
C TYR A 904 26.88 54.70 -24.39
N ARG A 905 27.50 54.10 -23.37
CA ARG A 905 26.79 53.50 -22.26
C ARG A 905 26.55 54.50 -21.14
N PHE A 906 27.39 55.54 -21.04
CA PHE A 906 27.05 56.70 -20.23
C PHE A 906 25.90 57.47 -20.86
N ASN A 907 25.85 57.54 -22.19
CA ASN A 907 24.79 58.23 -22.89
C ASN A 907 23.44 57.54 -22.78
N GLY A 908 23.41 56.29 -22.34
CA GLY A 908 22.16 55.56 -22.18
C GLY A 908 21.50 55.73 -20.84
N ILE A 909 22.10 56.49 -19.93
CA ILE A 909 21.53 56.76 -18.62
C ILE A 909 21.29 58.25 -18.41
N GLY A 910 21.20 59.02 -19.50
CA GLY A 910 20.95 60.43 -19.38
C GLY A 910 22.13 61.26 -18.91
N VAL A 911 23.34 60.72 -19.03
CA VAL A 911 24.56 61.44 -18.68
C VAL A 911 25.33 61.67 -19.99
N THR A 912 25.44 62.93 -20.40
CA THR A 912 26.13 63.25 -21.64
C THR A 912 27.51 62.62 -21.67
N GLN A 913 27.96 62.26 -22.87
CA GLN A 913 29.22 61.55 -23.01
C GLN A 913 30.41 62.38 -22.59
N ASN A 914 30.29 63.71 -22.57
CA ASN A 914 31.40 64.56 -22.18
C ASN A 914 31.77 64.40 -20.72
N VAL A 915 30.95 63.69 -19.93
CA VAL A 915 31.30 63.43 -18.54
C VAL A 915 32.42 62.42 -18.44
N LEU A 916 32.40 61.39 -19.29
CA LEU A 916 33.40 60.34 -19.19
C LEU A 916 34.77 60.80 -19.69
N TYR A 917 34.84 61.26 -20.94
CA TYR A 917 36.12 61.64 -21.53
C TYR A 917 36.85 62.67 -20.66
N GLU A 918 36.09 63.57 -20.04
CA GLU A 918 36.71 64.56 -19.17
C GLU A 918 37.12 63.97 -17.82
N ASN A 919 36.60 62.79 -17.46
CA ASN A 919 36.97 62.12 -16.22
C ASN A 919 37.38 60.67 -16.49
N GLN A 920 38.01 60.42 -17.64
CA GLN A 920 38.29 59.04 -18.05
C GLN A 920 39.27 58.37 -17.11
N LYS A 921 40.31 59.10 -16.68
CA LYS A 921 41.32 58.49 -15.82
C LYS A 921 40.76 58.16 -14.45
N LEU A 922 39.90 59.03 -13.91
CA LEU A 922 39.27 58.75 -12.62
C LEU A 922 38.27 57.63 -12.74
N ILE A 923 37.43 57.66 -13.77
CA ILE A 923 36.43 56.60 -13.98
C ILE A 923 37.12 55.25 -14.16
N ALA A 924 38.26 55.24 -14.85
CA ALA A 924 38.98 53.99 -15.05
C ALA A 924 39.48 53.42 -13.72
N ASN A 925 39.98 54.30 -12.84
CA ASN A 925 40.45 53.83 -11.54
C ASN A 925 39.29 53.32 -10.68
N GLN A 926 38.15 54.01 -10.70
CA GLN A 926 36.97 53.53 -9.99
C GLN A 926 36.54 52.17 -10.53
N PHE A 927 36.69 51.96 -11.85
CA PHE A 927 36.41 50.65 -12.43
C PHE A 927 37.36 49.60 -11.87
N ASN A 928 38.67 49.84 -12.01
CA ASN A 928 39.66 48.86 -11.56
C ASN A 928 39.55 48.61 -10.07
N SER A 929 39.40 49.68 -9.28
CA SER A 929 39.30 49.52 -7.83
C SER A 929 38.05 48.75 -7.45
N ALA A 930 36.94 48.99 -8.16
CA ALA A 930 35.71 48.23 -7.88
C ALA A 930 35.90 46.76 -8.22
N ILE A 931 36.57 46.46 -9.33
CA ILE A 931 36.85 45.08 -9.68
C ILE A 931 37.79 44.44 -8.67
N GLY A 932 38.69 45.23 -8.08
CA GLY A 932 39.60 44.69 -7.09
C GLY A 932 38.88 44.20 -5.85
N LYS A 933 37.91 44.98 -5.36
CA LYS A 933 37.16 44.57 -4.19
C LYS A 933 36.32 43.32 -4.46
N ILE A 934 35.96 43.08 -5.72
CA ILE A 934 35.10 41.94 -6.04
C ILE A 934 35.81 40.63 -5.69
N GLN A 935 37.12 40.56 -5.89
CA GLN A 935 37.86 39.39 -5.47
C GLN A 935 37.83 39.24 -3.95
N ASP A 936 38.27 40.28 -3.24
CA ASP A 936 38.32 40.24 -1.78
C ASP A 936 36.94 40.11 -1.15
N SER A 937 35.89 40.54 -1.85
CA SER A 937 34.53 40.41 -1.33
C SER A 937 34.15 38.96 -1.13
N LEU A 938 34.11 38.19 -2.22
CA LEU A 938 33.70 36.80 -2.11
C LEU A 938 34.83 35.88 -1.65
N SER A 939 36.05 36.38 -1.52
CA SER A 939 37.15 35.59 -0.97
C SER A 939 37.24 35.68 0.55
N SER A 940 36.45 36.55 1.19
CA SER A 940 36.52 36.73 2.63
C SER A 940 35.18 36.67 3.34
N THR A 941 34.07 36.92 2.67
CA THR A 941 32.79 36.84 3.37
C THR A 941 32.17 35.46 3.21
N PRO A 942 31.72 34.83 4.29
CA PRO A 942 31.00 33.57 4.16
C PRO A 942 29.64 33.78 3.49
N SER A 943 29.11 32.68 2.94
CA SER A 943 27.84 32.69 2.23
C SER A 943 27.85 33.66 1.06
N ALA A 944 29.02 33.85 0.43
CA ALA A 944 29.09 34.67 -0.76
C ALA A 944 28.40 33.99 -1.93
N LEU A 945 28.74 32.73 -2.18
CA LEU A 945 28.10 31.92 -3.23
C LEU A 945 27.06 30.99 -2.64
N GLY A 946 26.33 31.44 -1.63
CA GLY A 946 25.32 30.62 -0.99
C GLY A 946 24.16 30.24 -1.90
N LYS A 947 24.03 30.87 -3.07
CA LYS A 947 22.95 30.52 -3.98
C LYS A 947 23.32 29.32 -4.84
N LEU A 948 24.58 29.22 -5.26
CA LEU A 948 25.03 28.03 -5.97
C LEU A 948 25.33 26.90 -5.00
N GLN A 949 25.90 27.22 -3.84
CA GLN A 949 26.26 26.19 -2.87
C GLN A 949 25.03 25.51 -2.27
N ASP A 950 23.90 26.20 -2.22
CA ASP A 950 22.68 25.58 -1.75
C ASP A 950 21.96 24.79 -2.84
N VAL A 951 22.17 25.14 -4.10
CA VAL A 951 21.68 24.30 -5.19
C VAL A 951 22.38 22.96 -5.18
N VAL A 952 23.67 22.95 -4.85
CA VAL A 952 24.40 21.70 -4.71
C VAL A 952 24.01 20.99 -3.42
N ASN A 953 23.80 21.75 -2.34
CA ASN A 953 23.41 21.15 -1.08
C ASN A 953 22.03 20.51 -1.19
N GLN A 954 21.07 21.21 -1.80
CA GLN A 954 19.73 20.68 -1.93
C GLN A 954 19.73 19.35 -2.70
N ASN A 955 20.52 19.27 -3.76
CA ASN A 955 20.59 18.03 -4.53
C ASN A 955 21.33 16.96 -3.76
N ALA A 956 22.52 17.29 -3.25
CA ALA A 956 23.31 16.30 -2.52
C ALA A 956 22.60 15.82 -1.27
N GLN A 957 21.74 16.66 -0.67
CA GLN A 957 20.98 16.25 0.49
C GLN A 957 19.72 15.48 0.09
N ALA A 958 19.12 15.81 -1.05
CA ALA A 958 17.99 15.03 -1.54
C ALA A 958 18.43 13.73 -2.16
N LEU A 959 19.62 13.69 -2.76
CA LEU A 959 20.14 12.44 -3.29
C LEU A 959 20.67 11.54 -2.18
N ASN A 960 21.11 12.13 -1.07
CA ASN A 960 21.61 11.33 0.05
C ASN A 960 20.47 10.72 0.85
N THR A 961 19.37 11.44 1.03
CA THR A 961 18.21 10.86 1.70
C THR A 961 17.51 9.83 0.84
N LEU A 962 17.80 9.80 -0.47
CA LEU A 962 17.29 8.74 -1.32
C LEU A 962 18.01 7.42 -1.05
N VAL A 963 19.29 7.49 -0.66
CA VAL A 963 20.04 6.28 -0.37
C VAL A 963 19.66 5.72 0.98
N LYS A 964 19.45 6.58 1.97
CA LYS A 964 19.08 6.11 3.30
C LYS A 964 17.70 5.48 3.34
N GLN A 965 16.92 5.60 2.27
CA GLN A 965 15.64 4.91 2.19
C GLN A 965 15.79 3.44 1.85
N LEU A 966 16.97 3.00 1.45
CA LEU A 966 17.22 1.58 1.26
C LEU A 966 17.52 0.86 2.56
N SER A 967 17.72 1.59 3.65
CA SER A 967 17.97 1.00 4.96
C SER A 967 16.72 0.94 5.83
N SER A 968 15.54 1.08 5.23
CA SER A 968 14.27 1.08 5.95
C SER A 968 13.47 -0.16 5.61
N ASN A 969 12.70 -0.64 6.58
CA ASN A 969 11.94 -1.87 6.40
C ASN A 969 10.65 -1.65 5.63
N PHE A 970 10.02 -0.49 5.81
CA PHE A 970 8.69 -0.21 5.26
C PHE A 970 7.65 -1.22 5.70
N GLY A 971 7.92 -1.95 6.77
CA GLY A 971 7.06 -3.02 7.25
C GLY A 971 7.61 -4.41 7.02
N ALA A 972 8.56 -4.57 6.10
CA ALA A 972 9.14 -5.87 5.83
C ALA A 972 10.00 -6.31 7.01
N ILE A 973 10.38 -7.59 7.00
CA ILE A 973 11.17 -8.13 8.10
C ILE A 973 12.60 -7.64 8.05
N SER A 974 13.10 -7.24 6.88
CA SER A 974 14.47 -6.79 6.76
C SER A 974 14.60 -5.86 5.57
N SER A 975 15.46 -4.86 5.70
CA SER A 975 15.67 -3.90 4.63
C SER A 975 16.62 -4.40 3.55
N VAL A 976 17.24 -5.55 3.75
CA VAL A 976 18.16 -6.12 2.76
C VAL A 976 17.36 -7.06 1.87
N LEU A 977 17.40 -6.81 0.56
CA LEU A 977 16.62 -7.62 -0.37
C LEU A 977 17.15 -9.04 -0.49
N ASN A 978 18.35 -9.31 0.00
CA ASN A 978 18.88 -10.67 0.02
C ASN A 978 18.67 -11.37 1.37
N ASP A 979 18.59 -10.61 2.46
CA ASP A 979 18.30 -11.19 3.76
C ASP A 979 16.84 -11.61 3.90
N ILE A 980 16.02 -11.41 2.87
CA ILE A 980 14.66 -11.92 2.86
C ILE A 980 14.44 -12.94 1.75
N LEU A 981 15.28 -12.98 0.71
CA LEU A 981 15.24 -14.01 -0.30
C LEU A 981 16.10 -15.21 0.06
N SER A 982 16.86 -15.14 1.16
CA SER A 982 17.72 -16.23 1.60
C SER A 982 17.18 -16.93 2.85
N ARG A 983 16.04 -16.49 3.37
CA ARG A 983 15.44 -17.16 4.52
C ARG A 983 13.97 -17.47 4.36
N LEU A 984 13.30 -16.96 3.33
CA LEU A 984 11.87 -17.16 3.14
C LEU A 984 11.63 -17.87 1.82
N ASP A 985 10.71 -18.83 1.83
CA ASP A 985 10.27 -19.47 0.61
C ASP A 985 9.54 -18.45 -0.28
N PRO A 986 9.46 -18.71 -1.58
CA PRO A 986 8.88 -17.72 -2.51
C PRO A 986 7.49 -17.26 -2.09
N PRO A 987 6.57 -18.15 -1.70
CA PRO A 987 5.23 -17.66 -1.33
C PRO A 987 5.24 -16.65 -0.19
N GLU A 988 6.11 -16.81 0.80
CA GLU A 988 6.19 -15.89 1.92
C GLU A 988 7.13 -14.73 1.69
N ALA A 989 7.98 -14.80 0.66
CA ALA A 989 8.94 -13.73 0.40
C ALA A 989 8.34 -12.63 -0.46
N GLU A 990 7.40 -12.95 -1.33
CA GLU A 990 6.80 -11.92 -2.18
C GLU A 990 5.92 -10.96 -1.38
N VAL A 991 5.39 -11.41 -0.25
CA VAL A 991 4.57 -10.52 0.58
C VAL A 991 5.44 -9.60 1.42
N GLN A 992 6.74 -9.90 1.56
CA GLN A 992 7.69 -9.02 2.22
C GLN A 992 8.47 -8.15 1.25
N ILE A 993 8.69 -8.63 0.03
CA ILE A 993 9.34 -7.82 -0.99
C ILE A 993 8.39 -6.74 -1.49
N ASP A 994 7.10 -7.08 -1.59
CA ASP A 994 6.11 -6.10 -2.02
C ASP A 994 6.07 -4.89 -1.10
N ARG A 995 6.37 -5.09 0.18
CA ARG A 995 6.44 -3.96 1.10
C ARG A 995 7.67 -3.10 0.88
N LEU A 996 8.71 -3.64 0.24
CA LEU A 996 9.88 -2.86 -0.13
C LEU A 996 9.72 -2.21 -1.49
N ILE A 997 9.17 -2.94 -2.46
CA ILE A 997 8.91 -2.36 -3.78
C ILE A 997 7.93 -1.21 -3.66
N THR A 998 6.88 -1.38 -2.84
CA THR A 998 5.94 -0.29 -2.64
C THR A 998 6.57 0.87 -1.89
N GLY A 999 7.57 0.59 -1.06
CA GLY A 999 8.21 1.64 -0.28
C GLY A 999 9.38 2.28 -0.99
N ARG A 1000 10.24 1.47 -1.62
CA ARG A 1000 11.38 2.03 -2.34
C ARG A 1000 10.95 2.75 -3.61
N LEU A 1001 9.74 2.50 -4.11
CA LEU A 1001 9.19 3.23 -5.23
C LEU A 1001 8.46 4.48 -4.78
N GLN A 1002 7.76 4.41 -3.64
CA GLN A 1002 7.14 5.60 -3.08
C GLN A 1002 8.19 6.61 -2.62
N SER A 1003 9.36 6.13 -2.21
CA SER A 1003 10.47 7.00 -1.85
C SER A 1003 11.31 7.41 -3.04
N LEU A 1004 11.09 6.79 -4.20
CA LEU A 1004 11.70 7.23 -5.44
C LEU A 1004 10.80 8.14 -6.24
N GLN A 1005 9.48 7.92 -6.18
CA GLN A 1005 8.56 8.87 -6.79
C GLN A 1005 8.56 10.20 -6.06
N THR A 1006 8.90 10.19 -4.77
CA THR A 1006 9.02 11.43 -4.02
C THR A 1006 10.28 12.19 -4.41
N TYR A 1007 11.35 11.49 -4.75
CA TYR A 1007 12.57 12.15 -5.21
C TYR A 1007 12.39 12.71 -6.61
N VAL A 1008 11.80 11.93 -7.52
CA VAL A 1008 11.60 12.40 -8.89
C VAL A 1008 10.64 13.57 -8.92
N THR A 1009 9.58 13.52 -8.10
CA THR A 1009 8.63 14.63 -8.07
C THR A 1009 9.28 15.91 -7.56
N GLN A 1010 10.01 15.82 -6.45
CA GLN A 1010 10.65 16.99 -5.89
C GLN A 1010 11.87 17.45 -6.69
N GLN A 1011 12.28 16.69 -7.70
CA GLN A 1011 13.27 17.17 -8.66
C GLN A 1011 12.63 17.89 -9.82
N LEU A 1012 11.45 17.44 -10.25
CA LEU A 1012 10.70 18.17 -11.27
C LEU A 1012 10.29 19.55 -10.77
N ILE A 1013 9.94 19.64 -9.48
CA ILE A 1013 9.61 20.94 -8.90
C ILE A 1013 10.88 21.77 -8.71
N ARG A 1014 12.02 21.11 -8.50
CA ARG A 1014 13.27 21.82 -8.33
C ARG A 1014 13.95 22.14 -9.65
N ALA A 1015 13.75 21.33 -10.67
CA ALA A 1015 14.29 21.65 -11.98
C ALA A 1015 13.54 22.79 -12.64
N ALA A 1016 12.30 23.04 -12.24
CA ALA A 1016 11.58 24.22 -12.71
C ALA A 1016 11.96 25.47 -11.94
N GLU A 1017 12.49 25.32 -10.72
CA GLU A 1017 13.02 26.45 -9.97
C GLU A 1017 14.38 26.88 -10.51
N ILE A 1018 15.12 25.98 -11.14
CA ILE A 1018 16.36 26.33 -11.81
C ILE A 1018 16.11 26.81 -13.23
N ARG A 1019 15.16 26.17 -13.92
CA ARG A 1019 14.77 26.63 -15.26
C ARG A 1019 14.14 28.01 -15.22
N ALA A 1020 13.54 28.40 -14.10
CA ALA A 1020 13.08 29.77 -13.95
C ALA A 1020 14.21 30.72 -13.60
N SER A 1021 15.38 30.20 -13.22
CA SER A 1021 16.57 31.00 -13.03
C SER A 1021 17.56 30.87 -14.18
N ALA A 1022 17.49 29.80 -14.95
CA ALA A 1022 18.25 29.71 -16.19
C ALA A 1022 17.62 30.52 -17.30
N ASN A 1023 16.33 30.83 -17.20
CA ASN A 1023 15.67 31.77 -18.09
C ASN A 1023 15.78 33.21 -17.61
N LEU A 1024 16.26 33.42 -16.39
CA LEU A 1024 16.59 34.75 -15.90
C LEU A 1024 18.07 35.08 -16.08
N ALA A 1025 18.93 34.07 -16.15
CA ALA A 1025 20.32 34.31 -16.54
C ALA A 1025 20.46 34.41 -18.05
N ALA A 1026 19.62 33.70 -18.80
CA ALA A 1026 19.60 33.86 -20.24
C ALA A 1026 19.01 35.19 -20.66
N THR A 1027 18.30 35.86 -19.76
CA THR A 1027 17.78 37.20 -20.02
C THR A 1027 18.73 38.28 -19.52
N LYS A 1028 19.40 38.04 -18.39
CA LYS A 1028 20.38 39.00 -17.90
C LYS A 1028 21.64 38.99 -18.74
N MET A 1029 21.97 37.85 -19.35
CA MET A 1029 23.08 37.82 -20.30
C MET A 1029 22.66 38.24 -21.70
N SER A 1030 21.37 38.41 -21.94
CA SER A 1030 20.89 38.94 -23.21
C SER A 1030 20.70 40.44 -23.16
N GLU A 1031 20.30 40.99 -22.01
CA GLU A 1031 19.99 42.41 -21.89
C GLU A 1031 21.08 43.20 -21.19
N CYS A 1032 21.72 42.63 -20.16
CA CYS A 1032 22.79 43.36 -19.49
C CYS A 1032 24.13 43.17 -20.19
N VAL A 1033 24.43 41.96 -20.67
CA VAL A 1033 25.72 41.70 -21.30
C VAL A 1033 25.71 42.12 -22.76
N LEU A 1034 24.71 41.68 -23.52
CA LEU A 1034 24.62 42.00 -24.94
C LEU A 1034 23.99 43.35 -25.21
N GLY A 1035 23.80 44.18 -24.20
CA GLY A 1035 23.23 45.49 -24.38
C GLY A 1035 23.37 46.33 -23.13
N GLN A 1036 22.41 47.22 -22.93
CA GLN A 1036 22.35 48.03 -21.72
C GLN A 1036 20.88 48.20 -21.35
N SER A 1037 20.50 47.72 -20.18
CA SER A 1037 19.10 47.63 -19.81
C SER A 1037 18.60 48.94 -19.22
N LYS A 1038 17.35 49.28 -19.56
CA LYS A 1038 16.64 50.37 -18.91
C LYS A 1038 15.73 49.88 -17.81
N ARG A 1039 15.66 48.56 -17.58
CA ARG A 1039 14.85 48.02 -16.52
C ARG A 1039 15.50 48.32 -15.18
N VAL A 1040 14.78 49.03 -14.31
CA VAL A 1040 15.36 49.44 -13.03
C VAL A 1040 15.57 48.23 -12.15
N ASP A 1041 16.72 48.21 -11.47
CA ASP A 1041 17.11 47.16 -10.53
C ASP A 1041 17.13 45.78 -11.17
N PHE A 1042 17.25 45.70 -12.50
CA PHE A 1042 17.36 44.42 -13.17
C PHE A 1042 18.82 44.01 -13.36
N CYS A 1043 19.65 44.93 -13.83
CA CYS A 1043 21.08 44.68 -14.05
C CYS A 1043 21.92 45.47 -13.05
N GLY A 1044 21.51 45.47 -11.79
CA GLY A 1044 22.29 46.10 -10.75
C GLY A 1044 21.63 47.29 -10.10
N LYS A 1045 21.89 47.49 -8.81
CA LYS A 1045 21.32 48.63 -8.09
C LYS A 1045 21.96 49.91 -8.60
N GLY A 1046 21.20 50.67 -9.38
CA GLY A 1046 21.65 51.91 -9.96
C GLY A 1046 21.44 51.94 -11.46
N TYR A 1047 21.92 53.02 -12.07
CA TYR A 1047 21.84 53.17 -13.52
C TYR A 1047 22.83 52.22 -14.17
N HIS A 1048 22.34 51.28 -14.95
CA HIS A 1048 23.18 50.22 -15.49
C HIS A 1048 24.13 50.77 -16.56
N LEU A 1049 25.36 50.28 -16.55
CA LEU A 1049 26.34 50.58 -17.58
C LEU A 1049 26.66 49.38 -18.44
N MET A 1050 27.06 48.26 -17.83
CA MET A 1050 27.39 47.05 -18.57
C MET A 1050 27.37 45.88 -17.61
N SER A 1051 27.83 44.72 -18.07
CA SER A 1051 27.90 43.54 -17.22
C SER A 1051 28.92 42.59 -17.82
N PHE A 1052 29.44 41.71 -16.97
CA PHE A 1052 30.43 40.74 -17.39
C PHE A 1052 30.08 39.36 -16.87
N PRO A 1053 29.79 38.41 -17.74
CA PRO A 1053 29.48 37.05 -17.27
C PRO A 1053 30.74 36.38 -16.74
N GLN A 1054 30.56 35.61 -15.68
CA GLN A 1054 31.64 34.81 -15.12
C GLN A 1054 31.10 33.42 -14.84
N SER A 1055 31.82 32.41 -15.31
CA SER A 1055 31.38 31.04 -15.07
C SER A 1055 31.48 30.71 -13.59
N ALA A 1056 30.69 29.73 -13.17
CA ALA A 1056 30.70 29.25 -11.80
C ALA A 1056 30.13 27.84 -11.81
N PRO A 1057 30.45 27.04 -10.79
CA PRO A 1057 29.96 25.65 -10.78
C PRO A 1057 28.45 25.58 -10.73
N HIS A 1058 27.84 25.13 -11.83
CA HIS A 1058 26.39 25.00 -11.94
C HIS A 1058 25.70 26.33 -11.71
N GLY A 1059 26.18 27.36 -12.41
CA GLY A 1059 25.59 28.67 -12.27
C GLY A 1059 26.35 29.69 -13.08
N VAL A 1060 26.10 30.96 -12.76
CA VAL A 1060 26.75 32.07 -13.46
C VAL A 1060 26.75 33.28 -12.53
N VAL A 1061 27.77 34.10 -12.65
CA VAL A 1061 27.97 35.29 -11.82
C VAL A 1061 28.12 36.48 -12.73
N PHE A 1062 27.28 37.50 -12.53
CA PHE A 1062 27.33 38.72 -13.31
C PHE A 1062 27.97 39.83 -12.48
N LEU A 1063 28.92 40.54 -13.09
CA LEU A 1063 29.56 41.68 -12.43
C LEU A 1063 28.92 42.95 -12.97
N HIS A 1064 27.75 43.30 -12.41
CA HIS A 1064 26.93 44.38 -12.93
C HIS A 1064 27.61 45.71 -12.65
N VAL A 1065 28.27 46.28 -13.65
CA VAL A 1065 28.89 47.60 -13.52
C VAL A 1065 27.79 48.64 -13.65
N THR A 1066 27.47 49.32 -12.55
CA THR A 1066 26.38 50.29 -12.52
C THR A 1066 26.91 51.67 -12.20
N TYR A 1067 26.06 52.67 -12.41
CA TYR A 1067 26.38 54.07 -12.16
C TYR A 1067 25.52 54.54 -11.00
N VAL A 1068 26.16 54.80 -9.86
CA VAL A 1068 25.46 55.26 -8.66
C VAL A 1068 25.85 56.70 -8.40
N PRO A 1069 24.93 57.66 -8.48
CA PRO A 1069 25.26 59.04 -8.14
C PRO A 1069 25.60 59.18 -6.67
N ALA A 1070 26.22 60.31 -6.32
CA ALA A 1070 26.59 60.58 -4.95
C ALA A 1070 26.95 62.06 -4.85
N GLN A 1071 27.19 62.50 -3.61
CA GLN A 1071 27.68 63.85 -3.33
C GLN A 1071 26.75 64.91 -3.92
N GLU A 1072 25.50 64.88 -3.47
CA GLU A 1072 24.48 65.75 -4.03
C GLU A 1072 24.55 67.14 -3.38
N LYS A 1073 23.77 68.06 -3.94
CA LYS A 1073 23.68 69.42 -3.45
C LYS A 1073 22.28 69.95 -3.73
N ASN A 1074 21.73 70.67 -2.76
CA ASN A 1074 20.40 71.26 -2.92
C ASN A 1074 20.48 72.51 -3.77
N PHE A 1075 19.48 72.71 -4.62
CA PHE A 1075 19.41 73.88 -5.49
C PHE A 1075 17.98 74.40 -5.51
N THR A 1076 17.84 75.61 -6.05
CA THR A 1076 16.53 76.22 -6.27
C THR A 1076 16.14 76.04 -7.73
N THR A 1077 14.92 75.57 -7.96
CA THR A 1077 14.48 75.19 -9.30
C THR A 1077 13.12 75.78 -9.59
N ALA A 1078 12.83 75.92 -10.88
CA ALA A 1078 11.56 76.46 -11.36
C ALA A 1078 11.24 75.78 -12.68
N PRO A 1079 10.01 75.29 -12.87
CA PRO A 1079 9.73 74.47 -14.05
C PRO A 1079 9.87 75.21 -15.37
N ALA A 1080 9.70 76.52 -15.38
CA ALA A 1080 9.81 77.30 -16.61
C ALA A 1080 10.58 78.56 -16.31
N ILE A 1081 10.86 79.34 -17.36
CA ILE A 1081 11.62 80.58 -17.24
C ILE A 1081 11.03 81.63 -18.17
N CYS A 1082 10.50 82.71 -17.58
CA CYS A 1082 9.84 83.74 -18.37
C CYS A 1082 10.86 84.63 -19.06
N HIS A 1083 10.56 84.99 -20.31
CA HIS A 1083 11.43 85.88 -21.08
C HIS A 1083 10.67 86.39 -22.29
N ASP A 1084 10.69 87.70 -22.49
CA ASP A 1084 9.90 88.38 -23.52
C ASP A 1084 8.42 88.04 -23.45
N GLY A 1085 7.92 87.61 -22.30
CA GLY A 1085 6.54 87.25 -22.13
C GLY A 1085 6.22 85.81 -22.46
N LYS A 1086 7.10 85.13 -23.17
CA LYS A 1086 6.93 83.71 -23.48
C LYS A 1086 7.64 82.86 -22.44
N ALA A 1087 7.14 81.65 -22.26
CA ALA A 1087 7.78 80.72 -21.33
C ALA A 1087 8.97 80.06 -22.00
N HIS A 1088 9.82 79.44 -21.18
CA HIS A 1088 10.99 78.72 -21.67
C HIS A 1088 11.19 77.48 -20.81
N PHE A 1089 11.01 76.34 -21.38
CA PHE A 1089 11.19 75.05 -20.76
C PHE A 1089 12.54 74.46 -21.18
N PRO A 1090 13.23 73.74 -20.30
CA PRO A 1090 14.57 73.24 -20.66
C PRO A 1090 14.46 72.07 -21.62
N ARG A 1091 15.24 72.14 -22.71
CA ARG A 1091 15.20 71.08 -23.71
C ARG A 1091 15.58 69.74 -23.12
N GLU A 1092 16.67 69.71 -22.34
CA GLU A 1092 17.11 68.49 -21.68
C GLU A 1092 17.71 68.85 -20.32
N GLY A 1093 17.11 68.37 -19.25
CA GLY A 1093 17.56 68.65 -17.90
C GLY A 1093 16.62 69.60 -17.19
N VAL A 1094 17.02 69.95 -15.96
CA VAL A 1094 16.24 70.82 -15.09
C VAL A 1094 16.83 72.21 -15.08
N PHE A 1095 16.00 73.19 -14.75
CA PHE A 1095 16.48 74.54 -14.45
C PHE A 1095 16.93 74.60 -13.00
N VAL A 1096 18.10 75.22 -12.77
CA VAL A 1096 18.61 75.40 -11.42
C VAL A 1096 19.20 76.80 -11.30
N SER A 1097 19.39 77.21 -10.04
CA SER A 1097 19.97 78.50 -9.73
C SER A 1097 20.89 78.36 -8.53
N ASN A 1098 22.08 78.95 -8.61
CA ASN A 1098 23.01 78.95 -7.49
C ASN A 1098 22.81 80.14 -6.57
N GLY A 1099 21.61 80.71 -6.54
CA GLY A 1099 21.29 81.82 -5.66
C GLY A 1099 21.00 83.11 -6.40
N THR A 1100 21.81 83.41 -7.42
CA THR A 1100 21.64 84.63 -8.20
C THR A 1100 21.43 84.38 -9.68
N HIS A 1101 22.21 83.49 -10.29
CA HIS A 1101 22.11 83.20 -11.71
C HIS A 1101 21.40 81.88 -11.93
N TRP A 1102 20.62 81.80 -13.00
CA TRP A 1102 19.91 80.59 -13.36
C TRP A 1102 20.67 79.82 -14.43
N PHE A 1103 20.62 78.50 -14.35
CA PHE A 1103 21.39 77.63 -15.22
C PHE A 1103 20.54 76.45 -15.67
N VAL A 1104 20.91 75.88 -16.81
CA VAL A 1104 20.33 74.62 -17.29
C VAL A 1104 21.37 73.54 -17.09
N THR A 1105 21.02 72.53 -16.29
CA THR A 1105 21.91 71.41 -16.04
C THR A 1105 21.22 70.11 -16.45
N GLN A 1106 22.03 69.10 -16.75
CA GLN A 1106 21.47 67.78 -16.98
C GLN A 1106 20.98 67.19 -15.67
N ARG A 1107 20.20 66.13 -15.77
CA ARG A 1107 19.45 65.66 -14.62
C ARG A 1107 20.27 64.82 -13.64
N ASN A 1108 21.35 64.19 -14.09
CA ASN A 1108 22.05 63.20 -13.28
C ASN A 1108 23.50 63.57 -12.96
N PHE A 1109 23.94 64.77 -13.30
CA PHE A 1109 25.30 65.19 -12.99
C PHE A 1109 25.35 66.70 -13.06
N TYR A 1110 25.63 67.35 -11.94
CA TYR A 1110 25.58 68.81 -11.90
C TYR A 1110 26.59 69.42 -12.87
N GLU A 1111 26.08 70.04 -13.94
CA GLU A 1111 26.91 70.75 -14.91
C GLU A 1111 26.12 71.97 -15.36
N PRO A 1112 26.31 73.11 -14.69
CA PRO A 1112 25.52 74.30 -15.03
C PRO A 1112 25.93 74.87 -16.38
N GLN A 1113 24.93 75.27 -17.16
CA GLN A 1113 25.15 75.87 -18.47
C GLN A 1113 24.31 77.12 -18.58
N ILE A 1114 24.90 78.20 -19.10
CA ILE A 1114 24.18 79.46 -19.24
C ILE A 1114 23.03 79.27 -20.22
N ILE A 1115 21.89 79.88 -19.91
CA ILE A 1115 20.67 79.66 -20.67
C ILE A 1115 20.78 80.35 -22.02
N THR A 1116 20.64 79.57 -23.09
CA THR A 1116 20.68 80.08 -24.46
C THR A 1116 19.42 79.56 -25.16
N THR A 1117 19.13 80.11 -26.35
CA THR A 1117 17.95 79.69 -27.08
C THR A 1117 18.08 78.31 -27.71
N ASP A 1118 19.14 77.57 -27.45
CA ASP A 1118 19.35 76.26 -28.06
C ASP A 1118 19.16 75.10 -27.10
N ASN A 1119 19.14 75.35 -25.78
CA ASN A 1119 18.85 74.32 -24.80
C ASN A 1119 17.54 74.56 -24.09
N THR A 1120 16.72 75.49 -24.57
CA THR A 1120 15.38 75.74 -24.06
C THR A 1120 14.41 75.83 -25.24
N PHE A 1121 13.21 75.30 -25.06
CA PHE A 1121 12.16 75.40 -26.07
C PHE A 1121 10.97 76.17 -25.50
N VAL A 1122 10.44 77.08 -26.30
CA VAL A 1122 9.39 78.00 -25.87
C VAL A 1122 8.02 77.39 -26.18
N SER A 1123 7.06 77.62 -25.29
CA SER A 1123 5.69 77.17 -25.52
C SER A 1123 4.76 78.03 -24.66
N GLY A 1124 3.95 78.86 -25.31
CA GLY A 1124 2.96 79.66 -24.60
C GLY A 1124 3.55 80.92 -23.99
N ASN A 1125 2.77 81.50 -23.08
CA ASN A 1125 3.16 82.71 -22.37
C ASN A 1125 3.25 82.41 -20.87
N CYS A 1126 3.72 83.40 -20.12
CA CYS A 1126 4.05 83.23 -18.70
C CYS A 1126 2.84 83.36 -17.79
N ASP A 1127 1.62 83.29 -18.31
CA ASP A 1127 0.43 83.45 -17.50
C ASP A 1127 -0.27 82.13 -17.19
N VAL A 1128 0.25 81.01 -17.70
CA VAL A 1128 -0.39 79.72 -17.54
C VAL A 1128 0.41 78.80 -16.61
N VAL A 1129 1.74 78.84 -16.69
CA VAL A 1129 2.55 78.01 -15.82
C VAL A 1129 2.52 78.57 -14.40
N ILE A 1130 2.51 77.68 -13.42
CA ILE A 1130 2.54 78.05 -12.01
C ILE A 1130 3.90 77.65 -11.45
N GLY A 1131 4.78 78.64 -11.31
CA GLY A 1131 6.13 78.38 -10.82
C GLY A 1131 7.19 78.97 -11.74
N ILE A 1132 6.76 79.63 -12.81
CA ILE A 1132 7.69 80.22 -13.76
C ILE A 1132 8.30 81.47 -13.16
N VAL A 1133 9.58 81.68 -13.42
CA VAL A 1133 10.33 82.80 -12.88
C VAL A 1133 10.88 83.64 -14.03
N ASN A 1134 11.35 84.84 -13.69
CA ASN A 1134 11.90 85.77 -14.67
C ASN A 1134 13.40 85.59 -14.78
N ASN A 1135 13.92 85.60 -16.00
CA ASN A 1135 15.35 85.52 -16.25
C ASN A 1135 15.61 85.95 -17.68
N THR A 1136 16.88 85.89 -18.07
CA THR A 1136 17.32 86.29 -19.40
C THR A 1136 17.83 85.08 -20.18
N VAL A 1137 17.75 85.17 -21.50
CA VAL A 1137 18.20 84.12 -22.40
C VAL A 1137 19.07 84.76 -23.46
N TYR A 1138 20.36 84.44 -23.45
CA TYR A 1138 21.31 85.05 -24.37
C TYR A 1138 21.06 84.57 -25.80
N ASP A 1139 21.25 85.47 -26.76
CA ASP A 1139 21.07 85.15 -28.17
C ASP A 1139 22.40 85.16 -28.89
N PRO A 1140 22.65 84.20 -29.79
CA PRO A 1140 23.90 84.19 -30.56
C PRO A 1140 23.97 85.29 -31.62
N LEU A 1141 22.86 85.97 -31.89
CA LEU A 1141 22.85 87.01 -32.92
C LEU A 1141 23.39 88.34 -32.40
N GLN A 1142 23.26 88.59 -31.10
CA GLN A 1142 23.69 89.86 -30.52
C GLN A 1142 25.14 90.22 -30.81
N PRO A 1143 26.13 89.34 -30.62
CA PRO A 1143 27.52 89.75 -30.91
C PRO A 1143 27.80 89.99 -32.37
N GLU A 1144 26.91 89.59 -33.27
CA GLU A 1144 27.11 89.82 -34.71
C GLU A 1144 26.61 91.18 -35.16
N LEU A 1145 25.48 91.65 -34.61
CA LEU A 1145 24.95 92.95 -34.95
C LEU A 1145 25.74 94.10 -34.33
N ASP A 1146 26.61 93.82 -33.37
CA ASP A 1146 27.43 94.85 -32.74
C ASP A 1146 28.79 94.96 -33.43
N ALA B 27 -57.15 12.97 -1.87
CA ALA B 27 -56.60 14.32 -1.90
C ALA B 27 -55.10 14.31 -1.65
N TYR B 28 -54.39 15.24 -2.28
CA TYR B 28 -52.94 15.35 -2.15
C TYR B 28 -52.57 16.77 -1.76
N THR B 29 -51.32 16.94 -1.33
CA THR B 29 -50.84 18.22 -0.84
C THR B 29 -49.33 18.25 -1.07
N ASN B 30 -48.76 19.45 -1.08
CA ASN B 30 -47.34 19.65 -1.34
C ASN B 30 -46.57 19.69 -0.02
N SER B 31 -45.62 18.77 0.14
CA SER B 31 -44.75 18.74 1.31
C SER B 31 -43.62 19.75 1.10
N PHE B 32 -43.92 21.01 1.44
CA PHE B 32 -43.05 22.14 1.14
C PHE B 32 -41.60 21.92 1.55
N THR B 33 -41.33 21.83 2.85
CA THR B 33 -39.98 21.59 3.34
C THR B 33 -39.96 20.67 4.55
N ARG B 34 -41.00 19.89 4.79
CA ARG B 34 -41.11 19.15 6.03
C ARG B 34 -40.44 17.79 5.91
N GLY B 35 -40.22 17.17 7.08
CA GLY B 35 -39.61 15.85 7.14
C GLY B 35 -38.14 15.82 7.47
N VAL B 36 -37.60 16.89 8.05
CA VAL B 36 -36.18 16.97 8.37
C VAL B 36 -35.99 16.78 9.87
N TYR B 37 -35.08 15.90 10.25
CA TYR B 37 -34.84 15.56 11.64
C TYR B 37 -33.34 15.53 11.92
N TYR B 38 -33.00 15.40 13.19
CA TYR B 38 -31.61 15.25 13.62
C TYR B 38 -31.23 13.77 13.52
N PRO B 39 -30.40 13.39 12.54
CA PRO B 39 -30.19 11.97 12.25
C PRO B 39 -29.12 11.27 13.06
N ASP B 40 -28.39 11.96 13.92
CA ASP B 40 -27.24 11.34 14.60
C ASP B 40 -27.15 11.60 16.09
N LYS B 41 -27.90 12.57 16.64
CA LYS B 41 -27.81 12.92 18.06
C LYS B 41 -26.41 13.37 18.45
N VAL B 42 -25.66 13.93 17.51
CA VAL B 42 -24.32 14.46 17.75
C VAL B 42 -24.36 15.96 17.53
N PHE B 43 -23.91 16.72 18.52
CA PHE B 43 -24.00 18.17 18.44
C PHE B 43 -23.06 18.71 17.38
N ARG B 44 -23.59 19.63 16.56
CA ARG B 44 -22.82 20.30 15.53
C ARG B 44 -23.33 21.73 15.41
N SER B 45 -22.40 22.67 15.29
CA SER B 45 -22.76 24.09 15.26
C SER B 45 -22.02 24.80 14.14
N SER B 46 -22.77 25.59 13.36
CA SER B 46 -22.21 26.39 12.27
C SER B 46 -21.41 25.53 11.30
N VAL B 47 -22.03 24.43 10.87
CA VAL B 47 -21.37 23.49 9.96
C VAL B 47 -22.44 22.84 9.09
N LEU B 48 -22.19 22.80 7.79
CA LEU B 48 -23.12 22.21 6.82
C LEU B 48 -22.71 20.76 6.60
N HIS B 49 -23.27 19.86 7.40
CA HIS B 49 -22.97 18.45 7.31
C HIS B 49 -23.83 17.80 6.24
N SER B 50 -23.21 17.07 5.33
CA SER B 50 -23.90 16.39 4.24
C SER B 50 -24.00 14.91 4.58
N THR B 51 -25.19 14.48 4.99
CA THR B 51 -25.43 13.11 5.39
C THR B 51 -26.38 12.42 4.42
N GLN B 52 -26.26 11.10 4.35
CA GLN B 52 -27.12 10.27 3.51
C GLN B 52 -28.00 9.44 4.43
N ASP B 53 -29.27 9.84 4.56
CA ASP B 53 -30.22 9.12 5.40
C ASP B 53 -31.59 9.18 4.75
N LEU B 54 -32.53 8.45 5.34
CA LEU B 54 -33.90 8.37 4.83
C LEU B 54 -34.63 9.63 5.24
N PHE B 55 -34.81 10.55 4.30
CA PHE B 55 -35.56 11.78 4.52
C PHE B 55 -36.80 11.79 3.63
N LEU B 56 -37.67 12.75 3.91
CA LEU B 56 -38.81 12.99 3.04
C LEU B 56 -38.38 13.90 1.90
N PRO B 57 -38.42 13.44 0.66
CA PRO B 57 -38.01 14.28 -0.46
C PRO B 57 -38.84 15.55 -0.52
N PHE B 58 -38.17 16.68 -0.75
CA PHE B 58 -38.85 17.96 -0.78
C PHE B 58 -39.87 18.00 -1.90
N PHE B 59 -41.00 18.65 -1.64
CA PHE B 59 -42.06 18.82 -2.63
C PHE B 59 -42.57 17.47 -3.13
N SER B 60 -42.81 16.55 -2.21
CA SER B 60 -43.37 15.25 -2.54
C SER B 60 -44.89 15.24 -2.31
N ASN B 61 -45.57 14.35 -3.01
CA ASN B 61 -47.01 14.22 -2.90
C ASN B 61 -47.36 13.48 -1.61
N VAL B 62 -47.94 14.18 -0.64
CA VAL B 62 -48.40 13.57 0.60
C VAL B 62 -49.89 13.25 0.45
N THR B 63 -50.27 12.05 0.86
CA THR B 63 -51.63 11.55 0.69
C THR B 63 -52.48 12.05 1.84
N TRP B 64 -53.26 13.11 1.61
CA TRP B 64 -54.13 13.65 2.64
C TRP B 64 -55.32 12.72 2.85
N PHE B 65 -55.40 12.14 4.04
CA PHE B 65 -56.46 11.20 4.37
C PHE B 65 -57.50 11.86 5.27
N HIS B 66 -58.71 11.30 5.24
CA HIS B 66 -59.80 11.80 6.07
C HIS B 66 -60.46 10.67 6.85
N ASN B 81 -59.70 4.57 9.62
CA ASN B 81 -58.89 4.86 8.45
C ASN B 81 -58.27 3.58 7.88
N PRO B 82 -58.17 3.50 6.56
CA PRO B 82 -57.63 2.28 5.94
C PRO B 82 -56.16 2.08 6.26
N VAL B 83 -55.68 0.86 6.00
CA VAL B 83 -54.29 0.54 6.26
C VAL B 83 -53.41 1.18 5.19
N LEU B 84 -52.21 1.58 5.58
CA LEU B 84 -51.29 2.29 4.70
C LEU B 84 -49.94 1.59 4.67
N PRO B 85 -49.29 1.51 3.51
CA PRO B 85 -47.98 0.85 3.43
C PRO B 85 -46.92 1.59 4.24
N PHE B 86 -46.01 0.81 4.81
CA PHE B 86 -44.87 1.31 5.57
C PHE B 86 -43.55 0.88 4.92
N ASN B 87 -43.42 1.10 3.60
CA ASN B 87 -42.35 0.52 2.81
C ASN B 87 -40.96 0.72 3.43
N ASP B 88 -40.53 1.98 3.57
CA ASP B 88 -39.22 2.25 4.16
C ASP B 88 -39.28 3.44 5.10
N GLY B 89 -40.42 3.66 5.76
CA GLY B 89 -40.60 4.80 6.62
C GLY B 89 -41.82 5.60 6.22
N VAL B 90 -42.35 6.39 7.15
CA VAL B 90 -43.59 7.13 6.92
C VAL B 90 -43.54 8.43 7.70
N TYR B 91 -43.84 9.53 7.02
CA TYR B 91 -44.06 10.82 7.65
C TYR B 91 -45.53 10.93 8.07
N PHE B 92 -45.78 11.71 9.11
CA PHE B 92 -47.13 11.82 9.65
C PHE B 92 -47.29 13.16 10.32
N ALA B 93 -48.30 13.93 9.90
CA ALA B 93 -48.61 15.22 10.50
C ALA B 93 -50.12 15.43 10.47
N SER B 94 -50.63 16.07 11.51
CA SER B 94 -52.07 16.35 11.60
C SER B 94 -52.28 17.50 12.56
N THR B 95 -53.12 18.45 12.15
CA THR B 95 -53.44 19.62 12.97
C THR B 95 -54.84 19.43 13.56
N GLU B 96 -54.91 19.25 14.88
CA GLU B 96 -56.16 19.07 15.60
C GLU B 96 -56.18 20.01 16.80
N LYS B 97 -57.30 19.98 17.54
CA LYS B 97 -57.42 20.78 18.75
C LYS B 97 -58.05 20.02 19.91
N SER B 98 -58.49 18.78 19.71
CA SER B 98 -59.11 18.03 20.80
C SER B 98 -58.61 16.59 20.87
N ASN B 99 -57.49 16.28 20.21
CA ASN B 99 -56.88 14.95 20.25
C ASN B 99 -57.81 13.88 19.69
N ILE B 100 -58.41 14.19 18.53
CA ILE B 100 -59.17 13.18 17.81
C ILE B 100 -58.24 12.11 17.27
N ILE B 101 -57.01 12.48 16.93
CA ILE B 101 -55.98 11.51 16.61
C ILE B 101 -55.51 10.86 17.91
N ARG B 102 -55.41 9.53 17.91
CA ARG B 102 -55.26 8.83 19.18
C ARG B 102 -54.16 7.76 19.18
N GLY B 103 -53.36 7.65 18.13
CA GLY B 103 -52.26 6.71 18.16
C GLY B 103 -52.04 6.11 16.79
N TRP B 104 -51.43 4.93 16.79
CA TRP B 104 -50.99 4.28 15.56
C TRP B 104 -51.04 2.77 15.72
N ILE B 105 -50.85 2.07 14.60
CA ILE B 105 -50.68 0.63 14.57
C ILE B 105 -49.64 0.32 13.51
N PHE B 106 -48.70 -0.58 13.83
CA PHE B 106 -47.66 -0.97 12.89
C PHE B 106 -47.54 -2.48 12.89
N GLY B 107 -47.28 -3.06 11.72
CA GLY B 107 -47.10 -4.49 11.64
C GLY B 107 -46.93 -4.94 10.21
N THR B 108 -47.07 -6.25 10.00
CA THR B 108 -46.93 -6.86 8.69
C THR B 108 -48.26 -7.42 8.19
N THR B 109 -48.90 -8.29 8.96
CA THR B 109 -50.18 -8.87 8.59
C THR B 109 -51.29 -8.60 9.60
N LEU B 110 -50.94 -8.38 10.87
CA LEU B 110 -51.91 -8.00 11.90
C LEU B 110 -52.97 -9.09 12.12
N ASP B 111 -52.58 -10.35 11.99
CA ASP B 111 -53.51 -11.47 12.16
C ASP B 111 -52.99 -12.45 13.22
N SER B 112 -52.33 -11.93 14.24
CA SER B 112 -51.86 -12.65 15.43
C SER B 112 -50.78 -13.67 15.11
N LYS B 113 -50.39 -13.85 13.86
CA LYS B 113 -49.33 -14.81 13.54
C LYS B 113 -47.94 -14.22 13.76
N THR B 114 -47.82 -12.90 13.79
CA THR B 114 -46.54 -12.24 13.99
C THR B 114 -46.71 -11.09 14.95
N GLN B 115 -45.59 -10.50 15.36
CA GLN B 115 -45.61 -9.35 16.25
C GLN B 115 -45.97 -8.08 15.48
N SER B 116 -46.46 -7.09 16.22
CA SER B 116 -46.91 -5.84 15.59
C SER B 116 -46.89 -4.73 16.62
N LEU B 117 -46.25 -3.62 16.28
CA LEU B 117 -46.22 -2.47 17.17
C LEU B 117 -47.60 -1.84 17.27
N LEU B 118 -47.84 -1.13 18.37
CA LEU B 118 -49.13 -0.50 18.61
C LEU B 118 -48.95 0.62 19.64
N ILE B 119 -49.31 1.84 19.27
CA ILE B 119 -49.19 3.00 20.13
C ILE B 119 -50.58 3.59 20.35
N VAL B 120 -50.97 3.72 21.62
CA VAL B 120 -52.22 4.37 22.01
C VAL B 120 -51.91 5.37 23.09
N ASN B 121 -52.24 6.64 22.86
CA ASN B 121 -52.02 7.68 23.84
C ASN B 121 -53.10 7.61 24.91
N ASN B 122 -52.81 6.87 25.99
CA ASN B 122 -53.71 6.85 27.12
C ASN B 122 -53.73 8.22 27.78
N ALA B 123 -54.74 8.43 28.64
CA ALA B 123 -55.05 9.77 29.17
C ALA B 123 -53.82 10.58 29.56
N THR B 124 -52.89 9.96 30.28
CA THR B 124 -51.70 10.66 30.76
C THR B 124 -50.40 10.03 30.32
N ASN B 125 -50.38 8.73 30.01
CA ASN B 125 -49.16 8.02 29.67
C ASN B 125 -49.31 7.34 28.31
N VAL B 126 -48.26 7.41 27.49
CA VAL B 126 -48.26 6.67 26.24
C VAL B 126 -48.09 5.18 26.52
N VAL B 127 -48.47 4.37 25.54
CA VAL B 127 -48.40 2.91 25.63
C VAL B 127 -47.83 2.38 24.33
N ILE B 128 -46.71 1.67 24.41
CA ILE B 128 -46.07 1.09 23.24
C ILE B 128 -45.90 -0.40 23.51
N LYS B 129 -46.64 -1.23 22.78
CA LYS B 129 -46.61 -2.67 22.98
C LYS B 129 -46.38 -3.35 21.63
N VAL B 130 -45.67 -4.47 21.66
CA VAL B 130 -45.37 -5.25 20.46
C VAL B 130 -45.89 -6.65 20.71
N CYS B 131 -47.18 -6.87 20.45
CA CYS B 131 -47.82 -8.14 20.76
C CYS B 131 -48.51 -8.66 19.50
N GLU B 132 -48.70 -9.98 19.46
CA GLU B 132 -49.43 -10.60 18.35
C GLU B 132 -50.91 -10.26 18.48
N PHE B 133 -51.25 -8.98 18.30
CA PHE B 133 -52.61 -8.53 18.42
C PHE B 133 -53.48 -9.12 17.31
N GLN B 134 -54.78 -9.14 17.57
CA GLN B 134 -55.77 -9.44 16.55
C GLN B 134 -56.59 -8.16 16.35
N PHE B 135 -56.26 -7.40 15.31
CA PHE B 135 -56.94 -6.14 15.03
C PHE B 135 -58.25 -6.41 14.33
N CYS B 136 -59.27 -5.64 14.71
CA CYS B 136 -60.59 -5.78 14.10
C CYS B 136 -60.55 -5.27 12.66
N ASN B 137 -61.67 -5.40 11.96
CA ASN B 137 -61.77 -4.86 10.61
C ASN B 137 -61.64 -3.35 10.61
N ASP B 138 -62.18 -2.69 11.64
CA ASP B 138 -62.06 -1.25 11.83
C ASP B 138 -61.75 -0.96 13.29
N PRO B 139 -60.49 -1.16 13.70
CA PRO B 139 -60.14 -0.93 15.11
C PRO B 139 -60.12 0.55 15.45
N PHE B 140 -60.63 0.86 16.64
CA PHE B 140 -60.70 2.23 17.13
C PHE B 140 -60.37 2.25 18.61
N LEU B 141 -60.02 3.42 19.11
CA LEU B 141 -59.69 3.60 20.52
C LEU B 141 -60.17 4.95 21.04
N SER B 155 -64.80 6.16 22.06
CA SER B 155 -63.66 6.20 22.99
C SER B 155 -63.37 4.81 23.54
N GLU B 156 -64.09 3.81 23.04
CA GLU B 156 -63.94 2.43 23.50
C GLU B 156 -62.92 1.70 22.64
N PHE B 157 -61.97 1.04 23.28
CA PHE B 157 -60.95 0.28 22.58
C PHE B 157 -61.44 -1.15 22.35
N ARG B 158 -61.11 -1.69 21.18
CA ARG B 158 -61.66 -2.98 20.76
C ARG B 158 -60.58 -3.94 20.29
N VAL B 159 -59.44 -3.41 19.83
CA VAL B 159 -58.42 -4.26 19.24
C VAL B 159 -57.46 -4.80 20.31
N TYR B 160 -57.28 -4.10 21.42
CA TYR B 160 -56.31 -4.48 22.44
C TYR B 160 -56.88 -5.58 23.35
N SER B 161 -57.18 -6.72 22.72
CA SER B 161 -57.67 -7.89 23.44
C SER B 161 -56.98 -9.14 22.90
N SER B 162 -56.76 -10.10 23.79
CA SER B 162 -56.15 -11.39 23.47
C SER B 162 -54.78 -11.20 22.82
N ALA B 163 -53.86 -10.65 23.61
CA ALA B 163 -52.45 -10.52 23.23
C ALA B 163 -51.64 -11.56 23.98
N ASN B 164 -50.88 -12.38 23.24
CA ASN B 164 -50.22 -13.56 23.80
C ASN B 164 -48.72 -13.49 23.56
N ASN B 165 -47.94 -13.71 24.63
CA ASN B 165 -46.51 -13.98 24.54
C ASN B 165 -45.78 -12.94 23.70
N CYS B 166 -45.85 -11.69 24.16
CA CYS B 166 -45.14 -10.61 23.50
C CYS B 166 -43.96 -10.11 24.33
N THR B 167 -43.01 -9.47 23.64
CA THR B 167 -41.66 -9.29 24.14
C THR B 167 -41.28 -7.83 24.35
N PHE B 168 -42.26 -6.93 24.48
CA PHE B 168 -41.92 -5.53 24.68
C PHE B 168 -43.09 -4.79 25.30
N GLU B 169 -42.78 -3.94 26.28
CA GLU B 169 -43.71 -2.99 26.85
C GLU B 169 -42.98 -1.68 27.04
N TYR B 170 -43.73 -0.57 27.09
CA TYR B 170 -43.11 0.73 27.20
C TYR B 170 -44.13 1.75 27.69
N VAL B 171 -43.69 2.61 28.61
CA VAL B 171 -44.49 3.72 29.12
C VAL B 171 -43.57 4.94 29.25
N SER B 172 -44.08 6.11 28.90
CA SER B 172 -43.31 7.34 29.00
C SER B 172 -44.26 8.52 29.11
N GLN B 173 -43.71 9.72 28.97
CA GLN B 173 -44.50 10.94 29.01
C GLN B 173 -45.46 10.98 27.82
N PRO B 174 -46.58 11.70 27.95
CA PRO B 174 -47.57 11.71 26.87
C PRO B 174 -47.09 12.50 25.66
N PHE B 175 -47.46 12.00 24.48
CA PHE B 175 -47.20 12.70 23.23
C PHE B 175 -48.35 13.65 22.93
N LEU B 176 -48.17 14.43 21.85
CA LEU B 176 -49.19 15.38 21.40
C LEU B 176 -49.59 16.36 22.50
N LYS B 187 -55.03 24.50 15.09
CA LYS B 187 -53.96 25.49 15.12
C LYS B 187 -52.68 24.91 15.72
N ASN B 188 -52.67 23.60 15.94
CA ASN B 188 -51.53 22.90 16.51
C ASN B 188 -51.12 21.79 15.55
N LEU B 189 -50.05 22.02 14.80
CA LEU B 189 -49.54 21.05 13.84
C LEU B 189 -48.54 20.14 14.53
N ARG B 190 -48.82 18.84 14.54
CA ARG B 190 -47.99 17.85 15.21
C ARG B 190 -47.43 16.89 14.17
N GLU B 191 -46.12 16.93 13.95
CA GLU B 191 -45.45 16.11 12.96
C GLU B 191 -44.79 14.91 13.62
N PHE B 192 -44.70 13.81 12.88
CA PHE B 192 -44.07 12.60 13.37
C PHE B 192 -43.38 11.90 12.21
N VAL B 193 -42.21 11.33 12.49
CA VAL B 193 -41.45 10.56 11.51
C VAL B 193 -41.20 9.18 12.10
N PHE B 194 -41.58 8.15 11.37
CA PHE B 194 -41.48 6.77 11.83
C PHE B 194 -40.53 6.02 10.91
N LYS B 195 -39.39 5.59 11.46
CA LYS B 195 -38.38 4.87 10.71
C LYS B 195 -37.99 3.59 11.44
N ASN B 196 -37.78 2.53 10.68
CA ASN B 196 -37.37 1.23 11.21
C ASN B 196 -35.97 0.93 10.68
N ILE B 197 -34.96 1.16 11.52
CA ILE B 197 -33.56 1.03 11.13
C ILE B 197 -32.96 -0.10 11.95
N ASP B 198 -32.67 -1.22 11.28
CA ASP B 198 -32.01 -2.38 11.91
C ASP B 198 -32.74 -2.82 13.16
N GLY B 199 -34.05 -3.03 13.04
CA GLY B 199 -34.88 -3.45 14.15
C GLY B 199 -35.12 -2.41 15.21
N TYR B 200 -34.44 -1.26 15.15
CA TYR B 200 -34.65 -0.18 16.10
C TYR B 200 -35.72 0.77 15.57
N PHE B 201 -36.85 0.84 16.27
CA PHE B 201 -37.92 1.74 15.87
C PHE B 201 -37.58 3.15 16.35
N LYS B 202 -37.41 4.07 15.40
CA LYS B 202 -37.06 5.45 15.70
C LYS B 202 -38.27 6.34 15.47
N ILE B 203 -38.61 7.15 16.46
CA ILE B 203 -39.73 8.08 16.39
C ILE B 203 -39.20 9.49 16.59
N TYR B 204 -39.47 10.36 15.63
CA TYR B 204 -39.14 11.77 15.72
C TYR B 204 -40.43 12.57 15.73
N SER B 205 -40.38 13.77 16.31
CA SER B 205 -41.60 14.55 16.45
C SER B 205 -41.26 16.02 16.62
N LYS B 206 -42.21 16.86 16.22
CA LYS B 206 -42.12 18.30 16.44
C LYS B 206 -43.51 18.88 16.38
N HIS B 207 -44.02 19.35 17.53
CA HIS B 207 -45.34 19.95 17.60
C HIS B 207 -45.20 21.47 17.50
N THR B 208 -45.74 22.03 16.43
CA THR B 208 -45.63 23.47 16.17
C THR B 208 -47.00 24.08 15.97
N PRO B 209 -47.22 25.32 16.45
CA PRO B 209 -48.49 26.00 16.26
C PRO B 209 -48.70 26.47 14.83
N PRO B 217 -48.93 23.92 5.47
CA PRO B 217 -47.78 23.56 6.30
C PRO B 217 -46.48 24.18 5.81
N GLN B 218 -46.56 25.32 5.13
CA GLN B 218 -45.36 25.98 4.63
C GLN B 218 -44.49 26.46 5.79
N GLY B 219 -43.19 26.46 5.56
CA GLY B 219 -42.21 26.75 6.59
C GLY B 219 -41.30 25.56 6.82
N PHE B 220 -40.41 25.73 7.79
CA PHE B 220 -39.43 24.71 8.13
C PHE B 220 -39.32 24.56 9.63
N SER B 221 -39.09 23.31 10.07
CA SER B 221 -38.94 23.02 11.48
C SER B 221 -38.22 21.69 11.62
N ALA B 222 -37.12 21.69 12.37
CA ALA B 222 -36.35 20.47 12.60
C ALA B 222 -37.05 19.60 13.63
N LEU B 223 -37.00 18.29 13.41
CA LEU B 223 -37.70 17.33 14.26
C LEU B 223 -36.70 16.65 15.19
N GLU B 224 -36.83 16.91 16.49
CA GLU B 224 -35.95 16.28 17.46
C GLU B 224 -36.40 14.85 17.74
N PRO B 225 -35.46 13.94 18.02
CA PRO B 225 -35.83 12.55 18.28
C PRO B 225 -36.50 12.37 19.64
N LEU B 226 -37.47 11.46 19.69
CA LEU B 226 -38.21 11.18 20.91
C LEU B 226 -37.75 9.89 21.58
N VAL B 227 -37.82 8.77 20.85
CA VAL B 227 -37.48 7.45 21.39
C VAL B 227 -36.72 6.66 20.34
N ASP B 228 -36.07 5.60 20.80
CA ASP B 228 -35.38 4.63 19.93
C ASP B 228 -35.76 3.25 20.45
N LEU B 229 -36.77 2.65 19.84
CA LEU B 229 -37.38 1.44 20.39
C LEU B 229 -36.70 0.21 19.81
N PRO B 230 -36.03 -0.62 20.63
CA PRO B 230 -35.45 -1.89 20.16
C PRO B 230 -36.49 -3.00 20.03
N ILE B 231 -37.25 -2.96 18.94
CA ILE B 231 -38.35 -3.88 18.71
C ILE B 231 -37.92 -5.07 17.87
N GLY B 232 -37.16 -4.84 16.81
CA GLY B 232 -36.68 -5.92 15.98
C GLY B 232 -37.74 -6.71 15.26
N ILE B 233 -38.79 -6.05 14.76
CA ILE B 233 -39.87 -6.73 14.07
C ILE B 233 -39.96 -6.18 12.65
N ASN B 234 -40.64 -6.94 11.79
CA ASN B 234 -40.85 -6.55 10.40
C ASN B 234 -42.17 -5.79 10.29
N ILE B 235 -42.09 -4.55 9.80
CA ILE B 235 -43.27 -3.71 9.61
C ILE B 235 -43.36 -3.36 8.13
N THR B 236 -44.47 -3.76 7.50
CA THR B 236 -44.71 -3.45 6.10
C THR B 236 -45.88 -2.51 5.87
N ARG B 237 -46.92 -2.56 6.72
CA ARG B 237 -48.05 -1.66 6.64
C ARG B 237 -48.26 -1.01 7.99
N PHE B 238 -49.11 0.01 8.02
CA PHE B 238 -49.44 0.69 9.26
C PHE B 238 -50.82 1.33 9.12
N GLN B 239 -51.38 1.73 10.26
CA GLN B 239 -52.72 2.29 10.30
C GLN B 239 -52.85 3.14 11.55
N THR B 240 -53.46 4.32 11.40
CA THR B 240 -53.65 5.21 12.53
C THR B 240 -54.90 4.82 13.32
N LEU B 241 -54.86 5.11 14.62
CA LEU B 241 -55.94 4.76 15.53
C LEU B 241 -56.76 6.02 15.84
N LEU B 242 -57.99 6.06 15.37
CA LEU B 242 -58.87 7.19 15.61
C LEU B 242 -59.83 6.88 16.75
N ALA B 263 -59.39 13.90 12.52
CA ALA B 263 -59.96 13.09 11.45
C ALA B 263 -59.37 13.49 10.10
N ALA B 264 -58.28 14.25 10.14
CA ALA B 264 -57.61 14.72 8.93
C ALA B 264 -56.11 14.70 9.17
N TYR B 265 -55.40 13.79 8.52
CA TYR B 265 -53.96 13.65 8.71
C TYR B 265 -53.30 13.44 7.36
N TYR B 266 -52.01 13.78 7.28
CA TYR B 266 -51.21 13.60 6.08
C TYR B 266 -50.20 12.49 6.28
N VAL B 267 -49.81 11.84 5.18
CA VAL B 267 -48.89 10.72 5.23
C VAL B 267 -47.91 10.86 4.06
N GLY B 268 -46.64 11.11 4.37
CA GLY B 268 -45.60 11.15 3.37
C GLY B 268 -44.64 9.99 3.57
N TYR B 269 -43.96 9.59 2.51
CA TYR B 269 -43.07 8.44 2.53
C TYR B 269 -41.62 8.90 2.43
N LEU B 270 -40.79 8.44 3.36
CA LEU B 270 -39.37 8.75 3.33
C LEU B 270 -38.70 8.04 2.16
N GLN B 271 -37.51 8.52 1.80
CA GLN B 271 -36.74 7.92 0.73
C GLN B 271 -35.26 8.10 1.04
N PRO B 272 -34.41 7.18 0.59
CA PRO B 272 -32.96 7.32 0.84
C PRO B 272 -32.31 8.40 -0.01
N ARG B 273 -32.44 9.67 0.40
CA ARG B 273 -31.94 10.79 -0.37
C ARG B 273 -31.11 11.68 0.55
N THR B 274 -29.86 11.94 0.16
CA THR B 274 -28.94 12.71 0.98
C THR B 274 -29.35 14.18 1.03
N PHE B 275 -29.01 14.82 2.14
CA PHE B 275 -29.35 16.22 2.39
C PHE B 275 -28.10 16.99 2.77
N LEU B 276 -28.24 18.32 2.78
CA LEU B 276 -27.20 19.23 3.25
C LEU B 276 -27.82 20.03 4.41
N LEU B 277 -27.63 19.53 5.62
CA LEU B 277 -28.27 20.12 6.79
C LEU B 277 -27.45 21.29 7.30
N LYS B 278 -28.11 22.42 7.50
CA LYS B 278 -27.47 23.65 7.99
C LYS B 278 -27.76 23.76 9.49
N TYR B 279 -26.76 23.44 10.31
CA TYR B 279 -26.88 23.59 11.75
C TYR B 279 -26.66 25.04 12.15
N ASN B 280 -27.56 25.58 12.96
CA ASN B 280 -27.44 26.97 13.40
C ASN B 280 -26.27 27.13 14.37
N GLU B 281 -25.99 28.38 14.72
CA GLU B 281 -24.95 28.65 15.71
C GLU B 281 -25.31 28.10 17.09
N ASN B 282 -26.58 27.77 17.32
CA ASN B 282 -27.04 27.16 18.56
C ASN B 282 -27.13 25.64 18.46
N GLY B 283 -26.78 25.07 17.32
CA GLY B 283 -26.79 23.63 17.15
C GLY B 283 -28.07 23.04 16.62
N THR B 284 -29.01 23.87 16.15
CA THR B 284 -30.28 23.40 15.63
C THR B 284 -30.30 23.48 14.10
N ILE B 285 -30.96 22.52 13.47
CA ILE B 285 -31.06 22.49 12.02
C ILE B 285 -32.00 23.60 11.58
N THR B 286 -31.48 24.56 10.83
CA THR B 286 -32.25 25.70 10.35
C THR B 286 -32.74 25.54 8.92
N ASP B 287 -31.90 25.00 8.04
CA ASP B 287 -32.23 24.84 6.63
C ASP B 287 -31.79 23.46 6.17
N ALA B 288 -32.11 23.13 4.92
CA ALA B 288 -31.74 21.85 4.34
C ALA B 288 -31.92 21.93 2.83
N VAL B 289 -31.07 21.21 2.10
CA VAL B 289 -31.10 21.18 0.64
C VAL B 289 -31.34 19.74 0.21
N ASP B 290 -32.49 19.49 -0.40
CA ASP B 290 -32.78 18.19 -0.99
C ASP B 290 -31.86 18.00 -2.19
N CYS B 291 -30.83 17.15 -2.03
CA CYS B 291 -29.72 17.15 -2.97
C CYS B 291 -30.15 16.72 -4.36
N ALA B 292 -31.04 15.72 -4.45
CA ALA B 292 -31.47 15.18 -5.72
C ALA B 292 -32.82 15.73 -6.17
N LEU B 293 -33.17 16.95 -5.75
CA LEU B 293 -34.45 17.53 -6.11
C LEU B 293 -34.42 18.18 -7.49
N ASP B 294 -33.38 18.95 -7.78
CA ASP B 294 -33.28 19.69 -9.03
C ASP B 294 -31.81 19.96 -9.31
N PRO B 295 -31.46 20.30 -10.55
CA PRO B 295 -30.05 20.55 -10.86
C PRO B 295 -29.40 21.62 -9.99
N LEU B 296 -30.15 22.67 -9.63
CA LEU B 296 -29.58 23.71 -8.79
C LEU B 296 -29.21 23.17 -7.41
N SER B 297 -30.05 22.31 -6.84
CA SER B 297 -29.78 21.78 -5.51
C SER B 297 -28.60 20.83 -5.49
N GLU B 298 -28.38 20.10 -6.58
CA GLU B 298 -27.21 19.23 -6.64
C GLU B 298 -25.92 20.04 -6.66
N THR B 299 -25.96 21.25 -7.22
CA THR B 299 -24.82 22.14 -7.15
C THR B 299 -24.54 22.55 -5.71
N LYS B 300 -25.60 22.74 -4.91
CA LYS B 300 -25.43 23.14 -3.52
C LYS B 300 -24.77 22.05 -2.69
N CYS B 301 -24.81 20.79 -3.13
CA CYS B 301 -24.08 19.74 -2.42
C CYS B 301 -22.62 19.69 -2.86
N THR B 302 -22.36 19.95 -4.14
CA THR B 302 -20.99 19.94 -4.63
C THR B 302 -20.17 21.04 -3.97
N LEU B 303 -20.65 22.27 -4.02
CA LEU B 303 -19.97 23.39 -3.40
C LEU B 303 -20.16 23.44 -1.89
N LYS B 304 -21.08 22.63 -1.34
CA LYS B 304 -21.39 22.61 0.09
C LYS B 304 -21.70 24.01 0.60
N SER B 305 -22.67 24.65 -0.05
CA SER B 305 -23.11 25.97 0.34
C SER B 305 -24.57 26.15 -0.09
N PHE B 306 -25.23 27.11 0.56
CA PHE B 306 -26.62 27.42 0.24
C PHE B 306 -26.77 28.52 -0.78
N THR B 307 -25.68 29.23 -1.09
CA THR B 307 -25.67 30.23 -2.15
C THR B 307 -24.49 29.95 -3.07
N VAL B 308 -24.77 29.78 -4.35
CA VAL B 308 -23.75 29.52 -5.35
C VAL B 308 -23.59 30.75 -6.23
N GLU B 309 -22.36 31.05 -6.60
CA GLU B 309 -22.07 32.22 -7.41
C GLU B 309 -22.18 31.88 -8.88
N LYS B 310 -22.32 32.93 -9.70
CA LYS B 310 -22.46 32.77 -11.14
C LYS B 310 -21.29 31.98 -11.72
N GLY B 311 -21.61 30.91 -12.44
CA GLY B 311 -20.58 30.08 -13.03
C GLY B 311 -21.18 28.82 -13.61
N ILE B 312 -20.29 27.88 -13.95
CA ILE B 312 -20.67 26.60 -14.52
C ILE B 312 -19.95 25.53 -13.71
N TYR B 313 -20.68 24.82 -12.87
CA TYR B 313 -20.11 23.84 -11.96
C TYR B 313 -20.45 22.44 -12.42
N GLN B 314 -19.46 21.55 -12.39
CA GLN B 314 -19.67 20.15 -12.75
C GLN B 314 -20.12 19.40 -11.50
N THR B 315 -21.41 19.03 -11.47
CA THR B 315 -21.99 18.39 -10.30
C THR B 315 -21.80 16.87 -10.33
N SER B 316 -22.19 16.23 -11.43
CA SER B 316 -22.12 14.78 -11.52
C SER B 316 -21.79 14.41 -12.97
N ASN B 317 -21.98 13.15 -13.32
CA ASN B 317 -21.66 12.65 -14.65
C ASN B 317 -22.84 11.87 -15.20
N PHE B 318 -23.28 12.25 -16.40
CA PHE B 318 -24.35 11.52 -17.07
C PHE B 318 -23.80 10.20 -17.59
N ARG B 319 -24.65 9.17 -17.57
CA ARG B 319 -24.25 7.84 -18.00
C ARG B 319 -25.49 7.06 -18.40
N VAL B 320 -25.56 6.68 -19.69
CA VAL B 320 -26.70 5.90 -20.21
C VAL B 320 -26.71 4.53 -19.52
N GLN B 321 -27.75 4.23 -18.74
CA GLN B 321 -27.84 2.93 -18.02
C GLN B 321 -28.11 1.81 -19.02
N PRO B 322 -27.68 0.56 -18.76
CA PRO B 322 -27.92 -0.56 -19.68
C PRO B 322 -29.43 -0.90 -19.69
N THR B 323 -29.93 -1.38 -20.84
CA THR B 323 -31.37 -1.70 -20.99
C THR B 323 -31.63 -3.20 -20.81
N GLU B 324 -30.80 -4.05 -21.44
CA GLU B 324 -30.98 -5.50 -21.37
C GLU B 324 -29.68 -6.15 -20.93
N SER B 325 -29.77 -7.40 -20.54
CA SER B 325 -28.61 -8.22 -20.25
C SER B 325 -28.67 -9.46 -21.14
N ILE B 326 -27.77 -9.53 -22.12
CA ILE B 326 -27.74 -10.61 -23.09
C ILE B 326 -26.59 -11.55 -22.73
N VAL B 327 -26.85 -12.85 -22.82
CA VAL B 327 -25.85 -13.88 -22.57
C VAL B 327 -25.66 -14.66 -23.87
N ARG B 328 -24.41 -14.81 -24.30
CA ARG B 328 -24.10 -15.51 -25.55
C ARG B 328 -23.03 -16.58 -25.25
N PHE B 329 -23.49 -17.74 -24.82
CA PHE B 329 -22.64 -18.88 -24.55
C PHE B 329 -22.69 -19.86 -25.73
N PRO B 330 -21.72 -20.75 -25.85
CA PRO B 330 -21.82 -21.79 -26.87
C PRO B 330 -22.97 -22.73 -26.55
N ASN B 331 -23.64 -23.19 -27.60
CA ASN B 331 -24.83 -24.03 -27.45
C ASN B 331 -24.52 -25.51 -27.54
N ILE B 332 -23.27 -25.92 -27.35
CA ILE B 332 -22.96 -27.34 -27.23
C ILE B 332 -23.58 -27.86 -25.95
N THR B 333 -24.54 -28.78 -26.09
CA THR B 333 -25.35 -29.25 -24.97
C THR B 333 -24.77 -30.50 -24.31
N ASN B 334 -23.53 -30.86 -24.60
CA ASN B 334 -22.91 -32.00 -23.95
C ASN B 334 -22.68 -31.70 -22.47
N LEU B 335 -23.06 -32.64 -21.61
CA LEU B 335 -22.78 -32.54 -20.18
C LEU B 335 -21.40 -33.11 -19.91
N CYS B 336 -20.55 -32.32 -19.25
CA CYS B 336 -19.19 -32.73 -19.01
C CYS B 336 -19.16 -34.01 -18.16
N PRO B 337 -18.17 -34.88 -18.39
CA PRO B 337 -18.10 -36.17 -17.69
C PRO B 337 -17.65 -36.08 -16.24
N PHE B 338 -18.29 -35.19 -15.48
CA PHE B 338 -18.01 -35.11 -14.06
C PHE B 338 -18.50 -36.33 -13.30
N GLY B 339 -19.34 -37.17 -13.92
CA GLY B 339 -19.64 -38.47 -13.36
C GLY B 339 -18.58 -39.50 -13.65
N GLU B 340 -17.74 -39.27 -14.66
CA GLU B 340 -16.67 -40.18 -15.02
C GLU B 340 -15.37 -39.91 -14.27
N VAL B 341 -15.24 -38.75 -13.63
CA VAL B 341 -14.05 -38.46 -12.83
C VAL B 341 -14.34 -38.51 -11.33
N PHE B 342 -15.60 -38.35 -10.92
CA PHE B 342 -15.98 -38.52 -9.52
C PHE B 342 -16.54 -39.90 -9.21
N ASN B 343 -17.48 -40.38 -10.02
CA ASN B 343 -18.17 -41.64 -9.77
C ASN B 343 -17.48 -42.80 -10.49
N ALA B 344 -16.17 -42.74 -10.61
CA ALA B 344 -15.41 -43.83 -11.21
C ALA B 344 -15.20 -44.95 -10.20
N THR B 345 -14.96 -46.16 -10.72
CA THR B 345 -14.81 -47.31 -9.85
C THR B 345 -13.38 -47.45 -9.34
N ARG B 346 -12.39 -47.19 -10.18
CA ARG B 346 -10.98 -47.36 -9.84
C ARG B 346 -10.29 -46.01 -9.88
N PHE B 347 -9.82 -45.55 -8.72
CA PHE B 347 -9.04 -44.32 -8.62
C PHE B 347 -7.56 -44.64 -8.66
N ALA B 348 -6.80 -43.82 -9.37
CA ALA B 348 -5.38 -44.08 -9.57
C ALA B 348 -4.59 -43.71 -8.33
N SER B 349 -3.52 -44.45 -8.07
CA SER B 349 -2.64 -44.15 -6.95
C SER B 349 -1.98 -42.79 -7.15
N VAL B 350 -1.60 -42.18 -6.02
CA VAL B 350 -1.13 -40.80 -6.06
C VAL B 350 0.15 -40.66 -6.88
N TYR B 351 0.97 -41.71 -6.94
CA TYR B 351 2.20 -41.63 -7.73
C TYR B 351 1.93 -41.66 -9.23
N ALA B 352 0.75 -42.11 -9.64
CA ALA B 352 0.36 -42.19 -11.05
C ALA B 352 -1.03 -41.62 -11.24
N TRP B 353 -1.26 -40.41 -10.70
CA TRP B 353 -2.58 -39.81 -10.72
C TRP B 353 -3.10 -39.63 -12.14
N ASN B 354 -4.37 -39.93 -12.34
CA ASN B 354 -5.00 -39.80 -13.63
C ASN B 354 -5.35 -38.35 -13.93
N ARG B 355 -5.57 -38.06 -15.21
CA ARG B 355 -5.95 -36.72 -15.63
C ARG B 355 -6.59 -36.81 -17.01
N LYS B 356 -7.85 -36.44 -17.11
CA LYS B 356 -8.52 -36.32 -18.40
C LYS B 356 -8.94 -34.87 -18.61
N ARG B 357 -8.44 -34.27 -19.68
CA ARG B 357 -8.76 -32.89 -19.98
C ARG B 357 -10.20 -32.78 -20.47
N ILE B 358 -11.00 -31.97 -19.78
CA ILE B 358 -12.41 -31.81 -20.08
C ILE B 358 -12.59 -30.57 -20.94
N SER B 359 -13.35 -30.71 -22.04
CA SER B 359 -13.57 -29.61 -22.96
C SER B 359 -14.77 -29.93 -23.84
N ASN B 360 -15.30 -28.90 -24.48
CA ASN B 360 -16.42 -29.01 -25.42
C ASN B 360 -17.62 -29.67 -24.76
N CYS B 361 -18.07 -29.10 -23.64
CA CYS B 361 -19.23 -29.60 -22.93
C CYS B 361 -19.75 -28.49 -22.01
N VAL B 362 -20.89 -28.76 -21.39
CA VAL B 362 -21.49 -27.86 -20.42
C VAL B 362 -21.13 -28.37 -19.03
N ALA B 363 -20.45 -27.54 -18.25
CA ALA B 363 -19.98 -27.91 -16.92
C ALA B 363 -20.98 -27.43 -15.89
N ASP B 364 -21.53 -28.37 -15.12
CA ASP B 364 -22.49 -28.07 -14.06
C ASP B 364 -21.81 -28.33 -12.72
N TYR B 365 -21.26 -27.27 -12.14
CA TYR B 365 -20.65 -27.36 -10.82
C TYR B 365 -21.67 -27.17 -9.70
N SER B 366 -22.96 -27.23 -10.02
CA SER B 366 -23.99 -27.13 -9.00
C SER B 366 -24.15 -28.45 -8.26
N VAL B 367 -24.15 -29.57 -9.01
CA VAL B 367 -24.32 -30.87 -8.41
C VAL B 367 -23.11 -31.21 -7.52
N LEU B 368 -21.95 -30.64 -7.81
CA LEU B 368 -20.77 -30.88 -6.99
C LEU B 368 -20.71 -29.94 -5.79
N TYR B 369 -21.16 -28.70 -5.95
CA TYR B 369 -21.04 -27.73 -4.87
C TYR B 369 -22.04 -28.00 -3.75
N ASN B 370 -23.23 -28.49 -4.09
CA ASN B 370 -24.26 -28.71 -3.09
C ASN B 370 -24.19 -30.09 -2.45
N SER B 371 -23.44 -31.03 -3.04
CA SER B 371 -23.29 -32.34 -2.43
C SER B 371 -22.53 -32.23 -1.12
N ALA B 372 -22.96 -33.01 -0.13
CA ALA B 372 -22.42 -32.91 1.21
C ALA B 372 -21.43 -34.00 1.55
N SER B 373 -21.31 -35.04 0.73
CA SER B 373 -20.34 -36.10 1.01
C SER B 373 -18.90 -35.60 0.91
N PHE B 374 -18.67 -34.50 0.20
CA PHE B 374 -17.32 -33.95 0.08
C PHE B 374 -16.89 -33.37 1.42
N SER B 375 -15.74 -33.82 1.90
CA SER B 375 -15.25 -33.37 3.20
C SER B 375 -14.60 -32.00 3.10
N THR B 376 -13.69 -31.82 2.16
CA THR B 376 -13.00 -30.54 1.96
C THR B 376 -13.21 -30.09 0.53
N PHE B 377 -13.79 -28.90 0.36
CA PHE B 377 -14.01 -28.29 -0.95
C PHE B 377 -13.38 -26.89 -0.89
N LYS B 378 -12.08 -26.83 -1.16
CA LYS B 378 -11.33 -25.58 -1.11
C LYS B 378 -10.98 -25.16 -2.53
N CYS B 379 -11.22 -23.90 -2.86
CA CYS B 379 -10.94 -23.35 -4.17
C CYS B 379 -9.94 -22.21 -4.06
N TYR B 380 -8.96 -22.20 -4.96
CA TYR B 380 -7.90 -21.20 -4.97
C TYR B 380 -8.00 -20.40 -6.25
N GLY B 381 -8.14 -19.08 -6.12
CA GLY B 381 -8.31 -18.20 -7.25
C GLY B 381 -9.73 -18.08 -7.75
N VAL B 382 -10.65 -18.92 -7.27
CA VAL B 382 -12.05 -18.88 -7.65
C VAL B 382 -12.89 -19.19 -6.42
N SER B 383 -14.16 -18.83 -6.47
CA SER B 383 -15.09 -19.14 -5.40
C SER B 383 -16.00 -20.27 -5.81
N PRO B 384 -16.23 -21.27 -4.96
CA PRO B 384 -17.02 -22.44 -5.37
C PRO B 384 -18.47 -22.12 -5.69
N THR B 385 -18.96 -20.93 -5.33
CA THR B 385 -20.34 -20.55 -5.63
C THR B 385 -20.47 -19.77 -6.93
N LYS B 386 -19.37 -19.30 -7.51
CA LYS B 386 -19.40 -18.55 -8.76
C LYS B 386 -18.81 -19.36 -9.91
N LEU B 387 -18.74 -20.68 -9.77
CA LEU B 387 -18.25 -21.54 -10.85
C LEU B 387 -19.28 -21.77 -11.94
N ASN B 388 -20.54 -21.44 -11.70
CA ASN B 388 -21.58 -21.66 -12.69
C ASN B 388 -21.67 -20.56 -13.74
N ASP B 389 -21.04 -19.41 -13.50
CA ASP B 389 -21.12 -18.28 -14.41
C ASP B 389 -19.81 -18.02 -15.15
N LEU B 390 -18.87 -18.97 -15.10
CA LEU B 390 -17.56 -18.79 -15.71
C LEU B 390 -17.42 -19.67 -16.95
N CYS B 391 -16.40 -19.34 -17.75
CA CYS B 391 -16.05 -20.10 -18.93
C CYS B 391 -14.54 -20.31 -18.94
N PHE B 392 -14.12 -21.57 -18.96
CA PHE B 392 -12.71 -21.94 -18.90
C PHE B 392 -12.26 -22.47 -20.25
N THR B 393 -11.01 -22.19 -20.60
CA THR B 393 -10.47 -22.70 -21.86
C THR B 393 -10.17 -24.19 -21.77
N ASN B 394 -9.86 -24.69 -20.58
CA ASN B 394 -9.62 -26.11 -20.37
C ASN B 394 -9.65 -26.38 -18.88
N VAL B 395 -10.35 -27.44 -18.49
CA VAL B 395 -10.47 -27.85 -17.09
C VAL B 395 -9.95 -29.27 -16.98
N TYR B 396 -8.95 -29.48 -16.13
CA TYR B 396 -8.42 -30.79 -15.85
C TYR B 396 -9.10 -31.40 -14.64
N ALA B 397 -8.83 -32.68 -14.39
CA ALA B 397 -9.38 -33.36 -13.23
C ALA B 397 -8.36 -34.42 -12.78
N ASP B 398 -7.51 -34.03 -11.84
CA ASP B 398 -6.46 -34.91 -11.33
C ASP B 398 -7.00 -35.66 -10.13
N SER B 399 -7.31 -36.95 -10.33
CA SER B 399 -7.90 -37.78 -9.29
C SER B 399 -6.88 -38.78 -8.75
N PHE B 400 -6.86 -38.93 -7.43
CA PHE B 400 -5.95 -39.86 -6.77
C PHE B 400 -6.44 -40.07 -5.33
N VAL B 401 -5.71 -40.91 -4.60
CA VAL B 401 -6.06 -41.27 -3.23
C VAL B 401 -4.84 -41.09 -2.35
N ILE B 402 -5.00 -40.36 -1.24
CA ILE B 402 -3.90 -40.04 -0.34
C ILE B 402 -4.33 -40.34 1.08
N ARG B 403 -3.93 -41.50 1.58
CA ARG B 403 -4.22 -41.90 2.96
C ARG B 403 -3.04 -41.57 3.87
N GLY B 404 -3.08 -42.08 5.10
CA GLY B 404 -2.07 -41.76 6.08
C GLY B 404 -2.10 -40.29 6.41
N ASP B 405 -0.92 -39.73 6.59
CA ASP B 405 -0.78 -38.28 6.75
C ASP B 405 -0.95 -37.62 5.38
N GLU B 406 -0.70 -36.32 5.32
CA GLU B 406 -0.65 -35.57 4.06
C GLU B 406 -2.01 -35.51 3.35
N VAL B 407 -3.10 -35.50 4.14
CA VAL B 407 -4.41 -35.30 3.54
C VAL B 407 -4.62 -33.85 3.14
N ARG B 408 -3.82 -32.94 3.68
CA ARG B 408 -3.94 -31.51 3.41
C ARG B 408 -2.74 -30.94 2.66
N GLN B 409 -1.83 -31.81 2.20
CA GLN B 409 -0.69 -31.34 1.42
C GLN B 409 -1.05 -31.00 -0.02
N ILE B 410 -2.28 -31.28 -0.45
CA ILE B 410 -2.71 -30.97 -1.82
C ILE B 410 -3.21 -29.54 -1.79
N ALA B 411 -2.26 -28.60 -1.90
CA ALA B 411 -2.53 -27.17 -1.85
C ALA B 411 -1.29 -26.41 -2.29
N PRO B 412 -1.44 -25.22 -2.86
CA PRO B 412 -0.25 -24.46 -3.28
C PRO B 412 0.57 -24.03 -2.09
N GLY B 413 1.88 -24.23 -2.19
CA GLY B 413 2.79 -23.83 -1.13
C GLY B 413 2.75 -24.74 0.08
N GLN B 414 2.82 -26.05 -0.16
CA GLN B 414 2.85 -27.03 0.92
C GLN B 414 3.98 -28.03 0.65
N THR B 415 4.55 -28.57 1.72
CA THR B 415 5.66 -29.50 1.63
C THR B 415 5.32 -30.77 2.38
N GLY B 416 6.02 -31.84 2.03
CA GLY B 416 5.79 -33.13 2.64
C GLY B 416 6.16 -34.24 1.68
N LYS B 417 5.87 -35.47 2.12
CA LYS B 417 6.19 -36.64 1.31
C LYS B 417 5.27 -36.80 0.11
N ILE B 418 4.09 -36.19 0.14
CA ILE B 418 3.15 -36.28 -0.97
C ILE B 418 3.30 -35.10 -1.92
N ALA B 419 3.30 -33.88 -1.39
CA ALA B 419 3.36 -32.68 -2.21
C ALA B 419 4.73 -32.40 -2.80
N ASP B 420 5.75 -33.16 -2.41
CA ASP B 420 7.09 -32.95 -2.95
C ASP B 420 7.63 -34.13 -3.73
N TYR B 421 7.05 -35.33 -3.56
CA TYR B 421 7.52 -36.51 -4.25
C TYR B 421 6.45 -37.18 -5.10
N ASN B 422 5.18 -36.83 -4.93
CA ASN B 422 4.09 -37.49 -5.64
C ASN B 422 3.31 -36.55 -6.55
N TYR B 423 2.82 -35.43 -6.03
CA TYR B 423 1.95 -34.54 -6.79
C TYR B 423 2.08 -33.14 -6.23
N LYS B 424 2.79 -32.28 -6.96
CA LYS B 424 3.05 -30.91 -6.52
C LYS B 424 2.21 -29.95 -7.35
N LEU B 425 1.45 -29.08 -6.67
CA LEU B 425 0.68 -28.06 -7.33
C LEU B 425 1.49 -26.76 -7.43
N PRO B 426 1.26 -25.95 -8.46
CA PRO B 426 2.02 -24.70 -8.59
C PRO B 426 1.61 -23.69 -7.52
N ASP B 427 2.34 -22.58 -7.45
CA ASP B 427 1.99 -21.51 -6.52
C ASP B 427 0.91 -20.58 -7.07
N ASP B 428 0.73 -20.55 -8.38
CA ASP B 428 -0.33 -19.78 -9.03
C ASP B 428 -1.51 -20.67 -9.38
N PHE B 429 -1.80 -21.65 -8.54
CA PHE B 429 -2.88 -22.59 -8.83
C PHE B 429 -4.23 -21.90 -8.87
N THR B 430 -5.01 -22.21 -9.89
CA THR B 430 -6.35 -21.66 -10.08
C THR B 430 -7.31 -22.82 -10.28
N GLY B 431 -8.11 -23.10 -9.26
CA GLY B 431 -9.05 -24.20 -9.34
C GLY B 431 -9.62 -24.55 -7.99
N CYS B 432 -10.03 -25.81 -7.85
CA CYS B 432 -10.61 -26.30 -6.61
C CYS B 432 -10.00 -27.65 -6.26
N VAL B 433 -10.04 -27.97 -4.97
CA VAL B 433 -9.50 -29.23 -4.46
C VAL B 433 -10.60 -29.89 -3.65
N ILE B 434 -11.14 -30.99 -4.18
CA ILE B 434 -12.25 -31.70 -3.57
C ILE B 434 -11.74 -33.01 -2.98
N ALA B 435 -12.21 -33.34 -1.78
CA ALA B 435 -11.73 -34.54 -1.09
C ALA B 435 -12.84 -35.10 -0.23
N TRP B 436 -12.79 -36.42 -0.04
CA TRP B 436 -13.76 -37.13 0.79
C TRP B 436 -13.24 -38.53 1.11
N ASN B 437 -13.37 -38.96 2.37
CA ASN B 437 -12.87 -40.28 2.74
C ASN B 437 -13.72 -41.35 2.10
N SER B 438 -13.06 -42.30 1.43
CA SER B 438 -13.72 -43.39 0.74
C SER B 438 -13.41 -44.72 1.41
N ASN B 439 -13.43 -44.72 2.75
CA ASN B 439 -13.11 -45.92 3.51
C ASN B 439 -14.03 -47.09 3.16
N ASN B 440 -15.25 -46.81 2.71
CA ASN B 440 -16.18 -47.88 2.38
C ASN B 440 -16.20 -48.23 0.90
N LEU B 441 -15.23 -47.72 0.13
CA LEU B 441 -15.05 -48.23 -1.22
C LEU B 441 -13.60 -48.64 -1.45
N ASP B 442 -12.66 -47.83 -0.99
CA ASP B 442 -11.26 -48.20 -1.04
C ASP B 442 -10.72 -48.67 0.30
N SER B 443 -11.32 -49.67 0.93
CA SER B 443 -10.73 -50.12 2.22
C SER B 443 -10.50 -51.63 2.17
N LYS B 444 -11.28 -52.29 1.30
CA LYS B 444 -11.28 -53.75 1.00
C LYS B 444 -10.97 -54.54 2.27
N VAL B 445 -12.00 -54.80 3.08
CA VAL B 445 -11.86 -55.43 4.44
C VAL B 445 -10.97 -56.66 4.32
N GLY B 446 -9.97 -56.75 5.19
CA GLY B 446 -9.00 -57.86 5.18
C GLY B 446 -7.75 -57.38 4.46
N GLY B 447 -7.50 -56.08 4.53
CA GLY B 447 -6.37 -55.43 3.86
C GLY B 447 -6.78 -54.84 2.52
N ASN B 448 -6.00 -53.89 2.02
CA ASN B 448 -6.23 -53.22 0.71
C ASN B 448 -4.94 -52.46 0.40
N TYR B 449 -3.89 -53.22 0.07
CA TYR B 449 -2.57 -52.63 -0.15
C TYR B 449 -2.33 -52.47 -1.65
N ASN B 450 -3.01 -51.48 -2.24
CA ASN B 450 -3.00 -51.28 -3.68
C ASN B 450 -2.66 -49.87 -4.13
N TYR B 451 -2.20 -49.01 -3.23
CA TYR B 451 -1.84 -47.64 -3.60
C TYR B 451 -0.40 -47.37 -3.18
N LEU B 452 0.34 -46.87 -4.15
CA LEU B 452 1.77 -46.62 -3.93
C LEU B 452 1.98 -45.14 -3.64
N TYR B 453 3.10 -44.75 -3.04
CA TYR B 453 3.22 -43.30 -2.79
C TYR B 453 4.61 -42.75 -3.05
N ARG B 454 5.46 -43.50 -3.75
CA ARG B 454 6.82 -43.10 -4.19
C ARG B 454 7.57 -42.33 -3.09
N LEU B 455 7.79 -43.04 -1.97
CA LEU B 455 8.39 -42.53 -0.70
C LEU B 455 9.62 -41.66 -0.94
N PHE B 456 10.78 -42.29 -1.13
CA PHE B 456 12.00 -41.50 -1.40
C PHE B 456 12.26 -41.54 -2.91
N ARG B 457 12.03 -40.41 -3.58
CA ARG B 457 12.29 -40.32 -5.04
C ARG B 457 13.69 -39.72 -5.23
N LYS B 458 14.23 -39.84 -6.45
CA LYS B 458 15.57 -39.27 -6.77
C LYS B 458 15.70 -37.84 -6.23
N SER B 459 14.81 -36.92 -6.62
CA SER B 459 14.90 -35.51 -6.18
C SER B 459 13.54 -34.79 -6.18
N ASN B 460 13.50 -33.59 -5.57
CA ASN B 460 12.29 -32.72 -5.47
C ASN B 460 11.53 -32.66 -6.80
N LEU B 461 10.20 -32.75 -6.73
CA LEU B 461 9.37 -32.80 -7.96
C LEU B 461 8.97 -31.40 -8.45
N LYS B 462 9.04 -31.11 -9.76
CA LYS B 462 8.47 -29.88 -10.30
C LYS B 462 6.94 -29.92 -10.25
N PRO B 463 6.29 -28.76 -10.31
CA PRO B 463 4.82 -28.74 -10.22
C PRO B 463 4.15 -29.43 -11.39
N PHE B 464 3.05 -30.13 -11.09
CA PHE B 464 2.21 -30.78 -12.09
C PHE B 464 2.96 -31.79 -12.94
N GLU B 465 3.99 -32.41 -12.37
CA GLU B 465 4.76 -33.44 -13.05
C GLU B 465 4.42 -34.81 -12.48
N ARG B 466 4.52 -35.82 -13.33
CA ARG B 466 4.24 -37.19 -12.95
C ARG B 466 5.37 -38.09 -13.41
N ASP B 467 5.74 -39.05 -12.57
CA ASP B 467 6.74 -40.04 -12.90
C ASP B 467 6.25 -41.44 -12.53
N ILE B 468 6.42 -42.39 -13.45
CA ILE B 468 6.12 -43.79 -13.19
C ILE B 468 7.39 -44.65 -13.15
N SER B 469 8.55 -44.04 -13.36
CA SER B 469 9.80 -44.78 -13.34
C SER B 469 10.03 -45.41 -11.97
N THR B 470 10.21 -46.73 -11.95
CA THR B 470 10.42 -47.47 -10.72
C THR B 470 11.88 -47.89 -10.54
N GLU B 471 12.81 -47.18 -11.18
CA GLU B 471 14.23 -47.48 -11.04
C GLU B 471 14.66 -47.37 -9.59
N ILE B 472 15.64 -48.20 -9.21
CA ILE B 472 16.05 -48.30 -7.82
C ILE B 472 16.79 -47.04 -7.42
N TYR B 473 16.39 -46.46 -6.28
CA TYR B 473 16.98 -45.22 -5.80
C TYR B 473 18.15 -45.53 -4.87
N GLN B 474 19.27 -44.83 -5.09
CA GLN B 474 20.47 -45.02 -4.31
C GLN B 474 20.76 -43.77 -3.49
N ALA B 475 20.93 -43.94 -2.19
CA ALA B 475 21.25 -42.83 -1.29
C ALA B 475 22.70 -42.80 -0.86
N GLY B 476 23.42 -43.91 -1.00
CA GLY B 476 24.82 -43.97 -0.63
C GLY B 476 25.76 -43.94 -1.82
N SER B 477 26.23 -45.11 -2.22
CA SER B 477 27.16 -45.21 -3.34
C SER B 477 26.41 -45.49 -4.65
N THR B 478 27.06 -45.10 -5.75
CA THR B 478 26.51 -45.20 -7.10
C THR B 478 26.48 -46.62 -7.70
N PRO B 479 27.47 -47.51 -7.44
CA PRO B 479 27.56 -48.79 -8.18
C PRO B 479 26.26 -49.49 -8.56
N CYS B 480 25.29 -49.56 -7.64
CA CYS B 480 24.06 -50.30 -7.92
C CYS B 480 23.34 -49.72 -9.12
N ASN B 481 23.18 -50.53 -10.16
CA ASN B 481 22.48 -50.13 -11.38
C ASN B 481 21.31 -51.10 -11.56
N GLY B 482 20.11 -50.63 -11.25
CA GLY B 482 18.92 -51.46 -11.40
C GLY B 482 18.92 -52.68 -10.50
N VAL B 483 19.51 -52.57 -9.32
CA VAL B 483 19.52 -53.64 -8.33
C VAL B 483 19.36 -53.03 -6.95
N GLU B 484 18.45 -53.59 -6.15
CA GLU B 484 18.23 -53.08 -4.80
C GLU B 484 19.29 -53.65 -3.87
N GLY B 485 20.37 -52.89 -3.68
CA GLY B 485 21.51 -53.34 -2.92
C GLY B 485 21.45 -52.91 -1.47
N PHE B 486 22.65 -52.75 -0.89
CA PHE B 486 22.76 -52.37 0.51
C PHE B 486 22.10 -51.02 0.77
N ASN B 487 22.51 -50.00 0.02
CA ASN B 487 22.00 -48.65 0.18
C ASN B 487 21.23 -48.21 -1.07
N CYS B 488 20.49 -49.13 -1.68
CA CYS B 488 19.73 -48.89 -2.90
C CYS B 488 18.35 -49.52 -2.69
N TYR B 489 17.34 -48.69 -2.42
CA TYR B 489 16.02 -49.18 -2.07
C TYR B 489 15.08 -49.11 -3.28
N PHE B 490 14.10 -50.01 -3.29
CA PHE B 490 13.01 -49.88 -4.29
C PHE B 490 12.28 -48.59 -3.89
N PRO B 491 12.07 -47.62 -4.79
CA PRO B 491 11.48 -46.31 -4.44
C PRO B 491 10.05 -46.16 -3.92
N LEU B 492 9.10 -46.95 -4.44
CA LEU B 492 7.64 -46.85 -4.17
C LEU B 492 7.22 -47.00 -2.68
N GLN B 493 6.92 -48.23 -2.27
CA GLN B 493 6.37 -48.66 -0.94
C GLN B 493 4.87 -48.36 -0.93
N SER B 494 4.05 -49.42 -0.84
CA SER B 494 2.55 -49.36 -0.91
C SER B 494 1.90 -48.76 0.34
N TYR B 495 0.58 -48.58 0.26
CA TYR B 495 -0.29 -47.99 1.27
C TYR B 495 -0.98 -49.07 2.10
N GLY B 496 -1.42 -48.70 3.30
CA GLY B 496 -2.11 -49.62 4.19
C GLY B 496 -3.45 -49.08 4.66
N PHE B 497 -4.53 -49.79 4.35
CA PHE B 497 -5.88 -49.30 4.58
C PHE B 497 -6.60 -50.22 5.56
N GLN B 498 -7.06 -49.65 6.69
CA GLN B 498 -7.93 -50.32 7.64
C GLN B 498 -8.44 -49.30 8.65
N PRO B 499 -9.68 -49.44 9.14
CA PRO B 499 -10.22 -48.50 10.13
C PRO B 499 -9.34 -48.31 11.34
N THR B 500 -8.58 -49.36 11.70
CA THR B 500 -7.70 -49.27 12.86
C THR B 500 -6.69 -48.15 12.73
N ASN B 501 -6.21 -47.89 11.53
CA ASN B 501 -5.24 -46.83 11.30
C ASN B 501 -5.92 -45.46 11.25
N VAL B 503 -8.84 -42.80 11.61
CA VAL B 503 -9.45 -41.72 10.86
C VAL B 503 -8.38 -40.89 10.17
N GLY B 504 -7.31 -40.61 10.90
CA GLY B 504 -6.19 -39.86 10.35
C GLY B 504 -5.32 -40.63 9.39
N TYR B 505 -5.67 -41.87 9.05
CA TYR B 505 -4.89 -42.68 8.13
C TYR B 505 -5.76 -43.48 7.17
N GLN B 506 -7.04 -43.12 7.02
CA GLN B 506 -7.87 -43.84 6.06
C GLN B 506 -7.94 -43.08 4.74
N PRO B 507 -8.18 -43.77 3.63
CA PRO B 507 -8.04 -43.14 2.31
C PRO B 507 -9.05 -42.01 2.10
N TYR B 508 -8.60 -40.96 1.44
CA TYR B 508 -9.43 -39.82 1.07
C TYR B 508 -9.32 -39.61 -0.44
N ARG B 509 -10.37 -39.95 -1.17
CA ARG B 509 -10.40 -39.70 -2.61
C ARG B 509 -10.33 -38.21 -2.88
N VAL B 510 -9.38 -37.79 -3.70
CA VAL B 510 -9.14 -36.39 -4.00
C VAL B 510 -9.27 -36.15 -5.48
N VAL B 511 -9.97 -35.09 -5.85
CA VAL B 511 -10.12 -34.66 -7.25
C VAL B 511 -9.73 -33.20 -7.32
N VAL B 512 -8.69 -32.89 -8.07
CA VAL B 512 -8.14 -31.54 -8.14
C VAL B 512 -8.53 -30.95 -9.50
N LEU B 513 -9.57 -30.14 -9.51
CA LEU B 513 -9.99 -29.44 -10.72
C LEU B 513 -9.10 -28.22 -10.92
N SER B 514 -8.41 -28.19 -12.06
CA SER B 514 -7.48 -27.10 -12.38
C SER B 514 -7.98 -26.38 -13.62
N PHE B 515 -8.54 -25.18 -13.43
CA PHE B 515 -9.08 -24.40 -14.54
C PHE B 515 -8.01 -23.51 -15.14
N GLU B 516 -7.95 -23.48 -16.47
CA GLU B 516 -7.11 -22.55 -17.21
C GLU B 516 -8.02 -21.74 -18.12
N LEU B 517 -8.22 -20.46 -17.79
CA LEU B 517 -9.23 -19.64 -18.43
C LEU B 517 -8.64 -18.55 -19.32
N LEU B 518 -7.37 -18.70 -19.73
CA LEU B 518 -6.72 -17.73 -20.59
C LEU B 518 -5.98 -18.35 -21.76
N HIS B 519 -6.09 -19.66 -21.97
CA HIS B 519 -5.26 -20.36 -22.94
C HIS B 519 -5.85 -20.45 -24.34
N ALA B 520 -7.16 -20.27 -24.49
CA ALA B 520 -7.81 -20.53 -25.77
C ALA B 520 -9.18 -19.88 -25.83
N PRO B 521 -9.89 -19.98 -26.96
CA PRO B 521 -11.33 -19.67 -26.94
C PRO B 521 -12.05 -20.58 -25.95
N ALA B 522 -12.91 -19.97 -25.13
CA ALA B 522 -13.62 -20.72 -24.10
C ALA B 522 -14.46 -21.82 -24.72
N THR B 523 -14.20 -23.06 -24.31
CA THR B 523 -14.90 -24.21 -24.86
C THR B 523 -15.76 -24.95 -23.85
N VAL B 524 -15.46 -24.86 -22.56
CA VAL B 524 -16.29 -25.43 -21.51
C VAL B 524 -16.81 -24.29 -20.65
N CYS B 525 -18.14 -24.18 -20.56
CA CYS B 525 -18.79 -23.07 -19.89
C CYS B 525 -19.75 -23.61 -18.83
N GLY B 526 -20.50 -22.69 -18.22
CA GLY B 526 -21.48 -23.05 -17.23
C GLY B 526 -22.85 -23.23 -17.82
N PRO B 527 -23.83 -23.61 -16.99
CA PRO B 527 -25.21 -23.83 -17.48
C PRO B 527 -26.01 -22.53 -17.55
N LYS B 528 -25.62 -21.66 -18.48
CA LYS B 528 -26.32 -20.39 -18.70
C LYS B 528 -27.02 -20.46 -20.06
N LYS B 529 -28.34 -20.27 -20.03
CA LYS B 529 -29.13 -20.33 -21.25
C LYS B 529 -28.91 -19.05 -22.05
N SER B 530 -28.44 -19.20 -23.28
CA SER B 530 -28.17 -18.05 -24.13
C SER B 530 -29.46 -17.31 -24.45
N THR B 531 -29.33 -16.01 -24.73
CA THR B 531 -30.44 -15.17 -25.14
C THR B 531 -30.10 -14.54 -26.48
N ASN B 532 -31.11 -13.95 -27.11
CA ASN B 532 -30.90 -13.27 -28.37
C ASN B 532 -30.08 -12.02 -28.17
N LEU B 533 -29.24 -11.70 -29.15
CA LEU B 533 -28.39 -10.53 -29.08
C LEU B 533 -29.10 -9.33 -29.70
N VAL B 534 -28.93 -8.17 -29.07
CA VAL B 534 -29.54 -6.92 -29.51
C VAL B 534 -28.43 -5.91 -29.75
N LYS B 535 -28.49 -5.23 -30.89
CA LYS B 535 -27.48 -4.27 -31.28
C LYS B 535 -28.02 -2.84 -31.16
N ASN B 536 -27.11 -1.88 -31.27
CA ASN B 536 -27.43 -0.46 -31.25
C ASN B 536 -28.08 -0.03 -29.94
N LYS B 537 -27.84 -0.76 -28.86
CA LYS B 537 -28.37 -0.42 -27.54
C LYS B 537 -27.34 -0.78 -26.48
N CYS B 538 -27.17 0.10 -25.49
CA CYS B 538 -26.26 -0.17 -24.38
C CYS B 538 -26.78 -1.35 -23.57
N VAL B 539 -26.15 -2.52 -23.73
CA VAL B 539 -26.63 -3.79 -23.10
C VAL B 539 -25.56 -4.40 -22.21
N ASN B 540 -25.91 -5.33 -21.32
CA ASN B 540 -24.95 -6.00 -20.41
C ASN B 540 -24.42 -7.31 -21.03
N PHE B 541 -23.68 -7.24 -22.14
CA PHE B 541 -23.26 -8.48 -22.86
C PHE B 541 -22.42 -9.46 -22.03
N ASN B 542 -22.53 -10.75 -22.33
CA ASN B 542 -21.76 -11.83 -21.71
C ASN B 542 -21.40 -12.81 -22.83
N PHE B 543 -20.23 -12.62 -23.43
CA PHE B 543 -19.76 -13.47 -24.50
C PHE B 543 -18.87 -14.55 -23.89
N ASN B 544 -19.49 -15.66 -23.51
CA ASN B 544 -18.83 -16.81 -22.87
C ASN B 544 -17.83 -16.36 -21.81
N GLY B 545 -18.36 -15.71 -20.78
CA GLY B 545 -17.58 -15.25 -19.65
C GLY B 545 -17.00 -13.85 -19.78
N LEU B 546 -16.88 -13.34 -21.01
CA LEU B 546 -16.35 -12.00 -21.24
C LEU B 546 -17.43 -10.99 -20.85
N THR B 547 -17.49 -10.69 -19.56
CA THR B 547 -18.49 -9.78 -19.04
C THR B 547 -18.13 -8.33 -19.39
N GLY B 548 -19.15 -7.47 -19.45
CA GLY B 548 -18.91 -6.05 -19.73
C GLY B 548 -20.11 -5.41 -20.40
N THR B 549 -20.29 -4.10 -20.18
CA THR B 549 -21.45 -3.37 -20.74
C THR B 549 -21.00 -2.52 -21.94
N GLY B 550 -21.87 -2.37 -22.94
CA GLY B 550 -21.61 -1.55 -24.10
C GLY B 550 -22.74 -1.68 -25.10
N VAL B 551 -22.53 -1.05 -26.25
CA VAL B 551 -23.49 -1.09 -27.36
C VAL B 551 -22.83 -1.77 -28.55
N LEU B 552 -23.42 -2.86 -28.99
CA LEU B 552 -22.86 -3.68 -30.07
C LEU B 552 -23.34 -3.19 -31.43
N THR B 553 -22.42 -3.12 -32.38
CA THR B 553 -22.73 -2.70 -33.74
C THR B 553 -22.09 -3.67 -34.73
N GLU B 554 -22.60 -3.65 -35.96
CA GLU B 554 -21.94 -4.36 -37.04
C GLU B 554 -20.61 -3.70 -37.36
N SER B 555 -19.66 -4.49 -37.85
CA SER B 555 -18.29 -4.03 -38.03
C SER B 555 -17.80 -4.31 -39.44
N ASN B 556 -16.72 -3.62 -39.80
CA ASN B 556 -16.01 -3.86 -41.05
C ASN B 556 -14.60 -4.38 -40.83
N LYS B 557 -14.15 -4.48 -39.57
CA LYS B 557 -12.82 -4.99 -39.25
C LYS B 557 -12.76 -6.47 -39.64
N LYS B 558 -12.05 -6.77 -40.72
CA LYS B 558 -12.04 -8.12 -41.27
C LYS B 558 -11.23 -9.06 -40.40
N PHE B 559 -11.89 -9.71 -39.44
CA PHE B 559 -11.25 -10.72 -38.62
C PHE B 559 -10.70 -11.84 -39.49
N LEU B 560 -9.53 -12.34 -39.13
CA LEU B 560 -9.02 -13.52 -39.78
C LEU B 560 -9.69 -14.76 -39.19
N PRO B 561 -9.79 -15.86 -39.96
CA PRO B 561 -10.61 -17.01 -39.53
C PRO B 561 -10.25 -17.59 -38.16
N PHE B 562 -9.07 -17.25 -37.63
CA PHE B 562 -8.66 -17.77 -36.33
C PHE B 562 -8.85 -16.77 -35.20
N GLN B 563 -8.81 -15.48 -35.48
CA GLN B 563 -8.97 -14.48 -34.43
C GLN B 563 -10.41 -14.46 -33.94
N GLN B 564 -10.58 -14.34 -32.62
CA GLN B 564 -11.89 -14.39 -32.01
C GLN B 564 -12.35 -13.08 -31.38
N PHE B 565 -11.43 -12.21 -30.99
CA PHE B 565 -11.85 -10.90 -30.46
C PHE B 565 -10.69 -9.91 -30.59
N GLY B 566 -11.05 -8.65 -30.83
CA GLY B 566 -10.08 -7.59 -30.79
C GLY B 566 -9.90 -7.01 -29.40
N ARG B 567 -8.79 -6.34 -29.18
CA ARG B 567 -8.49 -5.77 -27.87
C ARG B 567 -7.99 -4.34 -28.01
N ASP B 568 -8.14 -3.60 -26.92
CA ASP B 568 -7.72 -2.21 -26.84
C ASP B 568 -6.28 -2.14 -26.35
N ILE B 569 -5.77 -0.90 -26.19
CA ILE B 569 -4.44 -0.73 -25.61
C ILE B 569 -4.43 -1.25 -24.18
N ALA B 570 -5.44 -0.88 -23.40
CA ALA B 570 -5.66 -1.50 -22.12
C ALA B 570 -6.32 -2.87 -22.29
N ASP B 571 -6.49 -3.58 -21.18
CA ASP B 571 -7.10 -4.91 -21.21
C ASP B 571 -8.62 -4.82 -21.27
N THR B 572 -9.11 -4.16 -22.33
CA THR B 572 -10.53 -4.04 -22.59
C THR B 572 -10.81 -4.49 -24.02
N THR B 573 -11.95 -5.14 -24.22
CA THR B 573 -12.30 -5.71 -25.51
C THR B 573 -12.85 -4.63 -26.44
N ASP B 574 -12.47 -4.71 -27.71
CA ASP B 574 -12.94 -3.80 -28.75
C ASP B 574 -13.91 -4.45 -29.72
N ALA B 575 -13.66 -5.70 -30.11
CA ALA B 575 -14.55 -6.45 -30.98
C ALA B 575 -14.64 -7.88 -30.48
N VAL B 576 -15.74 -8.55 -30.79
CA VAL B 576 -15.98 -9.92 -30.38
C VAL B 576 -16.61 -10.70 -31.52
N ARG B 577 -16.21 -11.97 -31.67
CA ARG B 577 -16.86 -12.90 -32.58
C ARG B 577 -17.94 -13.61 -31.80
N ASP B 578 -19.19 -13.20 -32.00
CA ASP B 578 -20.30 -13.75 -31.24
C ASP B 578 -20.47 -15.23 -31.54
N PRO B 579 -20.64 -16.08 -30.52
CA PRO B 579 -20.91 -17.50 -30.79
C PRO B 579 -22.27 -17.68 -31.45
N GLN B 580 -22.45 -18.90 -31.98
CA GLN B 580 -23.70 -19.37 -32.57
C GLN B 580 -23.99 -18.70 -33.91
N THR B 581 -23.23 -17.67 -34.26
CA THR B 581 -23.32 -17.08 -35.59
C THR B 581 -21.98 -16.72 -36.20
N LEU B 582 -20.90 -16.66 -35.42
CA LEU B 582 -19.58 -16.24 -35.89
C LEU B 582 -19.66 -14.89 -36.61
N GLU B 583 -20.16 -13.90 -35.87
CA GLU B 583 -20.29 -12.54 -36.37
C GLU B 583 -19.42 -11.61 -35.53
N ILE B 584 -18.84 -10.61 -36.19
CA ILE B 584 -17.89 -9.70 -35.59
C ILE B 584 -18.61 -8.42 -35.21
N LEU B 585 -18.74 -8.18 -33.91
CA LEU B 585 -19.42 -7.02 -33.36
C LEU B 585 -18.43 -6.10 -32.66
N ASP B 586 -18.62 -4.80 -32.79
CA ASP B 586 -17.81 -3.82 -32.08
C ASP B 586 -18.47 -3.43 -30.77
N ILE B 587 -17.64 -3.26 -29.74
CA ILE B 587 -18.09 -2.89 -28.41
C ILE B 587 -17.67 -1.45 -28.18
N THR B 588 -18.61 -0.52 -28.39
CA THR B 588 -18.33 0.84 -27.98
C THR B 588 -19.05 1.14 -26.68
N PRO B 589 -18.49 1.95 -25.79
CA PRO B 589 -19.20 2.26 -24.55
C PRO B 589 -20.39 3.18 -24.80
N CYS B 590 -21.50 2.88 -24.15
CA CYS B 590 -22.66 3.74 -24.26
C CYS B 590 -22.35 5.10 -23.62
N SER B 591 -22.89 6.16 -24.22
CA SER B 591 -22.38 7.50 -24.01
C SER B 591 -22.39 7.89 -22.53
N PHE B 592 -21.36 8.63 -22.14
CA PHE B 592 -21.27 9.21 -20.81
C PHE B 592 -20.63 10.58 -20.94
N GLY B 593 -20.60 11.31 -19.83
CA GLY B 593 -20.00 12.62 -19.84
C GLY B 593 -20.41 13.40 -18.61
N GLY B 594 -19.69 14.48 -18.38
CA GLY B 594 -19.96 15.33 -17.24
C GLY B 594 -21.28 16.06 -17.38
N VAL B 595 -21.77 16.55 -16.25
CA VAL B 595 -23.00 17.33 -16.18
C VAL B 595 -22.68 18.64 -15.48
N SER B 596 -22.83 19.74 -16.22
CA SER B 596 -22.50 21.07 -15.71
C SER B 596 -23.78 21.87 -15.53
N VAL B 597 -23.94 22.47 -14.36
CA VAL B 597 -25.14 23.23 -14.02
C VAL B 597 -24.79 24.71 -14.16
N ILE B 598 -25.28 25.33 -15.23
CA ILE B 598 -25.00 26.74 -15.51
C ILE B 598 -25.96 27.61 -14.73
N THR B 599 -25.58 27.99 -13.52
CA THR B 599 -26.45 28.79 -12.67
C THR B 599 -26.04 30.25 -12.71
N PRO B 600 -26.98 31.18 -12.90
CA PRO B 600 -26.63 32.61 -12.88
C PRO B 600 -26.34 33.14 -11.49
N GLY B 601 -26.45 32.32 -10.46
CA GLY B 601 -26.25 32.78 -9.10
C GLY B 601 -27.50 32.64 -8.28
N THR B 602 -27.38 32.12 -7.05
CA THR B 602 -28.55 31.97 -6.21
C THR B 602 -29.17 33.31 -5.85
N ASN B 603 -28.35 34.35 -5.68
CA ASN B 603 -28.88 35.66 -5.36
C ASN B 603 -29.60 36.32 -6.53
N THR B 604 -29.49 35.77 -7.73
CA THR B 604 -30.16 36.31 -8.91
C THR B 604 -31.36 35.50 -9.33
N SER B 605 -31.22 34.18 -9.42
CA SER B 605 -32.34 33.33 -9.82
C SER B 605 -32.05 31.89 -9.43
N ASN B 606 -33.10 31.14 -9.17
CA ASN B 606 -33.00 29.71 -8.90
C ASN B 606 -33.22 28.88 -10.16
N GLN B 607 -33.25 29.51 -11.32
CA GLN B 607 -33.44 28.83 -12.60
C GLN B 607 -32.07 28.58 -13.22
N VAL B 608 -31.81 27.34 -13.61
CA VAL B 608 -30.50 26.92 -14.11
C VAL B 608 -30.67 26.21 -15.43
N ALA B 609 -29.54 26.02 -16.11
CA ALA B 609 -29.44 25.19 -17.30
C ALA B 609 -28.43 24.07 -17.05
N VAL B 610 -28.52 23.01 -17.84
CA VAL B 610 -27.69 21.83 -17.65
C VAL B 610 -26.99 21.50 -18.96
N LEU B 611 -25.66 21.36 -18.90
CA LEU B 611 -24.83 21.07 -20.06
C LEU B 611 -24.36 19.62 -19.99
N TYR B 612 -24.95 18.76 -20.79
CA TYR B 612 -24.50 17.38 -20.91
C TYR B 612 -23.32 17.36 -21.88
N GLN B 613 -22.11 17.29 -21.33
CA GLN B 613 -20.91 17.49 -22.13
C GLN B 613 -20.64 16.30 -23.05
N ASP B 614 -20.35 16.59 -24.31
CA ASP B 614 -19.97 15.59 -25.31
C ASP B 614 -21.00 14.48 -25.39
N VAL B 615 -22.27 14.86 -25.41
CA VAL B 615 -23.38 13.93 -25.47
C VAL B 615 -24.42 14.48 -26.44
N ASN B 616 -24.88 13.62 -27.34
CA ASN B 616 -25.97 13.97 -28.24
C ASN B 616 -27.30 13.80 -27.52
N CYS B 617 -28.22 14.75 -27.73
CA CYS B 617 -29.56 14.63 -27.18
C CYS B 617 -30.55 13.99 -28.15
N THR B 618 -30.07 13.14 -29.05
CA THR B 618 -30.94 12.09 -29.56
C THR B 618 -31.23 11.05 -28.49
N GLU B 619 -30.54 11.14 -27.35
CA GLU B 619 -30.82 10.40 -26.14
C GLU B 619 -30.98 11.40 -25.00
N VAL B 620 -31.17 10.90 -23.79
CA VAL B 620 -31.35 11.78 -22.64
C VAL B 620 -30.04 12.45 -22.27
N THR B 638 -33.28 19.85 -17.57
CA THR B 638 -34.61 20.19 -17.09
C THR B 638 -35.68 19.68 -18.06
N GLY B 639 -35.42 19.84 -19.35
CA GLY B 639 -36.32 19.36 -20.38
C GLY B 639 -37.25 20.42 -20.95
N SER B 640 -36.72 21.63 -21.17
CA SER B 640 -37.50 22.72 -21.73
C SER B 640 -37.03 23.10 -23.13
N ASN B 641 -35.75 23.45 -23.28
CA ASN B 641 -35.17 23.79 -24.57
C ASN B 641 -33.92 22.96 -24.79
N VAL B 642 -33.68 22.59 -26.05
CA VAL B 642 -32.57 21.73 -26.42
C VAL B 642 -31.73 22.44 -27.46
N PHE B 643 -30.50 22.80 -27.08
CA PHE B 643 -29.55 23.44 -27.97
C PHE B 643 -28.31 22.57 -28.07
N GLN B 644 -27.90 22.24 -29.29
CA GLN B 644 -26.76 21.35 -29.54
C GLN B 644 -25.51 22.18 -29.77
N THR B 645 -24.64 22.23 -28.77
CA THR B 645 -23.35 22.89 -28.89
C THR B 645 -22.27 21.87 -29.22
N ARG B 646 -21.10 22.38 -29.60
CA ARG B 646 -19.97 21.52 -29.91
C ARG B 646 -19.32 20.94 -28.66
N ALA B 647 -19.58 21.51 -27.49
CA ALA B 647 -19.09 20.99 -26.22
C ALA B 647 -20.04 20.00 -25.59
N GLY B 648 -21.19 19.75 -26.21
CA GLY B 648 -22.25 18.96 -25.63
C GLY B 648 -23.52 19.78 -25.70
N CYS B 649 -24.67 19.12 -25.81
CA CYS B 649 -25.90 19.85 -26.06
C CYS B 649 -26.52 20.34 -24.75
N LEU B 650 -26.86 21.62 -24.73
CA LEU B 650 -27.27 22.32 -23.53
C LEU B 650 -28.79 22.26 -23.39
N ILE B 651 -29.26 21.81 -22.23
CA ILE B 651 -30.68 21.69 -21.93
C ILE B 651 -31.04 22.73 -20.89
N GLY B 652 -31.97 23.62 -21.25
CA GLY B 652 -32.45 24.63 -20.34
C GLY B 652 -32.10 26.06 -20.70
N ALA B 653 -31.47 26.29 -21.84
CA ALA B 653 -31.10 27.63 -22.27
C ALA B 653 -31.60 27.88 -23.68
N GLU B 654 -32.13 29.08 -23.90
CA GLU B 654 -32.66 29.48 -25.20
C GLU B 654 -31.52 30.08 -26.02
N HIS B 655 -31.19 29.42 -27.14
CA HIS B 655 -30.12 29.92 -28.00
C HIS B 655 -30.58 31.15 -28.76
N VAL B 656 -29.90 32.27 -28.53
CA VAL B 656 -30.21 33.51 -29.22
C VAL B 656 -29.22 33.70 -30.36
N ASN B 657 -29.56 34.62 -31.27
CA ASN B 657 -28.74 34.85 -32.46
C ASN B 657 -27.70 35.95 -32.24
N ASN B 658 -28.15 37.12 -31.79
CA ASN B 658 -27.22 38.23 -31.57
C ASN B 658 -26.26 37.87 -30.45
N SER B 659 -25.11 38.56 -30.45
CA SER B 659 -23.99 38.20 -29.59
C SER B 659 -23.74 39.27 -28.55
N TYR B 660 -23.31 38.84 -27.37
CA TYR B 660 -22.89 39.74 -26.31
C TYR B 660 -21.52 39.33 -25.79
N GLU B 661 -21.06 39.97 -24.72
CA GLU B 661 -19.83 39.56 -24.07
C GLU B 661 -20.04 38.19 -23.42
N CYS B 662 -18.94 37.52 -23.10
CA CYS B 662 -19.02 36.20 -22.47
C CYS B 662 -19.32 36.36 -20.99
N ASP B 663 -20.33 35.64 -20.52
CA ASP B 663 -20.76 35.71 -19.12
C ASP B 663 -20.42 34.43 -18.37
N ILE B 664 -20.88 33.28 -18.87
CA ILE B 664 -20.53 31.98 -18.29
C ILE B 664 -19.98 31.12 -19.41
N PRO B 665 -18.67 30.90 -19.48
CA PRO B 665 -18.08 30.17 -20.61
C PRO B 665 -18.54 28.72 -20.61
N ILE B 666 -19.16 28.31 -21.72
CA ILE B 666 -19.62 26.94 -21.88
C ILE B 666 -18.58 26.09 -22.60
N GLY B 667 -18.16 26.52 -23.77
CA GLY B 667 -17.15 25.80 -24.54
C GLY B 667 -17.42 25.95 -26.03
N ALA B 668 -16.33 25.91 -26.80
CA ALA B 668 -16.38 25.96 -28.26
C ALA B 668 -17.03 27.24 -28.77
N GLY B 669 -16.88 28.33 -28.04
CA GLY B 669 -17.37 29.62 -28.46
C GLY B 669 -18.73 30.00 -27.92
N ILE B 670 -19.39 29.11 -27.20
CA ILE B 670 -20.71 29.38 -26.64
C ILE B 670 -20.54 29.92 -25.23
N CYS B 671 -21.20 31.02 -24.92
CA CYS B 671 -21.19 31.59 -23.58
C CYS B 671 -22.63 31.84 -23.13
N ALA B 672 -22.92 31.48 -21.89
CA ALA B 672 -24.26 31.64 -21.34
C ALA B 672 -24.40 32.95 -20.58
N VAL B 687 -27.94 35.18 -17.74
CA VAL B 687 -29.37 35.44 -17.64
C VAL B 687 -29.67 36.83 -18.16
N ALA B 688 -30.73 36.95 -18.97
CA ALA B 688 -31.11 38.23 -19.56
C ALA B 688 -32.57 38.17 -19.96
N SER B 689 -33.35 39.14 -19.50
CA SER B 689 -34.77 39.25 -19.81
C SER B 689 -35.54 38.00 -19.37
N GLN B 690 -35.40 37.69 -18.08
CA GLN B 690 -36.19 36.64 -17.41
C GLN B 690 -35.92 35.25 -17.96
N SER B 691 -34.73 35.02 -18.51
CA SER B 691 -34.41 33.70 -19.07
C SER B 691 -32.90 33.55 -19.18
N ILE B 692 -32.46 32.30 -19.23
CA ILE B 692 -31.05 31.97 -19.43
C ILE B 692 -30.83 31.76 -20.92
N ILE B 693 -29.88 32.50 -21.49
CA ILE B 693 -29.59 32.43 -22.90
C ILE B 693 -28.25 31.72 -23.11
N ALA B 694 -28.04 31.24 -24.33
CA ALA B 694 -26.78 30.60 -24.72
C ALA B 694 -26.46 31.07 -26.13
N TYR B 695 -25.39 31.85 -26.27
CA TYR B 695 -25.09 32.54 -27.51
C TYR B 695 -23.63 32.31 -27.88
N THR B 696 -23.27 32.78 -29.07
CA THR B 696 -21.88 32.80 -29.50
C THR B 696 -21.23 34.08 -28.99
N MET B 697 -20.15 33.94 -28.25
CA MET B 697 -19.52 35.10 -27.62
C MET B 697 -19.00 36.06 -28.67
N SER B 698 -19.09 37.35 -28.36
CA SER B 698 -18.57 38.40 -29.23
C SER B 698 -17.21 38.85 -28.71
N LEU B 699 -16.29 39.06 -29.63
CA LEU B 699 -14.93 39.45 -29.29
C LEU B 699 -14.74 40.96 -29.21
N GLY B 700 -15.81 41.72 -29.36
CA GLY B 700 -15.75 43.17 -29.28
C GLY B 700 -16.40 43.83 -30.48
N ALA B 701 -16.62 45.12 -30.33
CA ALA B 701 -17.23 45.92 -31.39
C ALA B 701 -16.29 45.98 -32.58
N GLU B 702 -16.64 45.28 -33.66
CA GLU B 702 -15.78 45.22 -34.84
C GLU B 702 -15.75 46.58 -35.52
N ASN B 703 -14.64 47.29 -35.38
CA ASN B 703 -14.43 48.57 -36.06
C ASN B 703 -13.20 48.48 -36.93
N SER B 704 -13.30 49.05 -38.13
CA SER B 704 -12.20 49.07 -39.08
C SER B 704 -11.56 50.45 -39.08
N VAL B 705 -10.25 50.50 -38.86
CA VAL B 705 -9.55 51.78 -38.85
C VAL B 705 -9.55 52.36 -40.25
N ALA B 706 -9.80 53.66 -40.36
CA ALA B 706 -9.86 54.31 -41.67
C ALA B 706 -8.46 54.47 -42.23
N TYR B 707 -7.84 53.37 -42.65
CA TYR B 707 -6.49 53.43 -43.18
C TYR B 707 -6.48 54.21 -44.50
N SER B 708 -5.46 55.05 -44.65
CA SER B 708 -5.23 55.78 -45.88
C SER B 708 -3.75 56.13 -45.94
N ASN B 709 -3.17 56.02 -47.13
CA ASN B 709 -1.73 56.18 -47.25
C ASN B 709 -1.25 57.60 -46.99
N ASN B 710 -2.14 58.55 -46.74
CA ASN B 710 -1.73 59.92 -46.42
C ASN B 710 -2.60 60.54 -45.33
N SER B 711 -3.11 59.74 -44.40
CA SER B 711 -3.97 60.24 -43.34
C SER B 711 -3.51 59.68 -42.01
N ILE B 712 -3.30 60.57 -41.03
CA ILE B 712 -2.94 60.18 -39.68
C ILE B 712 -3.98 60.76 -38.73
N ALA B 713 -4.17 60.08 -37.59
CA ALA B 713 -5.14 60.48 -36.58
C ALA B 713 -4.39 60.71 -35.28
N ILE B 714 -4.34 61.96 -34.83
CA ILE B 714 -3.55 62.37 -33.67
C ILE B 714 -4.50 62.77 -32.54
N PRO B 715 -4.28 62.31 -31.32
CA PRO B 715 -5.16 62.70 -30.22
C PRO B 715 -4.89 64.13 -29.78
N THR B 716 -5.96 64.90 -29.61
CA THR B 716 -5.86 66.29 -29.19
C THR B 716 -6.16 66.46 -27.70
N ASN B 717 -6.14 65.37 -26.94
CA ASN B 717 -6.50 65.39 -25.52
C ASN B 717 -6.14 64.04 -24.94
N PHE B 718 -6.04 64.01 -23.61
CA PHE B 718 -5.65 62.78 -22.92
C PHE B 718 -6.61 62.50 -21.77
N THR B 719 -6.44 61.33 -21.16
CA THR B 719 -7.06 61.00 -19.90
C THR B 719 -6.04 60.24 -19.07
N ILE B 720 -5.89 60.63 -17.81
CA ILE B 720 -4.97 59.97 -16.90
C ILE B 720 -5.78 59.02 -16.04
N SER B 721 -5.64 57.73 -16.31
CA SER B 721 -6.45 56.70 -15.67
C SER B 721 -5.58 55.88 -14.73
N VAL B 722 -6.15 55.51 -13.59
CA VAL B 722 -5.47 54.70 -12.58
C VAL B 722 -6.14 53.32 -12.60
N THR B 723 -5.40 52.30 -13.02
CA THR B 723 -5.88 50.93 -13.08
C THR B 723 -5.17 50.12 -12.01
N THR B 724 -5.94 49.41 -11.20
CA THR B 724 -5.37 48.63 -10.10
C THR B 724 -4.99 47.25 -10.58
N GLU B 725 -3.76 46.83 -10.26
CA GLU B 725 -3.28 45.49 -10.54
C GLU B 725 -3.06 44.79 -9.21
N ILE B 726 -3.77 43.68 -9.02
CA ILE B 726 -3.75 42.94 -7.76
C ILE B 726 -2.91 41.69 -7.95
N LEU B 727 -1.84 41.56 -7.16
CA LEU B 727 -0.92 40.44 -7.29
C LEU B 727 -0.70 39.80 -5.92
N PRO B 728 -0.83 38.49 -5.81
CA PRO B 728 -0.42 37.82 -4.57
C PRO B 728 1.09 37.68 -4.51
N VAL B 729 1.65 37.85 -3.32
CA VAL B 729 3.08 37.71 -3.12
C VAL B 729 3.46 36.63 -2.12
N SER B 730 2.57 36.21 -1.23
CA SER B 730 2.92 35.20 -0.26
C SER B 730 1.67 34.41 0.13
N MET B 731 1.90 33.29 0.80
CA MET B 731 0.85 32.44 1.32
C MET B 731 0.92 32.40 2.83
N THR B 732 0.00 31.66 3.44
CA THR B 732 0.05 31.44 4.88
C THR B 732 1.13 30.41 5.19
N LYS B 733 2.00 30.74 6.14
CA LYS B 733 3.12 29.89 6.49
C LYS B 733 2.64 28.78 7.43
N THR B 734 2.00 27.77 6.84
CA THR B 734 1.55 26.64 7.62
C THR B 734 2.69 25.65 7.85
N SER B 735 2.54 24.83 8.88
CA SER B 735 3.51 23.80 9.19
C SER B 735 2.77 22.61 9.78
N VAL B 736 2.95 21.44 9.19
CA VAL B 736 2.23 20.24 9.57
C VAL B 736 3.23 19.27 10.17
N ASP B 737 3.10 18.99 11.46
CA ASP B 737 3.94 18.01 12.13
C ASP B 737 3.55 16.61 11.66
N CYS B 738 4.43 15.96 10.88
CA CYS B 738 4.09 14.69 10.26
C CYS B 738 3.74 13.65 11.31
N THR B 739 4.50 13.60 12.41
CA THR B 739 4.22 12.61 13.44
C THR B 739 2.92 12.91 14.16
N MET B 740 2.68 14.18 14.50
CA MET B 740 1.45 14.54 15.20
C MET B 740 0.23 14.42 14.30
N TYR B 741 0.41 14.53 12.99
CA TYR B 741 -0.73 14.41 12.08
C TYR B 741 -1.13 12.95 11.89
N ILE B 742 -0.23 12.13 11.35
CA ILE B 742 -0.60 10.77 11.01
C ILE B 742 -0.54 9.82 12.20
N CYS B 743 0.19 10.16 13.25
CA CYS B 743 0.38 9.30 14.41
C CYS B 743 0.22 10.11 15.70
N GLY B 744 -0.85 10.90 15.78
CA GLY B 744 -1.00 11.86 16.86
C GLY B 744 -1.14 11.26 18.24
N ASP B 745 -0.24 11.64 19.14
CA ASP B 745 -0.33 11.31 20.56
C ASP B 745 -0.33 9.80 20.82
N SER B 746 0.34 9.04 19.96
CA SER B 746 0.39 7.58 20.08
C SER B 746 1.82 7.13 19.86
N THR B 747 2.36 6.39 20.82
CA THR B 747 3.67 5.77 20.66
C THR B 747 3.58 4.44 19.92
N GLU B 748 2.40 3.83 19.89
CA GLU B 748 2.24 2.53 19.24
C GLU B 748 2.44 2.63 17.73
N CYS B 749 2.13 3.77 17.12
CA CYS B 749 2.38 3.94 15.70
C CYS B 749 3.67 4.70 15.41
N SER B 750 4.16 5.51 16.36
CA SER B 750 5.41 6.23 16.15
C SER B 750 6.57 5.25 15.94
N ASN B 751 6.46 4.05 16.49
CA ASN B 751 7.44 3.00 16.20
C ASN B 751 7.15 2.33 14.87
N LEU B 752 5.92 2.43 14.37
CA LEU B 752 5.56 1.93 13.05
C LEU B 752 5.83 2.95 11.95
N LEU B 753 5.91 4.22 12.30
CA LEU B 753 6.21 5.28 11.35
C LEU B 753 7.70 5.41 11.08
N LEU B 754 8.55 5.01 12.02
CA LEU B 754 9.99 5.05 11.78
C LEU B 754 10.40 4.02 10.74
N GLN B 755 9.62 2.96 10.57
CA GLN B 755 9.92 1.96 9.55
C GLN B 755 9.83 2.53 8.15
N TYR B 756 9.08 3.61 7.95
CA TYR B 756 8.96 4.26 6.66
C TYR B 756 10.11 5.20 6.37
N GLY B 757 11.20 5.12 7.13
CA GLY B 757 12.38 5.89 6.81
C GLY B 757 12.25 7.34 7.21
N SER B 758 12.69 8.22 6.31
CA SER B 758 12.78 9.65 6.58
C SER B 758 11.68 10.43 5.90
N PHE B 759 10.45 9.92 5.89
CA PHE B 759 9.37 10.61 5.19
C PHE B 759 8.94 11.87 5.93
N CYS B 760 8.77 11.79 7.25
CA CYS B 760 8.32 12.96 7.99
C CYS B 760 9.39 14.05 8.09
N THR B 761 10.66 13.68 8.25
CA THR B 761 11.68 14.72 8.24
C THR B 761 11.95 15.26 6.85
N GLN B 762 11.31 14.70 5.82
CA GLN B 762 11.36 15.22 4.47
C GLN B 762 10.17 16.10 4.13
N LEU B 763 9.03 15.90 4.82
CA LEU B 763 7.88 16.77 4.62
C LEU B 763 7.98 18.01 5.49
N ASN B 764 8.53 17.87 6.70
CA ASN B 764 8.77 19.04 7.53
C ASN B 764 9.86 19.94 6.93
N ARG B 765 10.73 19.37 6.12
CA ARG B 765 11.76 20.12 5.43
C ARG B 765 11.25 20.77 4.16
N ALA B 766 10.12 20.32 3.63
CA ALA B 766 9.50 20.93 2.46
C ALA B 766 8.52 22.03 2.87
N LEU B 767 7.69 21.75 3.87
CA LEU B 767 6.78 22.76 4.40
C LEU B 767 7.50 23.90 5.10
N THR B 768 8.78 23.72 5.42
CA THR B 768 9.60 24.81 5.94
C THR B 768 10.35 25.55 4.86
N GLY B 769 10.80 24.86 3.82
CA GLY B 769 11.44 25.53 2.71
C GLY B 769 10.49 26.45 1.96
N ILE B 770 9.20 26.15 2.01
CA ILE B 770 8.19 27.04 1.42
C ILE B 770 7.56 27.96 2.45
N ALA B 771 7.88 27.79 3.73
CA ALA B 771 7.49 28.75 4.76
C ALA B 771 8.53 29.84 4.94
N VAL B 772 9.82 29.47 4.91
CA VAL B 772 10.87 30.48 4.88
C VAL B 772 10.81 31.26 3.58
N GLU B 773 10.32 30.63 2.51
CA GLU B 773 10.23 31.31 1.23
C GLU B 773 9.20 32.43 1.25
N GLN B 774 8.15 32.31 2.07
CA GLN B 774 7.15 33.35 2.16
C GLN B 774 7.67 34.63 2.79
N ASP B 775 8.77 34.55 3.55
CA ASP B 775 9.42 35.75 4.06
C ASP B 775 10.45 36.30 3.08
N LYS B 776 10.94 35.47 2.16
CA LYS B 776 11.77 35.96 1.08
C LYS B 776 10.95 36.62 -0.02
N ASN B 777 9.69 36.21 -0.17
CA ASN B 777 8.81 36.84 -1.13
C ASN B 777 8.40 38.22 -0.66
N THR B 778 7.94 38.33 0.58
CA THR B 778 7.51 39.62 1.12
C THR B 778 8.68 40.59 1.28
N GLN B 779 9.90 40.08 1.45
CA GLN B 779 11.06 40.96 1.53
C GLN B 779 11.54 41.40 0.16
N GLU B 780 11.36 40.56 -0.86
CA GLU B 780 11.76 40.95 -2.20
C GLU B 780 10.82 41.99 -2.77
N VAL B 781 9.51 41.86 -2.49
CA VAL B 781 8.53 42.76 -3.06
C VAL B 781 8.61 44.14 -2.41
N PHE B 782 8.52 44.18 -1.09
CA PHE B 782 8.39 45.44 -0.38
C PHE B 782 9.72 46.06 0.02
N ALA B 783 10.67 45.26 0.48
CA ALA B 783 11.93 45.80 0.96
C ALA B 783 12.90 46.08 -0.19
N GLN B 784 12.43 46.80 -1.19
CA GLN B 784 13.31 47.29 -2.25
C GLN B 784 14.04 48.55 -1.84
N VAL B 785 13.63 49.18 -0.74
CA VAL B 785 14.18 50.45 -0.29
C VAL B 785 15.10 50.18 0.89
N LYS B 786 16.12 51.02 1.04
CA LYS B 786 17.09 50.85 2.11
C LYS B 786 16.76 51.67 3.34
N GLN B 787 16.16 52.83 3.17
CA GLN B 787 15.82 53.72 4.27
C GLN B 787 14.32 54.02 4.25
N ILE B 788 13.75 54.18 5.45
CA ILE B 788 12.32 54.46 5.58
C ILE B 788 12.13 55.96 5.42
N TYR B 789 11.54 56.37 4.30
CA TYR B 789 11.34 57.78 4.03
C TYR B 789 10.05 58.27 4.68
N LYS B 790 9.90 59.59 4.75
CA LYS B 790 8.73 60.22 5.33
C LYS B 790 8.28 61.36 4.45
N THR B 791 6.98 61.62 4.45
CA THR B 791 6.38 62.71 3.70
C THR B 791 6.32 63.97 4.57
N PRO B 792 6.63 65.13 4.01
CA PRO B 792 6.61 66.37 4.81
C PRO B 792 5.22 66.63 5.38
N PRO B 793 5.13 67.43 6.45
CA PRO B 793 3.82 67.67 7.07
C PRO B 793 2.86 68.45 6.18
N ILE B 794 3.36 69.25 5.24
CA ILE B 794 2.51 70.03 4.34
C ILE B 794 2.52 69.36 2.98
N LYS B 795 1.33 69.12 2.45
CA LYS B 795 1.17 68.41 1.17
C LYS B 795 0.92 69.42 0.05
N ASP B 796 1.98 70.14 -0.29
CA ASP B 796 1.92 71.13 -1.37
C ASP B 796 2.44 70.51 -2.66
N PHE B 797 1.69 69.52 -3.14
CA PHE B 797 2.06 68.76 -4.32
C PHE B 797 1.44 69.30 -5.60
N GLY B 798 1.14 70.59 -5.65
CA GLY B 798 0.64 71.19 -6.87
C GLY B 798 -0.76 70.78 -7.28
N GLY B 799 -1.55 70.24 -6.34
CA GLY B 799 -2.90 69.83 -6.61
C GLY B 799 -3.13 68.34 -6.51
N PHE B 800 -2.07 67.53 -6.59
CA PHE B 800 -2.22 66.09 -6.48
C PHE B 800 -2.57 65.73 -5.04
N ASN B 801 -3.59 64.90 -4.88
CA ASN B 801 -4.11 64.54 -3.56
C ASN B 801 -3.74 63.09 -3.27
N PHE B 802 -2.73 62.90 -2.43
CA PHE B 802 -2.26 61.57 -2.06
C PHE B 802 -2.80 61.13 -0.71
N SER B 803 -3.80 61.83 -0.16
CA SER B 803 -4.35 61.44 1.13
C SER B 803 -4.91 60.01 1.09
N GLN B 804 -5.30 59.54 -0.09
CA GLN B 804 -5.87 58.21 -0.20
C GLN B 804 -4.82 57.12 -0.11
N ILE B 805 -3.58 57.41 -0.51
CA ILE B 805 -2.54 56.39 -0.56
C ILE B 805 -1.55 56.59 0.58
N LEU B 806 -1.41 57.82 1.05
CA LEU B 806 -0.50 58.06 2.15
C LEU B 806 -1.16 57.66 3.48
N PRO B 807 -0.36 57.20 4.44
CA PRO B 807 -0.94 56.64 5.68
C PRO B 807 -1.76 57.68 6.44
N ASP B 808 -2.82 57.19 7.09
CA ASP B 808 -3.72 58.04 7.85
C ASP B 808 -3.34 58.02 9.31
N PRO B 809 -2.98 59.15 9.91
CA PRO B 809 -2.57 59.11 11.33
C PRO B 809 -3.72 58.86 12.28
N SER B 810 -4.93 59.35 11.95
CA SER B 810 -6.06 59.20 12.85
C SER B 810 -6.41 57.73 13.08
N LYS B 811 -6.47 56.96 12.00
CA LYS B 811 -6.74 55.53 12.14
C LYS B 811 -5.53 54.84 12.77
N PRO B 812 -5.76 53.81 13.58
CA PRO B 812 -4.64 53.02 14.09
C PRO B 812 -3.99 52.19 12.99
N SER B 813 -2.78 51.74 13.27
CA SER B 813 -1.91 50.98 12.37
C SER B 813 -1.39 51.81 11.21
N LYS B 814 -1.81 53.07 11.07
CA LYS B 814 -1.31 53.99 10.06
C LYS B 814 -1.40 53.39 8.66
N ARG B 815 -2.58 52.89 8.31
CA ARG B 815 -2.84 52.38 6.98
C ARG B 815 -3.70 53.38 6.21
N SER B 816 -3.40 53.53 4.92
CA SER B 816 -4.08 54.50 4.09
C SER B 816 -5.54 54.13 3.93
N PRO B 817 -6.38 55.08 3.49
CA PRO B 817 -7.78 54.74 3.20
C PRO B 817 -7.94 53.59 2.22
N ILE B 818 -7.26 53.63 1.08
CA ILE B 818 -7.31 52.51 0.14
C ILE B 818 -6.71 51.26 0.78
N GLU B 819 -5.63 51.43 1.54
CA GLU B 819 -5.03 50.29 2.22
C GLU B 819 -5.99 49.67 3.22
N ASP B 820 -6.70 50.50 3.97
CA ASP B 820 -7.68 49.97 4.93
C ASP B 820 -8.84 49.31 4.22
N LEU B 821 -9.21 49.83 3.05
CA LEU B 821 -10.30 49.23 2.28
C LEU B 821 -9.89 47.86 1.75
N LEU B 822 -8.62 47.67 1.43
CA LEU B 822 -8.14 46.39 0.92
C LEU B 822 -8.03 45.34 2.03
N PHE B 823 -7.94 45.75 3.29
CA PHE B 823 -7.85 44.80 4.38
C PHE B 823 -9.21 44.34 4.88
N ASN B 824 -10.30 44.98 4.45
CA ASN B 824 -11.63 44.54 4.80
C ASN B 824 -12.29 43.70 3.72
N LYS B 825 -11.82 43.79 2.47
CA LYS B 825 -12.41 43.02 1.39
C LYS B 825 -11.91 41.58 1.35
N VAL B 826 -10.84 41.27 2.06
CA VAL B 826 -10.27 39.92 2.10
C VAL B 826 -10.63 39.29 3.43
N THR B 827 -11.37 38.19 3.39
CA THR B 827 -11.76 37.46 4.59
C THR B 827 -10.85 36.25 4.75
N LEU B 828 -10.17 36.17 5.88
CA LEU B 828 -9.25 35.07 6.15
C LEU B 828 -9.89 34.01 7.04
N GLN B 853 -7.89 28.47 13.90
CA GLN B 853 -8.35 27.15 14.31
C GLN B 853 -7.18 26.24 14.66
N LYS B 854 -7.13 25.79 15.91
CA LYS B 854 -6.07 24.90 16.36
C LYS B 854 -6.49 23.45 16.10
N PHE B 855 -5.61 22.75 15.41
CA PHE B 855 -5.92 21.37 14.99
C PHE B 855 -4.86 20.44 15.56
N ASN B 856 -4.77 19.26 14.95
CA ASN B 856 -3.80 18.21 15.34
C ASN B 856 -2.56 18.36 14.47
N GLY B 857 -1.57 19.10 14.97
CA GLY B 857 -0.28 19.27 14.28
C GLY B 857 -0.27 20.37 13.26
N LEU B 858 -1.40 20.94 12.90
CA LEU B 858 -1.40 22.00 11.86
C LEU B 858 -1.27 23.35 12.54
N THR B 859 -0.10 23.96 12.52
CA THR B 859 0.18 25.27 13.06
C THR B 859 0.44 26.26 11.93
N VAL B 860 0.18 27.53 12.21
CA VAL B 860 0.34 28.60 11.24
C VAL B 860 1.36 29.58 11.79
N LEU B 861 2.53 29.62 11.17
CA LEU B 861 3.58 30.53 11.61
C LEU B 861 3.24 31.96 11.20
N PRO B 862 3.64 32.94 12.00
CA PRO B 862 3.37 34.34 11.65
C PRO B 862 4.41 34.86 10.67
N PRO B 863 4.01 35.78 9.78
CA PRO B 863 4.99 36.37 8.86
C PRO B 863 6.00 37.22 9.61
N LEU B 864 7.24 37.18 9.13
CA LEU B 864 8.30 37.94 9.79
C LEU B 864 8.02 39.44 9.79
N LEU B 865 7.46 39.95 8.69
CA LEU B 865 7.11 41.37 8.59
C LEU B 865 5.63 41.52 8.94
N THR B 866 5.35 42.18 10.06
CA THR B 866 3.97 42.41 10.45
C THR B 866 3.28 43.33 9.45
N ASP B 867 1.94 43.24 9.41
CA ASP B 867 1.15 44.05 8.50
C ASP B 867 1.26 45.54 8.79
N GLU B 868 1.78 45.91 9.96
CA GLU B 868 2.15 47.29 10.26
C GLU B 868 3.59 47.60 9.87
N MET B 869 4.42 46.58 9.78
CA MET B 869 5.78 46.75 9.27
C MET B 869 5.79 46.78 7.75
N ILE B 870 4.92 45.99 7.12
CA ILE B 870 4.78 46.04 5.66
C ILE B 870 4.19 47.37 5.24
N ALA B 871 3.15 47.84 5.94
CA ALA B 871 2.57 49.15 5.67
C ALA B 871 3.51 50.28 6.02
N GLN B 872 4.62 49.99 6.69
CA GLN B 872 5.68 50.97 6.90
C GLN B 872 6.69 50.96 5.77
N TYR B 873 6.83 49.83 5.07
CA TYR B 873 7.64 49.77 3.86
C TYR B 873 6.97 50.55 2.72
N THR B 874 5.72 50.23 2.43
CA THR B 874 4.99 50.89 1.36
C THR B 874 4.70 52.33 1.65
N SER B 875 5.06 52.87 2.80
CA SER B 875 5.01 54.31 3.02
C SER B 875 6.33 54.98 2.74
N ALA B 876 7.43 54.22 2.69
CA ALA B 876 8.70 54.75 2.21
C ALA B 876 8.74 54.74 0.68
N LEU B 877 8.28 53.66 0.07
CA LEU B 877 8.13 53.62 -1.38
C LEU B 877 7.12 54.64 -1.87
N LEU B 878 6.25 55.13 -1.00
CA LEU B 878 5.27 56.14 -1.36
C LEU B 878 5.70 57.55 -1.03
N ALA B 879 6.65 57.72 -0.11
CA ALA B 879 7.19 59.03 0.22
C ALA B 879 8.48 59.33 -0.51
N GLY B 880 9.07 58.34 -1.16
CA GLY B 880 10.23 58.57 -2.02
C GLY B 880 9.80 58.76 -3.45
N THR B 881 8.77 58.01 -3.87
CA THR B 881 8.22 58.20 -5.21
C THR B 881 7.59 59.57 -5.35
N ILE B 882 7.09 60.13 -4.25
CA ILE B 882 6.42 61.43 -4.30
C ILE B 882 7.43 62.56 -4.24
N THR B 883 8.34 62.52 -3.26
CA THR B 883 9.27 63.63 -3.06
C THR B 883 10.49 63.51 -3.96
N SER B 884 11.05 62.30 -4.10
CA SER B 884 12.29 62.12 -4.84
C SER B 884 12.08 61.61 -6.27
N GLY B 885 11.04 60.83 -6.52
CA GLY B 885 10.78 60.32 -7.84
C GLY B 885 11.26 58.88 -7.98
N TRP B 886 12.08 58.63 -8.99
CA TRP B 886 12.68 57.32 -9.19
C TRP B 886 14.12 57.24 -8.70
N THR B 887 14.68 58.36 -8.24
CA THR B 887 16.09 58.40 -7.89
C THR B 887 16.40 57.70 -6.57
N PHE B 888 15.39 57.39 -5.76
CA PHE B 888 15.66 56.69 -4.51
C PHE B 888 15.84 55.20 -4.71
N GLY B 889 15.76 54.71 -5.94
CA GLY B 889 16.03 53.31 -6.22
C GLY B 889 17.38 53.14 -6.89
N ALA B 890 17.85 54.20 -7.53
CA ALA B 890 19.16 54.17 -8.18
C ALA B 890 20.28 54.44 -7.19
N GLY B 891 20.27 55.63 -6.58
CA GLY B 891 21.28 55.99 -5.61
C GLY B 891 20.67 56.65 -4.39
N PRO B 892 21.23 57.79 -3.98
CA PRO B 892 20.62 58.54 -2.88
C PRO B 892 19.38 59.27 -3.35
N ALA B 893 18.37 59.30 -2.48
CA ALA B 893 17.12 59.97 -2.82
C ALA B 893 17.35 61.44 -3.05
N LEU B 894 16.94 61.93 -4.22
CA LEU B 894 17.14 63.31 -4.63
C LEU B 894 15.78 63.98 -4.75
N GLN B 895 15.53 64.97 -3.89
CA GLN B 895 14.24 65.64 -3.88
C GLN B 895 13.99 66.37 -5.18
N ILE B 896 12.71 66.50 -5.53
CA ILE B 896 12.27 67.21 -6.73
C ILE B 896 10.77 67.46 -6.60
N PRO B 897 10.30 68.67 -6.89
CA PRO B 897 8.87 68.95 -6.75
C PRO B 897 8.03 68.01 -7.60
N PHE B 898 6.91 67.56 -7.04
CA PHE B 898 6.06 66.61 -7.77
C PHE B 898 5.51 67.18 -9.06
N PRO B 899 4.97 68.40 -9.12
CA PRO B 899 4.58 68.95 -10.43
C PRO B 899 5.74 69.02 -11.40
N MET B 900 6.98 69.03 -10.93
CA MET B 900 8.15 68.96 -11.77
C MET B 900 8.58 67.53 -12.06
N GLN B 901 8.24 66.57 -11.20
CA GLN B 901 8.56 65.18 -11.50
C GLN B 901 7.62 64.62 -12.56
N MET B 902 6.34 64.95 -12.48
CA MET B 902 5.38 64.44 -13.47
C MET B 902 5.68 64.94 -14.87
N ALA B 903 6.43 66.02 -15.01
CA ALA B 903 6.77 66.54 -16.33
C ALA B 903 7.99 65.86 -16.93
N TYR B 904 8.74 65.08 -16.15
CA TYR B 904 9.78 64.23 -16.69
C TYR B 904 9.33 62.77 -16.75
N ARG B 905 8.18 62.45 -16.18
CA ARG B 905 7.49 61.22 -16.49
C ARG B 905 6.54 61.38 -17.68
N PHE B 906 6.07 62.60 -17.92
CA PHE B 906 5.44 62.91 -19.20
C PHE B 906 6.46 62.87 -20.32
N ASN B 907 7.68 63.32 -20.04
CA ASN B 907 8.75 63.33 -21.03
C ASN B 907 9.22 61.93 -21.42
N GLY B 908 8.88 60.92 -20.63
CA GLY B 908 9.26 59.56 -20.92
C GLY B 908 8.32 58.79 -21.81
N ILE B 909 7.22 59.42 -22.23
CA ILE B 909 6.27 58.79 -23.14
C ILE B 909 6.13 59.59 -24.44
N GLY B 910 7.13 60.39 -24.76
CA GLY B 910 7.09 61.17 -25.98
C GLY B 910 6.14 62.34 -25.97
N VAL B 911 5.76 62.82 -24.79
CA VAL B 911 4.92 64.00 -24.64
C VAL B 911 5.77 65.07 -23.98
N THR B 912 6.06 66.14 -24.73
CA THR B 912 6.90 67.22 -24.21
C THR B 912 6.37 67.71 -22.87
N GLN B 913 7.28 68.14 -22.01
CA GLN B 913 6.91 68.53 -20.65
C GLN B 913 5.99 69.74 -20.62
N ASN B 914 6.00 70.56 -21.68
CA ASN B 914 5.15 71.74 -21.71
C ASN B 914 3.68 71.40 -21.74
N VAL B 915 3.33 70.13 -21.95
CA VAL B 915 1.92 69.74 -21.91
C VAL B 915 1.39 69.75 -20.48
N LEU B 916 2.21 69.31 -19.52
CA LEU B 916 1.74 69.22 -18.15
C LEU B 916 1.60 70.58 -17.50
N TYR B 917 2.69 71.35 -17.45
CA TYR B 917 2.68 72.65 -16.77
C TYR B 917 1.57 73.54 -17.31
N GLU B 918 1.28 73.46 -18.60
CA GLU B 918 0.20 74.26 -19.16
C GLU B 918 -1.17 73.69 -18.83
N ASN B 919 -1.25 72.43 -18.39
CA ASN B 919 -2.50 71.82 -17.98
C ASN B 919 -2.39 71.19 -16.60
N GLN B 920 -1.60 71.80 -15.72
CA GLN B 920 -1.30 71.18 -14.43
C GLN B 920 -2.55 71.07 -13.57
N LYS B 921 -3.39 72.09 -13.57
CA LYS B 921 -4.57 72.07 -12.71
C LYS B 921 -5.57 71.04 -13.19
N LEU B 922 -5.74 70.89 -14.49
CA LEU B 922 -6.64 69.87 -15.03
C LEU B 922 -6.08 68.48 -14.81
N ILE B 923 -4.78 68.29 -15.09
CA ILE B 923 -4.16 66.99 -14.88
C ILE B 923 -4.23 66.57 -13.42
N ALA B 924 -4.08 67.54 -12.51
CA ALA B 924 -4.17 67.22 -11.08
C ALA B 924 -5.56 66.74 -10.71
N ASN B 925 -6.60 67.37 -11.27
CA ASN B 925 -7.96 66.93 -10.98
C ASN B 925 -8.24 65.55 -11.55
N GLN B 926 -7.76 65.29 -12.77
CA GLN B 926 -7.91 63.95 -13.34
C GLN B 926 -7.19 62.92 -12.49
N PHE B 927 -6.07 63.30 -11.89
CA PHE B 927 -5.38 62.41 -10.96
C PHE B 927 -6.25 62.14 -9.73
N ASN B 928 -6.66 63.20 -9.05
CA ASN B 928 -7.46 63.05 -7.82
C ASN B 928 -8.77 62.32 -8.11
N SER B 929 -9.46 62.71 -9.19
CA SER B 929 -10.72 62.06 -9.53
C SER B 929 -10.52 60.58 -9.84
N ALA B 930 -9.43 60.24 -10.53
CA ALA B 930 -9.15 58.85 -10.81
C ALA B 930 -8.88 58.06 -9.53
N ILE B 931 -8.13 58.67 -8.59
CA ILE B 931 -7.88 58.01 -7.32
C ILE B 931 -9.19 57.87 -6.53
N GLY B 932 -10.11 58.83 -6.69
CA GLY B 932 -11.38 58.73 -6.00
C GLY B 932 -12.19 57.51 -6.41
N LYS B 933 -12.25 57.26 -7.72
CA LYS B 933 -12.99 56.09 -8.20
C LYS B 933 -12.36 54.79 -7.74
N ILE B 934 -11.05 54.79 -7.46
CA ILE B 934 -10.38 53.56 -7.08
C ILE B 934 -10.95 53.01 -5.78
N GLN B 935 -11.30 53.90 -4.84
CA GLN B 935 -11.97 53.45 -3.62
C GLN B 935 -13.32 52.84 -3.94
N ASP B 936 -14.18 53.60 -4.61
CA ASP B 936 -15.53 53.13 -4.93
C ASP B 936 -15.52 51.94 -5.88
N SER B 937 -14.46 51.76 -6.66
CA SER B 937 -14.37 50.62 -7.56
C SER B 937 -14.35 49.30 -6.78
N LEU B 938 -13.33 49.11 -5.97
CA LEU B 938 -13.19 47.86 -5.22
C LEU B 938 -14.06 47.83 -3.96
N SER B 939 -14.71 48.94 -3.61
CA SER B 939 -15.64 48.94 -2.49
C SER B 939 -17.06 48.56 -2.89
N SER B 940 -17.33 48.43 -4.19
CA SER B 940 -18.68 48.14 -4.66
C SER B 940 -18.78 46.98 -5.64
N THR B 941 -17.70 46.63 -6.35
CA THR B 941 -17.81 45.52 -7.28
C THR B 941 -17.36 44.23 -6.62
N PRO B 942 -18.14 43.16 -6.73
CA PRO B 942 -17.67 41.85 -6.21
C PRO B 942 -16.51 41.33 -7.05
N SER B 943 -15.76 40.41 -6.43
CA SER B 943 -14.58 39.81 -7.06
C SER B 943 -13.55 40.86 -7.45
N ALA B 944 -13.48 41.95 -6.68
CA ALA B 944 -12.45 42.95 -6.93
C ALA B 944 -11.08 42.41 -6.56
N LEU B 945 -10.95 41.86 -5.34
CA LEU B 945 -9.72 41.23 -4.88
C LEU B 945 -9.78 39.72 -5.01
N GLY B 946 -10.41 39.22 -6.08
CA GLY B 946 -10.54 37.78 -6.27
C GLY B 946 -9.23 37.05 -6.48
N LYS B 947 -8.14 37.79 -6.71
CA LYS B 947 -6.84 37.13 -6.89
C LYS B 947 -6.18 36.83 -5.56
N LEU B 948 -6.31 37.74 -4.58
CA LEU B 948 -5.82 37.45 -3.24
C LEU B 948 -6.79 36.56 -2.48
N GLN B 949 -8.10 36.78 -2.66
CA GLN B 949 -9.09 36.00 -1.94
C GLN B 949 -9.10 34.54 -2.37
N ASP B 950 -8.70 34.24 -3.60
CA ASP B 950 -8.60 32.86 -4.03
C ASP B 950 -7.30 32.21 -3.63
N VAL B 951 -6.24 33.01 -3.42
CA VAL B 951 -5.02 32.46 -2.83
C VAL B 951 -5.29 31.99 -1.41
N VAL B 952 -6.12 32.73 -0.68
CA VAL B 952 -6.52 32.31 0.67
C VAL B 952 -7.50 31.16 0.60
N ASN B 953 -8.42 31.20 -0.37
CA ASN B 953 -9.38 30.11 -0.51
C ASN B 953 -8.70 28.80 -0.89
N GLN B 954 -7.76 28.85 -1.84
CA GLN B 954 -7.07 27.65 -2.26
C GLN B 954 -6.33 27.00 -1.08
N ASN B 955 -5.69 27.81 -0.25
CA ASN B 955 -4.98 27.25 0.90
C ASN B 955 -5.96 26.77 1.97
N ALA B 956 -6.93 27.60 2.33
CA ALA B 956 -7.89 27.21 3.36
C ALA B 956 -8.72 26.02 2.93
N GLN B 957 -8.92 25.84 1.62
CA GLN B 957 -9.65 24.67 1.13
C GLN B 957 -8.74 23.45 1.02
N ALA B 958 -7.47 23.65 0.69
CA ALA B 958 -6.52 22.53 0.68
C ALA B 958 -6.10 22.14 2.08
N LEU B 959 -6.05 23.09 3.01
CA LEU B 959 -5.75 22.75 4.39
C LEU B 959 -6.96 22.13 5.09
N ASN B 960 -8.17 22.46 4.65
CA ASN B 960 -9.37 21.89 5.24
C ASN B 960 -9.60 20.46 4.77
N THR B 961 -9.33 20.17 3.50
CA THR B 961 -9.43 18.80 3.02
C THR B 961 -8.32 17.91 3.56
N LEU B 962 -7.26 18.51 4.11
CA LEU B 962 -6.25 17.72 4.79
C LEU B 962 -6.75 17.22 6.14
N VAL B 963 -7.63 17.97 6.78
CA VAL B 963 -8.17 17.55 8.07
C VAL B 963 -9.23 16.48 7.88
N LYS B 964 -10.08 16.62 6.86
CA LYS B 964 -11.12 15.62 6.63
C LYS B 964 -10.55 14.27 6.21
N GLN B 965 -9.26 14.18 5.91
CA GLN B 965 -8.63 12.90 5.63
C GLN B 965 -8.34 12.10 6.89
N LEU B 966 -8.56 12.74 8.03
CA LEU B 966 -8.35 12.07 9.33
C LEU B 966 -9.64 11.37 9.74
N SER B 967 -10.73 11.53 8.98
CA SER B 967 -12.00 10.87 9.22
C SER B 967 -12.26 9.72 8.26
N SER B 968 -11.23 9.24 7.58
CA SER B 968 -11.37 8.17 6.59
C SER B 968 -10.67 6.91 7.08
N ASN B 969 -11.23 5.77 6.69
CA ASN B 969 -10.72 4.49 7.16
C ASN B 969 -9.49 4.04 6.40
N PHE B 970 -9.41 4.35 5.10
CA PHE B 970 -8.36 3.86 4.21
C PHE B 970 -8.31 2.34 4.18
N GLY B 971 -9.38 1.67 4.60
CA GLY B 971 -9.42 0.23 4.72
C GLY B 971 -9.39 -0.28 6.14
N ALA B 972 -8.95 0.53 7.09
CA ALA B 972 -8.91 0.11 8.48
C ALA B 972 -10.33 -0.01 9.03
N ILE B 973 -10.43 -0.63 10.21
CA ILE B 973 -11.74 -0.83 10.82
C ILE B 973 -12.32 0.46 11.38
N SER B 974 -11.47 1.44 11.69
CA SER B 974 -11.95 2.69 12.27
C SER B 974 -10.94 3.79 11.97
N SER B 975 -11.45 5.00 11.75
CA SER B 975 -10.60 6.13 11.46
C SER B 975 -9.99 6.77 12.71
N VAL B 976 -10.41 6.33 13.90
CA VAL B 976 -9.87 6.86 15.14
C VAL B 976 -8.70 5.98 15.56
N LEU B 977 -7.53 6.60 15.74
CA LEU B 977 -6.34 5.85 16.10
C LEU B 977 -6.40 5.26 17.50
N ASN B 978 -7.34 5.70 18.33
CA ASN B 978 -7.55 5.13 19.64
C ASN B 978 -8.65 4.08 19.66
N ASP B 979 -9.64 4.19 18.78
CA ASP B 979 -10.68 3.18 18.68
C ASP B 979 -10.19 1.89 18.03
N ILE B 980 -8.92 1.82 17.64
CA ILE B 980 -8.32 0.59 17.17
C ILE B 980 -7.19 0.10 18.06
N LEU B 981 -6.61 0.96 18.88
CA LEU B 981 -5.63 0.56 19.89
C LEU B 981 -6.28 0.19 21.21
N SER B 982 -7.60 0.38 21.34
CA SER B 982 -8.32 0.07 22.56
C SER B 982 -9.22 -1.16 22.42
N ARG B 983 -9.23 -1.78 21.24
CA ARG B 983 -10.01 -3.00 21.05
C ARG B 983 -9.23 -4.13 20.40
N LEU B 984 -8.03 -3.89 19.87
CA LEU B 984 -7.26 -4.90 19.17
C LEU B 984 -5.94 -5.13 19.89
N ASP B 985 -5.54 -6.38 20.01
CA ASP B 985 -4.22 -6.72 20.52
C ASP B 985 -3.15 -6.22 19.55
N PRO B 986 -1.93 -6.01 20.04
CA PRO B 986 -0.87 -5.43 19.19
C PRO B 986 -0.68 -6.16 17.87
N PRO B 987 -0.63 -7.50 17.84
CA PRO B 987 -0.42 -8.16 16.54
C PRO B 987 -1.49 -7.85 15.51
N GLU B 988 -2.74 -7.70 15.92
CA GLU B 988 -3.82 -7.38 14.99
C GLU B 988 -4.03 -5.89 14.80
N ALA B 989 -3.46 -5.05 15.65
CA ALA B 989 -3.64 -3.62 15.55
C ALA B 989 -2.66 -2.97 14.59
N GLU B 990 -1.45 -3.53 14.46
CA GLU B 990 -0.48 -2.94 13.55
C GLU B 990 -0.86 -3.13 12.10
N VAL B 991 -1.65 -4.16 11.78
CA VAL B 991 -2.09 -4.35 10.41
C VAL B 991 -3.25 -3.43 10.06
N GLN B 992 -3.91 -2.83 11.05
CA GLN B 992 -4.93 -1.83 10.83
C GLN B 992 -4.40 -0.40 10.95
N ILE B 993 -3.37 -0.19 11.76
CA ILE B 993 -2.74 1.13 11.84
C ILE B 993 -1.91 1.39 10.58
N ASP B 994 -1.27 0.35 10.04
CA ASP B 994 -0.50 0.51 8.82
C ASP B 994 -1.36 1.01 7.67
N ARG B 995 -2.64 0.66 7.66
CA ARG B 995 -3.54 1.17 6.63
C ARG B 995 -3.88 2.64 6.84
N LEU B 996 -3.71 3.15 8.05
CA LEU B 996 -3.90 4.57 8.32
C LEU B 996 -2.60 5.36 8.11
N ILE B 997 -1.48 4.80 8.55
CA ILE B 997 -0.18 5.46 8.31
C ILE B 997 0.09 5.56 6.81
N THR B 998 -0.23 4.50 6.06
CA THR B 998 -0.05 4.55 4.62
C THR B 998 -1.03 5.51 3.96
N GLY B 999 -2.19 5.71 4.58
CA GLY B 999 -3.19 6.59 4.02
C GLY B 999 -3.05 8.02 4.47
N ARG B 1000 -2.81 8.23 5.77
CA ARG B 1000 -2.65 9.60 6.27
C ARG B 1000 -1.34 10.22 5.80
N LEU B 1001 -0.38 9.41 5.36
CA LEU B 1001 0.85 9.92 4.77
C LEU B 1001 0.70 10.15 3.27
N GLN B 1002 -0.03 9.28 2.59
CA GLN B 1002 -0.33 9.49 1.18
C GLN B 1002 -1.21 10.71 0.99
N SER B 1003 -2.06 11.02 1.96
CA SER B 1003 -2.88 12.22 1.92
C SER B 1003 -2.15 13.45 2.46
N LEU B 1004 -0.99 13.26 3.09
CA LEU B 1004 -0.12 14.35 3.48
C LEU B 1004 0.95 14.65 2.46
N GLN B 1005 1.45 13.62 1.77
CA GLN B 1005 2.36 13.84 0.65
C GLN B 1005 1.65 14.52 -0.51
N THR B 1006 0.34 14.32 -0.63
CA THR B 1006 -0.44 15.00 -1.66
C THR B 1006 -0.62 16.47 -1.33
N TYR B 1007 -0.74 16.81 -0.04
CA TYR B 1007 -0.85 18.20 0.35
C TYR B 1007 0.49 18.93 0.21
N VAL B 1008 1.58 18.29 0.64
CA VAL B 1008 2.89 18.92 0.55
C VAL B 1008 3.28 19.11 -0.93
N THR B 1009 2.98 18.11 -1.77
CA THR B 1009 3.32 18.22 -3.18
C THR B 1009 2.54 19.35 -3.84
N GLN B 1010 1.24 19.42 -3.61
CA GLN B 1010 0.42 20.46 -4.21
C GLN B 1010 0.63 21.82 -3.57
N GLN B 1011 1.40 21.90 -2.50
CA GLN B 1011 1.84 23.19 -1.98
C GLN B 1011 3.15 23.65 -2.60
N LEU B 1012 4.04 22.70 -2.89
CA LEU B 1012 5.26 23.03 -3.63
C LEU B 1012 4.93 23.54 -5.03
N ILE B 1013 3.91 22.96 -5.65
CA ILE B 1013 3.47 23.44 -6.96
C ILE B 1013 2.75 24.77 -6.82
N ARG B 1014 2.10 25.01 -5.68
CA ARG B 1014 1.40 26.25 -5.45
C ARG B 1014 2.31 27.35 -4.92
N ALA B 1015 3.35 26.99 -4.17
CA ALA B 1015 4.31 28.00 -3.73
C ALA B 1015 5.19 28.49 -4.87
N ALA B 1016 5.33 27.72 -5.93
CA ALA B 1016 6.02 28.19 -7.12
C ALA B 1016 5.12 29.05 -8.01
N GLU B 1017 3.80 28.89 -7.88
CA GLU B 1017 2.87 29.77 -8.56
C GLU B 1017 2.78 31.14 -7.90
N ILE B 1018 3.06 31.22 -6.60
CA ILE B 1018 3.14 32.49 -5.90
C ILE B 1018 4.53 33.10 -6.04
N ARG B 1019 5.57 32.28 -5.98
CA ARG B 1019 6.92 32.75 -6.21
C ARG B 1019 7.12 33.28 -7.62
N ALA B 1020 6.34 32.78 -8.58
CA ALA B 1020 6.35 33.35 -9.92
C ALA B 1020 5.53 34.64 -10.00
N SER B 1021 4.72 34.93 -8.98
CA SER B 1021 4.02 36.19 -8.87
C SER B 1021 4.66 37.13 -7.85
N ALA B 1022 5.43 36.60 -6.90
CA ALA B 1022 6.24 37.43 -6.03
C ALA B 1022 7.49 37.95 -6.73
N ASN B 1023 7.92 37.28 -7.80
CA ASN B 1023 8.98 37.77 -8.66
C ASN B 1023 8.45 38.67 -9.77
N LEU B 1024 7.13 38.72 -9.95
CA LEU B 1024 6.51 39.70 -10.84
C LEU B 1024 6.05 40.95 -10.11
N ALA B 1025 5.79 40.85 -8.82
CA ALA B 1025 5.55 42.04 -8.01
C ALA B 1025 6.86 42.70 -7.60
N ALA B 1026 7.91 41.91 -7.41
CA ALA B 1026 9.24 42.46 -7.16
C ALA B 1026 9.82 43.12 -8.39
N THR B 1027 9.28 42.82 -9.57
CA THR B 1027 9.68 43.48 -10.81
C THR B 1027 8.79 44.67 -11.13
N LYS B 1028 7.50 44.58 -10.83
CA LYS B 1028 6.63 45.72 -11.05
C LYS B 1028 6.87 46.81 -10.02
N MET B 1029 7.32 46.46 -8.82
CA MET B 1029 7.72 47.47 -7.85
C MET B 1029 9.15 47.94 -8.06
N SER B 1030 9.91 47.28 -8.94
CA SER B 1030 11.24 47.74 -9.28
C SER B 1030 11.22 48.62 -10.52
N GLU B 1031 10.34 48.34 -11.47
CA GLU B 1031 10.31 49.07 -12.73
C GLU B 1031 9.19 50.10 -12.81
N CYS B 1032 8.01 49.81 -12.27
CA CYS B 1032 6.93 50.79 -12.30
C CYS B 1032 7.02 51.77 -11.14
N VAL B 1033 7.37 51.29 -9.95
CA VAL B 1033 7.40 52.17 -8.77
C VAL B 1033 8.72 52.92 -8.69
N LEU B 1034 9.85 52.21 -8.81
CA LEU B 1034 11.16 52.83 -8.72
C LEU B 1034 11.63 53.43 -10.04
N GLY B 1035 10.76 53.53 -11.02
CA GLY B 1035 11.13 54.11 -12.31
C GLY B 1035 9.92 54.37 -13.15
N GLN B 1036 10.10 54.28 -14.47
CA GLN B 1036 9.00 54.40 -15.41
C GLN B 1036 9.26 53.43 -16.55
N SER B 1037 8.37 52.46 -16.75
CA SER B 1037 8.64 51.37 -17.67
C SER B 1037 8.27 51.74 -19.10
N LYS B 1038 9.08 51.27 -20.04
CA LYS B 1038 8.76 51.33 -21.46
C LYS B 1038 8.15 50.03 -21.96
N ARG B 1039 8.02 49.02 -21.10
CA ARG B 1039 7.40 47.76 -21.49
C ARG B 1039 5.90 47.96 -21.65
N VAL B 1040 5.39 47.71 -22.85
CA VAL B 1040 3.99 47.95 -23.13
C VAL B 1040 3.12 46.98 -22.34
N ASP B 1041 2.02 47.50 -21.79
CA ASP B 1041 1.04 46.74 -21.01
C ASP B 1041 1.66 46.02 -19.83
N PHE B 1042 2.82 46.48 -19.35
CA PHE B 1042 3.42 45.90 -18.16
C PHE B 1042 3.00 46.64 -16.89
N CYS B 1043 3.05 47.96 -16.92
CA CYS B 1043 2.66 48.80 -15.79
C CYS B 1043 1.38 49.56 -16.09
N GLY B 1044 0.40 48.89 -16.69
CA GLY B 1044 -0.89 49.49 -16.93
C GLY B 1044 -1.23 49.66 -18.39
N LYS B 1045 -2.52 49.55 -18.71
CA LYS B 1045 -2.97 49.72 -20.09
C LYS B 1045 -2.80 51.17 -20.50
N GLY B 1046 -1.80 51.44 -21.33
CA GLY B 1046 -1.51 52.78 -21.79
C GLY B 1046 -0.06 53.14 -21.55
N TYR B 1047 0.27 54.39 -21.88
CA TYR B 1047 1.61 54.90 -21.66
C TYR B 1047 1.80 55.12 -20.16
N HIS B 1048 2.76 54.40 -19.58
CA HIS B 1048 2.93 54.42 -18.14
C HIS B 1048 3.49 55.76 -17.67
N LEU B 1049 2.98 56.23 -16.53
CA LEU B 1049 3.50 57.41 -15.87
C LEU B 1049 4.19 57.08 -14.56
N MET B 1050 3.50 56.40 -13.65
CA MET B 1050 4.07 56.02 -12.36
C MET B 1050 3.23 54.90 -11.77
N SER B 1051 3.50 54.57 -10.51
CA SER B 1051 2.74 53.54 -9.83
C SER B 1051 2.88 53.75 -8.33
N PHE B 1052 1.93 53.22 -7.59
CA PHE B 1052 1.92 53.35 -6.14
C PHE B 1052 1.64 52.01 -5.49
N PRO B 1053 2.58 51.45 -4.75
CA PRO B 1053 2.32 50.18 -4.07
C PRO B 1053 1.33 50.37 -2.93
N GLN B 1054 0.47 49.38 -2.76
CA GLN B 1054 -0.46 49.37 -1.64
C GLN B 1054 -0.45 47.98 -1.04
N SER B 1055 -0.29 47.90 0.28
CA SER B 1055 -0.29 46.62 0.94
C SER B 1055 -1.67 45.98 0.86
N ALA B 1056 -1.69 44.66 0.97
CA ALA B 1056 -2.92 43.89 0.96
C ALA B 1056 -2.64 42.56 1.65
N PRO B 1057 -3.67 41.90 2.16
CA PRO B 1057 -3.43 40.63 2.87
C PRO B 1057 -2.85 39.56 1.96
N HIS B 1058 -1.58 39.21 2.20
CA HIS B 1058 -0.87 38.21 1.41
C HIS B 1058 -0.83 38.59 -0.07
N GLY B 1059 -0.43 39.83 -0.34
CA GLY B 1059 -0.35 40.29 -1.71
C GLY B 1059 0.03 41.74 -1.75
N VAL B 1060 -0.18 42.34 -2.93
CA VAL B 1060 0.14 43.75 -3.14
C VAL B 1060 -0.74 44.27 -4.27
N VAL B 1061 -1.09 45.55 -4.20
CA VAL B 1061 -1.95 46.21 -5.17
C VAL B 1061 -1.22 47.42 -5.71
N PHE B 1062 -1.09 47.49 -7.03
CA PHE B 1062 -0.44 48.61 -7.69
C PHE B 1062 -1.49 49.52 -8.31
N LEU B 1063 -1.36 50.82 -8.09
CA LEU B 1063 -2.25 51.81 -8.69
C LEU B 1063 -1.52 52.42 -9.88
N HIS B 1064 -1.56 51.72 -11.00
CA HIS B 1064 -0.78 52.09 -12.18
C HIS B 1064 -1.37 53.34 -12.80
N VAL B 1065 -0.75 54.49 -12.54
CA VAL B 1065 -1.16 55.74 -13.15
C VAL B 1065 -0.61 55.77 -14.57
N THR B 1066 -1.49 55.67 -15.56
CA THR B 1066 -1.11 55.60 -16.96
C THR B 1066 -1.65 56.80 -17.72
N TYR B 1067 -1.15 56.98 -18.93
CA TYR B 1067 -1.54 58.07 -19.83
C TYR B 1067 -2.26 57.44 -21.02
N VAL B 1068 -3.56 57.67 -21.11
CA VAL B 1068 -4.37 57.13 -22.19
C VAL B 1068 -4.83 58.29 -23.07
N PRO B 1069 -4.39 58.35 -24.34
CA PRO B 1069 -4.88 59.40 -25.22
C PRO B 1069 -6.37 59.24 -25.50
N ALA B 1070 -6.96 60.31 -26.03
CA ALA B 1070 -8.38 60.30 -26.36
C ALA B 1070 -8.67 61.51 -27.24
N GLN B 1071 -9.90 61.56 -27.75
CA GLN B 1071 -10.40 62.71 -28.50
C GLN B 1071 -9.51 63.01 -29.70
N GLU B 1072 -9.40 62.02 -30.58
CA GLU B 1072 -8.50 62.14 -31.72
C GLU B 1072 -9.15 62.91 -32.85
N LYS B 1073 -8.34 63.20 -33.87
CA LYS B 1073 -8.80 63.92 -35.05
C LYS B 1073 -7.97 63.45 -36.25
N ASN B 1074 -8.65 63.26 -37.37
CA ASN B 1074 -7.97 62.84 -38.59
C ASN B 1074 -7.27 64.02 -39.25
N PHE B 1075 -6.08 63.77 -39.79
CA PHE B 1075 -5.30 64.79 -40.46
C PHE B 1075 -4.71 64.23 -41.74
N THR B 1076 -4.18 65.13 -42.57
CA THR B 1076 -3.46 64.76 -43.78
C THR B 1076 -1.97 64.84 -43.51
N THR B 1077 -1.23 63.80 -43.87
CA THR B 1077 0.17 63.69 -43.51
C THR B 1077 0.99 63.28 -44.72
N ALA B 1078 2.28 63.61 -44.67
CA ALA B 1078 3.22 63.30 -45.74
C ALA B 1078 4.58 63.05 -45.08
N PRO B 1079 5.27 61.98 -45.45
CA PRO B 1079 6.50 61.61 -44.72
C PRO B 1079 7.61 62.63 -44.82
N ALA B 1080 7.66 63.42 -45.89
CA ALA B 1080 8.70 64.42 -46.06
C ALA B 1080 8.08 65.70 -46.59
N ILE B 1081 8.89 66.74 -46.71
CA ILE B 1081 8.42 68.05 -47.16
C ILE B 1081 9.48 68.67 -48.06
N CYS B 1082 9.14 68.87 -49.34
CA CYS B 1082 10.11 69.39 -50.28
C CYS B 1082 10.27 70.89 -50.12
N HIS B 1083 11.52 71.36 -50.23
CA HIS B 1083 11.83 72.77 -50.14
C HIS B 1083 13.23 73.01 -50.68
N ASP B 1084 13.37 73.99 -51.58
CA ASP B 1084 14.62 74.27 -52.30
C ASP B 1084 15.18 73.03 -52.99
N GLY B 1085 14.34 72.04 -53.29
CA GLY B 1085 14.79 70.84 -53.95
C GLY B 1085 15.26 69.75 -53.00
N LYS B 1086 15.55 70.10 -51.76
CA LYS B 1086 15.96 69.12 -50.76
C LYS B 1086 14.74 68.68 -49.96
N ALA B 1087 14.81 67.46 -49.44
CA ALA B 1087 13.74 66.95 -48.60
C ALA B 1087 13.87 67.49 -47.18
N HIS B 1088 12.78 67.36 -46.42
CA HIS B 1088 12.77 67.80 -45.02
C HIS B 1088 11.94 66.82 -44.22
N PHE B 1089 12.56 66.10 -43.35
CA PHE B 1089 11.97 65.14 -42.44
C PHE B 1089 11.81 65.76 -41.07
N PRO B 1090 10.73 65.44 -40.34
CA PRO B 1090 10.52 66.09 -39.04
C PRO B 1090 11.47 65.54 -37.99
N ARG B 1091 12.14 66.45 -37.27
CA ARG B 1091 13.10 66.04 -36.25
C ARG B 1091 12.43 65.18 -35.19
N GLU B 1092 11.28 65.62 -34.69
CA GLU B 1092 10.53 64.85 -33.69
C GLU B 1092 9.05 65.07 -33.94
N GLY B 1093 8.33 63.99 -34.25
CA GLY B 1093 6.91 64.05 -34.52
C GLY B 1093 6.62 63.84 -36.00
N VAL B 1094 5.34 63.95 -36.32
CA VAL B 1094 4.84 63.74 -37.68
C VAL B 1094 4.54 65.08 -38.32
N PHE B 1095 4.55 65.09 -39.66
CA PHE B 1095 4.05 66.23 -40.42
C PHE B 1095 2.54 66.10 -40.56
N VAL B 1096 1.83 67.21 -40.35
CA VAL B 1096 0.39 67.24 -40.51
C VAL B 1096 -0.02 68.53 -41.19
N SER B 1097 -1.25 68.53 -41.71
CA SER B 1097 -1.82 69.70 -42.37
C SER B 1097 -3.29 69.80 -42.01
N ASN B 1098 -3.73 71.01 -41.68
CA ASN B 1098 -5.13 71.26 -41.39
C ASN B 1098 -5.92 71.64 -42.63
N GLY B 1099 -5.47 71.23 -43.80
CA GLY B 1099 -6.16 71.49 -45.05
C GLY B 1099 -5.41 72.42 -45.97
N THR B 1100 -4.84 73.49 -45.42
CA THR B 1100 -4.08 74.46 -46.22
C THR B 1100 -2.65 74.63 -45.78
N HIS B 1101 -2.40 74.73 -44.47
CA HIS B 1101 -1.05 74.93 -43.95
C HIS B 1101 -0.52 73.63 -43.37
N TRP B 1102 0.78 73.42 -43.52
CA TRP B 1102 1.44 72.23 -42.98
C TRP B 1102 2.13 72.57 -41.67
N PHE B 1103 2.11 71.61 -40.75
CA PHE B 1103 2.61 71.81 -39.40
C PHE B 1103 3.40 70.59 -38.94
N VAL B 1104 4.31 70.80 -38.00
CA VAL B 1104 5.01 69.74 -37.31
C VAL B 1104 4.44 69.60 -35.92
N THR B 1105 3.88 68.45 -35.61
CA THR B 1105 3.32 68.18 -34.29
C THR B 1105 4.02 66.98 -33.68
N GLN B 1106 3.98 66.92 -32.35
CA GLN B 1106 4.47 65.74 -31.67
C GLN B 1106 3.50 64.58 -31.90
N ARG B 1107 3.95 63.38 -31.58
CA ARG B 1107 3.23 62.18 -32.01
C ARG B 1107 2.03 61.84 -31.14
N ASN B 1108 2.00 62.28 -29.88
CA ASN B 1108 1.00 61.78 -28.93
C ASN B 1108 0.10 62.88 -28.38
N PHE B 1109 0.19 64.10 -28.89
CA PHE B 1109 -0.67 65.18 -28.42
C PHE B 1109 -0.67 66.27 -29.49
N TYR B 1110 -1.83 66.53 -30.08
CA TYR B 1110 -1.89 67.49 -31.18
C TYR B 1110 -1.45 68.87 -30.74
N GLU B 1111 -0.29 69.30 -31.23
CA GLU B 1111 0.22 70.64 -30.98
C GLU B 1111 0.93 71.11 -32.24
N PRO B 1112 0.22 71.79 -33.14
CA PRO B 1112 0.82 72.19 -34.41
C PRO B 1112 1.85 73.28 -34.22
N GLN B 1113 2.96 73.15 -34.94
CA GLN B 1113 4.04 74.13 -34.89
C GLN B 1113 4.46 74.47 -36.32
N ILE B 1114 4.65 75.76 -36.59
CA ILE B 1114 5.04 76.18 -37.92
C ILE B 1114 6.41 75.62 -38.25
N ILE B 1115 6.59 75.19 -39.49
CA ILE B 1115 7.79 74.47 -39.89
C ILE B 1115 8.96 75.46 -39.98
N THR B 1116 10.01 75.19 -39.22
CA THR B 1116 11.22 76.00 -39.21
C THR B 1116 12.40 75.05 -39.42
N THR B 1117 13.58 75.61 -39.70
CA THR B 1117 14.75 74.79 -39.95
C THR B 1117 15.32 74.14 -38.69
N ASP B 1118 14.66 74.25 -37.54
CA ASP B 1118 15.16 73.69 -36.30
C ASP B 1118 14.40 72.47 -35.81
N ASN B 1119 13.21 72.20 -36.36
CA ASN B 1119 12.47 70.99 -36.03
C ASN B 1119 12.36 70.05 -37.24
N THR B 1120 13.11 70.31 -38.30
CA THR B 1120 13.20 69.43 -39.45
C THR B 1120 14.67 69.25 -39.82
N PHE B 1121 15.03 68.03 -40.24
CA PHE B 1121 16.37 67.74 -40.70
C PHE B 1121 16.32 67.29 -42.16
N VAL B 1122 17.25 67.82 -42.95
CA VAL B 1122 17.28 67.61 -44.40
C VAL B 1122 18.14 66.41 -44.74
N SER B 1123 17.72 65.64 -45.74
CA SER B 1123 18.51 64.51 -46.21
C SER B 1123 18.10 64.19 -47.65
N GLY B 1124 19.00 64.45 -48.60
CA GLY B 1124 18.75 64.12 -49.98
C GLY B 1124 17.91 65.15 -50.70
N ASN B 1125 17.40 64.75 -51.86
CA ASN B 1125 16.54 65.59 -52.67
C ASN B 1125 15.16 64.97 -52.81
N CYS B 1126 14.24 65.71 -53.42
CA CYS B 1126 12.83 65.36 -53.47
C CYS B 1126 12.49 64.35 -54.56
N ASP B 1127 13.47 63.67 -55.15
CA ASP B 1127 13.23 62.73 -56.23
C ASP B 1127 13.29 61.27 -55.77
N VAL B 1128 13.56 61.02 -54.50
CA VAL B 1128 13.72 59.67 -53.99
C VAL B 1128 12.58 59.27 -53.07
N VAL B 1129 12.09 60.19 -52.23
CA VAL B 1129 10.98 59.89 -51.35
C VAL B 1129 9.70 59.78 -52.16
N ILE B 1130 8.83 58.84 -51.76
CA ILE B 1130 7.53 58.67 -52.39
C ILE B 1130 6.47 59.11 -51.40
N GLY B 1131 5.94 60.31 -51.60
CA GLY B 1131 4.95 60.87 -50.70
C GLY B 1131 5.32 62.25 -50.21
N ILE B 1132 6.45 62.77 -50.69
CA ILE B 1132 6.91 64.08 -50.29
C ILE B 1132 6.07 65.15 -50.98
N VAL B 1133 5.77 66.22 -50.25
CA VAL B 1133 4.93 67.30 -50.75
C VAL B 1133 5.73 68.61 -50.71
N ASN B 1134 5.19 69.62 -51.39
CA ASN B 1134 5.81 70.93 -51.47
C ASN B 1134 5.29 71.84 -50.36
N ASN B 1135 6.19 72.57 -49.71
CA ASN B 1135 5.82 73.54 -48.70
C ASN B 1135 6.99 74.47 -48.47
N THR B 1136 6.83 75.39 -47.51
CA THR B 1136 7.84 76.38 -47.19
C THR B 1136 8.37 76.14 -45.78
N VAL B 1137 9.61 76.58 -45.55
CA VAL B 1137 10.27 76.45 -44.27
C VAL B 1137 10.85 77.81 -43.90
N TYR B 1138 10.31 78.43 -42.86
CA TYR B 1138 10.74 79.76 -42.47
C TYR B 1138 12.15 79.73 -41.89
N ASP B 1139 12.91 80.78 -42.18
CA ASP B 1139 14.28 80.91 -41.69
C ASP B 1139 14.38 82.03 -40.66
N PRO B 1140 15.12 81.82 -39.57
CA PRO B 1140 15.31 82.89 -38.58
C PRO B 1140 16.20 84.02 -39.06
N LEU B 1141 16.89 83.85 -40.19
CA LEU B 1141 17.80 84.89 -40.68
C LEU B 1141 17.07 85.97 -41.46
N GLN B 1142 15.92 85.64 -42.05
CA GLN B 1142 15.18 86.60 -42.88
C GLN B 1142 14.83 87.89 -42.15
N PRO B 1143 14.27 87.88 -40.93
CA PRO B 1143 13.94 89.16 -40.28
C PRO B 1143 15.16 89.99 -39.90
N GLU B 1144 16.36 89.42 -39.92
CA GLU B 1144 17.56 90.17 -39.59
C GLU B 1144 18.15 90.91 -40.79
N LEU B 1145 18.10 90.30 -41.97
CA LEU B 1145 18.60 90.96 -43.18
C LEU B 1145 17.66 92.06 -43.69
N ASP B 1146 16.44 92.14 -43.18
CA ASP B 1146 15.50 93.17 -43.59
C ASP B 1146 15.54 94.35 -42.63
N ALA C 27 25.10 -28.15 -44.92
CA ALA C 27 24.87 -26.86 -45.56
C ALA C 27 24.02 -25.97 -44.65
N TYR C 28 24.26 -24.66 -44.73
CA TYR C 28 23.54 -23.68 -43.94
C TYR C 28 22.99 -22.59 -44.85
N THR C 29 22.07 -21.80 -44.30
CA THR C 29 21.39 -20.76 -45.07
C THR C 29 20.97 -19.68 -44.07
N ASN C 30 20.70 -18.48 -44.60
CA ASN C 30 20.34 -17.33 -43.77
C ASN C 30 18.83 -17.22 -43.68
N SER C 31 18.31 -17.26 -42.45
CA SER C 31 16.88 -17.09 -42.19
C SER C 31 16.57 -15.60 -42.17
N PHE C 32 16.35 -15.05 -43.36
CA PHE C 32 16.23 -13.62 -43.57
C PHE C 32 15.26 -12.95 -42.60
N THR C 33 13.97 -13.25 -42.71
CA THR C 33 12.97 -12.68 -41.81
C THR C 33 11.88 -13.68 -41.45
N ARG C 34 12.12 -14.98 -41.59
CA ARG C 34 11.07 -15.96 -41.45
C ARG C 34 10.93 -16.40 -40.00
N GLY C 35 9.80 -17.06 -39.71
CA GLY C 35 9.53 -17.58 -38.39
C GLY C 35 8.63 -16.74 -37.52
N VAL C 36 7.84 -15.84 -38.11
CA VAL C 36 6.95 -14.96 -37.37
C VAL C 36 5.52 -15.45 -37.51
N TYR C 37 4.81 -15.56 -36.39
CA TYR C 37 3.46 -16.09 -36.35
C TYR C 37 2.59 -15.23 -35.47
N TYR C 38 1.28 -15.49 -35.50
CA TYR C 38 0.34 -14.82 -34.63
C TYR C 38 0.31 -15.55 -33.28
N PRO C 39 0.86 -14.94 -32.23
CA PRO C 39 1.09 -15.68 -30.97
C PRO C 39 -0.08 -15.72 -29.99
N ASP C 40 -1.19 -15.05 -30.27
CA ASP C 40 -2.25 -14.92 -29.28
C ASP C 40 -3.66 -15.16 -29.80
N LYS C 41 -3.88 -15.18 -31.12
CA LYS C 41 -5.21 -15.34 -31.71
C LYS C 41 -6.18 -14.25 -31.25
N VAL C 42 -5.64 -13.07 -30.95
CA VAL C 42 -6.44 -11.91 -30.55
C VAL C 42 -6.25 -10.83 -31.62
N PHE C 43 -7.37 -10.35 -32.15
CA PHE C 43 -7.31 -9.39 -33.25
C PHE C 43 -6.74 -8.06 -32.79
N ARG C 44 -5.81 -7.52 -33.57
CA ARG C 44 -5.21 -6.22 -33.30
C ARG C 44 -4.94 -5.54 -34.64
N SER C 45 -5.24 -4.25 -34.71
CA SER C 45 -5.11 -3.51 -35.97
C SER C 45 -4.41 -2.19 -35.72
N SER C 46 -3.42 -1.89 -36.57
CA SER C 46 -2.69 -0.63 -36.53
C SER C 46 -2.11 -0.38 -35.13
N VAL C 47 -1.43 -1.38 -34.60
CA VAL C 47 -0.85 -1.30 -33.26
C VAL C 47 0.41 -2.16 -33.24
N LEU C 48 1.49 -1.59 -32.69
CA LEU C 48 2.76 -2.31 -32.59
C LEU C 48 2.84 -2.95 -31.21
N HIS C 49 2.37 -4.20 -31.13
CA HIS C 49 2.38 -4.93 -29.87
C HIS C 49 3.72 -5.59 -29.66
N SER C 50 4.31 -5.38 -28.49
CA SER C 50 5.62 -5.93 -28.15
C SER C 50 5.38 -7.12 -27.21
N THR C 51 5.52 -8.33 -27.76
CA THR C 51 5.30 -9.56 -27.01
C THR C 51 6.60 -10.32 -26.84
N GLN C 52 6.65 -11.13 -25.79
CA GLN C 52 7.80 -11.99 -25.49
C GLN C 52 7.36 -13.44 -25.68
N ASP C 53 7.76 -14.03 -26.81
CA ASP C 53 7.41 -15.41 -27.10
C ASP C 53 8.57 -16.07 -27.82
N LEU C 54 8.44 -17.38 -28.03
CA LEU C 54 9.48 -18.16 -28.71
C LEU C 54 9.37 -17.92 -30.20
N PHE C 55 10.28 -17.11 -30.73
CA PHE C 55 10.35 -16.83 -32.16
C PHE C 55 11.67 -17.35 -32.71
N LEU C 56 11.76 -17.36 -34.04
CA LEU C 56 13.02 -17.68 -34.70
C LEU C 56 13.84 -16.40 -34.81
N PRO C 57 15.00 -16.34 -34.15
CA PRO C 57 15.82 -15.13 -34.22
C PRO C 57 16.19 -14.79 -35.66
N PHE C 58 16.07 -13.51 -36.00
CA PHE C 58 16.35 -13.08 -37.36
C PHE C 58 17.80 -13.36 -37.72
N PHE C 59 18.00 -13.74 -38.99
CA PHE C 59 19.34 -14.01 -39.53
C PHE C 59 20.06 -15.10 -38.72
N SER C 60 19.34 -16.18 -38.43
CA SER C 60 19.92 -17.33 -37.75
C SER C 60 20.32 -18.40 -38.76
N ASN C 61 21.29 -19.22 -38.35
CA ASN C 61 21.78 -20.30 -39.19
C ASN C 61 20.78 -21.45 -39.20
N VAL C 62 20.13 -21.67 -40.33
CA VAL C 62 19.21 -22.79 -40.51
C VAL C 62 19.97 -23.94 -41.16
N THR C 63 19.79 -25.14 -40.63
CA THR C 63 20.53 -26.31 -41.08
C THR C 63 19.82 -26.91 -42.28
N TRP C 64 20.32 -26.63 -43.48
CA TRP C 64 19.73 -27.15 -44.71
C TRP C 64 20.06 -28.64 -44.83
N PHE C 65 19.04 -29.47 -44.76
CA PHE C 65 19.20 -30.92 -44.83
C PHE C 65 18.80 -31.44 -46.20
N HIS C 66 19.33 -32.62 -46.55
CA HIS C 66 19.03 -33.26 -47.82
C HIS C 66 18.64 -34.71 -47.62
N ASN C 81 15.97 -39.26 -43.39
CA ASN C 81 16.71 -38.15 -42.79
C ASN C 81 16.99 -38.44 -41.32
N PRO C 82 18.16 -37.99 -40.84
CA PRO C 82 18.54 -38.27 -39.45
C PRO C 82 17.63 -37.53 -38.46
N VAL C 83 17.70 -37.97 -37.21
CA VAL C 83 16.90 -37.35 -36.16
C VAL C 83 17.49 -36.00 -35.79
N LEU C 84 16.62 -35.06 -35.44
CA LEU C 84 17.02 -33.70 -35.14
C LEU C 84 16.51 -33.28 -33.77
N PRO C 85 17.29 -32.53 -33.01
CA PRO C 85 16.84 -32.09 -31.69
C PRO C 85 15.65 -31.14 -31.76
N PHE C 86 14.76 -31.26 -30.77
CA PHE C 86 13.59 -30.42 -30.62
C PHE C 86 13.64 -29.64 -29.31
N ASN C 87 14.77 -28.98 -29.04
CA ASN C 87 15.06 -28.41 -27.73
C ASN C 87 13.92 -27.56 -27.17
N ASP C 88 13.57 -26.47 -27.86
CA ASP C 88 12.48 -25.61 -27.40
C ASP C 88 11.62 -25.14 -28.55
N GLY C 89 11.49 -25.97 -29.59
CA GLY C 89 10.75 -25.58 -30.77
C GLY C 89 11.59 -25.70 -32.02
N VAL C 90 10.95 -25.82 -33.18
CA VAL C 90 11.65 -26.05 -34.43
C VAL C 90 10.89 -25.39 -35.56
N TYR C 91 11.59 -24.62 -36.37
CA TYR C 91 11.07 -24.09 -37.63
C TYR C 91 11.30 -25.12 -38.74
N PHE C 92 10.43 -25.09 -39.74
CA PHE C 92 10.51 -26.07 -40.81
C PHE C 92 9.92 -25.48 -42.08
N ALA C 93 10.70 -25.49 -43.16
CA ALA C 93 10.24 -25.01 -44.45
C ALA C 93 10.89 -25.84 -45.55
N SER C 94 10.14 -26.08 -46.62
CA SER C 94 10.65 -26.87 -47.74
C SER C 94 9.84 -26.54 -48.98
N THR C 95 10.52 -26.31 -50.09
CA THR C 95 9.88 -26.00 -51.36
C THR C 95 9.93 -27.24 -52.25
N GLU C 96 8.76 -27.82 -52.52
CA GLU C 96 8.64 -29.00 -53.36
C GLU C 96 7.53 -28.76 -54.37
N LYS C 97 7.33 -29.75 -55.25
CA LYS C 97 6.26 -29.68 -56.23
C LYS C 97 5.49 -30.99 -56.38
N SER C 98 5.88 -32.07 -55.69
CA SER C 98 5.17 -33.34 -55.82
C SER C 98 4.95 -34.01 -54.48
N ASN C 99 5.09 -33.27 -53.38
CA ASN C 99 4.82 -33.78 -52.03
C ASN C 99 5.77 -34.93 -51.67
N ILE C 100 7.06 -34.74 -51.98
CA ILE C 100 8.05 -35.71 -51.53
C ILE C 100 8.19 -35.66 -50.02
N ILE C 101 7.99 -34.48 -49.42
CA ILE C 101 7.88 -34.35 -47.98
C ILE C 101 6.52 -34.90 -47.55
N ARG C 102 6.51 -35.75 -46.52
CA ARG C 102 5.32 -36.54 -46.24
C ARG C 102 4.89 -36.54 -44.78
N GLY C 103 5.51 -35.75 -43.91
CA GLY C 103 5.06 -35.69 -42.54
C GLY C 103 6.23 -35.50 -41.60
N TRP C 104 6.01 -35.90 -40.35
CA TRP C 104 6.97 -35.66 -39.28
C TRP C 104 6.88 -36.77 -38.25
N ILE C 105 7.84 -36.76 -37.33
CA ILE C 105 7.84 -37.61 -36.15
C ILE C 105 8.38 -36.80 -34.99
N PHE C 106 7.73 -36.89 -33.83
CA PHE C 106 8.16 -36.17 -32.64
C PHE C 106 8.16 -37.13 -31.46
N GLY C 107 9.12 -36.97 -30.57
CA GLY C 107 9.18 -37.81 -29.38
C GLY C 107 10.41 -37.53 -28.57
N THR C 108 10.70 -38.45 -27.64
CA THR C 108 11.86 -38.35 -26.76
C THR C 108 12.88 -39.44 -27.05
N THR C 109 12.47 -40.70 -27.02
CA THR C 109 13.36 -41.82 -27.29
C THR C 109 12.90 -42.69 -28.45
N LEU C 110 11.59 -42.72 -28.75
CA LEU C 110 11.04 -43.44 -29.90
C LEU C 110 11.32 -44.94 -29.83
N ASP C 111 11.32 -45.51 -28.62
CA ASP C 111 11.57 -46.93 -28.42
C ASP C 111 10.42 -47.60 -27.67
N SER C 112 9.20 -47.13 -27.91
CA SER C 112 7.95 -47.70 -27.40
C SER C 112 7.82 -47.59 -25.89
N LYS C 113 8.80 -47.05 -25.17
CA LYS C 113 8.68 -46.90 -23.73
C LYS C 113 7.90 -45.66 -23.34
N THR C 114 7.77 -44.69 -24.24
CA THR C 114 7.04 -43.46 -23.97
C THR C 114 6.20 -43.10 -25.18
N GLN C 115 5.34 -42.10 -25.02
CA GLN C 115 4.50 -41.62 -26.10
C GLN C 115 5.32 -40.74 -27.05
N SER C 116 4.83 -40.63 -28.28
CA SER C 116 5.54 -39.87 -29.31
C SER C 116 4.57 -39.44 -30.39
N LEU C 117 4.57 -38.15 -30.71
CA LEU C 117 3.72 -37.63 -31.76
C LEU C 117 4.19 -38.15 -33.13
N LEU C 118 3.25 -38.17 -34.08
CA LEU C 118 3.56 -38.68 -35.42
C LEU C 118 2.52 -38.13 -36.39
N ILE C 119 2.98 -37.41 -37.41
CA ILE C 119 2.11 -36.82 -38.42
C ILE C 119 2.46 -37.41 -39.77
N VAL C 120 1.47 -37.98 -40.45
CA VAL C 120 1.62 -38.49 -41.81
C VAL C 120 0.47 -37.96 -42.64
N ASN C 121 0.78 -37.23 -43.70
CA ASN C 121 -0.23 -36.69 -44.60
C ASN C 121 -0.75 -37.80 -45.49
N ASN C 122 -1.82 -38.47 -45.06
CA ASN C 122 -2.48 -39.44 -45.92
C ASN C 122 -3.12 -38.73 -47.10
N ALA C 123 -3.48 -39.52 -48.12
CA ALA C 123 -3.88 -38.99 -49.43
C ALA C 123 -4.77 -37.75 -49.36
N THR C 124 -5.80 -37.80 -48.51
CA THR C 124 -6.74 -36.70 -48.40
C THR C 124 -6.87 -36.12 -47.00
N ASN C 125 -6.56 -36.90 -45.96
CA ASN C 125 -6.73 -36.47 -44.58
C ASN C 125 -5.41 -36.59 -43.82
N VAL C 126 -5.11 -35.59 -43.00
CA VAL C 126 -3.94 -35.69 -42.13
C VAL C 126 -4.23 -36.69 -41.01
N VAL C 127 -3.15 -37.17 -40.39
CA VAL C 127 -3.23 -38.13 -39.31
C VAL C 127 -2.26 -37.71 -38.22
N ILE C 128 -2.78 -37.47 -37.01
CA ILE C 128 -1.97 -37.08 -35.87
C ILE C 128 -2.24 -38.07 -34.75
N LYS C 129 -1.25 -38.88 -34.41
CA LYS C 129 -1.39 -39.90 -33.39
C LYS C 129 -0.24 -39.78 -32.40
N VAL C 130 -0.53 -40.09 -31.14
CA VAL C 130 0.47 -40.02 -30.06
C VAL C 130 0.50 -41.41 -29.43
N CYS C 131 1.27 -42.32 -30.02
CA CYS C 131 1.30 -43.70 -29.56
C CYS C 131 2.74 -44.11 -29.29
N GLU C 132 2.89 -45.12 -28.42
CA GLU C 132 4.22 -45.66 -28.15
C GLU C 132 4.71 -46.45 -29.36
N PHE C 133 4.98 -45.73 -30.45
CA PHE C 133 5.43 -46.37 -31.67
C PHE C 133 6.81 -46.98 -31.50
N GLN C 134 7.12 -47.94 -32.36
CA GLN C 134 8.48 -48.45 -32.51
C GLN C 134 8.95 -48.06 -33.89
N PHE C 135 9.73 -47.00 -33.97
CA PHE C 135 10.23 -46.49 -35.24
C PHE C 135 11.42 -47.30 -35.70
N CYS C 136 11.49 -47.59 -36.99
CA CYS C 136 12.59 -48.33 -37.55
C CYS C 136 13.86 -47.49 -37.52
N ASN C 137 14.97 -48.10 -37.96
CA ASN C 137 16.22 -47.35 -38.05
C ASN C 137 16.12 -46.25 -39.08
N ASP C 138 15.39 -46.49 -40.16
CA ASP C 138 15.13 -45.49 -41.20
C ASP C 138 13.66 -45.55 -41.60
N PRO C 139 12.77 -45.00 -40.77
CA PRO C 139 11.34 -45.07 -41.08
C PRO C 139 10.97 -44.17 -42.26
N PHE C 140 10.10 -44.67 -43.12
CA PHE C 140 9.64 -43.93 -44.29
C PHE C 140 8.16 -44.19 -44.50
N LEU C 141 7.52 -43.32 -45.26
CA LEU C 141 6.10 -43.44 -45.55
C LEU C 141 5.79 -43.01 -46.98
N SER C 155 6.75 -45.55 -51.04
CA SER C 155 5.44 -45.09 -50.60
C SER C 155 4.85 -46.02 -49.54
N GLU C 156 5.64 -47.01 -49.14
CA GLU C 156 5.20 -48.00 -48.16
C GLU C 156 5.58 -47.54 -46.76
N PHE C 157 4.62 -47.57 -45.84
CA PHE C 157 4.85 -47.21 -44.45
C PHE C 157 5.31 -48.42 -43.66
N ARG C 158 6.25 -48.19 -42.74
CA ARG C 158 6.90 -49.29 -42.04
C ARG C 158 6.91 -49.08 -40.53
N VAL C 159 6.83 -47.82 -40.09
CA VAL C 159 6.96 -47.54 -38.67
C VAL C 159 5.62 -47.62 -37.95
N TYR C 160 4.52 -47.38 -38.64
CA TYR C 160 3.19 -47.34 -38.02
C TYR C 160 2.64 -48.75 -37.81
N SER C 161 3.36 -49.53 -37.00
CA SER C 161 2.96 -50.88 -36.64
C SER C 161 3.19 -51.10 -35.15
N SER C 162 2.32 -51.91 -34.55
CA SER C 162 2.39 -52.28 -33.13
C SER C 162 2.41 -51.03 -32.23
N ALA C 163 1.29 -50.31 -32.26
CA ALA C 163 1.05 -49.18 -31.39
C ALA C 163 0.06 -49.59 -30.31
N ASN C 164 0.44 -49.41 -29.04
CA ASN C 164 -0.31 -49.95 -27.92
C ASN C 164 -0.72 -48.84 -26.95
N ASN C 165 -2.01 -48.83 -26.59
CA ASN C 165 -2.52 -48.05 -25.46
C ASN C 165 -2.09 -46.58 -25.54
N CYS C 166 -2.51 -45.93 -26.61
CA CYS C 166 -2.24 -44.51 -26.80
C CYS C 166 -3.50 -43.67 -26.64
N THR C 167 -3.29 -42.38 -26.34
CA THR C 167 -4.31 -41.53 -25.74
C THR C 167 -4.70 -40.36 -26.63
N PHE C 168 -4.44 -40.43 -27.94
CA PHE C 168 -4.81 -39.31 -28.80
C PHE C 168 -4.90 -39.79 -30.24
N GLU C 169 -5.95 -39.33 -30.93
CA GLU C 169 -6.10 -39.47 -32.36
C GLU C 169 -6.62 -38.15 -32.91
N TYR C 170 -6.39 -37.92 -34.21
CA TYR C 170 -6.79 -36.66 -34.80
C TYR C 170 -6.84 -36.79 -36.31
N VAL C 171 -7.88 -36.22 -36.91
CA VAL C 171 -8.04 -36.15 -38.36
C VAL C 171 -8.58 -34.76 -38.70
N SER C 172 -8.09 -34.18 -39.80
CA SER C 172 -8.53 -32.87 -40.23
C SER C 172 -8.28 -32.73 -41.73
N GLN C 173 -8.42 -31.50 -42.23
CA GLN C 173 -8.16 -31.21 -43.62
C GLN C 173 -6.68 -31.43 -43.94
N PRO C 174 -6.35 -31.70 -45.21
CA PRO C 174 -4.96 -32.00 -45.55
C PRO C 174 -4.08 -30.77 -45.50
N PHE C 175 -2.85 -30.96 -45.06
CA PHE C 175 -1.84 -29.91 -45.08
C PHE C 175 -1.10 -29.93 -46.42
N LEU C 176 -0.23 -28.94 -46.61
CA LEU C 176 0.57 -28.81 -47.81
C LEU C 176 -0.29 -28.76 -49.06
N LYS C 187 8.46 -24.40 -56.49
CA LYS C 187 7.97 -23.02 -56.55
C LYS C 187 6.92 -22.77 -55.48
N ASN C 188 6.75 -23.73 -54.58
CA ASN C 188 5.77 -23.65 -53.49
C ASN C 188 6.51 -23.82 -52.17
N LEU C 189 6.74 -22.71 -51.47
CA LEU C 189 7.43 -22.74 -50.18
C LEU C 189 6.41 -22.91 -49.07
N ARG C 190 6.56 -24.00 -48.30
CA ARG C 190 5.63 -24.34 -47.23
C ARG C 190 6.37 -24.28 -45.91
N GLU C 191 6.02 -23.32 -45.05
CA GLU C 191 6.67 -23.13 -43.78
C GLU C 191 5.82 -23.72 -42.66
N PHE C 192 6.50 -24.17 -41.60
CA PHE C 192 5.83 -24.74 -40.45
C PHE C 192 6.61 -24.39 -39.19
N VAL C 193 5.89 -24.09 -38.11
CA VAL C 193 6.48 -23.80 -36.82
C VAL C 193 5.88 -24.76 -35.80
N PHE C 194 6.74 -25.48 -35.09
CA PHE C 194 6.32 -26.50 -34.14
C PHE C 194 6.78 -26.09 -32.75
N LYS C 195 5.82 -25.82 -31.86
CA LYS C 195 6.11 -25.40 -30.51
C LYS C 195 5.31 -26.24 -29.52
N ASN C 196 5.95 -26.59 -28.40
CA ASN C 196 5.35 -27.37 -27.34
C ASN C 196 5.25 -26.49 -26.11
N ILE C 197 4.06 -25.93 -25.86
CA ILE C 197 3.83 -24.98 -24.78
C ILE C 197 2.87 -25.61 -23.79
N ASP C 198 3.39 -25.98 -22.61
CA ASP C 198 2.59 -26.53 -21.53
C ASP C 198 1.76 -27.72 -21.99
N GLY C 199 2.43 -28.68 -22.61
CA GLY C 199 1.77 -29.87 -23.13
C GLY C 199 0.88 -29.66 -24.32
N TYR C 200 0.62 -28.42 -24.72
CA TYR C 200 -0.20 -28.13 -25.88
C TYR C 200 0.70 -28.02 -27.11
N PHE C 201 0.53 -28.93 -28.06
CA PHE C 201 1.32 -28.90 -29.29
C PHE C 201 0.70 -27.87 -30.24
N LYS C 202 1.46 -26.83 -30.55
CA LYS C 202 1.01 -25.75 -31.42
C LYS C 202 1.69 -25.86 -32.77
N ILE C 203 0.90 -25.86 -33.84
CA ILE C 203 1.41 -25.94 -35.20
C ILE C 203 0.96 -24.69 -35.95
N TYR C 204 1.93 -23.97 -36.51
CA TYR C 204 1.67 -22.82 -37.36
C TYR C 204 2.17 -23.12 -38.76
N SER C 205 1.59 -22.47 -39.76
CA SER C 205 1.94 -22.78 -41.13
C SER C 205 1.60 -21.61 -42.04
N LYS C 206 2.33 -21.53 -43.14
CA LYS C 206 2.05 -20.55 -44.20
C LYS C 206 2.67 -21.07 -45.49
N HIS C 207 1.83 -21.46 -46.45
CA HIS C 207 2.28 -21.93 -47.75
C HIS C 207 2.28 -20.78 -48.72
N THR C 208 3.46 -20.40 -49.22
CA THR C 208 3.60 -19.27 -50.11
C THR C 208 4.35 -19.69 -51.38
N PRO C 209 3.96 -19.14 -52.54
CA PRO C 209 4.64 -19.45 -53.80
C PRO C 209 6.02 -18.81 -53.88
N PRO C 217 14.69 -17.68 -49.71
CA PRO C 217 13.46 -17.42 -48.93
C PRO C 217 13.36 -15.99 -48.44
N GLN C 218 13.97 -15.05 -49.15
CA GLN C 218 13.90 -13.66 -48.74
C GLN C 218 12.48 -13.13 -48.85
N GLY C 219 12.15 -12.20 -47.97
CA GLY C 219 10.80 -11.69 -47.85
C GLY C 219 10.23 -11.97 -46.46
N PHE C 220 8.97 -11.58 -46.29
CA PHE C 220 8.30 -11.75 -45.01
C PHE C 220 6.89 -12.27 -45.23
N SER C 221 6.43 -13.10 -44.29
CA SER C 221 5.09 -13.66 -44.35
C SER C 221 4.71 -14.13 -42.96
N ALA C 222 3.57 -13.65 -42.46
CA ALA C 222 3.08 -14.05 -41.15
C ALA C 222 2.45 -15.44 -41.22
N LEU C 223 2.68 -16.24 -40.18
CA LEU C 223 2.22 -17.62 -40.14
C LEU C 223 0.98 -17.72 -39.26
N GLU C 224 -0.15 -18.06 -39.87
CA GLU C 224 -1.37 -18.22 -39.12
C GLU C 224 -1.41 -19.58 -38.42
N PRO C 225 -2.03 -19.66 -37.25
CA PRO C 225 -2.06 -20.94 -36.52
C PRO C 225 -3.01 -21.94 -37.17
N LEU C 226 -2.63 -23.21 -37.12
CA LEU C 226 -3.42 -24.29 -37.70
C LEU C 226 -4.18 -25.08 -36.65
N VAL C 227 -3.46 -25.66 -35.68
CA VAL C 227 -4.05 -26.50 -34.65
C VAL C 227 -3.39 -26.20 -33.32
N ASP C 228 -4.05 -26.64 -32.25
CA ASP C 228 -3.52 -26.57 -30.89
C ASP C 228 -3.79 -27.92 -30.24
N LEU C 229 -2.80 -28.80 -30.27
CA LEU C 229 -3.01 -30.20 -29.91
C LEU C 229 -2.73 -30.41 -28.43
N PRO C 230 -3.73 -30.79 -27.63
CA PRO C 230 -3.49 -31.12 -26.21
C PRO C 230 -2.92 -32.52 -26.03
N ILE C 231 -1.62 -32.64 -26.24
CA ILE C 231 -0.91 -33.92 -26.20
C ILE C 231 -0.29 -34.18 -24.83
N GLY C 232 0.35 -33.17 -24.24
CA GLY C 232 0.94 -33.32 -22.92
C GLY C 232 2.05 -34.34 -22.83
N ILE C 233 2.91 -34.42 -23.84
CA ILE C 233 4.03 -35.36 -23.85
C ILE C 233 5.33 -34.58 -23.93
N ASN C 234 6.41 -35.27 -23.56
CA ASN C 234 7.76 -34.69 -23.61
C ASN C 234 8.38 -35.00 -24.97
N ILE C 235 8.75 -33.96 -25.70
CA ILE C 235 9.40 -34.10 -27.01
C ILE C 235 10.77 -33.43 -26.93
N THR C 236 11.81 -34.23 -27.17
CA THR C 236 13.18 -33.73 -27.18
C THR C 236 13.84 -33.79 -28.54
N ARG C 237 13.51 -34.77 -29.37
CA ARG C 237 14.03 -34.88 -30.72
C ARG C 237 12.86 -35.01 -31.70
N PHE C 238 13.17 -34.87 -32.98
CA PHE C 238 12.16 -35.04 -34.01
C PHE C 238 12.83 -35.47 -35.31
N GLN C 239 12.02 -35.93 -36.25
CA GLN C 239 12.51 -36.45 -37.52
C GLN C 239 11.41 -36.35 -38.56
N THR C 240 11.77 -35.90 -39.75
CA THR C 240 10.79 -35.79 -40.83
C THR C 240 10.61 -37.13 -41.54
N LEU C 241 9.41 -37.33 -42.07
CA LEU C 241 9.04 -38.57 -42.74
C LEU C 241 9.06 -38.35 -44.25
N LEU C 242 10.01 -38.98 -44.93
CA LEU C 242 10.12 -38.87 -46.37
C LEU C 242 9.49 -40.08 -47.05
N ALA C 263 12.93 -33.65 -50.79
CA ALA C 263 14.17 -34.22 -50.27
C ALA C 263 15.14 -33.13 -49.84
N ALA C 264 14.63 -31.90 -49.72
CA ALA C 264 15.44 -30.76 -49.32
C ALA C 264 14.59 -29.86 -48.44
N TYR C 265 14.91 -29.80 -47.16
CA TYR C 265 14.15 -29.01 -46.20
C TYR C 265 15.11 -28.28 -45.26
N TYR C 266 14.63 -27.19 -44.69
CA TYR C 266 15.40 -26.39 -43.75
C TYR C 266 14.82 -26.54 -42.34
N VAL C 267 15.68 -26.39 -41.34
CA VAL C 267 15.29 -26.55 -39.95
C VAL C 267 15.94 -25.43 -39.13
N GLY C 268 15.13 -24.53 -38.60
CA GLY C 268 15.59 -23.48 -37.70
C GLY C 268 15.04 -23.71 -36.30
N TYR C 269 15.74 -23.19 -35.30
CA TYR C 269 15.39 -23.40 -33.91
C TYR C 269 14.86 -22.10 -33.31
N LEU C 270 13.68 -22.17 -32.71
CA LEU C 270 13.11 -21.02 -32.03
C LEU C 270 13.92 -20.68 -30.78
N GLN C 271 13.74 -19.46 -30.29
CA GLN C 271 14.41 -19.01 -29.08
C GLN C 271 13.50 -18.02 -28.37
N PRO C 272 13.58 -17.93 -27.03
CA PRO C 272 12.74 -16.97 -26.31
C PRO C 272 13.22 -15.53 -26.46
N ARG C 273 12.87 -14.90 -27.57
CA ARG C 273 13.31 -13.54 -27.88
C ARG C 273 12.11 -12.69 -28.25
N THR C 274 11.94 -11.58 -27.55
CA THR C 274 10.78 -10.72 -27.75
C THR C 274 10.86 -10.00 -29.10
N PHE C 275 9.69 -9.69 -29.65
CA PHE C 275 9.57 -9.05 -30.95
C PHE C 275 8.69 -7.82 -30.84
N LEU C 276 8.68 -7.01 -31.90
CA LEU C 276 7.79 -5.86 -32.04
C LEU C 276 6.98 -6.09 -33.30
N LEU C 277 5.82 -6.71 -33.15
CA LEU C 277 5.00 -7.11 -34.29
C LEU C 277 4.16 -5.93 -34.77
N LYS C 278 4.22 -5.66 -36.06
CA LYS C 278 3.46 -4.57 -36.69
C LYS C 278 2.23 -5.16 -37.34
N TYR C 279 1.08 -4.98 -36.71
CA TYR C 279 -0.18 -5.43 -37.27
C TYR C 279 -0.69 -4.42 -38.28
N ASN C 280 -1.07 -4.90 -39.47
CA ASN C 280 -1.55 -4.03 -40.52
C ASN C 280 -2.93 -3.48 -40.16
N GLU C 281 -3.40 -2.54 -40.99
CA GLU C 281 -4.74 -2.00 -40.81
C GLU C 281 -5.82 -3.06 -40.99
N ASN C 282 -5.49 -4.19 -41.60
CA ASN C 282 -6.41 -5.30 -41.77
C ASN C 282 -6.24 -6.37 -40.70
N GLY C 283 -5.33 -6.16 -39.75
CA GLY C 283 -5.13 -7.09 -38.66
C GLY C 283 -4.10 -8.17 -38.90
N THR C 284 -3.30 -8.07 -39.96
CA THR C 284 -2.29 -9.06 -40.28
C THR C 284 -0.90 -8.52 -39.96
N ILE C 285 -0.02 -9.41 -39.49
CA ILE C 285 1.34 -9.01 -39.15
C ILE C 285 2.11 -8.74 -40.44
N THR C 286 2.54 -7.49 -40.62
CA THR C 286 3.26 -7.07 -41.81
C THR C 286 4.77 -7.04 -41.62
N ASP C 287 5.23 -6.56 -40.47
CA ASP C 287 6.66 -6.44 -40.19
C ASP C 287 6.93 -6.94 -38.78
N ALA C 288 8.21 -6.97 -38.42
CA ALA C 288 8.62 -7.41 -37.09
C ALA C 288 10.07 -6.99 -36.87
N VAL C 289 10.40 -6.68 -35.61
CA VAL C 289 11.73 -6.25 -35.22
C VAL C 289 12.27 -7.25 -34.20
N ASP C 290 13.31 -7.97 -34.58
CA ASP C 290 14.01 -8.86 -33.65
C ASP C 290 14.72 -8.00 -32.62
N CYS C 291 14.18 -7.95 -31.40
CA CYS C 291 14.56 -6.91 -30.45
C CYS C 291 16.02 -7.05 -30.04
N ALA C 292 16.50 -8.27 -29.85
CA ALA C 292 17.86 -8.53 -29.38
C ALA C 292 18.81 -8.88 -30.52
N LEU C 293 18.53 -8.41 -31.73
CA LEU C 293 19.38 -8.75 -32.87
C LEU C 293 20.60 -7.85 -32.96
N ASP C 294 20.40 -6.54 -32.80
CA ASP C 294 21.48 -5.57 -32.95
C ASP C 294 21.11 -4.33 -32.15
N PRO C 295 22.09 -3.46 -31.85
CA PRO C 295 21.77 -2.26 -31.06
C PRO C 295 20.68 -1.41 -31.67
N LEU C 296 20.63 -1.29 -33.00
CA LEU C 296 19.59 -0.49 -33.64
C LEU C 296 18.21 -1.05 -33.37
N SER C 297 18.07 -2.37 -33.41
CA SER C 297 16.76 -2.98 -33.22
C SER C 297 16.28 -2.86 -31.78
N GLU C 298 17.20 -2.86 -30.82
CA GLU C 298 16.80 -2.66 -29.43
C GLU C 298 16.25 -1.25 -29.20
N THR C 299 16.74 -0.29 -29.97
CA THR C 299 16.16 1.06 -29.93
C THR C 299 14.73 1.04 -30.43
N LYS C 300 14.45 0.23 -31.45
CA LYS C 300 13.10 0.16 -32.00
C LYS C 300 12.10 -0.42 -31.01
N CYS C 301 12.56 -1.16 -29.99
CA CYS C 301 11.64 -1.62 -28.96
C CYS C 301 11.43 -0.56 -27.88
N THR C 302 12.48 0.20 -27.56
CA THR C 302 12.35 1.25 -26.57
C THR C 302 11.38 2.33 -27.03
N LEU C 303 11.60 2.87 -28.23
CA LEU C 303 10.70 3.88 -28.78
C LEU C 303 9.42 3.29 -29.33
N LYS C 304 9.32 1.97 -29.46
CA LYS C 304 8.16 1.29 -30.02
C LYS C 304 7.78 1.88 -31.37
N SER C 305 8.75 1.87 -32.28
CA SER C 305 8.54 2.35 -33.64
C SER C 305 9.53 1.65 -34.56
N PHE C 306 9.19 1.66 -35.85
CA PHE C 306 10.04 1.06 -36.86
C PHE C 306 11.01 2.06 -37.49
N THR C 307 10.82 3.35 -37.25
CA THR C 307 11.74 4.38 -37.70
C THR C 307 12.09 5.26 -36.51
N VAL C 308 13.39 5.37 -36.22
CA VAL C 308 13.88 6.19 -35.12
C VAL C 308 14.57 7.42 -35.70
N GLU C 309 14.38 8.55 -35.04
CA GLU C 309 14.96 9.80 -35.50
C GLU C 309 16.37 9.98 -34.94
N LYS C 310 17.12 10.87 -35.58
CA LYS C 310 18.49 11.13 -35.17
C LYS C 310 18.56 11.54 -33.70
N GLY C 311 19.38 10.83 -32.93
CA GLY C 311 19.51 11.15 -31.53
C GLY C 311 20.33 10.08 -30.83
N ILE C 312 20.30 10.14 -29.50
CA ILE C 312 21.02 9.19 -28.64
C ILE C 312 20.01 8.69 -27.62
N TYR C 313 19.57 7.45 -27.79
CA TYR C 313 18.53 6.86 -26.94
C TYR C 313 19.14 5.82 -26.01
N GLN C 314 18.73 5.86 -24.75
CA GLN C 314 19.17 4.89 -23.76
C GLN C 314 18.26 3.67 -23.82
N THR C 315 18.78 2.58 -24.37
CA THR C 315 17.97 1.38 -24.57
C THR C 315 17.97 0.47 -23.34
N SER C 316 19.15 0.15 -22.81
CA SER C 316 19.25 -0.77 -21.69
C SER C 316 20.42 -0.32 -20.84
N ASN C 317 20.87 -1.20 -19.93
CA ASN C 317 21.96 -0.90 -19.01
C ASN C 317 22.97 -2.03 -19.04
N PHE C 318 24.23 -1.68 -19.28
CA PHE C 318 25.31 -2.65 -19.24
C PHE C 318 25.60 -3.04 -17.80
N ARG C 319 25.96 -4.30 -17.59
CA ARG C 319 26.22 -4.80 -16.24
C ARG C 319 27.13 -6.01 -16.34
N VAL C 320 28.34 -5.90 -15.78
CA VAL C 320 29.27 -7.02 -15.80
C VAL C 320 28.69 -8.15 -14.97
N GLN C 321 28.65 -9.34 -15.55
CA GLN C 321 28.06 -10.43 -14.81
C GLN C 321 29.11 -11.13 -13.94
N PRO C 322 28.70 -11.71 -12.82
CA PRO C 322 29.66 -12.39 -11.95
C PRO C 322 30.22 -13.65 -12.60
N THR C 323 31.49 -13.93 -12.33
CA THR C 323 32.19 -15.06 -12.93
C THR C 323 32.23 -16.29 -12.04
N GLU C 324 32.45 -16.13 -10.73
CA GLU C 324 32.55 -17.24 -9.81
C GLU C 324 31.75 -16.93 -8.56
N SER C 325 31.28 -17.98 -7.89
CA SER C 325 30.57 -17.87 -6.62
C SER C 325 31.44 -18.45 -5.52
N ILE C 326 31.96 -17.60 -4.65
CA ILE C 326 32.86 -18.00 -3.57
C ILE C 326 32.08 -18.00 -2.26
N VAL C 327 32.30 -19.03 -1.46
CA VAL C 327 31.70 -19.15 -0.13
C VAL C 327 32.82 -19.14 0.89
N ARG C 328 32.70 -18.29 1.90
CA ARG C 328 33.71 -18.15 2.94
C ARG C 328 33.04 -18.27 4.31
N PHE C 329 32.87 -19.50 4.77
CA PHE C 329 32.32 -19.81 6.07
C PHE C 329 33.43 -20.13 7.06
N PRO C 330 33.16 -20.04 8.36
CA PRO C 330 34.16 -20.51 9.32
C PRO C 330 34.38 -22.00 9.20
N ASN C 331 35.63 -22.41 9.40
CA ASN C 331 36.01 -23.81 9.22
C ASN C 331 36.01 -24.60 10.52
N ILE C 332 35.32 -24.10 11.55
CA ILE C 332 35.13 -24.90 12.76
C ILE C 332 34.24 -26.08 12.41
N THR C 333 34.79 -27.29 12.52
CA THR C 333 34.13 -28.50 12.07
C THR C 333 33.32 -29.19 13.16
N ASN C 334 33.08 -28.52 14.28
CA ASN C 334 32.26 -29.11 15.33
C ASN C 334 30.81 -29.23 14.88
N LEU C 335 30.22 -30.40 15.09
CA LEU C 335 28.81 -30.61 14.81
C LEU C 335 28.00 -30.17 16.03
N CYS C 336 27.03 -29.29 15.81
CA CYS C 336 26.25 -28.75 16.92
C CYS C 336 25.50 -29.87 17.64
N PRO C 337 25.32 -29.75 18.96
CA PRO C 337 24.70 -30.81 19.76
C PRO C 337 23.19 -30.92 19.59
N PHE C 338 22.74 -30.99 18.34
CA PHE C 338 21.33 -31.20 18.09
C PHE C 338 20.88 -32.61 18.47
N GLY C 339 21.82 -33.52 18.71
CA GLY C 339 21.48 -34.79 19.33
C GLY C 339 21.33 -34.69 20.84
N GLU C 340 21.89 -33.65 21.46
CA GLU C 340 21.79 -33.47 22.89
C GLU C 340 20.56 -32.67 23.31
N VAL C 341 19.90 -31.99 22.39
CA VAL C 341 18.66 -31.28 22.70
C VAL C 341 17.43 -31.98 22.15
N PHE C 342 17.56 -32.84 21.15
CA PHE C 342 16.46 -33.65 20.66
C PHE C 342 16.46 -35.06 21.23
N ASN C 343 17.63 -35.69 21.21
CA ASN C 343 17.87 -37.10 21.60
C ASN C 343 18.07 -37.26 23.11
N ALA C 344 17.65 -36.29 23.92
CA ALA C 344 17.93 -36.35 25.35
C ALA C 344 16.95 -37.29 26.04
N THR C 345 17.36 -37.79 27.20
CA THR C 345 16.54 -38.76 27.92
C THR C 345 15.47 -38.07 28.77
N ARG C 346 15.83 -36.98 29.44
CA ARG C 346 14.94 -36.29 30.35
C ARG C 346 14.65 -34.89 29.82
N PHE C 347 13.38 -34.65 29.47
CA PHE C 347 12.94 -33.34 29.03
C PHE C 347 12.36 -32.57 30.21
N ALA C 348 12.67 -31.28 30.27
CA ALA C 348 12.26 -30.45 31.40
C ALA C 348 10.80 -30.09 31.30
N SER C 349 10.14 -29.97 32.45
CA SER C 349 8.74 -29.55 32.49
C SER C 349 8.61 -28.13 31.95
N VAL C 350 7.41 -27.82 31.46
CA VAL C 350 7.21 -26.56 30.75
C VAL C 350 7.41 -25.36 31.66
N TYR C 351 7.16 -25.52 32.96
CA TYR C 351 7.36 -24.40 33.88
C TYR C 351 8.83 -24.12 34.14
N ALA C 352 9.72 -25.06 33.82
CA ALA C 352 11.16 -24.92 34.01
C ALA C 352 11.90 -25.38 32.77
N TRP C 353 11.47 -24.88 31.60
CA TRP C 353 12.02 -25.34 30.33
C TRP C 353 13.52 -25.10 30.26
N ASN C 354 14.23 -26.08 29.73
CA ASN C 354 15.67 -25.98 29.58
C ASN C 354 16.04 -25.12 28.38
N ARG C 355 17.28 -24.66 28.37
CA ARG C 355 17.79 -23.86 27.25
C ARG C 355 19.31 -23.90 27.29
N LYS C 356 19.92 -24.44 26.24
CA LYS C 356 21.37 -24.39 26.08
C LYS C 356 21.68 -23.61 24.80
N ARG C 357 22.43 -22.52 24.97
CA ARG C 357 22.80 -21.68 23.82
C ARG C 357 23.83 -22.41 22.98
N ILE C 358 23.51 -22.59 21.69
CA ILE C 358 24.38 -23.32 20.77
C ILE C 358 25.20 -22.32 19.98
N SER C 359 26.50 -22.56 19.90
CA SER C 359 27.41 -21.66 19.19
C SER C 359 28.71 -22.39 18.91
N ASN C 360 29.49 -21.81 17.99
CA ASN C 360 30.80 -22.33 17.62
C ASN C 360 30.74 -23.79 17.16
N CYS C 361 29.88 -24.04 16.18
CA CYS C 361 29.74 -25.38 15.62
C CYS C 361 29.08 -25.27 14.25
N VAL C 362 29.01 -26.40 13.55
CA VAL C 362 28.34 -26.49 12.26
C VAL C 362 26.94 -27.05 12.50
N ALA C 363 25.93 -26.30 12.12
CA ALA C 363 24.53 -26.66 12.34
C ALA C 363 23.99 -27.33 11.08
N ASP C 364 23.56 -28.59 11.22
CA ASP C 364 22.99 -29.36 10.12
C ASP C 364 21.50 -29.52 10.38
N TYR C 365 20.70 -28.62 9.80
CA TYR C 365 19.25 -28.71 9.90
C TYR C 365 18.66 -29.61 8.83
N SER C 366 19.48 -30.40 8.14
CA SER C 366 18.98 -31.34 7.15
C SER C 366 18.43 -32.58 7.83
N VAL C 367 19.16 -32.98 8.88
CA VAL C 367 18.93 -34.17 9.77
C VAL C 367 17.68 -33.98 10.62
N LEU C 368 17.16 -32.77 10.69
CA LEU C 368 15.93 -32.42 11.38
C LEU C 368 14.79 -32.13 10.43
N TYR C 369 15.08 -31.53 9.27
CA TYR C 369 14.02 -31.14 8.35
C TYR C 369 13.43 -32.34 7.63
N ASN C 370 14.24 -33.35 7.33
CA ASN C 370 13.78 -34.51 6.58
C ASN C 370 13.21 -35.60 7.47
N SER C 371 13.45 -35.56 8.78
CA SER C 371 12.88 -36.55 9.68
C SER C 371 11.37 -36.39 9.72
N ALA C 372 10.67 -37.53 9.76
CA ALA C 372 9.22 -37.54 9.67
C ALA C 372 8.53 -37.74 11.01
N SER C 373 9.26 -38.10 12.06
CA SER C 373 8.64 -38.28 13.37
C SER C 373 8.11 -36.96 13.93
N PHE C 374 8.63 -35.83 13.47
CA PHE C 374 8.16 -34.54 13.94
C PHE C 374 6.75 -34.29 13.44
N SER C 375 5.84 -34.00 14.37
CA SER C 375 4.45 -33.79 14.00
C SER C 375 4.23 -32.39 13.42
N THR C 376 4.70 -31.36 14.11
CA THR C 376 4.55 -29.99 13.66
C THR C 376 5.93 -29.34 13.58
N PHE C 377 6.28 -28.85 12.39
CA PHE C 377 7.55 -28.16 12.14
C PHE C 377 7.19 -26.83 11.51
N LYS C 378 6.89 -25.83 12.35
CA LYS C 378 6.49 -24.51 11.89
C LYS C 378 7.62 -23.53 12.18
N CYS C 379 7.98 -22.73 11.19
CA CYS C 379 9.05 -21.75 11.32
C CYS C 379 8.49 -20.36 11.08
N TYR C 380 8.91 -19.41 11.92
CA TYR C 380 8.45 -18.03 11.86
C TYR C 380 9.63 -17.14 11.54
N GLY C 381 9.52 -16.38 10.45
CA GLY C 381 10.60 -15.52 10.01
C GLY C 381 11.64 -16.21 9.15
N VAL C 382 11.61 -17.54 9.07
CA VAL C 382 12.54 -18.31 8.25
C VAL C 382 11.78 -19.47 7.65
N SER C 383 12.35 -20.04 6.59
CA SER C 383 11.77 -21.21 5.95
C SER C 383 12.57 -22.45 6.31
N PRO C 384 11.90 -23.55 6.68
CA PRO C 384 12.65 -24.73 7.14
C PRO C 384 13.53 -25.38 6.08
N THR C 385 13.37 -25.00 4.80
CA THR C 385 14.20 -25.55 3.74
C THR C 385 15.41 -24.69 3.42
N LYS C 386 15.46 -23.45 3.92
CA LYS C 386 16.59 -22.57 3.69
C LYS C 386 17.42 -22.35 4.95
N LEU C 387 17.31 -23.25 5.93
CA LEU C 387 18.10 -23.16 7.15
C LEU C 387 19.53 -23.63 6.97
N ASN C 388 19.83 -24.32 5.86
CA ASN C 388 21.18 -24.84 5.63
C ASN C 388 22.13 -23.81 5.05
N ASP C 389 21.61 -22.69 4.54
CA ASP C 389 22.44 -21.67 3.91
C ASP C 389 22.55 -20.40 4.74
N LEU C 390 22.15 -20.44 6.01
CA LEU C 390 22.15 -19.26 6.86
C LEU C 390 23.25 -19.36 7.92
N CYS C 391 23.54 -18.21 8.52
CA CYS C 391 24.50 -18.11 9.62
C CYS C 391 23.88 -17.26 10.71
N PHE C 392 23.76 -17.85 11.91
CA PHE C 392 23.14 -17.19 13.05
C PHE C 392 24.19 -16.81 14.08
N THR C 393 23.98 -15.69 14.75
CA THR C 393 24.91 -15.27 15.79
C THR C 393 24.75 -16.12 17.05
N ASN C 394 23.55 -16.63 17.29
CA ASN C 394 23.30 -17.51 18.43
C ASN C 394 21.97 -18.21 18.22
N VAL C 395 21.94 -19.52 18.46
CA VAL C 395 20.73 -20.32 18.31
C VAL C 395 20.45 -20.99 19.64
N TYR C 396 19.27 -20.74 20.19
CA TYR C 396 18.83 -21.38 21.42
C TYR C 396 18.04 -22.64 21.11
N ALA C 397 17.74 -23.41 22.16
CA ALA C 397 16.92 -24.61 22.01
C ALA C 397 16.13 -24.79 23.30
N ASP C 398 14.91 -24.28 23.31
CA ASP C 398 14.03 -24.35 24.47
C ASP C 398 13.20 -25.62 24.37
N SER C 399 13.53 -26.62 25.17
CA SER C 399 12.86 -27.91 25.13
C SER C 399 11.98 -28.09 26.36
N PHE C 400 10.78 -28.61 26.14
CA PHE C 400 9.83 -28.86 27.21
C PHE C 400 8.73 -29.79 26.69
N VAL C 401 7.79 -30.13 27.56
CA VAL C 401 6.70 -31.05 27.24
C VAL C 401 5.39 -30.40 27.65
N ILE C 402 4.43 -30.37 26.73
CA ILE C 402 3.14 -29.71 26.94
C ILE C 402 2.03 -30.67 26.52
N ARG C 403 1.43 -31.36 27.48
CA ARG C 403 0.32 -32.26 27.23
C ARG C 403 -1.00 -31.56 27.49
N GLY C 404 -2.09 -32.33 27.52
CA GLY C 404 -3.40 -31.77 27.66
C GLY C 404 -3.74 -30.88 26.47
N ASP C 405 -4.41 -29.78 26.76
CA ASP C 405 -4.65 -28.77 25.74
C ASP C 405 -3.36 -27.98 25.52
N GLU C 406 -3.44 -26.91 24.73
CA GLU C 406 -2.34 -25.97 24.55
C GLU C 406 -1.14 -26.58 23.83
N VAL C 407 -1.39 -27.55 22.95
CA VAL C 407 -0.31 -28.09 22.13
C VAL C 407 0.10 -27.11 21.04
N ARG C 408 -0.76 -26.12 20.73
CA ARG C 408 -0.50 -25.15 19.68
C ARG C 408 -0.34 -23.74 20.22
N GLN C 409 -0.27 -23.57 21.54
CA GLN C 409 -0.06 -22.26 22.13
C GLN C 409 1.39 -21.79 22.04
N ILE C 410 2.30 -22.65 21.57
CA ILE C 410 3.72 -22.29 21.44
C ILE C 410 3.85 -21.64 20.07
N ALA C 411 3.53 -20.35 20.00
CA ALA C 411 3.55 -19.58 18.77
C ALA C 411 3.41 -18.10 19.11
N PRO C 412 3.96 -17.20 18.31
CA PRO C 412 3.83 -15.77 18.61
C PRO C 412 2.39 -15.32 18.49
N GLY C 413 1.94 -14.56 19.48
CA GLY C 413 0.59 -14.03 19.48
C GLY C 413 -0.47 -15.07 19.80
N GLN C 414 -0.25 -15.84 20.87
CA GLN C 414 -1.20 -16.83 21.33
C GLN C 414 -1.40 -16.69 22.83
N THR C 415 -2.60 -17.02 23.30
CA THR C 415 -2.96 -16.90 24.71
C THR C 415 -3.45 -18.23 25.23
N GLY C 416 -3.39 -18.38 26.55
CA GLY C 416 -3.82 -19.60 27.19
C GLY C 416 -3.07 -19.82 28.48
N LYS C 417 -3.30 -20.99 29.08
CA LYS C 417 -2.67 -21.31 30.36
C LYS C 417 -1.19 -21.63 30.20
N ILE C 418 -0.74 -22.00 29.01
CA ILE C 418 0.66 -22.31 28.78
C ILE C 418 1.42 -21.10 28.26
N ALA C 419 0.90 -20.45 27.23
CA ALA C 419 1.60 -19.34 26.60
C ALA C 419 1.55 -18.05 27.42
N ASP C 420 0.80 -18.02 28.51
CA ASP C 420 0.72 -16.83 29.34
C ASP C 420 1.24 -17.02 30.75
N TYR C 421 1.36 -18.26 31.22
CA TYR C 421 1.83 -18.54 32.57
C TYR C 421 3.06 -19.44 32.61
N ASN C 422 3.44 -20.08 31.50
CA ASN C 422 4.55 -21.01 31.49
C ASN C 422 5.67 -20.59 30.55
N TYR C 423 5.36 -20.33 29.28
CA TYR C 423 6.40 -20.05 28.29
C TYR C 423 5.80 -19.18 27.20
N LYS C 424 6.13 -17.90 27.21
CA LYS C 424 5.59 -16.93 26.25
C LYS C 424 6.65 -16.56 25.24
N LEU C 425 6.34 -16.70 23.95
CA LEU C 425 7.23 -16.29 22.89
C LEU C 425 6.95 -14.85 22.47
N PRO C 426 7.95 -14.12 22.00
CA PRO C 426 7.70 -12.73 21.61
C PRO C 426 6.89 -12.64 20.33
N ASP C 427 6.48 -11.44 19.95
CA ASP C 427 5.75 -11.23 18.70
C ASP C 427 6.66 -11.14 17.49
N ASP C 428 7.94 -10.80 17.70
CA ASP C 428 8.95 -10.77 16.64
C ASP C 428 9.79 -12.03 16.65
N PHE C 429 9.16 -13.17 16.95
CA PHE C 429 9.90 -14.43 17.05
C PHE C 429 10.48 -14.82 15.70
N THR C 430 11.76 -15.23 15.71
CA THR C 430 12.46 -15.66 14.52
C THR C 430 13.08 -17.02 14.81
N GLY C 431 12.49 -18.07 14.24
CA GLY C 431 12.99 -19.42 14.49
C GLY C 431 12.00 -20.47 14.03
N CYS C 432 12.09 -21.63 14.65
CA CYS C 432 11.22 -22.75 14.32
C CYS C 432 10.69 -23.37 15.60
N VAL C 433 9.54 -24.05 15.48
CA VAL C 433 8.89 -24.71 16.59
C VAL C 433 8.63 -26.15 16.18
N ILE C 434 9.37 -27.08 16.78
CA ILE C 434 9.30 -28.50 16.44
C ILE C 434 8.60 -29.23 17.56
N ALA C 435 7.71 -30.15 17.20
CA ALA C 435 6.92 -30.87 18.19
C ALA C 435 6.62 -32.28 17.68
N TRP C 436 6.46 -33.20 18.62
CA TRP C 436 6.12 -34.58 18.32
C TRP C 436 5.65 -35.30 19.58
N ASN C 437 4.59 -36.07 19.49
CA ASN C 437 4.07 -36.76 20.66
C ASN C 437 5.05 -37.86 21.10
N SER C 438 5.41 -37.85 22.38
CA SER C 438 6.34 -38.81 22.94
C SER C 438 5.65 -39.72 23.93
N ASN C 439 4.43 -40.16 23.56
CA ASN C 439 3.65 -41.03 24.44
C ASN C 439 4.39 -42.29 24.82
N ASN C 440 5.30 -42.77 23.96
CA ASN C 440 6.01 -44.02 24.25
C ASN C 440 7.37 -43.77 24.88
N LEU C 441 7.66 -42.55 25.33
CA LEU C 441 8.82 -42.34 26.17
C LEU C 441 8.46 -41.60 27.44
N ASP C 442 7.61 -40.57 27.31
CA ASP C 442 7.08 -39.88 28.48
C ASP C 442 5.64 -40.27 28.80
N SER C 443 5.38 -41.56 28.99
CA SER C 443 4.02 -41.94 29.43
C SER C 443 4.12 -42.68 30.76
N LYS C 444 4.70 -43.89 30.72
CA LYS C 444 4.91 -44.89 31.82
C LYS C 444 3.68 -45.81 31.94
N VAL C 445 3.86 -47.00 32.54
CA VAL C 445 2.77 -48.01 32.65
C VAL C 445 1.59 -47.47 33.47
N GLY C 446 1.86 -46.79 34.58
CA GLY C 446 0.78 -46.21 35.39
C GLY C 446 0.57 -44.75 34.99
N GLY C 447 1.18 -43.83 35.75
CA GLY C 447 1.14 -42.40 35.43
C GLY C 447 2.47 -41.74 35.74
N ASN C 448 3.08 -41.06 34.77
CA ASN C 448 4.37 -40.36 35.05
C ASN C 448 4.04 -38.94 35.49
N TYR C 449 3.15 -38.81 36.48
CA TYR C 449 2.78 -37.47 36.93
C TYR C 449 4.04 -36.72 37.37
N ASN C 450 4.82 -36.30 36.37
CA ASN C 450 6.14 -35.70 36.62
C ASN C 450 6.36 -34.37 35.92
N TYR C 451 5.33 -33.77 35.33
CA TYR C 451 5.47 -32.48 34.66
C TYR C 451 4.49 -31.49 35.24
N LEU C 452 5.05 -30.36 35.65
CA LEU C 452 4.23 -29.32 36.30
C LEU C 452 3.84 -28.28 35.27
N TYR C 453 2.82 -27.46 35.52
CA TYR C 453 2.49 -26.48 34.46
C TYR C 453 2.15 -25.10 34.98
N ARG C 454 2.18 -24.91 36.29
CA ARG C 454 2.10 -23.59 36.92
C ARG C 454 0.76 -22.91 36.66
N LEU C 455 -0.29 -23.43 37.28
CA LEU C 455 -1.60 -22.81 37.05
C LEU C 455 -1.68 -21.45 37.76
N PHE C 456 -2.54 -20.61 37.25
CA PHE C 456 -2.82 -19.27 37.84
C PHE C 456 -1.63 -18.26 37.78
N ARG C 457 -0.46 -18.60 38.32
CA ARG C 457 0.69 -17.66 38.37
C ARG C 457 0.19 -16.43 39.09
N LYS C 458 0.32 -15.24 38.51
CA LYS C 458 -0.22 -14.04 39.18
C LYS C 458 -1.08 -13.33 38.14
N SER C 459 -0.68 -12.13 37.77
CA SER C 459 -1.38 -11.33 36.73
C SER C 459 -0.88 -11.60 35.29
N ASN C 460 0.42 -11.74 35.02
CA ASN C 460 0.82 -12.15 33.64
C ASN C 460 2.22 -12.71 33.64
N LEU C 461 2.86 -12.73 32.46
CA LEU C 461 4.26 -13.22 32.25
C LEU C 461 4.82 -12.59 30.96
N LYS C 462 6.05 -12.08 31.02
CA LYS C 462 6.73 -11.45 29.90
C LYS C 462 7.33 -12.50 28.96
N PRO C 463 7.62 -12.12 27.71
CA PRO C 463 8.15 -13.09 26.75
C PRO C 463 9.52 -13.63 27.15
N PHE C 464 9.72 -14.93 26.89
CA PHE C 464 11.01 -15.60 27.09
C PHE C 464 11.49 -15.51 28.54
N GLU C 465 10.56 -15.46 29.48
CA GLU C 465 10.88 -15.42 30.90
C GLU C 465 10.55 -16.76 31.54
N ARG C 466 11.31 -17.11 32.57
CA ARG C 466 11.12 -18.35 33.29
C ARG C 466 11.10 -18.06 34.78
N ASP C 467 10.22 -18.75 35.52
CA ASP C 467 10.25 -18.58 36.99
C ASP C 467 9.97 -19.92 37.66
N ILE C 468 10.82 -20.29 38.60
CA ILE C 468 10.75 -21.52 39.37
C ILE C 468 10.22 -21.28 40.78
N SER C 469 9.90 -20.04 41.12
CA SER C 469 9.39 -19.74 42.45
C SER C 469 8.06 -20.45 42.69
N THR C 470 8.01 -21.24 43.76
CA THR C 470 6.83 -22.01 44.12
C THR C 470 6.07 -21.39 45.29
N GLU C 471 6.24 -20.08 45.52
CA GLU C 471 5.54 -19.41 46.60
C GLU C 471 4.04 -19.51 46.41
N ILE C 472 3.31 -19.56 47.53
CA ILE C 472 1.88 -19.80 47.49
C ILE C 472 1.16 -18.58 46.92
N TYR C 473 0.26 -18.85 45.99
CA TYR C 473 -0.50 -17.82 45.25
C TYR C 473 -1.81 -17.50 45.96
N GLN C 474 -2.04 -16.21 46.26
CA GLN C 474 -3.25 -15.80 46.94
C GLN C 474 -4.15 -15.03 45.99
N ALA C 475 -5.41 -15.45 45.89
CA ALA C 475 -6.39 -14.78 45.03
C ALA C 475 -7.38 -13.94 45.81
N GLY C 476 -7.52 -14.18 47.11
CA GLY C 476 -8.43 -13.42 47.94
C GLY C 476 -7.75 -12.40 48.82
N SER C 477 -7.54 -12.75 50.08
CA SER C 477 -6.90 -11.86 51.04
C SER C 477 -5.40 -12.10 51.10
N THR C 478 -4.68 -11.06 51.52
CA THR C 478 -3.22 -11.06 51.60
C THR C 478 -2.62 -11.85 52.77
N PRO C 479 -3.25 -11.89 54.00
CA PRO C 479 -2.57 -12.45 55.18
C PRO C 479 -1.66 -13.67 54.97
N CYS C 480 -2.10 -14.64 54.17
CA CYS C 480 -1.31 -15.87 54.02
C CYS C 480 0.07 -15.56 53.45
N ASN C 481 1.11 -15.88 54.22
CA ASN C 481 2.50 -15.68 53.82
C ASN C 481 3.16 -17.05 53.83
N GLY C 482 3.38 -17.61 52.65
CA GLY C 482 4.02 -18.91 52.55
C GLY C 482 3.25 -20.03 53.21
N VAL C 483 1.92 -19.95 53.18
CA VAL C 483 1.06 -20.99 53.72
C VAL C 483 -0.15 -21.12 52.81
N GLU C 484 -0.48 -22.37 52.43
CA GLU C 484 -1.62 -22.60 51.57
C GLU C 484 -2.90 -22.59 52.40
N GLY C 485 -3.55 -21.43 52.47
CA GLY C 485 -4.70 -21.23 53.31
C GLY C 485 -6.01 -21.45 52.58
N PHE C 486 -7.04 -20.74 53.07
CA PHE C 486 -8.37 -20.86 52.49
C PHE C 486 -8.37 -20.46 51.01
N ASN C 487 -7.89 -19.24 50.72
CA ASN C 487 -7.85 -18.72 49.37
C ASN C 487 -6.41 -18.52 48.89
N CYS C 488 -5.52 -19.44 49.27
CA CYS C 488 -4.11 -19.38 48.93
C CYS C 488 -3.70 -20.79 48.48
N TYR C 489 -3.56 -20.97 47.17
CA TYR C 489 -3.31 -22.29 46.60
C TYR C 489 -1.83 -22.46 46.28
N PHE C 490 -1.37 -23.72 46.34
CA PHE C 490 -0.01 -24.02 45.81
C PHE C 490 -0.13 -23.76 44.30
N PRO C 491 0.74 -22.93 43.68
CA PRO C 491 0.62 -22.56 42.26
C PRO C 491 0.75 -23.57 41.12
N LEU C 492 1.66 -24.55 41.23
CA LEU C 492 2.02 -25.53 40.17
C LEU C 492 0.86 -26.39 39.62
N GLN C 493 0.63 -27.55 40.23
CA GLN C 493 -0.33 -28.63 39.84
C GLN C 493 0.27 -29.44 38.69
N SER C 494 0.55 -30.72 38.92
CA SER C 494 1.23 -31.66 37.98
C SER C 494 0.36 -32.09 36.80
N TYR C 495 0.99 -32.79 35.85
CA TYR C 495 0.41 -33.28 34.60
C TYR C 495 -0.02 -34.74 34.74
N GLY C 496 -0.94 -35.15 33.88
CA GLY C 496 -1.44 -36.52 33.88
C GLY C 496 -1.32 -37.19 32.53
N PHE C 497 -0.57 -38.28 32.45
CA PHE C 497 -0.24 -38.92 31.18
C PHE C 497 -0.80 -40.33 31.14
N GLN C 498 -1.64 -40.61 30.14
CA GLN C 498 -2.12 -41.95 29.83
C GLN C 498 -2.87 -41.92 28.50
N PRO C 499 -2.79 -42.99 27.69
CA PRO C 499 -3.48 -43.02 26.40
C PRO C 499 -4.97 -42.70 26.50
N THR C 500 -5.58 -43.03 27.64
CA THR C 500 -7.00 -42.78 27.83
C THR C 500 -7.34 -41.30 27.67
N ASN C 501 -6.45 -40.42 28.11
CA ASN C 501 -6.68 -38.98 28.00
C ASN C 501 -6.40 -38.49 26.59
N VAL C 503 -5.58 -38.71 22.71
CA VAL C 503 -4.67 -38.13 21.73
C VAL C 503 -4.53 -36.64 21.98
N GLY C 504 -5.64 -35.98 22.26
CA GLY C 504 -5.64 -34.56 22.55
C GLY C 504 -5.10 -34.20 23.92
N TYR C 505 -4.61 -35.17 24.69
CA TYR C 505 -4.06 -34.91 26.02
C TYR C 505 -2.80 -35.71 26.31
N GLN C 506 -2.15 -36.26 25.28
CA GLN C 506 -0.91 -36.99 25.54
C GLN C 506 0.29 -36.09 25.28
N PRO C 507 1.43 -36.36 25.94
CA PRO C 507 2.55 -35.40 25.90
C PRO C 507 3.12 -35.24 24.51
N TYR C 508 3.51 -34.01 24.19
CA TYR C 508 4.15 -33.66 22.94
C TYR C 508 5.47 -32.95 23.26
N ARG C 509 6.58 -33.64 23.03
CA ARG C 509 7.88 -33.03 23.21
C ARG C 509 8.07 -31.88 22.23
N VAL C 510 8.40 -30.71 22.74
CA VAL C 510 8.53 -29.50 21.94
C VAL C 510 9.93 -28.94 22.08
N VAL C 511 10.53 -28.55 20.95
CA VAL C 511 11.84 -27.91 20.93
C VAL C 511 11.70 -26.64 20.10
N VAL C 512 11.94 -25.49 20.73
CA VAL C 512 11.74 -24.19 20.11
C VAL C 512 13.11 -23.62 19.79
N LEU C 513 13.53 -23.75 18.54
CA LEU C 513 14.79 -23.15 18.10
C LEU C 513 14.56 -21.67 17.82
N SER C 514 15.31 -20.81 18.52
CA SER C 514 15.18 -19.37 18.39
C SER C 514 16.49 -18.80 17.87
N PHE C 515 16.51 -18.42 16.61
CA PHE C 515 17.72 -17.89 15.99
C PHE C 515 17.79 -16.38 16.16
N GLU C 516 18.98 -15.90 16.52
CA GLU C 516 19.28 -14.47 16.57
C GLU C 516 20.47 -14.23 15.64
N LEU C 517 20.20 -13.59 14.50
CA LEU C 517 21.19 -13.48 13.43
C LEU C 517 21.72 -12.07 13.25
N LEU C 518 21.56 -11.20 14.24
CA LEU C 518 22.05 -9.83 14.17
C LEU C 518 22.82 -9.39 15.41
N HIS C 519 23.10 -10.29 16.35
CA HIS C 519 23.65 -9.90 17.64
C HIS C 519 25.17 -9.90 17.69
N ALA C 520 25.85 -10.60 16.78
CA ALA C 520 27.29 -10.78 16.91
C ALA C 520 27.90 -11.23 15.59
N PRO C 521 29.22 -11.40 15.51
CA PRO C 521 29.79 -12.13 14.38
C PRO C 521 29.22 -13.54 14.32
N ALA C 522 28.82 -13.96 13.12
CA ALA C 522 28.20 -15.27 12.96
C ALA C 522 29.15 -16.37 13.39
N THR C 523 28.71 -17.18 14.36
CA THR C 523 29.53 -18.24 14.90
C THR C 523 29.00 -19.65 14.65
N VAL C 524 27.69 -19.80 14.42
CA VAL C 524 27.10 -21.07 14.04
C VAL C 524 26.50 -20.91 12.66
N CYS C 525 26.97 -21.74 11.72
CA CYS C 525 26.59 -21.63 10.32
C CYS C 525 26.06 -22.98 9.83
N GLY C 526 25.78 -23.04 8.53
CA GLY C 526 25.30 -24.25 7.91
C GLY C 526 26.42 -25.08 7.34
N PRO C 527 26.08 -26.25 6.78
CA PRO C 527 27.10 -27.14 6.22
C PRO C 527 27.46 -26.77 4.78
N LYS C 528 28.11 -25.63 4.62
CA LYS C 528 28.57 -25.15 3.32
C LYS C 528 30.09 -25.22 3.28
N LYS C 529 30.61 -25.96 2.31
CA LYS C 529 32.06 -26.12 2.17
C LYS C 529 32.66 -24.84 1.58
N SER C 530 33.58 -24.24 2.32
CA SER C 530 34.21 -23.01 1.87
C SER C 530 35.01 -23.25 0.59
N THR C 531 35.16 -22.19 -0.19
CA THR C 531 35.97 -22.21 -1.40
C THR C 531 37.03 -21.13 -1.30
N ASN C 532 38.01 -21.20 -2.20
CA ASN C 532 39.06 -20.18 -2.23
C ASN C 532 38.48 -18.84 -2.69
N LEU C 533 39.03 -17.77 -2.12
CA LEU C 533 38.57 -16.42 -2.47
C LEU C 533 39.38 -15.89 -3.63
N VAL C 534 38.70 -15.19 -4.53
CA VAL C 534 39.33 -14.60 -5.71
C VAL C 534 39.05 -13.10 -5.70
N LYS C 535 40.10 -12.32 -5.94
CA LYS C 535 40.01 -10.87 -5.90
C LYS C 535 40.08 -10.29 -7.31
N ASN C 536 39.77 -9.00 -7.41
CA ASN C 536 39.84 -8.25 -8.67
C ASN C 536 38.91 -8.81 -9.74
N LYS C 537 37.84 -9.50 -9.33
CA LYS C 537 36.86 -10.04 -10.26
C LYS C 537 35.47 -9.95 -9.64
N CYS C 538 34.48 -9.57 -10.43
CA CYS C 538 33.09 -9.50 -9.95
C CYS C 538 32.62 -10.91 -9.63
N VAL C 539 32.38 -11.17 -8.34
CA VAL C 539 31.96 -12.48 -7.86
C VAL C 539 30.78 -12.32 -6.92
N ASN C 540 30.03 -13.41 -6.74
CA ASN C 540 28.91 -13.44 -5.81
C ASN C 540 29.41 -14.09 -4.53
N PHE C 541 29.99 -13.26 -3.66
CA PHE C 541 30.61 -13.75 -2.43
C PHE C 541 29.54 -14.22 -1.44
N ASN C 542 30.00 -14.91 -0.41
CA ASN C 542 29.15 -15.34 0.71
C ASN C 542 30.04 -15.42 1.94
N PHE C 543 30.09 -14.32 2.69
CA PHE C 543 30.91 -14.24 3.90
C PHE C 543 30.01 -14.59 5.09
N ASN C 544 29.95 -15.88 5.41
CA ASN C 544 29.13 -16.43 6.49
C ASN C 544 27.74 -15.81 6.51
N GLY C 545 27.00 -16.05 5.42
CA GLY C 545 25.64 -15.59 5.29
C GLY C 545 25.48 -14.22 4.67
N LEU C 546 26.52 -13.39 4.69
CA LEU C 546 26.46 -12.05 4.10
C LEU C 546 26.54 -12.20 2.59
N THR C 547 25.38 -12.46 1.99
CA THR C 547 25.31 -12.66 0.55
C THR C 547 25.42 -11.33 -0.19
N GLY C 548 25.93 -11.40 -1.41
CA GLY C 548 26.08 -10.21 -2.23
C GLY C 548 27.08 -10.43 -3.33
N THR C 549 27.04 -9.54 -4.31
CA THR C 549 27.89 -9.62 -5.50
C THR C 549 28.78 -8.38 -5.57
N GLY C 550 30.02 -8.58 -5.97
CA GLY C 550 30.95 -7.48 -6.10
C GLY C 550 32.34 -7.99 -6.44
N VAL C 551 33.28 -7.05 -6.48
CA VAL C 551 34.68 -7.34 -6.77
C VAL C 551 35.51 -6.98 -5.53
N LEU C 552 36.20 -7.98 -4.99
CA LEU C 552 36.95 -7.82 -3.74
C LEU C 552 38.38 -7.37 -4.06
N THR C 553 38.86 -6.40 -3.27
CA THR C 553 40.21 -5.88 -3.41
C THR C 553 40.87 -5.80 -2.04
N GLU C 554 42.20 -5.72 -2.06
CA GLU C 554 42.93 -5.42 -0.83
C GLU C 554 42.65 -3.99 -0.40
N SER C 555 42.72 -3.75 0.90
CA SER C 555 42.30 -2.48 1.46
C SER C 555 43.38 -1.89 2.36
N ASN C 556 43.24 -0.60 2.63
CA ASN C 556 44.09 0.12 3.58
C ASN C 556 43.31 0.62 4.78
N LYS C 557 41.99 0.44 4.82
CA LYS C 557 41.16 0.86 5.94
C LYS C 557 41.53 0.02 7.16
N LYS C 558 42.23 0.63 8.11
CA LYS C 558 42.77 -0.10 9.25
C LYS C 558 41.66 -0.50 10.22
N PHE C 559 41.10 -1.68 10.03
CA PHE C 559 40.11 -2.22 10.95
C PHE C 559 40.70 -2.34 12.35
N LEU C 560 39.90 -2.01 13.35
CA LEU C 560 40.32 -2.28 14.71
C LEU C 560 40.09 -3.75 15.04
N PRO C 561 40.87 -4.32 15.98
CA PRO C 561 40.85 -5.77 16.20
C PRO C 561 39.48 -6.37 16.50
N PHE C 562 38.49 -5.55 16.84
CA PHE C 562 37.16 -6.05 17.13
C PHE C 562 36.17 -5.86 15.99
N GLN C 563 36.38 -4.85 15.14
CA GLN C 563 35.46 -4.62 14.03
C GLN C 563 35.61 -5.72 12.98
N GLN C 564 34.48 -6.17 12.44
CA GLN C 564 34.47 -7.28 11.49
C GLN C 564 34.06 -6.87 10.08
N PHE C 565 33.29 -5.81 9.91
CA PHE C 565 32.95 -5.36 8.56
C PHE C 565 32.55 -3.90 8.60
N GLY C 566 32.87 -3.20 7.51
CA GLY C 566 32.41 -1.84 7.33
C GLY C 566 31.06 -1.79 6.66
N ARG C 567 30.37 -0.66 6.80
CA ARG C 567 29.04 -0.51 6.22
C ARG C 567 28.91 0.84 5.54
N ASP C 568 27.97 0.90 4.61
CA ASP C 568 27.67 2.09 3.83
C ASP C 568 26.63 2.93 4.55
N ILE C 569 26.24 4.05 3.93
CA ILE C 569 25.16 4.85 4.48
C ILE C 569 23.86 4.05 4.49
N ALA C 570 23.57 3.39 3.39
CA ALA C 570 22.50 2.39 3.35
C ALA C 570 22.99 1.09 3.99
N ASP C 571 22.07 0.13 4.12
CA ASP C 571 22.39 -1.16 4.72
C ASP C 571 23.07 -2.08 3.70
N THR C 572 24.21 -1.62 3.20
CA THR C 572 25.04 -2.39 2.30
C THR C 572 26.47 -2.40 2.82
N THR C 573 27.14 -3.53 2.63
CA THR C 573 28.48 -3.72 3.16
C THR C 573 29.52 -3.07 2.28
N ASP C 574 30.52 -2.45 2.91
CA ASP C 574 31.62 -1.81 2.21
C ASP C 574 32.94 -2.57 2.35
N ALA C 575 33.22 -3.13 3.52
CA ALA C 575 34.41 -3.94 3.74
C ALA C 575 34.03 -5.14 4.60
N VAL C 576 34.80 -6.22 4.47
CA VAL C 576 34.56 -7.44 5.22
C VAL C 576 35.89 -8.01 5.69
N ARG C 577 35.89 -8.56 6.92
CA ARG C 577 37.02 -9.33 7.43
C ARG C 577 36.78 -10.79 7.06
N ASP C 578 37.48 -11.26 6.04
CA ASP C 578 37.25 -12.61 5.54
C ASP C 578 37.65 -13.64 6.60
N PRO C 579 36.82 -14.65 6.84
CA PRO C 579 37.21 -15.71 7.77
C PRO C 579 38.38 -16.52 7.24
N GLN C 580 38.98 -17.29 8.14
CA GLN C 580 40.06 -18.24 7.86
C GLN C 580 41.37 -17.54 7.54
N THR C 581 41.35 -16.22 7.37
CA THR C 581 42.57 -15.45 7.23
C THR C 581 42.56 -14.13 7.97
N LEU C 582 41.40 -13.63 8.40
CA LEU C 582 41.26 -12.33 9.04
C LEU C 582 41.90 -11.22 8.19
N GLU C 583 41.41 -11.12 6.95
CA GLU C 583 41.88 -10.12 6.02
C GLU C 583 40.73 -9.18 5.66
N ILE C 584 41.06 -7.91 5.46
CA ILE C 584 40.08 -6.85 5.23
C ILE C 584 40.00 -6.59 3.74
N LEU C 585 38.86 -6.93 3.14
CA LEU C 585 38.63 -6.77 1.72
C LEU C 585 37.53 -5.72 1.49
N ASP C 586 37.70 -4.92 0.44
CA ASP C 586 36.69 -3.94 0.06
C ASP C 586 35.75 -4.54 -0.98
N ILE C 587 34.47 -4.21 -0.86
CA ILE C 587 33.44 -4.68 -1.76
C ILE C 587 33.02 -3.50 -2.63
N THR C 588 33.57 -3.42 -3.83
CA THR C 588 33.05 -2.44 -4.76
C THR C 588 32.15 -3.14 -5.79
N PRO C 589 31.09 -2.50 -6.25
CA PRO C 589 30.23 -3.15 -7.26
C PRO C 589 30.93 -3.23 -8.60
N CYS C 590 30.82 -4.38 -9.25
CA CYS C 590 31.37 -4.51 -10.59
C CYS C 590 30.62 -3.59 -11.55
N SER C 591 31.36 -3.04 -12.51
CA SER C 591 30.91 -1.86 -13.24
C SER C 591 29.57 -2.08 -13.91
N PHE C 592 28.76 -1.01 -13.91
CA PHE C 592 27.50 -0.99 -14.62
C PHE C 592 27.30 0.41 -15.19
N GLY C 593 26.27 0.55 -16.00
CA GLY C 593 25.99 1.85 -16.59
C GLY C 593 25.02 1.71 -17.73
N GLY C 594 24.47 2.85 -18.13
CA GLY C 594 23.53 2.87 -19.23
C GLY C 594 24.18 2.55 -20.55
N VAL C 595 23.34 2.19 -21.52
CA VAL C 595 23.77 1.89 -22.88
C VAL C 595 22.97 2.77 -23.82
N SER C 596 23.66 3.66 -24.53
CA SER C 596 23.02 4.61 -25.42
C SER C 596 23.37 4.26 -26.86
N VAL C 597 22.35 4.18 -27.71
CA VAL C 597 22.52 3.82 -29.11
C VAL C 597 22.45 5.08 -29.94
N ILE C 598 23.62 5.53 -30.41
CA ILE C 598 23.70 6.76 -31.19
C ILE C 598 23.37 6.47 -32.65
N THR C 599 22.11 6.59 -33.01
CA THR C 599 21.67 6.29 -34.37
C THR C 599 21.49 7.57 -35.17
N PRO C 600 22.04 7.64 -36.39
CA PRO C 600 21.83 8.84 -37.21
C PRO C 600 20.43 8.94 -37.79
N GLY C 601 19.56 7.97 -37.53
CA GLY C 601 18.22 7.98 -38.08
C GLY C 601 18.00 6.80 -39.01
N THR C 602 16.85 6.13 -38.87
CA THR C 602 16.57 4.97 -39.71
C THR C 602 16.46 5.37 -41.18
N ASN C 603 15.95 6.56 -41.47
CA ASN C 603 15.83 7.00 -42.86
C ASN C 603 17.17 7.36 -43.48
N THR C 604 18.24 7.45 -42.68
CA THR C 604 19.56 7.76 -43.20
C THR C 604 20.48 6.55 -43.24
N SER C 605 20.55 5.77 -42.16
CA SER C 605 21.40 4.59 -42.14
C SER C 605 20.96 3.68 -41.00
N ASN C 606 21.19 2.39 -41.18
CA ASN C 606 20.95 1.39 -40.15
C ASN C 606 22.20 1.09 -39.34
N GLN C 607 23.26 1.87 -39.52
CA GLN C 607 24.51 1.70 -38.80
C GLN C 607 24.52 2.64 -37.59
N VAL C 608 24.80 2.08 -36.42
CA VAL C 608 24.72 2.81 -35.17
C VAL C 608 26.02 2.65 -34.39
N ALA C 609 26.16 3.48 -33.36
CA ALA C 609 27.23 3.37 -32.37
C ALA C 609 26.62 3.20 -31.00
N VAL C 610 27.40 2.68 -30.07
CA VAL C 610 26.92 2.35 -28.73
C VAL C 610 27.83 3.01 -27.71
N LEU C 611 27.23 3.76 -26.78
CA LEU C 611 27.95 4.50 -25.75
C LEU C 611 27.72 3.79 -24.41
N TYR C 612 28.73 3.07 -23.93
CA TYR C 612 28.69 2.47 -22.61
C TYR C 612 29.08 3.55 -21.60
N GLN C 613 28.07 4.12 -20.93
CA GLN C 613 28.30 5.30 -20.11
C GLN C 613 29.06 4.96 -18.84
N ASP C 614 30.07 5.77 -18.53
CA ASP C 614 30.85 5.66 -17.30
C ASP C 614 31.39 4.24 -17.10
N VAL C 615 31.93 3.68 -18.19
CA VAL C 615 32.47 2.33 -18.19
C VAL C 615 33.77 2.33 -18.98
N ASN C 616 34.81 1.75 -18.41
CA ASN C 616 36.07 1.56 -19.11
C ASN C 616 35.97 0.34 -20.01
N CYS C 617 36.51 0.44 -21.22
CA CYS C 617 36.58 -0.69 -22.13
C CYS C 617 37.88 -1.46 -22.03
N THR C 618 38.54 -1.44 -20.87
CA THR C 618 39.39 -2.56 -20.51
C THR C 618 38.56 -3.80 -20.20
N GLU C 619 37.24 -3.66 -20.15
CA GLU C 619 36.27 -4.74 -20.09
C GLU C 619 35.28 -4.53 -21.23
N VAL C 620 34.27 -5.40 -21.30
CA VAL C 620 33.28 -5.29 -22.36
C VAL C 620 32.38 -4.08 -22.12
N THR C 638 29.23 -2.69 -30.82
CA THR C 638 29.34 -3.50 -32.03
C THR C 638 30.68 -4.23 -32.07
N GLY C 639 31.75 -3.53 -31.69
CA GLY C 639 33.07 -4.12 -31.63
C GLY C 639 33.93 -3.83 -32.83
N SER C 640 33.88 -2.59 -33.33
CA SER C 640 34.69 -2.17 -34.47
C SER C 640 35.75 -1.15 -34.08
N ASN C 641 35.35 -0.03 -33.50
CA ASN C 641 36.26 1.01 -33.04
C ASN C 641 35.96 1.34 -31.59
N VAL C 642 37.02 1.64 -30.84
CA VAL C 642 36.92 1.91 -29.40
C VAL C 642 37.50 3.28 -29.13
N PHE C 643 36.64 4.22 -28.71
CA PHE C 643 37.04 5.57 -28.36
C PHE C 643 36.62 5.82 -26.91
N GLN C 644 37.57 6.26 -26.10
CA GLN C 644 37.36 6.48 -24.67
C GLN C 644 37.01 7.95 -24.43
N THR C 645 35.74 8.22 -24.17
CA THR C 645 35.29 9.56 -23.82
C THR C 645 35.17 9.68 -22.31
N ARG C 646 35.02 10.93 -21.85
CA ARG C 646 34.86 11.19 -20.42
C ARG C 646 33.46 10.82 -19.92
N ALA C 647 32.50 10.65 -20.81
CA ALA C 647 31.16 10.20 -20.45
C ALA C 647 31.01 8.69 -20.49
N GLY C 648 32.06 7.98 -20.87
CA GLY C 648 31.99 6.55 -21.12
C GLY C 648 32.57 6.29 -22.48
N CYS C 649 33.17 5.13 -22.71
CA CYS C 649 33.88 4.91 -23.94
C CYS C 649 32.93 4.41 -25.03
N LEU C 650 33.02 5.05 -26.19
CA LEU C 650 32.07 4.86 -27.27
C LEU C 650 32.57 3.78 -28.23
N ILE C 651 31.73 2.78 -28.49
CA ILE C 651 32.06 1.67 -29.37
C ILE C 651 31.24 1.81 -30.64
N GLY C 652 31.92 1.92 -31.78
CA GLY C 652 31.26 2.00 -33.06
C GLY C 652 31.40 3.32 -33.79
N ALA C 653 32.17 4.26 -33.26
CA ALA C 653 32.36 5.55 -33.90
C ALA C 653 33.84 5.85 -34.03
N GLU C 654 34.24 6.38 -35.18
CA GLU C 654 35.63 6.73 -35.46
C GLU C 654 35.88 8.15 -34.97
N HIS C 655 36.77 8.29 -33.99
CA HIS C 655 37.09 9.61 -33.45
C HIS C 655 37.94 10.39 -34.45
N VAL C 656 37.42 11.53 -34.89
CA VAL C 656 38.13 12.39 -35.82
C VAL C 656 38.76 13.53 -35.03
N ASN C 657 39.69 14.23 -35.68
CA ASN C 657 40.42 15.30 -35.02
C ASN C 657 39.77 16.67 -35.23
N ASN C 658 39.51 17.03 -36.48
CA ASN C 658 38.89 18.31 -36.77
C ASN C 658 37.47 18.35 -36.21
N SER C 659 36.98 19.57 -35.98
CA SER C 659 35.74 19.79 -35.24
C SER C 659 34.65 20.34 -36.15
N TYR C 660 33.41 19.94 -35.87
CA TYR C 660 32.25 20.49 -36.54
C TYR C 660 31.23 20.95 -35.52
N GLU C 661 30.05 21.35 -35.99
CA GLU C 661 28.95 21.65 -35.08
C GLU C 661 28.50 20.37 -34.38
N CYS C 662 27.77 20.54 -33.29
CA CYS C 662 27.27 19.39 -32.54
C CYS C 662 26.03 18.82 -33.23
N ASP C 663 26.05 17.51 -33.47
CA ASP C 663 24.96 16.83 -34.16
C ASP C 663 24.17 15.93 -33.19
N ILE C 664 24.85 15.01 -32.52
CA ILE C 664 24.21 14.17 -31.51
C ILE C 664 25.04 14.31 -30.23
N PRO C 665 24.54 15.04 -29.22
CA PRO C 665 25.36 15.29 -28.02
C PRO C 665 25.60 14.01 -27.25
N ILE C 666 26.88 13.68 -27.04
CA ILE C 666 27.25 12.50 -26.28
C ILE C 666 27.50 12.84 -24.83
N GLY C 667 28.37 13.79 -24.56
CA GLY C 667 28.68 14.22 -23.21
C GLY C 667 30.13 14.62 -23.09
N ALA C 668 30.38 15.56 -22.17
CA ALA C 668 31.73 16.02 -21.85
C ALA C 668 32.43 16.64 -23.06
N GLY C 669 31.66 17.25 -23.96
CA GLY C 669 32.22 17.94 -25.10
C GLY C 669 32.28 17.13 -26.38
N ILE C 670 31.93 15.85 -26.33
CA ILE C 670 31.97 14.99 -27.51
C ILE C 670 30.59 15.01 -28.15
N CYS C 671 30.56 15.21 -29.47
CA CYS C 671 29.32 15.19 -30.23
C CYS C 671 29.49 14.27 -31.43
N ALA C 672 28.50 13.43 -31.68
CA ALA C 672 28.55 12.48 -32.79
C ALA C 672 27.88 13.04 -34.04
N VAL C 687 26.70 11.30 -38.64
CA VAL C 687 27.20 10.51 -39.75
C VAL C 687 27.77 11.43 -40.83
N ALA C 688 28.93 11.07 -41.36
CA ALA C 688 29.59 11.89 -42.37
C ALA C 688 30.57 11.01 -43.15
N SER C 689 30.44 11.01 -44.48
CA SER C 689 31.32 10.25 -45.36
C SER C 689 31.26 8.76 -45.05
N GLN C 690 30.04 8.21 -45.08
CA GLN C 690 29.80 6.76 -44.98
C GLN C 690 30.23 6.18 -43.64
N SER C 691 30.23 6.98 -42.58
CA SER C 691 30.65 6.47 -41.27
C SER C 691 30.14 7.40 -40.19
N ILE C 692 30.02 6.85 -38.98
CA ILE C 692 29.64 7.62 -37.80
C ILE C 692 30.90 8.10 -37.11
N ILE C 693 31.00 9.41 -36.91
CA ILE C 693 32.17 10.02 -36.29
C ILE C 693 31.81 10.47 -34.88
N ALA C 694 32.85 10.68 -34.07
CA ALA C 694 32.70 11.19 -32.72
C ALA C 694 33.83 12.19 -32.49
N TYR C 695 33.49 13.46 -32.35
CA TYR C 695 34.47 14.54 -32.33
C TYR C 695 34.22 15.47 -31.16
N THR C 696 35.14 16.41 -30.96
CA THR C 696 34.95 17.47 -29.99
C THR C 696 34.18 18.60 -30.66
N MET C 697 33.05 18.98 -30.07
CA MET C 697 32.18 19.97 -30.69
C MET C 697 32.89 21.32 -30.79
N SER C 698 32.61 22.04 -31.87
CA SER C 698 33.14 23.37 -32.09
C SER C 698 32.10 24.40 -31.69
N LEU C 699 32.54 25.46 -31.02
CA LEU C 699 31.65 26.49 -30.54
C LEU C 699 31.46 27.62 -31.55
N GLY C 700 32.02 27.49 -32.74
CA GLY C 700 31.88 28.49 -33.78
C GLY C 700 33.22 28.89 -34.36
N ALA C 701 33.14 29.59 -35.49
CA ALA C 701 34.34 30.07 -36.18
C ALA C 701 35.02 31.12 -35.31
N GLU C 702 36.17 30.75 -34.74
CA GLU C 702 36.88 31.65 -33.84
C GLU C 702 37.45 32.82 -34.64
N ASN C 703 36.84 34.00 -34.49
CA ASN C 703 37.33 35.21 -35.12
C ASN C 703 37.62 36.25 -34.06
N SER C 704 38.73 36.97 -34.22
CA SER C 704 39.13 38.01 -33.29
C SER C 704 38.82 39.37 -33.91
N VAL C 705 38.08 40.19 -33.18
CA VAL C 705 37.74 41.53 -33.67
C VAL C 705 39.00 42.37 -33.73
N ALA C 706 39.17 43.11 -34.81
CA ALA C 706 40.36 43.94 -34.98
C ALA C 706 40.27 45.16 -34.07
N TYR C 707 40.42 44.95 -32.76
CA TYR C 707 40.35 46.05 -31.82
C TYR C 707 41.52 47.02 -32.02
N SER C 708 41.21 48.31 -31.97
CA SER C 708 42.21 49.35 -32.03
C SER C 708 41.64 50.58 -31.34
N ASN C 709 42.48 51.28 -30.59
CA ASN C 709 41.99 52.38 -29.76
C ASN C 709 41.51 53.57 -30.58
N ASN C 710 41.62 53.55 -31.91
CA ASN C 710 41.12 54.64 -32.73
C ASN C 710 40.47 54.15 -34.01
N SER C 711 39.86 52.97 -33.99
CA SER C 711 39.24 52.40 -35.18
C SER C 711 37.86 51.89 -34.83
N ILE C 712 36.86 52.31 -35.60
CA ILE C 712 35.49 51.84 -35.45
C ILE C 712 35.04 51.24 -36.78
N ALA C 713 34.11 50.30 -36.70
CA ALA C 713 33.57 49.60 -37.87
C ALA C 713 32.08 49.84 -37.91
N ILE C 714 31.61 50.57 -38.92
CA ILE C 714 30.21 51.00 -39.02
C ILE C 714 29.58 50.28 -40.20
N PRO C 715 28.39 49.71 -40.06
CA PRO C 715 27.74 49.04 -41.19
C PRO C 715 27.18 50.05 -42.18
N THR C 716 27.46 49.82 -43.46
CA THR C 716 26.99 50.69 -44.53
C THR C 716 25.76 50.13 -45.23
N ASN C 717 25.09 49.16 -44.62
CA ASN C 717 23.96 48.48 -45.24
C ASN C 717 23.31 47.59 -44.18
N PHE C 718 22.06 47.22 -44.43
CA PHE C 718 21.32 46.41 -43.48
C PHE C 718 20.66 45.22 -44.18
N THR C 719 20.08 44.35 -43.38
CA THR C 719 19.20 43.29 -43.86
C THR C 719 18.05 43.19 -42.87
N ILE C 720 16.83 43.14 -43.40
CA ILE C 720 15.64 43.01 -42.59
C ILE C 720 15.22 41.54 -42.61
N SER C 721 15.45 40.84 -41.52
CA SER C 721 15.23 39.40 -41.44
C SER C 721 14.04 39.11 -40.54
N VAL C 722 13.25 38.12 -40.92
CA VAL C 722 12.08 37.69 -40.17
C VAL C 722 12.41 36.32 -39.57
N THR C 723 12.52 36.26 -38.26
CA THR C 723 12.82 35.01 -37.55
C THR C 723 11.57 34.59 -36.78
N THR C 724 11.17 33.34 -36.95
CA THR C 724 9.96 32.82 -36.33
C THR C 724 10.28 32.29 -34.94
N GLU C 725 9.50 32.71 -33.95
CA GLU C 725 9.58 32.20 -32.59
C GLU C 725 8.31 31.43 -32.30
N ILE C 726 8.46 30.15 -31.97
CA ILE C 726 7.34 29.25 -31.75
C ILE C 726 7.19 29.02 -30.26
N LEU C 727 6.04 29.37 -29.71
CA LEU C 727 5.80 29.27 -28.27
C LEU C 727 4.49 28.53 -28.03
N PRO C 728 4.48 27.52 -27.18
CA PRO C 728 3.21 26.93 -26.75
C PRO C 728 2.53 27.81 -25.71
N VAL C 729 1.21 27.90 -25.82
CA VAL C 729 0.43 28.69 -24.86
C VAL C 729 -0.59 27.87 -24.10
N SER C 730 -1.02 26.71 -24.59
CA SER C 730 -2.03 25.93 -23.88
C SER C 730 -1.84 24.46 -24.18
N MET C 731 -2.50 23.63 -23.40
CA MET C 731 -2.50 22.19 -23.57
C MET C 731 -3.92 21.73 -23.90
N THR C 732 -4.07 20.42 -24.10
CA THR C 732 -5.38 19.83 -24.29
C THR C 732 -6.08 19.74 -22.94
N LYS C 733 -7.32 20.23 -22.87
CA LYS C 733 -8.08 20.27 -21.63
C LYS C 733 -8.70 18.90 -21.39
N THR C 734 -7.87 17.99 -20.88
CA THR C 734 -8.36 16.66 -20.54
C THR C 734 -9.01 16.68 -19.17
N SER C 735 -9.87 15.69 -18.94
CA SER C 735 -10.53 15.51 -17.65
C SER C 735 -10.71 14.02 -17.41
N VAL C 736 -10.21 13.55 -16.28
CA VAL C 736 -10.23 12.12 -15.95
C VAL C 736 -11.16 11.93 -14.76
N ASP C 737 -12.27 11.24 -14.99
CA ASP C 737 -13.19 10.90 -13.92
C ASP C 737 -12.57 9.85 -13.01
N CYS C 738 -12.20 10.24 -11.78
CA CYS C 738 -11.47 9.35 -10.90
C CYS C 738 -12.24 8.07 -10.63
N THR C 739 -13.55 8.19 -10.42
CA THR C 739 -14.35 7.00 -10.13
C THR C 739 -14.46 6.11 -11.36
N MET C 740 -14.70 6.71 -12.53
CA MET C 740 -14.84 5.92 -13.75
C MET C 740 -13.51 5.32 -14.19
N TYR C 741 -12.40 5.94 -13.81
CA TYR C 741 -11.09 5.40 -14.20
C TYR C 741 -10.72 4.21 -13.34
N ILE C 742 -10.59 4.41 -12.03
CA ILE C 742 -10.07 3.35 -11.17
C ILE C 742 -11.15 2.36 -10.76
N CYS C 743 -12.42 2.75 -10.82
CA CYS C 743 -13.53 1.90 -10.38
C CYS C 743 -14.65 1.92 -11.42
N GLY C 744 -14.30 1.75 -12.69
CA GLY C 744 -15.25 1.94 -13.76
C GLY C 744 -16.43 0.99 -13.78
N ASP C 745 -17.65 1.55 -13.73
CA ASP C 745 -18.88 0.80 -13.92
C ASP C 745 -19.07 -0.30 -12.88
N SER C 746 -18.55 -0.10 -11.68
CA SER C 746 -18.63 -1.09 -10.61
C SER C 746 -19.00 -0.40 -9.32
N THR C 747 -20.10 -0.85 -8.69
CA THR C 747 -20.47 -0.36 -7.38
C THR C 747 -19.72 -1.08 -6.26
N GLU C 748 -19.17 -2.27 -6.55
CA GLU C 748 -18.48 -3.04 -5.53
C GLU C 748 -17.21 -2.36 -5.07
N CYS C 749 -16.54 -1.60 -5.95
CA CYS C 749 -15.36 -0.84 -5.54
C CYS C 749 -15.66 0.62 -5.22
N SER C 750 -16.75 1.18 -5.75
CA SER C 750 -17.10 2.55 -5.42
C SER C 750 -17.37 2.72 -3.94
N ASN C 751 -17.79 1.65 -3.26
CA ASN C 751 -17.90 1.68 -1.81
C ASN C 751 -16.54 1.46 -1.14
N LEU C 752 -15.59 0.88 -1.86
CA LEU C 752 -14.22 0.73 -1.38
C LEU C 752 -13.37 1.96 -1.66
N LEU C 753 -13.76 2.77 -2.63
CA LEU C 753 -13.06 3.99 -2.96
C LEU C 753 -13.43 5.15 -2.05
N LEU C 754 -14.62 5.12 -1.48
CA LEU C 754 -15.01 6.18 -0.54
C LEU C 754 -14.20 6.09 0.75
N GLN C 755 -13.69 4.90 1.08
CA GLN C 755 -12.87 4.75 2.26
C GLN C 755 -11.57 5.53 2.16
N TYR C 756 -11.11 5.84 0.95
CA TYR C 756 -9.91 6.62 0.74
C TYR C 756 -10.15 8.11 0.85
N GLY C 757 -11.30 8.51 1.40
CA GLY C 757 -11.51 9.93 1.66
C GLY C 757 -11.86 10.70 0.40
N SER C 758 -11.26 11.88 0.28
CA SER C 758 -11.59 12.82 -0.78
C SER C 758 -10.52 12.86 -1.86
N PHE C 759 -9.99 11.70 -2.27
CA PHE C 759 -8.92 11.69 -3.25
C PHE C 759 -9.45 12.02 -4.65
N CYS C 760 -10.59 11.43 -5.04
CA CYS C 760 -11.11 11.70 -6.38
C CYS C 760 -11.67 13.10 -6.53
N THR C 761 -12.33 13.64 -5.51
CA THR C 761 -12.78 15.02 -5.63
C THR C 761 -11.65 16.01 -5.48
N GLN C 762 -10.44 15.54 -5.21
CA GLN C 762 -9.23 16.37 -5.20
C GLN C 762 -8.46 16.29 -6.50
N LEU C 763 -8.60 15.19 -7.25
CA LEU C 763 -7.97 15.09 -8.56
C LEU C 763 -8.84 15.72 -9.64
N ASN C 764 -10.17 15.59 -9.51
CA ASN C 764 -11.06 16.28 -10.43
C ASN C 764 -10.99 17.79 -10.24
N ARG C 765 -10.60 18.24 -9.06
CA ARG C 765 -10.43 19.66 -8.78
C ARG C 765 -9.07 20.17 -9.24
N ALA C 766 -8.11 19.29 -9.48
CA ALA C 766 -6.81 19.68 -10.01
C ALA C 766 -6.80 19.65 -11.54
N LEU C 767 -7.36 18.58 -12.13
CA LEU C 767 -7.48 18.51 -13.58
C LEU C 767 -8.46 19.52 -14.14
N THR C 768 -9.28 20.15 -13.29
CA THR C 768 -10.14 21.25 -13.71
C THR C 768 -9.49 22.61 -13.49
N GLY C 769 -8.70 22.77 -12.43
CA GLY C 769 -7.98 24.00 -12.23
C GLY C 769 -6.93 24.25 -13.30
N ILE C 770 -6.42 23.18 -13.91
CA ILE C 770 -5.50 23.32 -15.04
C ILE C 770 -6.21 23.19 -16.38
N ALA C 771 -7.50 22.87 -16.39
CA ALA C 771 -8.29 22.93 -17.61
C ALA C 771 -8.92 24.30 -17.81
N VAL C 772 -9.42 24.91 -16.73
CA VAL C 772 -9.87 26.30 -16.79
C VAL C 772 -8.68 27.21 -17.05
N GLU C 773 -7.49 26.81 -16.62
CA GLU C 773 -6.30 27.63 -16.84
C GLU C 773 -5.93 27.70 -18.31
N GLN C 774 -6.24 26.66 -19.09
CA GLN C 774 -5.92 26.68 -20.51
C GLN C 774 -6.76 27.70 -21.28
N ASP C 775 -7.90 28.11 -20.74
CA ASP C 775 -8.68 29.19 -21.33
C ASP C 775 -8.23 30.56 -20.83
N LYS C 776 -7.57 30.61 -19.68
CA LYS C 776 -6.95 31.85 -19.22
C LYS C 776 -5.64 32.11 -19.93
N ASN C 777 -4.96 31.05 -20.38
CA ASN C 777 -3.73 31.21 -21.15
C ASN C 777 -4.04 31.74 -22.55
N THR C 778 -4.98 31.10 -23.24
CA THR C 778 -5.33 31.52 -24.59
C THR C 778 -5.98 32.89 -24.61
N GLN C 779 -6.63 33.29 -23.52
CA GLN C 779 -7.22 34.63 -23.46
C GLN C 779 -6.19 35.69 -23.11
N GLU C 780 -5.16 35.33 -22.34
CA GLU C 780 -4.11 36.29 -22.02
C GLU C 780 -3.23 36.57 -23.22
N VAL C 781 -2.95 35.54 -24.02
CA VAL C 781 -2.04 35.69 -25.15
C VAL C 781 -2.70 36.47 -26.28
N PHE C 782 -3.88 36.01 -26.72
CA PHE C 782 -4.49 36.55 -27.92
C PHE C 782 -5.44 37.72 -27.62
N ALA C 783 -6.23 37.64 -26.56
CA ALA C 783 -7.21 38.69 -26.29
C ALA C 783 -6.58 39.88 -25.60
N GLN C 784 -5.48 40.40 -26.15
CA GLN C 784 -4.90 41.65 -25.68
C GLN C 784 -5.63 42.85 -26.25
N VAL C 785 -6.46 42.66 -27.26
CA VAL C 785 -7.14 43.75 -27.95
C VAL C 785 -8.59 43.77 -27.50
N LYS C 786 -9.17 44.97 -27.51
CA LYS C 786 -10.54 45.15 -27.06
C LYS C 786 -11.56 45.08 -28.19
N GLN C 787 -11.19 45.55 -29.38
CA GLN C 787 -12.06 45.56 -30.53
C GLN C 787 -11.44 44.79 -31.68
N ILE C 788 -12.28 44.13 -32.46
CA ILE C 788 -11.83 43.35 -33.61
C ILE C 788 -11.65 44.30 -34.79
N TYR C 789 -10.39 44.55 -35.16
CA TYR C 789 -10.10 45.46 -36.26
C TYR C 789 -10.17 44.74 -37.59
N LYS C 790 -10.21 45.52 -38.67
CA LYS C 790 -10.27 44.98 -40.01
C LYS C 790 -9.32 45.75 -40.91
N THR C 791 -8.79 45.07 -41.92
CA THR C 791 -7.89 45.66 -42.88
C THR C 791 -8.68 46.20 -44.07
N PRO C 792 -8.34 47.38 -44.59
CA PRO C 792 -9.10 47.94 -45.71
C PRO C 792 -9.05 47.03 -46.92
N PRO C 793 -10.01 47.16 -47.85
CA PRO C 793 -10.03 46.26 -49.01
C PRO C 793 -8.85 46.45 -49.96
N ILE C 794 -8.22 47.63 -49.98
CA ILE C 794 -7.08 47.90 -50.84
C ILE C 794 -5.82 47.88 -49.99
N LYS C 795 -4.83 47.10 -50.42
CA LYS C 795 -3.59 46.93 -49.66
C LYS C 795 -2.50 47.82 -50.26
N ASP C 796 -2.64 49.12 -50.04
CA ASP C 796 -1.68 50.10 -50.52
C ASP C 796 -0.69 50.44 -49.39
N PHE C 797 0.08 49.42 -49.02
CA PHE C 797 1.02 49.53 -47.91
C PHE C 797 2.42 49.91 -48.36
N GLY C 798 2.56 50.61 -49.48
CA GLY C 798 3.86 51.08 -49.92
C GLY C 798 4.81 50.01 -50.38
N GLY C 799 4.31 48.83 -50.73
CA GLY C 799 5.14 47.74 -51.21
C GLY C 799 5.19 46.54 -50.28
N PHE C 800 4.84 46.72 -49.01
CA PHE C 800 4.84 45.60 -48.07
C PHE C 800 3.69 44.66 -48.41
N ASN C 801 3.99 43.38 -48.49
CA ASN C 801 3.03 42.35 -48.91
C ASN C 801 2.65 41.52 -47.69
N PHE C 802 1.47 41.79 -47.13
CA PHE C 802 0.98 41.07 -45.96
C PHE C 802 -0.01 39.97 -46.33
N SER C 803 -0.11 39.62 -47.62
CA SER C 803 -1.04 38.57 -48.02
C SER C 803 -0.74 37.25 -47.32
N GLN C 804 0.51 37.05 -46.91
CA GLN C 804 0.89 35.81 -46.26
C GLN C 804 0.41 35.72 -44.82
N ILE C 805 0.25 36.86 -44.15
CA ILE C 805 -0.11 36.87 -42.74
C ILE C 805 -1.57 37.29 -42.57
N LEU C 806 -2.09 38.07 -43.50
CA LEU C 806 -3.49 38.48 -43.40
C LEU C 806 -4.40 37.34 -43.86
N PRO C 807 -5.59 37.24 -43.29
CA PRO C 807 -6.45 36.08 -43.57
C PRO C 807 -6.85 36.00 -45.03
N ASP C 808 -6.97 34.76 -45.52
CA ASP C 808 -7.31 34.51 -46.91
C ASP C 808 -8.80 34.26 -47.04
N PRO C 809 -9.53 35.08 -47.79
CA PRO C 809 -10.99 34.86 -47.88
C PRO C 809 -11.36 33.62 -48.68
N SER C 810 -10.58 33.28 -49.71
CA SER C 810 -10.92 32.13 -50.54
C SER C 810 -10.94 30.83 -49.75
N LYS C 811 -9.91 30.61 -48.94
CA LYS C 811 -9.89 29.42 -48.10
C LYS C 811 -10.93 29.54 -47.00
N PRO C 812 -11.54 28.42 -46.60
CA PRO C 812 -12.46 28.46 -45.46
C PRO C 812 -11.69 28.68 -44.15
N SER C 813 -12.44 29.07 -43.13
CA SER C 813 -11.96 29.42 -41.79
C SER C 813 -11.15 30.71 -41.77
N LYS C 814 -10.89 31.33 -42.92
CA LYS C 814 -10.20 32.62 -43.01
C LYS C 814 -8.88 32.60 -42.25
N ARG C 815 -8.05 31.60 -42.54
CA ARG C 815 -6.71 31.50 -41.98
C ARG C 815 -5.69 31.87 -43.05
N SER C 816 -4.65 32.59 -42.63
CA SER C 816 -3.64 33.08 -43.55
C SER C 816 -2.87 31.91 -44.16
N PRO C 817 -2.16 32.15 -45.26
CA PRO C 817 -1.30 31.08 -45.82
C PRO C 817 -0.31 30.52 -44.81
N ILE C 818 0.44 31.36 -44.12
CA ILE C 818 1.35 30.87 -43.09
C ILE C 818 0.56 30.21 -41.97
N GLU C 819 -0.60 30.79 -41.61
CA GLU C 819 -1.42 30.19 -40.57
C GLU C 819 -1.91 28.82 -40.98
N ASP C 820 -2.33 28.66 -42.25
CA ASP C 820 -2.77 27.35 -42.71
C ASP C 820 -1.62 26.37 -42.78
N LEU C 821 -0.42 26.86 -43.08
CA LEU C 821 0.74 25.98 -43.12
C LEU C 821 1.11 25.48 -41.73
N LEU C 822 0.86 26.30 -40.70
CA LEU C 822 1.17 25.90 -39.33
C LEU C 822 0.16 24.91 -38.78
N PHE C 823 -1.04 24.84 -39.36
CA PHE C 823 -2.05 23.90 -38.90
C PHE C 823 -1.92 22.53 -39.53
N ASN C 824 -1.10 22.39 -40.58
CA ASN C 824 -0.84 21.10 -41.20
C ASN C 824 0.44 20.44 -40.71
N LYS C 825 1.37 21.22 -40.15
CA LYS C 825 2.62 20.65 -39.67
C LYS C 825 2.50 20.02 -38.29
N VAL C 826 1.41 20.28 -37.58
CA VAL C 826 1.19 19.72 -36.24
C VAL C 826 0.14 18.62 -36.36
N THR C 827 0.52 17.40 -36.01
CA THR C 827 -0.39 16.26 -36.03
C THR C 827 -0.87 15.98 -34.62
N LEU C 828 -2.19 16.01 -34.43
CA LEU C 828 -2.78 15.79 -33.12
C LEU C 828 -3.29 14.36 -32.98
N GLN C 853 -10.18 9.68 -29.47
CA GLN C 853 -10.33 8.34 -28.91
C GLN C 853 -11.12 8.38 -27.59
N LYS C 854 -12.26 7.71 -27.57
CA LYS C 854 -13.08 7.64 -26.36
C LYS C 854 -12.63 6.47 -25.51
N PHE C 855 -12.49 6.72 -24.21
CA PHE C 855 -11.92 5.75 -23.29
C PHE C 855 -12.73 5.76 -22.00
N ASN C 856 -12.13 5.17 -20.97
CA ASN C 856 -12.75 5.03 -19.63
C ASN C 856 -12.53 6.30 -18.81
N GLY C 857 -13.50 7.20 -18.84
CA GLY C 857 -13.40 8.41 -18.06
C GLY C 857 -12.60 9.51 -18.68
N LEU C 858 -11.69 9.20 -19.60
CA LEU C 858 -10.83 10.19 -20.23
C LEU C 858 -11.63 10.97 -21.27
N THR C 859 -12.04 12.18 -20.91
CA THR C 859 -12.70 13.08 -21.84
C THR C 859 -11.80 14.29 -22.10
N VAL C 860 -11.99 14.89 -23.27
CA VAL C 860 -11.19 16.04 -23.70
C VAL C 860 -12.15 17.20 -23.92
N LEU C 861 -12.08 18.20 -23.05
CA LEU C 861 -12.95 19.36 -23.17
C LEU C 861 -12.47 20.25 -24.33
N PRO C 862 -13.40 20.92 -25.00
CA PRO C 862 -13.01 21.80 -26.11
C PRO C 862 -12.56 23.16 -25.58
N PRO C 863 -11.63 23.81 -26.26
CA PRO C 863 -11.21 25.15 -25.83
C PRO C 863 -12.34 26.15 -26.02
N LEU C 864 -12.42 27.11 -25.09
CA LEU C 864 -13.48 28.10 -25.15
C LEU C 864 -13.41 28.93 -26.43
N LEU C 865 -12.20 29.26 -26.87
CA LEU C 865 -11.99 30.02 -28.09
C LEU C 865 -11.70 29.06 -29.22
N THR C 866 -12.63 28.94 -30.18
CA THR C 866 -12.41 28.08 -31.32
C THR C 866 -11.24 28.57 -32.16
N ASP C 867 -10.65 27.65 -32.92
CA ASP C 867 -9.50 27.97 -33.77
C ASP C 867 -9.87 28.96 -34.87
N GLU C 868 -11.16 29.18 -35.12
CA GLU C 868 -11.62 30.25 -35.98
C GLU C 868 -11.87 31.54 -35.21
N MET C 869 -12.12 31.44 -33.90
CA MET C 869 -12.22 32.60 -33.05
C MET C 869 -10.84 33.13 -32.66
N ILE C 870 -9.88 32.22 -32.47
CA ILE C 870 -8.51 32.63 -32.20
C ILE C 870 -7.92 33.28 -33.45
N ALA C 871 -8.14 32.69 -34.62
CA ALA C 871 -7.69 33.28 -35.87
C ALA C 871 -8.43 34.57 -36.21
N GLN C 872 -9.49 34.88 -35.47
CA GLN C 872 -10.15 36.17 -35.58
C GLN C 872 -9.55 37.20 -34.63
N TYR C 873 -8.92 36.74 -33.54
CA TYR C 873 -8.17 37.63 -32.67
C TYR C 873 -6.89 38.10 -33.35
N THR C 874 -6.08 37.14 -33.83
CA THR C 874 -4.82 37.46 -34.49
C THR C 874 -5.01 38.16 -35.80
N SER C 875 -6.23 38.39 -36.28
CA SER C 875 -6.44 39.26 -37.42
C SER C 875 -6.77 40.69 -37.01
N ALA C 876 -7.15 40.90 -35.75
CA ALA C 876 -7.26 42.25 -35.22
C ALA C 876 -5.89 42.77 -34.78
N LEU C 877 -5.11 41.93 -34.11
CA LEU C 877 -3.74 42.28 -33.79
C LEU C 877 -2.88 42.46 -35.05
N LEU C 878 -3.34 41.94 -36.18
CA LEU C 878 -2.63 42.09 -37.44
C LEU C 878 -3.16 43.24 -38.29
N ALA C 879 -4.40 43.68 -38.07
CA ALA C 879 -4.95 44.82 -38.77
C ALA C 879 -4.84 46.11 -37.98
N GLY C 880 -4.46 46.04 -36.71
CA GLY C 880 -4.17 47.23 -35.94
C GLY C 880 -2.70 47.54 -35.96
N THR C 881 -1.87 46.49 -35.95
CA THR C 881 -0.43 46.68 -36.08
C THR C 881 -0.07 47.25 -37.45
N ILE C 882 -0.88 46.95 -38.46
CA ILE C 882 -0.59 47.41 -39.81
C ILE C 882 -1.11 48.83 -40.01
N THR C 883 -2.37 49.07 -39.69
CA THR C 883 -2.97 50.37 -39.96
C THR C 883 -2.65 51.39 -38.87
N SER C 884 -2.73 50.98 -37.60
CA SER C 884 -2.57 51.91 -36.49
C SER C 884 -1.17 51.89 -35.88
N GLY C 885 -0.49 50.76 -35.89
CA GLY C 885 0.84 50.66 -35.33
C GLY C 885 0.81 50.03 -33.94
N TRP C 886 1.40 50.74 -32.97
CA TRP C 886 1.37 50.30 -31.58
C TRP C 886 0.33 51.03 -30.75
N THR C 887 -0.36 52.02 -31.33
CA THR C 887 -1.26 52.86 -30.57
C THR C 887 -2.57 52.16 -30.22
N PHE C 888 -2.88 51.02 -30.84
CA PHE C 888 -4.10 50.31 -30.49
C PHE C 888 -3.96 49.49 -29.23
N GLY C 889 -2.79 49.49 -28.60
CA GLY C 889 -2.61 48.82 -27.33
C GLY C 889 -2.56 49.80 -26.18
N ALA C 890 -2.20 51.05 -26.49
CA ALA C 890 -2.15 52.09 -25.48
C ALA C 890 -3.54 52.70 -25.23
N GLY C 891 -4.12 53.30 -26.26
CA GLY C 891 -5.42 53.89 -26.15
C GLY C 891 -6.30 53.55 -27.34
N PRO C 892 -6.94 54.56 -27.93
CA PRO C 892 -7.71 54.32 -29.15
C PRO C 892 -6.78 54.14 -30.35
N ALA C 893 -7.15 53.22 -31.23
CA ALA C 893 -6.35 52.96 -32.42
C ALA C 893 -6.27 54.21 -33.28
N LEU C 894 -5.06 54.63 -33.59
CA LEU C 894 -4.81 55.83 -34.37
C LEU C 894 -4.16 55.43 -35.69
N GLN C 895 -4.86 55.67 -36.79
CA GLN C 895 -4.36 55.27 -38.09
C GLN C 895 -3.08 56.03 -38.44
N ILE C 896 -2.24 55.39 -39.25
CA ILE C 896 -0.99 55.97 -39.73
C ILE C 896 -0.49 55.12 -40.89
N PRO C 897 -0.07 55.72 -41.99
CA PRO C 897 0.39 54.91 -43.14
C PRO C 897 1.54 54.01 -42.76
N PHE C 898 1.50 52.78 -43.27
CA PHE C 898 2.55 51.81 -42.92
C PHE C 898 3.94 52.27 -43.34
N PRO C 899 4.18 52.75 -44.56
CA PRO C 899 5.51 53.30 -44.86
C PRO C 899 5.92 54.42 -43.93
N MET C 900 4.96 55.09 -43.28
CA MET C 900 5.25 56.08 -42.27
C MET C 900 5.38 55.49 -40.87
N GLN C 901 4.77 54.34 -40.61
CA GLN C 901 4.95 53.69 -39.33
C GLN C 901 6.31 53.04 -39.22
N MET C 902 6.78 52.39 -40.29
CA MET C 902 8.07 51.73 -40.26
C MET C 902 9.21 52.73 -40.06
N ALA C 903 9.00 54.00 -40.35
CA ALA C 903 10.03 55.00 -40.16
C ALA C 903 10.10 55.54 -38.75
N TYR C 904 9.09 55.25 -37.91
CA TYR C 904 9.18 55.52 -36.48
C TYR C 904 9.46 54.27 -35.69
N ARG C 905 9.43 53.10 -36.33
CA ARG C 905 10.05 51.90 -35.77
C ARG C 905 11.50 51.77 -36.18
N PHE C 906 11.90 52.38 -37.31
CA PHE C 906 13.31 52.59 -37.59
C PHE C 906 13.91 53.60 -36.62
N ASN C 907 13.13 54.62 -36.25
CA ASN C 907 13.59 55.64 -35.33
C ASN C 907 13.78 55.13 -33.91
N GLY C 908 13.23 53.95 -33.59
CA GLY C 908 13.38 53.39 -32.27
C GLY C 908 14.61 52.53 -32.07
N ILE C 909 15.43 52.36 -33.11
CA ILE C 909 16.66 51.61 -33.02
C ILE C 909 17.88 52.48 -33.34
N GLY C 910 17.73 53.79 -33.21
CA GLY C 910 18.84 54.68 -33.49
C GLY C 910 19.19 54.85 -34.94
N VAL C 911 18.25 54.55 -35.85
CA VAL C 911 18.44 54.75 -37.28
C VAL C 911 17.45 55.83 -37.70
N THR C 912 17.97 56.99 -38.10
CA THR C 912 17.12 58.09 -38.51
C THR C 912 16.12 57.64 -39.55
N GLN C 913 14.93 58.27 -39.51
CA GLN C 913 13.85 57.85 -40.39
C GLN C 913 14.16 58.06 -41.86
N ASN C 914 15.10 58.97 -42.18
CA ASN C 914 15.44 59.23 -43.57
C ASN C 914 16.11 58.03 -44.24
N VAL C 915 16.48 57.00 -43.48
CA VAL C 915 17.03 55.80 -44.07
C VAL C 915 15.96 55.00 -44.80
N LEU C 916 14.76 54.92 -44.22
CA LEU C 916 13.71 54.11 -44.81
C LEU C 916 13.13 54.74 -46.06
N TYR C 917 12.60 55.96 -45.95
CA TYR C 917 11.96 56.62 -47.09
C TYR C 917 12.87 56.66 -48.31
N GLU C 918 14.18 56.85 -48.08
CA GLU C 918 15.11 56.86 -49.19
C GLU C 918 15.40 55.46 -49.73
N ASN C 919 15.06 54.41 -48.97
CA ASN C 919 15.24 53.04 -49.41
C ASN C 919 13.97 52.23 -49.24
N GLN C 920 12.82 52.89 -49.43
CA GLN C 920 11.54 52.24 -49.13
C GLN C 920 11.27 51.06 -50.06
N LYS C 921 11.58 51.22 -51.35
CA LYS C 921 11.30 50.14 -52.30
C LYS C 921 12.18 48.93 -52.04
N LEU C 922 13.45 49.15 -51.70
CA LEU C 922 14.34 48.04 -51.37
C LEU C 922 13.95 47.39 -50.06
N ILE C 923 13.67 48.19 -49.04
CA ILE C 923 13.26 47.65 -47.74
C ILE C 923 11.97 46.85 -47.87
N ALA C 924 11.05 47.31 -48.73
CA ALA C 924 9.80 46.58 -48.92
C ALA C 924 10.06 45.21 -49.54
N ASN C 925 10.98 45.15 -50.51
CA ASN C 925 11.29 43.86 -51.12
C ASN C 925 11.97 42.92 -50.13
N GLN C 926 12.89 43.45 -49.32
CA GLN C 926 13.51 42.63 -48.28
C GLN C 926 12.46 42.12 -47.30
N PHE C 927 11.44 42.93 -47.03
CA PHE C 927 10.33 42.47 -46.19
C PHE C 927 9.59 41.32 -46.86
N ASN C 928 9.12 41.54 -48.08
CA ASN C 928 8.34 40.53 -48.79
C ASN C 928 9.16 39.27 -49.01
N SER C 929 10.42 39.42 -49.44
CA SER C 929 11.27 38.26 -49.66
C SER C 929 11.52 37.49 -48.38
N ALA C 930 11.69 38.19 -47.26
CA ALA C 930 11.87 37.52 -45.98
C ALA C 930 10.63 36.76 -45.58
N ILE C 931 9.44 37.35 -45.80
CA ILE C 931 8.20 36.66 -45.51
C ILE C 931 8.04 35.44 -46.43
N GLY C 932 8.54 35.54 -47.66
CA GLY C 932 8.43 34.41 -48.57
C GLY C 932 9.19 33.19 -48.08
N LYS C 933 10.41 33.39 -47.58
CA LYS C 933 11.19 32.27 -47.08
C LYS C 933 10.55 31.65 -45.84
N ILE C 934 9.74 32.42 -45.10
CA ILE C 934 9.16 31.90 -43.87
C ILE C 934 8.23 30.73 -44.17
N GLN C 935 7.51 30.81 -45.29
CA GLN C 935 6.68 29.67 -45.70
C GLN C 935 7.55 28.46 -46.03
N ASP C 936 8.50 28.63 -46.94
CA ASP C 936 9.36 27.53 -47.37
C ASP C 936 10.25 27.02 -46.24
N SER C 937 10.53 27.85 -45.23
CA SER C 937 11.34 27.43 -44.10
C SER C 937 10.67 26.30 -43.34
N LEU C 938 9.51 26.58 -42.76
CA LEU C 938 8.81 25.57 -41.96
C LEU C 938 8.03 24.57 -42.81
N SER C 939 7.94 24.79 -44.12
CA SER C 939 7.32 23.81 -45.01
C SER C 939 8.28 22.76 -45.51
N SER C 940 9.58 22.91 -45.25
CA SER C 940 10.58 21.98 -45.76
C SER C 940 11.54 21.44 -44.71
N THR C 941 11.75 22.15 -43.60
CA THR C 941 12.68 21.61 -42.60
C THR C 941 11.92 20.81 -41.55
N PRO C 942 12.37 19.61 -41.22
CA PRO C 942 11.76 18.87 -40.12
C PRO C 942 12.05 19.53 -38.78
N SER C 943 11.21 19.21 -37.79
CA SER C 943 11.29 19.77 -36.45
C SER C 943 11.19 21.29 -36.47
N ALA C 944 10.44 21.84 -37.43
CA ALA C 944 10.20 23.27 -37.45
C ALA C 944 9.30 23.69 -36.29
N LEU C 945 8.17 23.01 -36.12
CA LEU C 945 7.26 23.24 -35.01
C LEU C 945 7.45 22.20 -33.91
N GLY C 946 8.69 21.80 -33.66
CA GLY C 946 8.96 20.81 -32.64
C GLY C 946 8.63 21.24 -31.23
N LYS C 947 8.36 22.53 -31.02
CA LYS C 947 8.01 22.99 -29.68
C LYS C 947 6.52 22.79 -29.39
N LEU C 948 5.67 23.00 -30.40
CA LEU C 948 4.25 22.70 -30.23
C LEU C 948 3.99 21.20 -30.39
N GLN C 949 4.70 20.55 -31.33
CA GLN C 949 4.48 19.14 -31.57
C GLN C 949 4.91 18.28 -30.39
N ASP C 950 5.88 18.73 -29.60
CA ASP C 950 6.28 18.00 -28.40
C ASP C 950 5.37 18.29 -27.22
N VAL C 951 4.72 19.45 -27.19
CA VAL C 951 3.69 19.68 -26.18
C VAL C 951 2.53 18.74 -26.39
N VAL C 952 2.19 18.46 -27.65
CA VAL C 952 1.14 17.48 -27.94
C VAL C 952 1.66 16.07 -27.69
N ASN C 953 2.92 15.80 -28.04
CA ASN C 953 3.48 14.48 -27.82
C ASN C 953 3.56 14.16 -26.33
N GLN C 954 4.05 15.11 -25.53
CA GLN C 954 4.17 14.89 -24.10
C GLN C 954 2.82 14.55 -23.47
N ASN C 955 1.76 15.25 -23.88
CA ASN C 955 0.44 14.97 -23.33
C ASN C 955 -0.10 13.65 -23.87
N ALA C 956 -0.05 13.46 -25.19
CA ALA C 956 -0.57 12.23 -25.77
C ALA C 956 0.20 11.02 -25.31
N GLN C 957 1.48 11.18 -24.95
CA GLN C 957 2.26 10.07 -24.44
C GLN C 957 2.02 9.87 -22.94
N ALA C 958 1.78 10.95 -22.20
CA ALA C 958 1.43 10.81 -20.79
C ALA C 958 -0.01 10.36 -20.60
N LEU C 959 -0.90 10.74 -21.51
CA LEU C 959 -2.27 10.27 -21.44
C LEU C 959 -2.39 8.83 -21.92
N ASN C 960 -1.49 8.40 -22.81
CA ASN C 960 -1.51 7.03 -23.30
C ASN C 960 -0.94 6.05 -22.29
N THR C 961 0.11 6.45 -21.56
CA THR C 961 0.63 5.60 -20.50
C THR C 961 -0.31 5.55 -19.30
N LEU C 962 -1.26 6.48 -19.20
CA LEU C 962 -2.28 6.38 -18.17
C LEU C 962 -3.28 5.28 -18.48
N VAL C 963 -3.52 5.01 -19.76
CA VAL C 963 -4.45 3.95 -20.13
C VAL C 963 -3.81 2.58 -19.95
N LYS C 964 -2.54 2.45 -20.31
CA LYS C 964 -1.86 1.17 -20.17
C LYS C 964 -1.67 0.75 -18.72
N GLN C 965 -1.94 1.64 -17.77
CA GLN C 965 -1.90 1.27 -16.36
C GLN C 965 -3.15 0.51 -15.93
N LEU C 966 -4.18 0.47 -16.75
CA LEU C 966 -5.34 -0.37 -16.47
C LEU C 966 -5.12 -1.82 -16.86
N SER C 967 -4.04 -2.12 -17.56
CA SER C 967 -3.70 -3.49 -17.94
C SER C 967 -2.69 -4.13 -17.01
N SER C 968 -2.48 -3.56 -15.83
CA SER C 968 -1.50 -4.06 -14.88
C SER C 968 -2.19 -4.62 -13.65
N ASN C 969 -1.57 -5.64 -13.06
CA ASN C 969 -2.17 -6.32 -11.92
C ASN C 969 -1.98 -5.57 -10.61
N PHE C 970 -0.85 -4.89 -10.46
CA PHE C 970 -0.45 -4.25 -9.20
C PHE C 970 -0.40 -5.24 -8.04
N GLY C 971 -0.32 -6.53 -8.34
CA GLY C 971 -0.36 -7.57 -7.34
C GLY C 971 -1.65 -8.37 -7.32
N ALA C 972 -2.73 -7.83 -7.88
CA ALA C 972 -3.99 -8.54 -7.92
C ALA C 972 -3.90 -9.73 -8.88
N ILE C 973 -4.91 -10.60 -8.80
CA ILE C 973 -4.91 -11.80 -9.63
C ILE C 973 -5.22 -11.48 -11.09
N SER C 974 -5.89 -10.36 -11.36
CA SER C 974 -6.25 -10.00 -12.72
C SER C 974 -6.44 -8.50 -12.81
N SER C 975 -6.05 -7.94 -13.96
CA SER C 975 -6.18 -6.51 -14.18
C SER C 975 -7.59 -6.09 -14.59
N VAL C 976 -8.48 -7.04 -14.84
CA VAL C 976 -9.85 -6.74 -15.22
C VAL C 976 -10.70 -6.70 -13.96
N LEU C 977 -11.37 -5.57 -13.72
CA LEU C 977 -12.16 -5.41 -12.51
C LEU C 977 -13.39 -6.30 -12.50
N ASN C 978 -13.77 -6.89 -13.64
CA ASN C 978 -14.86 -7.85 -13.69
C ASN C 978 -14.39 -9.29 -13.62
N ASP C 979 -13.17 -9.57 -14.08
CA ASP C 979 -12.62 -10.92 -13.97
C ASP C 979 -12.19 -11.25 -12.55
N ILE C 980 -12.37 -10.34 -11.59
CA ILE C 980 -12.15 -10.65 -10.19
C ILE C 980 -13.42 -10.52 -9.37
N LEU C 981 -14.43 -9.81 -9.84
CA LEU C 981 -15.74 -9.77 -9.21
C LEU C 981 -16.66 -10.87 -9.69
N SER C 982 -16.24 -11.65 -10.69
CA SER C 982 -17.03 -12.74 -11.24
C SER C 982 -16.50 -14.11 -10.86
N ARG C 983 -15.40 -14.17 -10.10
CA ARG C 983 -14.86 -15.44 -9.65
C ARG C 983 -14.56 -15.49 -8.17
N LEU C 984 -14.59 -14.38 -7.45
CA LEU C 984 -14.24 -14.33 -6.04
C LEU C 984 -15.44 -13.84 -5.24
N ASP C 985 -15.68 -14.48 -4.09
CA ASP C 985 -16.68 -14.00 -3.16
C ASP C 985 -16.27 -12.64 -2.59
N PRO C 986 -17.22 -11.86 -2.10
CA PRO C 986 -16.91 -10.49 -1.64
C PRO C 986 -15.76 -10.44 -0.64
N PRO C 987 -15.72 -11.30 0.38
CA PRO C 987 -14.60 -11.20 1.34
C PRO C 987 -13.24 -11.35 0.71
N GLU C 988 -13.08 -12.21 -0.30
CA GLU C 988 -11.80 -12.41 -0.96
C GLU C 988 -11.58 -11.47 -2.13
N ALA C 989 -12.63 -10.79 -2.60
CA ALA C 989 -12.49 -9.90 -3.76
C ALA C 989 -12.05 -8.51 -3.36
N GLU C 990 -12.42 -8.06 -2.16
CA GLU C 990 -12.02 -6.71 -1.72
C GLU C 990 -10.53 -6.63 -1.45
N VAL C 991 -9.88 -7.74 -1.11
CA VAL C 991 -8.44 -7.72 -0.89
C VAL C 991 -7.67 -7.73 -2.19
N GLN C 992 -8.32 -8.08 -3.31
CA GLN C 992 -7.73 -8.00 -4.63
C GLN C 992 -8.09 -6.71 -5.36
N ILE C 993 -9.27 -6.15 -5.09
CA ILE C 993 -9.64 -4.88 -5.67
C ILE C 993 -8.86 -3.75 -5.02
N ASP C 994 -8.60 -3.86 -3.72
CA ASP C 994 -7.82 -2.86 -3.02
C ASP C 994 -6.42 -2.71 -3.62
N ARG C 995 -5.87 -3.78 -4.17
CA ARG C 995 -4.58 -3.69 -4.83
C ARG C 995 -4.67 -2.98 -6.17
N LEU C 996 -5.86 -2.92 -6.78
CA LEU C 996 -6.06 -2.16 -8.00
C LEU C 996 -6.43 -0.71 -7.71
N ILE C 997 -7.30 -0.47 -6.71
CA ILE C 997 -7.63 0.88 -6.32
C ILE C 997 -6.38 1.62 -5.83
N THR C 998 -5.55 0.93 -5.04
CA THR C 998 -4.30 1.55 -4.58
C THR C 998 -3.33 1.77 -5.73
N GLY C 999 -3.41 0.95 -6.77
CA GLY C 999 -2.52 1.07 -7.90
C GLY C 999 -3.02 1.99 -8.99
N ARG C 1000 -4.31 1.88 -9.33
CA ARG C 1000 -4.87 2.75 -10.35
C ARG C 1000 -5.01 4.18 -9.87
N LEU C 1001 -4.99 4.41 -8.56
CA LEU C 1001 -4.98 5.75 -8.00
C LEU C 1001 -3.57 6.30 -7.86
N GLN C 1002 -2.60 5.43 -7.50
CA GLN C 1002 -1.21 5.84 -7.47
C GLN C 1002 -0.70 6.16 -8.87
N SER C 1003 -1.25 5.50 -9.89
CA SER C 1003 -0.91 5.79 -11.28
C SER C 1003 -1.73 6.93 -11.85
N LEU C 1004 -2.78 7.36 -11.16
CA LEU C 1004 -3.53 8.55 -11.52
C LEU C 1004 -3.06 9.79 -10.78
N GLN C 1005 -2.61 9.63 -9.53
CA GLN C 1005 -1.99 10.75 -8.84
C GLN C 1005 -0.65 11.12 -9.46
N THR C 1006 0.01 10.15 -10.11
CA THR C 1006 1.24 10.44 -10.82
C THR C 1006 0.98 11.21 -12.11
N TYR C 1007 -0.15 10.95 -12.77
CA TYR C 1007 -0.51 11.70 -13.96
C TYR C 1007 -0.95 13.12 -13.61
N VAL C 1008 -1.78 13.27 -12.58
CA VAL C 1008 -2.25 14.59 -12.20
C VAL C 1008 -1.09 15.44 -11.69
N THR C 1009 -0.17 14.85 -10.94
CA THR C 1009 0.96 15.60 -10.43
C THR C 1009 1.86 16.08 -11.57
N GLN C 1010 2.19 15.19 -12.50
CA GLN C 1010 3.05 15.55 -13.62
C GLN C 1010 2.34 16.41 -14.65
N GLN C 1011 1.03 16.63 -14.51
CA GLN C 1011 0.34 17.62 -15.32
C GLN C 1011 0.36 18.99 -14.66
N LEU C 1012 0.28 19.03 -13.33
CA LEU C 1012 0.42 20.29 -12.61
C LEU C 1012 1.82 20.87 -12.82
N ILE C 1013 2.83 20.01 -12.88
CA ILE C 1013 4.18 20.48 -13.16
C ILE C 1013 4.32 20.86 -14.62
N ARG C 1014 3.54 20.22 -15.50
CA ARG C 1014 3.60 20.54 -16.92
C ARG C 1014 2.70 21.71 -17.28
N ALA C 1015 1.60 21.92 -16.57
CA ALA C 1015 0.77 23.07 -16.81
C ALA C 1015 1.41 24.36 -16.33
N ALA C 1016 2.36 24.27 -15.38
CA ALA C 1016 3.13 25.44 -14.99
C ALA C 1016 4.29 25.70 -15.95
N GLU C 1017 4.71 24.70 -16.70
CA GLU C 1017 5.71 24.90 -17.75
C GLU C 1017 5.09 25.56 -18.98
N ILE C 1018 3.80 25.37 -19.20
CA ILE C 1018 3.09 26.07 -20.26
C ILE C 1018 2.62 27.44 -19.81
N ARG C 1019 2.16 27.55 -18.56
CA ARG C 1019 1.79 28.84 -18.00
C ARG C 1019 2.97 29.77 -17.89
N ALA C 1020 4.19 29.25 -17.76
CA ALA C 1020 5.38 30.07 -17.83
C ALA C 1020 5.75 30.43 -19.26
N SER C 1021 5.15 29.76 -20.25
CA SER C 1021 5.30 30.14 -21.64
C SER C 1021 4.09 30.85 -22.20
N ALA C 1022 2.93 30.70 -21.58
CA ALA C 1022 1.77 31.52 -21.91
C ALA C 1022 1.87 32.91 -21.32
N ASN C 1023 2.68 33.08 -20.27
CA ASN C 1023 3.01 34.39 -19.74
C ASN C 1023 4.22 35.02 -20.43
N LEU C 1024 4.92 34.25 -21.27
CA LEU C 1024 5.96 34.79 -22.12
C LEU C 1024 5.46 35.10 -23.53
N ALA C 1025 4.39 34.44 -23.96
CA ALA C 1025 3.72 34.84 -25.19
C ALA C 1025 2.78 36.01 -24.96
N ALA C 1026 2.19 36.10 -23.76
CA ALA C 1026 1.39 37.26 -23.41
C ALA C 1026 2.26 38.50 -23.20
N THR C 1027 3.56 38.33 -23.02
CA THR C 1027 4.50 39.43 -22.91
C THR C 1027 5.12 39.77 -24.26
N LYS C 1028 5.40 38.76 -25.08
CA LYS C 1028 5.93 39.03 -26.41
C LYS C 1028 4.86 39.60 -27.33
N MET C 1029 3.59 39.27 -27.09
CA MET C 1029 2.52 39.91 -27.84
C MET C 1029 2.09 41.23 -27.23
N SER C 1030 2.58 41.56 -26.04
CA SER C 1030 2.33 42.86 -25.46
C SER C 1030 3.44 43.85 -25.78
N GLU C 1031 4.68 43.39 -25.88
CA GLU C 1031 5.81 44.28 -26.11
C GLU C 1031 6.33 44.27 -27.54
N CYS C 1032 6.33 43.11 -28.20
CA CYS C 1032 6.78 43.08 -29.59
C CYS C 1032 5.66 43.43 -30.56
N VAL C 1033 4.45 42.96 -30.31
CA VAL C 1033 3.34 43.20 -31.24
C VAL C 1033 2.69 44.55 -30.98
N LEU C 1034 2.35 44.85 -29.72
CA LEU C 1034 1.71 46.10 -29.37
C LEU C 1034 2.69 47.24 -29.16
N GLY C 1035 3.94 47.06 -29.54
CA GLY C 1035 4.94 48.11 -29.39
C GLY C 1035 6.21 47.76 -30.12
N GLN C 1036 7.33 48.24 -29.59
CA GLN C 1036 8.65 47.91 -30.12
C GLN C 1036 9.59 47.79 -28.94
N SER C 1037 10.18 46.62 -28.75
CA SER C 1037 10.94 46.34 -27.53
C SER C 1037 12.37 46.81 -27.66
N LYS C 1038 12.91 47.33 -26.56
CA LYS C 1038 14.32 47.62 -26.42
C LYS C 1038 15.08 46.50 -25.73
N ARG C 1039 14.38 45.45 -25.31
CA ARG C 1039 15.03 44.31 -24.67
C ARG C 1039 15.79 43.52 -25.71
N VAL C 1040 17.10 43.39 -25.52
CA VAL C 1040 17.93 42.72 -26.51
C VAL C 1040 17.60 41.23 -26.56
N ASP C 1041 17.54 40.70 -27.77
CA ASP C 1041 17.27 39.28 -28.03
C ASP C 1041 15.95 38.80 -27.43
N PHE C 1042 15.03 39.73 -27.17
CA PHE C 1042 13.71 39.34 -26.68
C PHE C 1042 12.72 39.16 -27.82
N CYS C 1043 12.68 40.11 -28.75
CA CYS C 1043 11.79 40.05 -29.90
C CYS C 1043 12.57 39.83 -31.19
N GLY C 1044 13.54 38.92 -31.14
CA GLY C 1044 14.28 38.56 -32.34
C GLY C 1044 15.74 38.92 -32.29
N LYS C 1045 16.58 38.11 -32.93
CA LYS C 1045 18.01 38.36 -32.99
C LYS C 1045 18.27 39.60 -33.83
N GLY C 1046 18.60 40.71 -33.19
CA GLY C 1046 18.86 41.96 -33.85
C GLY C 1046 18.03 43.08 -33.27
N TYR C 1047 18.15 44.25 -33.89
CA TYR C 1047 17.38 45.41 -33.48
C TYR C 1047 15.94 45.21 -33.91
N HIS C 1048 15.03 45.16 -32.95
CA HIS C 1048 13.64 44.82 -33.22
C HIS C 1048 12.94 45.95 -33.97
N LEU C 1049 12.11 45.56 -34.95
CA LEU C 1049 11.25 46.50 -35.66
C LEU C 1049 9.78 46.30 -35.33
N MET C 1050 9.26 45.08 -35.49
CA MET C 1050 7.86 44.79 -35.21
C MET C 1050 7.72 43.28 -35.07
N SER C 1051 6.47 42.83 -34.99
CA SER C 1051 6.20 41.40 -34.89
C SER C 1051 4.77 41.15 -35.34
N PHE C 1052 4.51 39.92 -35.75
CA PHE C 1052 3.19 39.54 -36.25
C PHE C 1052 2.76 38.23 -35.61
N PRO C 1053 1.71 38.23 -34.81
CA PRO C 1053 1.24 36.98 -34.21
C PRO C 1053 0.61 36.09 -35.27
N GLN C 1054 0.85 34.79 -35.14
CA GLN C 1054 0.21 33.81 -36.01
C GLN C 1054 -0.29 32.67 -35.15
N SER C 1055 -1.55 32.30 -35.34
CA SER C 1055 -2.12 31.22 -34.58
C SER C 1055 -1.45 29.90 -34.95
N ALA C 1056 -1.51 28.96 -34.02
CA ALA C 1056 -0.97 27.63 -34.23
C ALA C 1056 -1.66 26.68 -33.26
N PRO C 1057 -1.68 25.38 -33.55
CA PRO C 1057 -2.38 24.45 -32.66
C PRO C 1057 -1.78 24.41 -31.28
N HIS C 1058 -2.51 24.92 -30.29
CA HIS C 1058 -2.05 24.96 -28.89
C HIS C 1058 -0.74 25.72 -28.77
N GLY C 1059 -0.70 26.91 -29.35
CA GLY C 1059 0.50 27.73 -29.28
C GLY C 1059 0.34 28.99 -30.09
N VAL C 1060 1.47 29.64 -30.35
CA VAL C 1060 1.49 30.87 -31.12
C VAL C 1060 2.87 31.00 -31.75
N VAL C 1061 2.91 31.63 -32.93
CA VAL C 1061 4.13 31.82 -33.70
C VAL C 1061 4.29 33.30 -33.99
N PHE C 1062 5.43 33.87 -33.61
CA PHE C 1062 5.73 35.27 -33.84
C PHE C 1062 6.70 35.40 -35.00
N LEU C 1063 6.40 36.30 -35.94
CA LEU C 1063 7.30 36.57 -37.06
C LEU C 1063 8.05 37.86 -36.74
N HIS C 1064 9.11 37.71 -35.95
CA HIS C 1064 9.84 38.85 -35.42
C HIS C 1064 10.61 39.53 -36.54
N VAL C 1065 10.08 40.64 -37.06
CA VAL C 1065 10.77 41.42 -38.08
C VAL C 1065 11.84 42.26 -37.37
N THR C 1066 13.11 41.92 -37.60
CA THR C 1066 14.21 42.59 -36.94
C THR C 1066 15.10 43.28 -37.96
N TYR C 1067 15.99 44.13 -37.45
CA TYR C 1067 16.92 44.91 -38.26
C TYR C 1067 18.33 44.39 -37.95
N VAL C 1068 18.95 43.72 -38.90
CA VAL C 1068 20.28 43.17 -38.73
C VAL C 1068 21.24 43.95 -39.62
N PRO C 1069 22.21 44.68 -39.07
CA PRO C 1069 23.18 45.37 -39.91
C PRO C 1069 24.06 44.37 -40.66
N ALA C 1070 24.76 44.88 -41.67
CA ALA C 1070 25.65 44.05 -42.47
C ALA C 1070 26.53 44.95 -43.30
N GLN C 1071 27.50 44.35 -43.98
CA GLN C 1071 28.35 45.04 -44.94
C GLN C 1071 29.07 46.23 -44.29
N GLU C 1072 29.86 45.91 -43.25
CA GLU C 1072 30.50 46.95 -42.47
C GLU C 1072 31.78 47.41 -43.15
N LYS C 1073 32.38 48.48 -42.59
CA LYS C 1073 33.61 49.05 -43.09
C LYS C 1073 34.37 49.66 -41.91
N ASN C 1074 35.68 49.44 -41.90
CA ASN C 1074 36.51 50.00 -40.84
C ASN C 1074 36.78 51.48 -41.10
N PHE C 1075 36.79 52.26 -40.02
CA PHE C 1075 37.05 53.70 -40.11
C PHE C 1075 37.97 54.11 -38.98
N THR C 1076 38.49 55.34 -39.09
CA THR C 1076 39.30 55.95 -38.05
C THR C 1076 38.43 56.90 -37.24
N THR C 1077 38.48 56.79 -35.93
CA THR C 1077 37.57 57.52 -35.06
C THR C 1077 38.34 58.17 -33.92
N ALA C 1078 37.76 59.23 -33.37
CA ALA C 1078 38.33 59.99 -32.27
C ALA C 1078 37.19 60.49 -31.41
N PRO C 1079 37.26 60.33 -30.08
CA PRO C 1079 36.10 60.66 -29.24
C PRO C 1079 35.70 62.12 -29.27
N ALA C 1080 36.62 63.03 -29.53
CA ALA C 1080 36.32 64.45 -29.56
C ALA C 1080 37.02 65.07 -30.75
N ILE C 1081 36.75 66.36 -30.98
CA ILE C 1081 37.32 67.09 -32.11
C ILE C 1081 37.69 68.50 -31.66
N CYS C 1082 38.98 68.83 -31.68
CA CYS C 1082 39.43 70.12 -31.21
C CYS C 1082 39.17 71.21 -32.24
N HIS C 1083 38.73 72.37 -31.76
CA HIS C 1083 38.47 73.52 -32.64
C HIS C 1083 38.36 74.77 -31.78
N ASP C 1084 39.10 75.81 -32.18
CA ASP C 1084 39.23 77.05 -31.41
C ASP C 1084 39.67 76.82 -29.97
N GLY C 1085 40.31 75.69 -29.69
CA GLY C 1085 40.76 75.36 -28.35
C GLY C 1085 39.74 74.63 -27.52
N LYS C 1086 38.47 74.66 -27.90
CA LYS C 1086 37.42 73.93 -27.21
C LYS C 1086 37.22 72.57 -27.85
N ALA C 1087 36.75 71.62 -27.05
CA ALA C 1087 36.45 70.30 -27.57
C ALA C 1087 35.10 70.30 -28.27
N HIS C 1088 34.86 69.26 -29.06
CA HIS C 1088 33.59 69.09 -29.75
C HIS C 1088 33.23 67.61 -29.77
N PHE C 1089 32.19 67.26 -29.08
CA PHE C 1089 31.65 65.92 -28.99
C PHE C 1089 30.44 65.79 -29.91
N PRO C 1090 30.23 64.64 -30.55
CA PRO C 1090 29.12 64.51 -31.50
C PRO C 1090 27.79 64.43 -30.77
N ARG C 1091 26.83 65.24 -31.21
CA ARG C 1091 25.52 65.27 -30.57
C ARG C 1091 24.86 63.91 -30.64
N GLU C 1092 24.87 63.27 -31.82
CA GLU C 1092 24.30 61.95 -31.99
C GLU C 1092 25.14 61.20 -33.02
N GLY C 1093 25.75 60.10 -32.59
CA GLY C 1093 26.58 59.29 -33.45
C GLY C 1093 28.06 59.44 -33.10
N VAL C 1094 28.89 58.77 -33.90
CA VAL C 1094 30.33 58.74 -33.69
C VAL C 1094 31.00 59.67 -34.70
N PHE C 1095 32.20 60.11 -34.35
CA PHE C 1095 33.08 60.80 -35.29
C PHE C 1095 33.83 59.77 -36.11
N VAL C 1096 33.90 59.98 -37.43
CA VAL C 1096 34.65 59.11 -38.32
C VAL C 1096 35.41 59.94 -39.33
N SER C 1097 36.38 59.31 -39.97
CA SER C 1097 37.19 59.93 -41.00
C SER C 1097 37.46 58.92 -42.10
N ASN C 1098 37.32 59.35 -43.35
CA ASN C 1098 37.63 58.49 -44.49
C ASN C 1098 39.07 58.64 -44.94
N GLY C 1099 39.96 59.04 -44.04
CA GLY C 1099 41.37 59.16 -44.35
C GLY C 1099 41.87 60.59 -44.31
N THR C 1100 41.10 61.53 -44.87
CA THR C 1100 41.48 62.93 -44.91
C THR C 1100 40.47 63.85 -44.24
N HIS C 1101 39.18 63.66 -44.50
CA HIS C 1101 38.14 64.51 -43.95
C HIS C 1101 37.43 63.79 -42.81
N TRP C 1102 37.04 64.55 -41.79
CA TRP C 1102 36.31 64.00 -40.66
C TRP C 1102 34.82 64.25 -40.82
N PHE C 1103 34.01 63.29 -40.37
CA PHE C 1103 32.57 63.32 -40.56
C PHE C 1103 31.87 62.86 -39.29
N VAL C 1104 30.63 63.30 -39.13
CA VAL C 1104 29.74 62.82 -38.08
C VAL C 1104 28.72 61.89 -38.72
N THR C 1105 28.71 60.64 -38.29
CA THR C 1105 27.75 59.67 -38.79
C THR C 1105 26.93 59.10 -37.64
N GLN C 1106 25.74 58.62 -37.97
CA GLN C 1106 24.96 57.91 -36.98
C GLN C 1106 25.61 56.56 -36.69
N ARG C 1107 25.16 55.92 -35.60
CA ARG C 1107 25.89 54.79 -35.06
C ARG C 1107 25.61 53.48 -35.80
N ASN C 1108 24.47 53.34 -36.47
CA ASN C 1108 24.04 52.05 -36.99
C ASN C 1108 23.88 52.03 -38.50
N PHE C 1109 24.27 53.08 -39.21
CA PHE C 1109 24.17 53.10 -40.66
C PHE C 1109 25.10 54.19 -41.18
N TYR C 1110 26.11 53.79 -41.94
CA TYR C 1110 27.11 54.76 -42.38
C TYR C 1110 26.49 55.86 -43.23
N GLU C 1111 26.43 57.07 -42.69
CA GLU C 1111 25.96 58.23 -43.42
C GLU C 1111 26.79 59.42 -42.98
N PRO C 1112 27.88 59.70 -43.70
CA PRO C 1112 28.77 60.79 -43.27
C PRO C 1112 28.14 62.15 -43.48
N GLN C 1113 28.34 63.02 -42.49
CA GLN C 1113 27.81 64.38 -42.54
C GLN C 1113 28.92 65.34 -42.15
N ILE C 1114 29.04 66.44 -42.91
CA ILE C 1114 30.09 67.41 -42.62
C ILE C 1114 29.83 68.05 -41.25
N ILE C 1115 30.91 68.27 -40.50
CA ILE C 1115 30.79 68.70 -39.12
C ILE C 1115 30.36 70.16 -39.08
N THR C 1116 29.23 70.43 -38.43
CA THR C 1116 28.69 71.77 -38.25
C THR C 1116 28.42 71.97 -36.77
N THR C 1117 28.16 73.21 -36.37
CA THR C 1117 27.93 73.51 -34.96
C THR C 1117 26.57 73.04 -34.46
N ASP C 1118 25.80 72.30 -35.26
CA ASP C 1118 24.47 71.85 -34.86
C ASP C 1118 24.39 70.36 -34.57
N ASN C 1119 25.39 69.57 -34.99
CA ASN C 1119 25.44 68.16 -34.64
C ASN C 1119 26.60 67.83 -33.71
N THR C 1120 27.25 68.85 -33.15
CA THR C 1120 28.29 68.68 -32.14
C THR C 1120 28.02 69.64 -30.99
N PHE C 1121 28.28 69.18 -29.77
CA PHE C 1121 28.15 70.02 -28.59
C PHE C 1121 29.51 70.15 -27.90
N VAL C 1122 29.84 71.38 -27.51
CA VAL C 1122 31.14 71.73 -26.95
C VAL C 1122 31.12 71.58 -25.44
N SER C 1123 32.23 71.11 -24.88
CA SER C 1123 32.37 71.01 -23.42
C SER C 1123 33.85 71.00 -23.07
N GLY C 1124 34.33 72.06 -22.45
CA GLY C 1124 35.71 72.11 -22.00
C GLY C 1124 36.68 72.50 -23.10
N ASN C 1125 37.96 72.26 -22.81
CA ASN C 1125 39.03 72.55 -23.75
C ASN C 1125 39.74 71.25 -24.13
N CYS C 1126 40.66 71.36 -25.09
CA CYS C 1126 41.30 70.20 -25.70
C CYS C 1126 42.46 69.64 -24.88
N ASP C 1127 42.61 70.03 -23.61
CA ASP C 1127 43.72 69.57 -22.79
C ASP C 1127 43.33 68.46 -21.82
N VAL C 1128 42.07 68.06 -21.80
CA VAL C 1128 41.57 67.08 -20.84
C VAL C 1128 41.22 65.76 -21.51
N VAL C 1129 40.65 65.80 -22.70
CA VAL C 1129 40.31 64.57 -23.42
C VAL C 1129 41.58 63.91 -23.93
N ILE C 1130 41.61 62.59 -23.89
CA ILE C 1130 42.73 61.81 -24.42
C ILE C 1130 42.24 61.09 -25.67
N GLY C 1131 42.62 61.63 -26.83
CA GLY C 1131 42.20 61.06 -28.09
C GLY C 1131 41.56 62.10 -29.01
N ILE C 1132 41.51 63.34 -28.55
CA ILE C 1132 40.91 64.41 -29.33
C ILE C 1132 41.86 64.81 -30.45
N VAL C 1133 41.29 65.10 -31.62
CA VAL C 1133 42.06 65.45 -32.80
C VAL C 1133 41.66 66.85 -33.27
N ASN C 1134 42.46 67.40 -34.18
CA ASN C 1134 42.23 68.73 -34.72
C ASN C 1134 41.42 68.64 -36.00
N ASN C 1135 40.44 69.53 -36.14
CA ASN C 1135 39.64 69.61 -37.35
C ASN C 1135 38.91 70.95 -37.36
N THR C 1136 38.08 71.15 -38.38
CA THR C 1136 37.34 72.38 -38.56
C THR C 1136 35.86 72.12 -38.42
N VAL C 1137 35.12 73.15 -38.03
CA VAL C 1137 33.67 73.09 -37.86
C VAL C 1137 33.06 74.28 -38.58
N TYR C 1138 32.31 74.00 -39.65
CA TYR C 1138 31.74 75.06 -40.46
C TYR C 1138 30.63 75.79 -39.70
N ASP C 1139 30.54 77.11 -39.91
CA ASP C 1139 29.53 77.92 -39.27
C ASP C 1139 28.51 78.42 -40.30
N PRO C 1140 27.22 78.41 -39.98
CA PRO C 1140 26.22 78.95 -40.91
C PRO C 1140 26.25 80.46 -41.05
N LEU C 1141 26.99 81.16 -40.19
CA LEU C 1141 27.03 82.62 -40.24
C LEU C 1141 28.01 83.13 -41.29
N GLN C 1142 29.03 82.34 -41.61
CA GLN C 1142 30.06 82.78 -42.57
C GLN C 1142 29.51 83.19 -43.92
N PRO C 1143 28.63 82.42 -44.59
CA PRO C 1143 28.14 82.86 -45.91
C PRO C 1143 27.25 84.09 -45.85
N GLU C 1144 26.80 84.52 -44.67
CA GLU C 1144 25.97 85.70 -44.55
C GLU C 1144 26.80 86.98 -44.41
N LEU C 1145 27.91 86.93 -43.68
CA LEU C 1145 28.78 88.09 -43.54
C LEU C 1145 29.60 88.38 -44.79
N ASP C 1146 29.64 87.46 -45.74
CA ASP C 1146 30.39 87.68 -46.99
C ASP C 1146 29.46 88.21 -48.08
N VAL D 2 -0.18 -56.87 13.51
CA VAL D 2 0.72 -57.60 12.64
C VAL D 2 0.65 -59.09 12.94
N GLN D 3 0.33 -59.89 11.92
CA GLN D 3 0.19 -61.33 12.08
C GLN D 3 0.85 -62.04 10.91
N LEU D 4 1.43 -63.20 11.20
CA LEU D 4 2.08 -64.03 10.18
C LEU D 4 1.75 -65.49 10.48
N VAL D 5 0.95 -66.11 9.60
CA VAL D 5 0.56 -67.51 9.75
C VAL D 5 1.21 -68.31 8.62
N GLU D 6 1.70 -69.50 8.95
CA GLU D 6 2.39 -70.35 8.01
C GLU D 6 1.65 -71.68 7.87
N SER D 7 1.86 -72.32 6.71
CA SER D 7 1.26 -73.62 6.43
C SER D 7 1.98 -74.23 5.24
N GLY D 8 1.84 -75.55 5.10
CA GLY D 8 2.40 -76.28 3.98
C GLY D 8 3.43 -77.32 4.34
N GLY D 9 4.02 -77.28 5.53
CA GLY D 9 5.05 -78.24 5.89
C GLY D 9 4.47 -79.58 6.34
N GLY D 10 5.33 -80.59 6.29
CA GLY D 10 4.93 -81.93 6.69
C GLY D 10 5.96 -82.95 6.27
N LEU D 11 5.54 -84.21 6.27
CA LEU D 11 6.44 -85.30 5.88
C LEU D 11 6.61 -85.31 4.37
N ILE D 12 7.85 -85.54 3.94
CA ILE D 12 8.17 -85.56 2.51
C ILE D 12 9.46 -86.35 2.32
N GLN D 13 9.58 -86.96 1.16
CA GLN D 13 10.73 -87.77 0.79
C GLN D 13 11.82 -86.90 0.18
N PRO D 14 13.08 -87.35 0.24
CA PRO D 14 14.16 -86.58 -0.40
C PRO D 14 13.97 -86.53 -1.91
N GLY D 15 14.41 -85.42 -2.50
CA GLY D 15 14.33 -85.23 -3.93
C GLY D 15 13.00 -84.71 -4.44
N GLY D 16 11.96 -84.69 -3.61
CA GLY D 16 10.63 -84.26 -4.05
C GLY D 16 10.50 -82.77 -4.19
N SER D 17 9.31 -82.24 -3.89
CA SER D 17 9.06 -80.81 -3.94
C SER D 17 8.14 -80.41 -2.80
N LEU D 18 8.34 -79.21 -2.26
CA LEU D 18 7.46 -78.68 -1.23
C LEU D 18 7.39 -77.17 -1.38
N ARG D 19 6.18 -76.62 -1.31
CA ARG D 19 5.97 -75.18 -1.36
C ARG D 19 5.37 -74.72 -0.04
N LEU D 20 6.04 -73.77 0.60
CA LEU D 20 5.58 -73.22 1.88
C LEU D 20 4.75 -71.97 1.64
N SER D 21 3.97 -71.61 2.67
CA SER D 21 3.09 -70.46 2.61
C SER D 21 3.26 -69.63 3.88
N CYS D 22 3.13 -68.31 3.73
CA CYS D 22 3.17 -67.40 4.87
C CYS D 22 2.24 -66.23 4.56
N ALA D 23 1.00 -66.33 5.03
CA ALA D 23 0.04 -65.26 4.86
C ALA D 23 0.25 -64.19 5.92
N ALA D 24 0.37 -62.94 5.49
CA ALA D 24 0.71 -61.83 6.36
C ALA D 24 -0.45 -60.84 6.39
N SER D 25 -1.02 -60.63 7.57
CA SER D 25 -2.07 -59.64 7.78
C SER D 25 -1.53 -58.48 8.60
N GLY D 26 -2.03 -57.28 8.31
CA GLY D 26 -1.54 -56.08 8.93
C GLY D 26 -0.38 -55.41 8.21
N PHE D 27 0.18 -56.07 7.21
CA PHE D 27 1.25 -55.52 6.37
C PHE D 27 1.30 -56.36 5.10
N THR D 28 2.27 -56.06 4.23
CA THR D 28 2.33 -56.68 2.91
C THR D 28 3.67 -57.36 2.71
N VAL D 29 3.71 -58.24 1.72
CA VAL D 29 4.97 -58.81 1.25
C VAL D 29 5.79 -57.82 0.44
N SER D 30 5.24 -56.63 0.16
CA SER D 30 5.96 -55.59 -0.57
C SER D 30 6.21 -54.34 0.28
N ASN D 31 5.65 -54.26 1.47
CA ASN D 31 5.92 -53.03 2.24
C ASN D 31 7.33 -53.12 2.81
N ASN D 32 7.65 -54.22 3.50
CA ASN D 32 8.98 -54.36 4.10
C ASN D 32 9.57 -55.69 3.66
N TYR D 33 10.90 -55.78 3.78
CA TYR D 33 11.60 -56.99 3.34
C TYR D 33 11.07 -58.22 4.08
N MET D 34 10.89 -59.30 3.34
CA MET D 34 10.46 -60.58 3.91
C MET D 34 11.59 -61.58 3.78
N SER D 35 11.80 -62.37 4.83
CA SER D 35 12.91 -63.32 4.89
C SER D 35 12.45 -64.62 5.50
N TRP D 36 13.02 -65.73 5.01
CA TRP D 36 12.77 -67.05 5.56
C TRP D 36 13.97 -67.50 6.38
N VAL D 37 13.70 -68.06 7.55
CA VAL D 37 14.75 -68.52 8.47
C VAL D 37 14.30 -69.83 9.09
N ARG D 38 15.18 -70.83 9.09
CA ARG D 38 14.86 -72.15 9.61
C ARG D 38 15.69 -72.44 10.85
N GLN D 39 15.21 -73.40 11.65
CA GLN D 39 15.88 -73.82 12.86
C GLN D 39 15.82 -75.35 12.92
N ALA D 40 16.98 -76.00 12.79
CA ALA D 40 17.02 -77.44 12.90
C ALA D 40 16.57 -77.87 14.31
N PRO D 41 16.00 -79.08 14.43
CA PRO D 41 15.48 -79.52 15.74
C PRO D 41 16.50 -79.44 16.86
N GLY D 42 16.24 -78.56 17.83
CA GLY D 42 17.17 -78.37 18.93
C GLY D 42 18.49 -77.75 18.53
N LYS D 43 18.49 -76.91 17.50
CA LYS D 43 19.74 -76.33 17.01
C LYS D 43 19.63 -74.82 16.84
N GLY D 44 20.62 -74.22 16.19
CA GLY D 44 20.66 -72.79 15.99
C GLY D 44 19.70 -72.32 14.91
N LEU D 45 19.83 -71.04 14.58
CA LEU D 45 19.02 -70.40 13.55
C LEU D 45 19.87 -70.22 12.30
N GLU D 46 19.33 -70.63 11.16
CA GLU D 46 20.00 -70.47 9.87
C GLU D 46 19.10 -69.67 8.95
N TRP D 47 19.58 -68.50 8.52
CA TRP D 47 18.84 -67.70 7.56
C TRP D 47 18.76 -68.45 6.23
N VAL D 48 17.55 -68.64 5.72
CA VAL D 48 17.34 -69.39 4.49
C VAL D 48 17.44 -68.46 3.29
N SER D 49 16.56 -67.47 3.23
CA SER D 49 16.50 -66.57 2.08
C SER D 49 15.83 -65.28 2.49
N VAL D 50 15.84 -64.30 1.59
CA VAL D 50 15.20 -63.02 1.80
C VAL D 50 14.80 -62.45 0.45
N ILE D 51 13.58 -61.92 0.37
CA ILE D 51 13.11 -61.17 -0.78
C ILE D 51 12.91 -59.73 -0.35
N TYR D 52 13.42 -58.79 -1.15
CA TYR D 52 13.28 -57.39 -0.81
C TYR D 52 11.88 -56.92 -1.21
N SER D 53 11.62 -55.62 -1.07
CA SER D 53 10.28 -55.10 -1.38
C SER D 53 9.92 -55.31 -2.84
N GLY D 54 10.92 -55.48 -3.70
CA GLY D 54 10.65 -55.86 -5.07
C GLY D 54 11.90 -56.09 -5.90
N GLY D 55 11.95 -57.22 -6.60
CA GLY D 55 13.01 -57.51 -7.54
C GLY D 55 14.21 -58.26 -7.00
N SER D 56 14.10 -58.87 -5.82
CA SER D 56 15.21 -59.59 -5.20
C SER D 56 14.85 -61.05 -5.02
N THR D 57 15.72 -61.94 -5.50
CA THR D 57 15.68 -63.36 -5.16
C THR D 57 17.05 -63.71 -4.61
N TYR D 58 17.24 -63.48 -3.32
CA TYR D 58 18.50 -63.76 -2.64
C TYR D 58 18.32 -64.98 -1.75
N TYR D 59 19.26 -65.92 -1.83
CA TYR D 59 19.21 -67.16 -1.08
C TYR D 59 20.54 -67.40 -0.39
N ALA D 60 20.59 -68.49 0.35
CA ALA D 60 21.82 -68.95 1.00
C ALA D 60 22.49 -70.01 0.16
N ASP D 61 23.81 -70.14 0.34
CA ASP D 61 24.59 -71.06 -0.46
C ASP D 61 24.18 -72.51 -0.25
N SER D 62 23.53 -72.82 0.89
CA SER D 62 23.05 -74.16 1.15
C SER D 62 21.75 -74.48 0.44
N VAL D 63 21.05 -73.47 -0.09
CA VAL D 63 19.76 -73.67 -0.74
C VAL D 63 19.68 -73.01 -2.11
N LYS D 64 20.79 -72.46 -2.63
CA LYS D 64 20.78 -71.90 -3.98
C LYS D 64 20.46 -72.98 -5.00
N GLY D 65 19.71 -72.59 -6.04
CA GLY D 65 19.33 -73.51 -7.09
C GLY D 65 18.29 -74.54 -6.72
N ARG D 66 17.94 -74.67 -5.44
CA ARG D 66 16.93 -75.61 -5.00
C ARG D 66 15.68 -74.93 -4.45
N PHE D 67 15.85 -73.85 -3.70
CA PHE D 67 14.73 -73.09 -3.16
C PHE D 67 14.53 -71.83 -3.99
N THR D 68 13.28 -71.44 -4.19
CA THR D 68 12.99 -70.14 -4.79
C THR D 68 11.88 -69.48 -3.98
N ILE D 69 12.09 -68.21 -3.64
CA ILE D 69 11.17 -67.44 -2.81
C ILE D 69 10.28 -66.62 -3.72
N SER D 70 9.00 -66.52 -3.36
CA SER D 70 8.03 -65.82 -4.19
C SER D 70 6.95 -65.24 -3.28
N ARG D 71 5.99 -64.55 -3.90
CA ARG D 71 4.91 -63.92 -3.17
C ARG D 71 3.76 -63.68 -4.12
N ASP D 72 2.58 -63.47 -3.56
CA ASP D 72 1.38 -63.13 -4.30
C ASP D 72 0.80 -61.86 -3.70
N LYS D 73 0.97 -60.75 -4.40
CA LYS D 73 0.49 -59.46 -3.88
C LYS D 73 -1.02 -59.48 -3.68
N SER D 74 -1.76 -60.18 -4.53
CA SER D 74 -3.21 -60.21 -4.43
C SER D 74 -3.65 -60.89 -3.13
N LYS D 75 -3.10 -62.06 -2.84
CA LYS D 75 -3.43 -62.80 -1.63
C LYS D 75 -2.58 -62.38 -0.43
N ASN D 76 -1.56 -61.54 -0.64
CA ASN D 76 -0.70 -61.05 0.43
C ASN D 76 -0.04 -62.22 1.19
N THR D 77 0.44 -63.21 0.44
CA THR D 77 1.08 -64.38 1.00
C THR D 77 2.53 -64.47 0.53
N LEU D 78 3.38 -65.00 1.39
CA LEU D 78 4.78 -65.25 1.08
C LEU D 78 4.97 -66.74 0.83
N TYR D 79 5.65 -67.07 -0.26
CA TYR D 79 5.84 -68.46 -0.66
C TYR D 79 7.33 -68.81 -0.68
N LEU D 80 7.61 -70.10 -0.49
CA LEU D 80 8.97 -70.64 -0.56
C LEU D 80 8.89 -72.01 -1.19
N GLN D 81 9.29 -72.11 -2.45
CA GLN D 81 9.38 -73.40 -3.13
C GLN D 81 10.62 -74.12 -2.62
N MET D 82 10.48 -75.39 -2.25
CA MET D 82 11.61 -76.23 -1.93
C MET D 82 11.63 -77.42 -2.88
N ASN D 83 12.59 -77.43 -3.80
CA ASN D 83 12.78 -78.51 -4.75
C ASN D 83 14.05 -79.27 -4.40
N ARG D 84 14.06 -80.57 -4.71
CA ARG D 84 15.21 -81.42 -4.47
C ARG D 84 15.62 -81.36 -3.00
N LEU D 85 14.67 -81.65 -2.13
CA LEU D 85 14.94 -81.61 -0.69
C LEU D 85 15.96 -82.66 -0.32
N ARG D 86 16.66 -82.41 0.78
CA ARG D 86 17.67 -83.31 1.30
C ARG D 86 17.43 -83.55 2.78
N ALA D 87 18.15 -84.53 3.33
CA ALA D 87 17.94 -84.90 4.72
C ALA D 87 18.38 -83.80 5.69
N GLU D 88 19.34 -82.97 5.28
CA GLU D 88 19.81 -81.90 6.15
C GLU D 88 18.89 -80.68 6.15
N ASP D 89 17.82 -80.69 5.36
CA ASP D 89 16.82 -79.62 5.40
C ASP D 89 15.74 -79.82 6.44
N THR D 90 15.84 -80.87 7.26
CA THR D 90 14.85 -81.09 8.31
C THR D 90 14.94 -79.98 9.35
N ALA D 91 13.92 -79.14 9.42
CA ALA D 91 13.91 -78.01 10.35
C ALA D 91 12.51 -77.43 10.36
N VAL D 92 12.28 -76.53 11.31
CA VAL D 92 11.07 -75.71 11.35
C VAL D 92 11.40 -74.38 10.68
N TYR D 93 10.56 -73.97 9.74
CA TYR D 93 10.82 -72.79 8.92
C TYR D 93 9.97 -71.63 9.40
N TYR D 94 10.60 -70.48 9.54
CA TYR D 94 9.94 -69.25 9.97
C TYR D 94 10.04 -68.22 8.85
N CYS D 95 8.95 -67.49 8.63
CA CYS D 95 8.95 -66.33 7.75
C CYS D 95 9.04 -65.08 8.61
N ALA D 96 10.10 -64.31 8.41
CA ALA D 96 10.39 -63.15 9.24
C ALA D 96 10.27 -61.88 8.42
N ARG D 97 9.47 -60.94 8.92
CA ARG D 97 9.33 -59.63 8.29
C ARG D 97 10.47 -58.75 8.81
N GLU D 98 11.10 -58.02 7.90
CA GLU D 98 12.19 -57.14 8.30
C GLU D 98 11.63 -55.90 8.97
N GLY D 99 12.48 -54.92 9.26
CA GLY D 99 12.09 -53.72 9.96
C GLY D 99 11.40 -52.75 9.02
N GLU D 100 10.19 -52.34 9.40
CA GLU D 100 9.48 -51.28 8.68
C GLU D 100 10.30 -50.01 8.66
N VAL D 101 10.11 -49.18 7.64
CA VAL D 101 10.88 -47.95 7.55
C VAL D 101 10.50 -47.03 8.70
N GLU D 102 11.53 -46.42 9.31
CA GLU D 102 11.45 -45.46 10.44
C GLU D 102 10.87 -46.19 11.65
N GLY D 103 11.26 -47.46 11.82
CA GLY D 103 10.79 -48.26 12.96
C GLY D 103 11.29 -47.69 14.27
N TYR D 104 10.39 -47.67 15.26
CA TYR D 104 10.66 -47.14 16.63
C TYR D 104 10.82 -45.61 16.58
N ASN D 105 10.47 -45.03 15.43
CA ASN D 105 10.41 -43.57 15.18
C ASN D 105 11.71 -42.84 15.53
N ASP D 106 12.88 -43.37 15.15
CA ASP D 106 14.12 -42.60 15.43
C ASP D 106 14.02 -41.28 14.65
N PHE D 107 14.32 -40.15 15.29
CA PHE D 107 14.19 -38.83 14.61
C PHE D 107 15.51 -38.37 13.97
N TRP D 108 16.59 -39.15 14.12
CA TRP D 108 17.89 -38.74 13.52
C TRP D 108 18.00 -39.24 12.08
N SER D 109 17.60 -40.49 11.84
CA SER D 109 17.66 -41.08 10.48
C SER D 109 16.25 -41.24 9.89
N GLY D 110 15.91 -40.37 8.93
CA GLY D 110 14.63 -40.33 8.25
C GLY D 110 14.51 -41.18 6.99
N TYR D 111 13.72 -42.24 7.10
CA TYR D 111 13.13 -42.96 5.97
C TYR D 111 14.11 -43.81 5.17
N SER D 112 15.41 -43.70 5.42
CA SER D 112 16.36 -44.66 4.86
C SER D 112 15.98 -46.08 5.25
N ARG D 113 15.53 -46.85 4.26
CA ARG D 113 14.87 -48.12 4.50
C ARG D 113 15.66 -49.09 5.37
N ASP D 114 16.99 -49.00 5.36
CA ASP D 114 17.91 -50.09 5.73
C ASP D 114 17.39 -50.82 6.96
N ARG D 115 17.43 -50.23 8.16
CA ARG D 115 16.84 -50.77 9.38
C ARG D 115 16.90 -52.30 9.44
N TYR D 116 18.07 -52.85 9.10
CA TYR D 116 18.20 -54.30 8.96
C TYR D 116 18.12 -55.01 10.30
N TYR D 117 16.94 -55.55 10.61
CA TYR D 117 16.73 -56.44 11.74
C TYR D 117 15.49 -57.26 11.45
N PHE D 118 15.01 -58.00 12.44
CA PHE D 118 13.84 -58.84 12.29
C PHE D 118 12.73 -58.35 13.19
N ASP D 119 11.56 -58.12 12.60
CA ASP D 119 10.34 -57.78 13.34
C ASP D 119 9.61 -59.07 13.68
N TYR D 120 8.34 -59.03 14.11
CA TYR D 120 7.62 -60.20 14.55
C TYR D 120 7.65 -61.31 13.50
N TRP D 121 7.71 -62.56 13.98
CA TRP D 121 7.92 -63.74 13.17
C TRP D 121 6.61 -64.47 12.96
N GLY D 122 6.68 -65.54 12.15
CA GLY D 122 5.57 -66.46 12.02
C GLY D 122 5.56 -67.47 13.15
N GLN D 123 4.63 -68.43 13.04
CA GLN D 123 4.54 -69.48 14.06
C GLN D 123 5.48 -70.63 13.78
N GLY D 124 5.82 -70.87 12.51
CA GLY D 124 6.72 -71.95 12.16
C GLY D 124 6.01 -73.24 11.83
N THR D 125 6.50 -73.95 10.81
CA THR D 125 5.92 -75.20 10.40
C THR D 125 7.01 -76.25 10.26
N LEU D 126 6.68 -77.49 10.63
CA LEU D 126 7.67 -78.57 10.66
C LEU D 126 7.89 -79.10 9.25
N VAL D 127 9.15 -79.23 8.86
CA VAL D 127 9.54 -79.82 7.58
C VAL D 127 10.47 -80.99 7.88
N THR D 128 9.98 -82.21 7.65
CA THR D 128 10.75 -83.42 7.88
C THR D 128 10.96 -84.14 6.55
N VAL D 129 12.20 -84.17 6.09
CA VAL D 129 12.55 -84.79 4.83
C VAL D 129 13.06 -86.20 5.11
N SER D 130 12.29 -87.21 4.70
CA SER D 130 12.66 -88.59 4.92
C SER D 130 11.93 -89.50 3.94
N VAL E 2 -28.87 -48.57 14.77
CA VAL E 2 -30.28 -48.45 14.44
C VAL E 2 -31.04 -49.68 14.91
N GLN E 3 -32.07 -49.46 15.72
CA GLN E 3 -32.86 -50.56 16.28
C GLN E 3 -34.33 -50.18 16.21
N LEU E 4 -35.17 -51.20 15.99
CA LEU E 4 -36.62 -51.02 15.95
C LEU E 4 -37.26 -52.22 16.64
N VAL E 5 -37.88 -51.98 17.79
CA VAL E 5 -38.54 -53.02 18.57
C VAL E 5 -40.04 -52.75 18.54
N GLU E 6 -40.83 -53.81 18.39
CA GLU E 6 -42.28 -53.71 18.31
C GLU E 6 -42.93 -54.49 19.44
N SER E 7 -44.15 -54.08 19.78
CA SER E 7 -44.94 -54.74 20.82
C SER E 7 -46.39 -54.30 20.68
N GLY E 8 -47.28 -55.09 21.26
CA GLY E 8 -48.70 -54.77 21.31
C GLY E 8 -49.61 -55.75 20.61
N GLY E 9 -49.08 -56.62 19.74
CA GLY E 9 -49.92 -57.55 19.02
C GLY E 9 -50.29 -58.78 19.85
N GLY E 10 -51.35 -59.45 19.42
CA GLY E 10 -51.81 -60.63 20.11
C GLY E 10 -53.19 -61.04 19.61
N LEU E 11 -53.85 -61.89 20.40
CA LEU E 11 -55.18 -62.35 20.05
C LEU E 11 -56.20 -61.26 20.30
N ILE E 12 -57.15 -61.12 19.36
CA ILE E 12 -58.18 -60.09 19.47
C ILE E 12 -59.36 -60.52 18.62
N GLN E 13 -60.54 -60.07 19.01
CA GLN E 13 -61.79 -60.38 18.34
C GLN E 13 -62.05 -59.36 17.23
N PRO E 14 -62.84 -59.73 16.22
CA PRO E 14 -63.19 -58.77 15.17
C PRO E 14 -64.01 -57.63 15.72
N GLY E 15 -63.83 -56.45 15.13
CA GLY E 15 -64.54 -55.26 15.53
C GLY E 15 -63.97 -54.50 16.71
N GLY E 16 -63.01 -55.08 17.42
CA GLY E 16 -62.44 -54.44 18.60
C GLY E 16 -61.48 -53.32 18.27
N SER E 17 -60.44 -53.16 19.10
CA SER E 17 -59.42 -52.15 18.88
C SER E 17 -58.06 -52.70 19.29
N LEU E 18 -57.02 -52.28 18.56
CA LEU E 18 -55.66 -52.66 18.90
C LEU E 18 -54.72 -51.53 18.51
N ARG E 19 -53.80 -51.19 19.41
CA ARG E 19 -52.79 -50.17 19.15
C ARG E 19 -51.42 -50.82 19.19
N LEU E 20 -50.67 -50.66 18.11
CA LEU E 20 -49.33 -51.21 18.00
C LEU E 20 -48.28 -50.18 18.41
N SER E 21 -47.09 -50.67 18.73
CA SER E 21 -45.99 -49.83 19.17
C SER E 21 -44.73 -50.20 18.40
N CYS E 22 -43.89 -49.20 18.14
CA CYS E 22 -42.60 -49.42 17.48
C CYS E 22 -41.63 -48.38 18.04
N ALA E 23 -40.88 -48.77 19.07
CA ALA E 23 -39.87 -47.90 19.64
C ALA E 23 -38.61 -47.95 18.80
N ALA E 24 -38.09 -46.80 18.43
CA ALA E 24 -36.95 -46.69 17.52
C ALA E 24 -35.80 -46.01 18.23
N SER E 25 -34.69 -46.73 18.37
CA SER E 25 -33.47 -46.20 18.94
C SER E 25 -32.42 -46.02 17.84
N GLY E 26 -31.59 -44.99 18.00
CA GLY E 26 -30.61 -44.63 17.00
C GLY E 26 -31.11 -43.68 15.93
N PHE E 27 -32.41 -43.40 15.90
CA PHE E 27 -33.01 -42.44 14.98
C PHE E 27 -34.37 -42.07 15.55
N THR E 28 -35.12 -41.25 14.81
CA THR E 28 -36.37 -40.70 15.30
C THR E 28 -37.53 -41.04 14.37
N VAL E 29 -38.74 -40.91 14.89
CA VAL E 29 -39.93 -40.98 14.07
C VAL E 29 -40.12 -39.74 13.21
N SER E 30 -39.29 -38.71 13.40
CA SER E 30 -39.34 -37.49 12.62
C SER E 30 -38.11 -37.27 11.76
N ASN E 31 -37.06 -38.07 11.93
CA ASN E 31 -35.90 -37.81 11.04
C ASN E 31 -36.21 -38.33 9.64
N ASN E 32 -36.63 -39.59 9.53
CA ASN E 32 -36.91 -40.15 8.22
C ASN E 32 -38.32 -40.74 8.22
N TYR E 33 -38.86 -40.92 7.03
CA TYR E 33 -40.22 -41.43 6.90
C TYR E 33 -40.35 -42.79 7.58
N MET E 34 -41.45 -42.98 8.30
CA MET E 34 -41.76 -44.25 8.94
C MET E 34 -42.99 -44.86 8.27
N SER E 35 -42.95 -46.17 8.05
CA SER E 35 -43.99 -46.88 7.34
C SER E 35 -44.29 -48.22 8.01
N TRP E 36 -45.56 -48.61 7.99
CA TRP E 36 -45.99 -49.91 8.48
C TRP E 36 -46.28 -50.84 7.32
N VAL E 37 -45.82 -52.07 7.42
CA VAL E 37 -45.99 -53.08 6.38
C VAL E 37 -46.28 -54.42 7.05
N ARG E 38 -47.31 -55.11 6.58
CA ARG E 38 -47.74 -56.38 7.14
C ARG E 38 -47.51 -57.50 6.15
N GLN E 39 -47.44 -58.72 6.68
CA GLN E 39 -47.25 -59.93 5.88
C GLN E 39 -48.19 -61.00 6.41
N ALA E 40 -49.19 -61.37 5.61
CA ALA E 40 -50.10 -62.43 6.00
C ALA E 40 -49.32 -63.74 6.17
N PRO E 41 -49.79 -64.64 7.05
CA PRO E 41 -49.06 -65.88 7.31
C PRO E 41 -48.74 -66.68 6.06
N GLY E 42 -47.45 -66.79 5.73
CA GLY E 42 -47.03 -67.50 4.53
C GLY E 42 -47.42 -66.82 3.25
N LYS E 43 -47.51 -65.47 3.25
CA LYS E 43 -47.96 -64.76 2.07
C LYS E 43 -47.02 -63.61 1.72
N GLY E 44 -47.44 -62.74 0.81
CA GLY E 44 -46.64 -61.63 0.37
C GLY E 44 -46.60 -60.50 1.37
N LEU E 45 -46.00 -59.39 0.93
CA LEU E 45 -45.88 -58.18 1.74
C LEU E 45 -46.89 -57.16 1.24
N GLU E 46 -47.65 -56.58 2.18
CA GLU E 46 -48.63 -55.55 1.87
C GLU E 46 -48.29 -54.30 2.68
N TRP E 47 -47.98 -53.21 1.98
CA TRP E 47 -47.74 -51.94 2.65
C TRP E 47 -49.03 -51.46 3.32
N VAL E 48 -48.95 -51.20 4.63
CA VAL E 48 -50.13 -50.80 5.39
C VAL E 48 -50.30 -49.29 5.32
N SER E 49 -49.31 -48.55 5.82
CA SER E 49 -49.41 -47.09 5.89
C SER E 49 -48.01 -46.51 5.98
N VAL E 50 -47.93 -45.19 5.88
CA VAL E 50 -46.69 -44.46 6.00
C VAL E 50 -46.97 -43.07 6.54
N ILE E 51 -46.16 -42.63 7.50
CA ILE E 51 -46.18 -41.26 8.00
C ILE E 51 -44.89 -40.60 7.60
N TYR E 52 -44.97 -39.39 7.05
CA TYR E 52 -43.77 -38.68 6.63
C TYR E 52 -43.12 -38.05 7.85
N SER E 53 -42.06 -37.25 7.63
CA SER E 53 -41.35 -36.66 8.75
C SER E 53 -42.25 -35.72 9.55
N GLY E 54 -43.31 -35.21 8.93
CA GLY E 54 -44.30 -34.45 9.67
C GLY E 54 -45.49 -34.03 8.84
N GLY E 55 -46.70 -34.28 9.35
CA GLY E 55 -47.92 -33.80 8.74
C GLY E 55 -48.59 -34.74 7.75
N SER E 56 -48.20 -36.02 7.72
CA SER E 56 -48.77 -36.99 6.78
C SER E 56 -49.47 -38.10 7.54
N THR E 57 -50.72 -38.37 7.16
CA THR E 57 -51.44 -39.58 7.57
C THR E 57 -51.91 -40.25 6.28
N TYR E 58 -51.03 -41.05 5.68
CA TYR E 58 -51.31 -41.77 4.46
C TYR E 58 -51.49 -43.24 4.77
N TYR E 59 -52.57 -43.83 4.25
CA TYR E 59 -52.90 -45.23 4.49
C TYR E 59 -53.19 -45.93 3.17
N ALA E 60 -53.48 -47.22 3.28
CA ALA E 60 -53.88 -48.03 2.14
C ALA E 60 -55.40 -48.14 2.10
N ASP E 61 -55.93 -48.38 0.90
CA ASP E 61 -57.37 -48.44 0.71
C ASP E 61 -58.02 -49.58 1.49
N SER E 62 -57.25 -50.60 1.86
CA SER E 62 -57.76 -51.69 2.67
C SER E 62 -57.87 -51.35 4.15
N VAL E 63 -57.24 -50.27 4.59
CA VAL E 63 -57.23 -49.89 6.00
C VAL E 63 -57.61 -48.44 6.23
N LYS E 64 -58.04 -47.72 5.20
CA LYS E 64 -58.50 -46.34 5.38
C LYS E 64 -59.71 -46.31 6.30
N GLY E 65 -59.78 -45.28 7.13
CA GLY E 65 -60.89 -45.11 8.06
C GLY E 65 -60.90 -46.06 9.23
N ARG E 66 -60.04 -47.07 9.25
CA ARG E 66 -59.96 -48.02 10.34
C ARG E 66 -58.64 -47.94 11.11
N PHE E 67 -57.53 -47.76 10.40
CA PHE E 67 -56.23 -47.62 11.04
C PHE E 67 -55.82 -46.16 11.03
N THR E 68 -55.16 -45.71 12.10
CA THR E 68 -54.55 -44.39 12.10
C THR E 68 -53.14 -44.51 12.67
N ILE E 69 -52.19 -43.90 11.97
CA ILE E 69 -50.77 -43.97 12.33
C ILE E 69 -50.42 -42.72 13.12
N SER E 70 -49.60 -42.89 14.16
CA SER E 70 -49.23 -41.80 15.03
C SER E 70 -47.83 -42.04 15.57
N ARG E 71 -47.36 -41.10 16.39
CA ARG E 71 -46.03 -41.18 16.97
C ARG E 71 -45.97 -40.29 18.19
N ASP E 72 -44.98 -40.55 19.04
CA ASP E 72 -44.73 -39.75 20.23
C ASP E 72 -43.26 -39.32 20.17
N LYS E 73 -43.03 -38.05 19.85
CA LYS E 73 -41.66 -37.54 19.72
C LYS E 73 -40.90 -37.67 21.04
N SER E 74 -41.59 -37.50 22.17
CA SER E 74 -40.93 -37.58 23.47
C SER E 74 -40.39 -38.98 23.73
N LYS E 75 -41.22 -40.00 23.54
CA LYS E 75 -40.81 -41.38 23.74
C LYS E 75 -40.15 -41.99 22.51
N ASN E 76 -40.15 -41.29 21.38
CA ASN E 76 -39.53 -41.78 20.14
C ASN E 76 -40.11 -43.13 19.72
N THR E 77 -41.43 -43.27 19.82
CA THR E 77 -42.12 -44.48 19.46
C THR E 77 -43.09 -44.22 18.31
N LEU E 78 -43.26 -45.24 17.47
CA LEU E 78 -44.21 -45.21 16.37
C LEU E 78 -45.43 -46.04 16.74
N TYR E 79 -46.62 -45.49 16.53
CA TYR E 79 -47.86 -46.14 16.91
C TYR E 79 -48.73 -46.37 15.68
N LEU E 80 -49.58 -47.41 15.79
CA LEU E 80 -50.55 -47.75 14.76
C LEU E 80 -51.83 -48.21 15.45
N GLN E 81 -52.84 -47.35 15.46
CA GLN E 81 -54.15 -47.74 15.97
C GLN E 81 -54.83 -48.62 14.95
N MET E 82 -55.38 -49.74 15.38
CA MET E 82 -56.22 -50.58 14.53
C MET E 82 -57.60 -50.69 15.16
N ASN E 83 -58.59 -50.03 14.54
CA ASN E 83 -59.97 -50.08 14.98
C ASN E 83 -60.79 -50.87 13.98
N ARG E 84 -61.84 -51.52 14.48
CA ARG E 84 -62.74 -52.31 13.65
C ARG E 84 -61.96 -53.35 12.85
N LEU E 85 -61.21 -54.18 13.58
CA LEU E 85 -60.41 -55.20 12.93
C LEU E 85 -61.31 -56.21 12.24
N ARG E 86 -60.75 -56.87 11.23
CA ARG E 86 -61.45 -57.87 10.46
C ARG E 86 -60.59 -59.12 10.35
N ALA E 87 -61.20 -60.21 9.87
CA ALA E 87 -60.49 -61.48 9.80
C ALA E 87 -59.36 -61.46 8.79
N GLU E 88 -59.45 -60.62 7.76
CA GLU E 88 -58.41 -60.54 6.75
C GLU E 88 -57.21 -59.70 7.19
N ASP E 89 -57.26 -59.11 8.39
CA ASP E 89 -56.11 -58.37 8.93
C ASP E 89 -55.14 -59.27 9.69
N THR E 90 -55.37 -60.58 9.72
CA THR E 90 -54.44 -61.47 10.41
C THR E 90 -53.10 -61.50 9.67
N ALA E 91 -52.07 -60.95 10.31
CA ALA E 91 -50.74 -60.87 9.71
C ALA E 91 -49.76 -60.45 10.78
N VAL E 92 -48.48 -60.54 10.44
CA VAL E 92 -47.40 -59.98 11.26
C VAL E 92 -47.08 -58.61 10.72
N TYR E 93 -47.04 -57.62 11.60
CA TYR E 93 -46.88 -56.22 11.20
C TYR E 93 -45.46 -55.76 11.47
N TYR E 94 -44.87 -55.11 10.48
CA TYR E 94 -43.52 -54.57 10.58
C TYR E 94 -43.56 -53.05 10.45
N CYS E 95 -42.76 -52.37 11.26
CA CYS E 95 -42.55 -50.94 11.12
C CYS E 95 -41.22 -50.72 10.40
N ALA E 96 -41.29 -50.09 9.24
CA ALA E 96 -40.13 -49.91 8.38
C ALA E 96 -39.74 -48.44 8.31
N ARG E 97 -38.48 -48.16 8.60
CA ARG E 97 -37.93 -46.81 8.46
C ARG E 97 -37.52 -46.62 7.01
N GLU E 98 -37.86 -45.46 6.44
CA GLU E 98 -37.50 -45.18 5.06
C GLU E 98 -36.02 -44.83 4.99
N GLY E 99 -35.56 -44.41 3.82
CA GLY E 99 -34.15 -44.10 3.61
C GLY E 99 -33.82 -42.73 4.17
N GLU E 100 -32.80 -42.70 5.03
CA GLU E 100 -32.24 -41.45 5.52
C GLU E 100 -31.77 -40.59 4.37
N VAL E 101 -31.77 -39.28 4.55
CA VAL E 101 -31.33 -38.38 3.48
C VAL E 101 -29.85 -38.61 3.21
N GLU E 102 -29.48 -38.67 1.93
CA GLU E 102 -28.15 -39.05 1.49
C GLU E 102 -27.78 -40.45 1.99
N GLY E 103 -28.51 -41.47 1.54
CA GLY E 103 -28.21 -42.84 1.90
C GLY E 103 -26.99 -43.38 1.19
N TYR E 104 -25.97 -43.74 1.97
CA TYR E 104 -24.72 -44.32 1.44
C TYR E 104 -23.95 -43.31 0.59
N ASN E 105 -24.49 -42.08 0.61
CA ASN E 105 -23.95 -40.86 -0.03
C ASN E 105 -23.34 -41.09 -1.42
N ASP E 106 -24.14 -41.50 -2.41
CA ASP E 106 -23.58 -41.56 -3.79
C ASP E 106 -23.20 -40.12 -4.12
N PHE E 107 -21.91 -39.78 -4.10
CA PHE E 107 -21.53 -38.38 -4.24
C PHE E 107 -21.88 -37.79 -5.61
N TRP E 108 -23.18 -37.74 -5.92
CA TRP E 108 -23.63 -37.00 -7.09
C TRP E 108 -24.84 -36.13 -6.77
N SER E 109 -25.77 -36.64 -5.97
CA SER E 109 -27.02 -35.95 -5.68
C SER E 109 -27.03 -35.56 -4.21
N GLY E 110 -27.59 -34.38 -3.91
CA GLY E 110 -27.46 -33.83 -2.58
C GLY E 110 -28.73 -33.47 -1.85
N TYR E 111 -29.04 -34.26 -0.82
CA TYR E 111 -29.97 -33.91 0.26
C TYR E 111 -31.44 -33.91 -0.14
N SER E 112 -31.76 -34.05 -1.43
CA SER E 112 -33.14 -34.30 -1.82
C SER E 112 -33.67 -35.54 -1.12
N ARG E 113 -34.61 -35.32 -0.20
CA ARG E 113 -35.02 -36.35 0.75
C ARG E 113 -35.45 -37.67 0.11
N ASP E 114 -35.97 -37.62 -1.13
CA ASP E 114 -36.84 -38.65 -1.71
C ASP E 114 -36.35 -40.04 -1.33
N ARG E 115 -35.22 -40.52 -1.89
CA ARG E 115 -34.58 -41.77 -1.50
C ARG E 115 -35.58 -42.85 -1.08
N TYR E 116 -36.64 -43.00 -1.87
CA TYR E 116 -37.74 -43.89 -1.48
C TYR E 116 -37.34 -45.35 -1.55
N TYR E 117 -37.02 -45.91 -0.39
CA TYR E 117 -36.80 -47.35 -0.21
C TYR E 117 -37.01 -47.66 1.26
N PHE E 118 -36.69 -48.89 1.66
CA PHE E 118 -36.84 -49.31 3.04
C PHE E 118 -35.48 -49.63 3.65
N ASP E 119 -35.20 -49.01 4.79
CA ASP E 119 -34.01 -49.29 5.58
C ASP E 119 -34.34 -50.40 6.57
N TYR E 120 -33.52 -50.65 7.59
CA TYR E 120 -33.72 -51.77 8.50
C TYR E 120 -35.11 -51.75 9.12
N TRP E 121 -35.66 -52.94 9.34
CA TRP E 121 -37.03 -53.15 9.74
C TRP E 121 -37.10 -53.46 11.24
N GLY E 122 -38.33 -53.60 11.74
CA GLY E 122 -38.55 -54.11 13.07
C GLY E 122 -38.52 -55.62 13.10
N GLN E 123 -38.83 -56.16 14.28
CA GLN E 123 -38.84 -57.61 14.43
C GLN E 123 -40.19 -58.22 14.02
N GLY E 124 -41.27 -57.45 14.14
CA GLY E 124 -42.58 -57.94 13.75
C GLY E 124 -43.34 -58.55 14.92
N THR E 125 -44.65 -58.29 14.98
CA THR E 125 -45.49 -58.83 16.03
C THR E 125 -46.73 -59.47 15.40
N LEU E 126 -47.18 -60.57 16.00
CA LEU E 126 -48.29 -61.33 15.46
C LEU E 126 -49.61 -60.67 15.82
N VAL E 127 -50.47 -60.49 14.82
CA VAL E 127 -51.81 -59.97 14.99
C VAL E 127 -52.79 -61.00 14.45
N THR E 128 -53.53 -61.64 15.35
CA THR E 128 -54.52 -62.65 14.99
C THR E 128 -55.91 -62.16 15.39
N VAL E 129 -56.74 -61.88 14.40
CA VAL E 129 -58.09 -61.37 14.62
C VAL E 129 -59.05 -62.55 14.55
N SER E 130 -59.64 -62.91 15.68
CA SER E 130 -60.59 -64.01 15.73
C SER E 130 -61.48 -63.89 16.96
N VAL F 2 -10.61 -42.93 37.92
CA VAL F 2 -10.16 -42.56 39.25
C VAL F 2 -10.38 -43.73 40.21
N GLN F 3 -9.30 -44.16 40.86
CA GLN F 3 -9.35 -45.28 41.79
C GLN F 3 -8.54 -44.95 43.04
N LEU F 4 -9.01 -45.46 44.17
CA LEU F 4 -8.33 -45.27 45.46
C LEU F 4 -8.43 -46.57 46.24
N VAL F 5 -7.29 -47.23 46.42
CA VAL F 5 -7.22 -48.49 47.16
C VAL F 5 -6.45 -48.25 48.45
N GLU F 6 -6.92 -48.85 49.53
CA GLU F 6 -6.32 -48.68 50.85
C GLU F 6 -5.85 -50.02 51.40
N SER F 7 -4.88 -49.96 52.30
CA SER F 7 -4.33 -51.14 52.94
C SER F 7 -3.53 -50.71 54.16
N GLY F 8 -3.32 -51.65 55.08
CA GLY F 8 -2.50 -51.43 56.26
C GLY F 8 -3.23 -51.56 57.58
N GLY F 9 -4.56 -51.54 57.60
CA GLY F 9 -5.28 -51.62 58.85
C GLY F 9 -5.43 -53.05 59.35
N GLY F 10 -5.71 -53.16 60.65
CA GLY F 10 -5.88 -54.46 61.27
C GLY F 10 -5.89 -54.35 62.77
N LEU F 11 -5.69 -55.48 63.44
CA LEU F 11 -5.67 -55.51 64.90
C LEU F 11 -4.37 -54.91 65.41
N ILE F 12 -4.48 -54.12 66.48
CA ILE F 12 -3.31 -53.47 67.06
C ILE F 12 -3.65 -53.10 68.50
N GLN F 13 -2.62 -53.06 69.33
CA GLN F 13 -2.73 -52.74 70.74
C GLN F 13 -2.65 -51.22 70.96
N PRO F 14 -3.22 -50.72 72.05
CA PRO F 14 -3.09 -49.29 72.34
C PRO F 14 -1.64 -48.90 72.58
N GLY F 15 -1.32 -47.66 72.20
CA GLY F 15 0.02 -47.14 72.38
C GLY F 15 1.02 -47.50 71.30
N GLY F 16 0.69 -48.44 70.42
CA GLY F 16 1.62 -48.88 69.40
C GLY F 16 1.77 -47.91 68.25
N SER F 17 1.97 -48.43 67.03
CA SER F 17 2.08 -47.60 65.85
C SER F 17 1.42 -48.31 64.68
N LEU F 18 0.81 -47.52 63.77
CA LEU F 18 0.22 -48.06 62.56
C LEU F 18 0.34 -47.03 61.46
N ARG F 19 0.76 -47.48 60.28
CA ARG F 19 0.86 -46.63 59.10
C ARG F 19 -0.11 -47.12 58.04
N LEU F 20 -0.99 -46.25 57.59
CA LEU F 20 -1.97 -46.58 56.57
C LEU F 20 -1.45 -46.21 55.19
N SER F 21 -2.07 -46.80 54.17
CA SER F 21 -1.69 -46.57 52.79
C SER F 21 -2.93 -46.30 51.95
N CYS F 22 -2.78 -45.44 50.94
CA CYS F 22 -3.86 -45.15 50.00
C CYS F 22 -3.23 -44.87 48.65
N ALA F 23 -3.14 -45.91 47.82
CA ALA F 23 -2.61 -45.76 46.47
C ALA F 23 -3.70 -45.23 45.55
N ALA F 24 -3.38 -44.17 44.82
CA ALA F 24 -4.34 -43.46 43.98
C ALA F 24 -3.91 -43.56 42.53
N SER F 25 -4.76 -44.18 41.71
CA SER F 25 -4.54 -44.26 40.27
C SER F 25 -5.55 -43.37 39.55
N GLY F 26 -5.10 -42.79 38.42
CA GLY F 26 -5.91 -41.84 37.68
C GLY F 26 -5.74 -40.40 38.12
N PHE F 27 -5.04 -40.16 39.23
CA PHE F 27 -4.73 -38.81 39.70
C PHE F 27 -3.57 -38.94 40.68
N THR F 28 -3.19 -37.83 41.30
CA THR F 28 -1.99 -37.78 42.14
C THR F 28 -2.35 -37.30 43.54
N VAL F 29 -1.43 -37.57 44.47
CA VAL F 29 -1.51 -36.97 45.80
C VAL F 29 -1.14 -35.49 45.80
N SER F 30 -0.68 -34.96 44.67
CA SER F 30 -0.35 -33.55 44.54
C SER F 30 -1.24 -32.82 43.56
N ASN F 31 -2.10 -33.50 42.83
CA ASN F 31 -2.96 -32.70 41.91
C ASN F 31 -4.05 -32.02 42.73
N ASN F 32 -4.78 -32.79 43.54
CA ASN F 32 -5.86 -32.20 44.31
C ASN F 32 -5.68 -32.56 45.77
N TYR F 33 -6.33 -31.80 46.65
CA TYR F 33 -6.19 -32.02 48.07
C TYR F 33 -6.62 -33.44 48.45
N MET F 34 -5.84 -34.07 49.33
CA MET F 34 -6.15 -35.39 49.84
C MET F 34 -6.47 -35.29 51.33
N SER F 35 -7.50 -36.02 51.75
CA SER F 35 -7.97 -35.95 53.12
C SER F 35 -8.31 -37.34 53.64
N TRP F 36 -8.07 -37.56 54.93
CA TRP F 36 -8.44 -38.80 55.60
C TRP F 36 -9.68 -38.56 56.47
N VAL F 37 -10.62 -39.50 56.41
CA VAL F 37 -11.86 -39.41 57.15
C VAL F 37 -12.22 -40.80 57.66
N ARG F 38 -12.56 -40.89 58.95
CA ARG F 38 -12.86 -42.16 59.58
C ARG F 38 -14.33 -42.21 59.98
N GLN F 39 -14.82 -43.43 60.17
CA GLN F 39 -16.20 -43.67 60.59
C GLN F 39 -16.19 -44.76 61.65
N ALA F 40 -16.53 -44.40 62.88
CA ALA F 40 -16.62 -45.39 63.95
C ALA F 40 -17.70 -46.42 63.60
N PRO F 41 -17.55 -47.66 64.09
CA PRO F 41 -18.52 -48.72 63.74
C PRO F 41 -19.96 -48.34 64.03
N GLY F 42 -20.76 -48.23 62.97
CA GLY F 42 -22.15 -47.83 63.13
C GLY F 42 -22.34 -46.41 63.61
N LYS F 43 -21.43 -45.51 63.26
CA LYS F 43 -21.51 -44.14 63.76
C LYS F 43 -21.35 -43.13 62.62
N GLY F 44 -21.17 -41.86 62.99
CA GLY F 44 -21.05 -40.79 62.01
C GLY F 44 -19.68 -40.76 61.35
N LEU F 45 -19.47 -39.70 60.57
CA LEU F 45 -18.21 -39.48 59.88
C LEU F 45 -17.43 -38.40 60.60
N GLU F 46 -16.15 -38.67 60.87
CA GLU F 46 -15.26 -37.71 61.51
C GLU F 46 -14.06 -37.47 60.59
N TRP F 47 -13.90 -36.23 60.16
CA TRP F 47 -12.74 -35.85 59.37
C TRP F 47 -11.48 -35.99 60.21
N VAL F 48 -10.52 -36.77 59.72
CA VAL F 48 -9.29 -37.03 60.46
C VAL F 48 -8.26 -35.95 60.16
N SER F 49 -7.86 -35.83 58.90
CA SER F 49 -6.81 -34.91 58.51
C SER F 49 -6.95 -34.60 57.02
N VAL F 50 -6.16 -33.64 56.57
CA VAL F 50 -6.12 -33.25 55.16
C VAL F 50 -4.74 -32.70 54.85
N ILE F 51 -4.18 -33.11 53.72
CA ILE F 51 -2.95 -32.56 53.18
C ILE F 51 -3.29 -31.84 51.88
N TYR F 52 -2.80 -30.62 51.73
CA TYR F 52 -3.09 -29.86 50.52
C TYR F 52 -2.16 -30.34 49.41
N SER F 53 -2.21 -29.67 48.24
CA SER F 53 -1.40 -30.10 47.11
C SER F 53 0.09 -30.03 47.43
N GLY F 54 0.47 -29.21 48.40
CA GLY F 54 1.83 -29.21 48.87
C GLY F 54 2.09 -28.28 50.05
N GLY F 55 2.74 -28.79 51.09
CA GLY F 55 3.16 -27.99 52.21
C GLY F 55 2.19 -27.89 53.37
N SER F 56 1.17 -28.75 53.44
CA SER F 56 0.18 -28.69 54.50
C SER F 56 0.20 -29.99 55.30
N THR F 57 0.29 -29.86 56.62
CA THR F 57 0.04 -30.98 57.54
C THR F 57 -1.01 -30.47 58.52
N TYR F 58 -2.28 -30.60 58.13
CA TYR F 58 -3.41 -30.18 58.94
C TYR F 58 -4.13 -31.41 59.49
N TYR F 59 -4.39 -31.39 60.79
CA TYR F 59 -5.03 -32.51 61.47
C TYR F 59 -6.20 -32.02 62.30
N ALA F 60 -6.88 -32.96 62.94
CA ALA F 60 -7.97 -32.67 63.87
C ALA F 60 -7.44 -32.67 65.30
N ASP F 61 -8.14 -31.95 66.17
CA ASP F 61 -7.71 -31.81 67.55
C ASP F 61 -7.71 -33.13 68.30
N SER F 62 -8.46 -34.13 67.81
CA SER F 62 -8.47 -35.44 68.42
C SER F 62 -7.28 -36.30 68.03
N VAL F 63 -6.53 -35.90 66.98
CA VAL F 63 -5.40 -36.68 66.49
C VAL F 63 -4.15 -35.85 66.33
N LYS F 64 -4.14 -34.60 66.76
CA LYS F 64 -2.93 -33.79 66.70
C LYS F 64 -1.83 -34.41 67.55
N GLY F 65 -0.59 -34.31 67.07
CA GLY F 65 0.55 -34.85 67.78
C GLY F 65 0.67 -36.35 67.79
N ARG F 66 -0.34 -37.07 67.32
CA ARG F 66 -0.32 -38.54 67.26
C ARG F 66 -0.32 -39.07 65.84
N PHE F 67 -1.10 -38.46 64.94
CA PHE F 67 -1.15 -38.86 63.55
C PHE F 67 -0.34 -37.86 62.72
N THR F 68 0.35 -38.36 61.70
CA THR F 68 0.98 -37.48 60.72
C THR F 68 0.67 -38.01 59.33
N ILE F 69 0.24 -37.12 58.44
CA ILE F 69 -0.15 -37.46 57.09
C ILE F 69 1.03 -37.21 56.16
N SER F 70 1.23 -38.10 55.19
CA SER F 70 2.36 -38.01 54.28
C SER F 70 1.97 -38.61 52.94
N ARG F 71 2.91 -38.58 52.00
CA ARG F 71 2.67 -39.09 50.67
C ARG F 71 4.01 -39.38 50.01
N ASP F 72 3.96 -40.20 48.97
CA ASP F 72 5.13 -40.53 48.17
C ASP F 72 4.79 -40.24 46.72
N LYS F 73 5.34 -39.14 46.19
CA LYS F 73 5.02 -38.75 44.81
C LYS F 73 5.45 -39.81 43.82
N SER F 74 6.55 -40.51 44.10
CA SER F 74 7.05 -41.53 43.18
C SER F 74 6.07 -42.69 43.06
N LYS F 75 5.61 -43.22 44.19
CA LYS F 75 4.65 -44.32 44.19
C LYS F 75 3.21 -43.86 44.11
N ASN F 76 2.96 -42.55 44.19
CA ASN F 76 1.61 -41.98 44.10
C ASN F 76 0.69 -42.58 45.16
N THR F 77 1.20 -42.70 46.38
CA THR F 77 0.45 -43.25 47.50
C THR F 77 0.30 -42.21 48.59
N LEU F 78 -0.83 -42.29 49.30
CA LEU F 78 -1.11 -41.42 50.44
C LEU F 78 -0.94 -42.24 51.72
N TYR F 79 -0.21 -41.67 52.68
CA TYR F 79 0.10 -42.36 53.92
C TYR F 79 -0.46 -41.61 55.11
N LEU F 80 -0.74 -42.36 56.18
CA LEU F 80 -1.21 -41.81 57.44
C LEU F 80 -0.57 -42.61 58.56
N GLN F 81 0.42 -42.00 59.22
CA GLN F 81 1.03 -42.60 60.40
C GLN F 81 0.07 -42.44 61.57
N MET F 82 -0.17 -43.51 62.32
CA MET F 82 -0.92 -43.43 63.57
C MET F 82 -0.02 -43.93 64.69
N ASN F 83 0.42 -43.01 65.55
CA ASN F 83 1.23 -43.32 66.71
C ASN F 83 0.42 -43.11 67.97
N ARG F 84 0.73 -43.89 69.01
CA ARG F 84 0.05 -43.79 70.30
C ARG F 84 -1.46 -43.93 70.12
N LEU F 85 -1.85 -45.05 69.51
CA LEU F 85 -3.26 -45.29 69.26
C LEU F 85 -4.01 -45.45 70.58
N ARG F 86 -5.30 -45.17 70.54
CA ARG F 86 -6.17 -45.27 71.71
C ARG F 86 -7.41 -46.07 71.34
N ALA F 87 -8.18 -46.43 72.36
CA ALA F 87 -9.36 -47.26 72.13
C ALA F 87 -10.44 -46.53 71.35
N GLU F 88 -10.50 -45.20 71.45
CA GLU F 88 -11.50 -44.43 70.74
C GLU F 88 -11.16 -44.22 69.26
N ASP F 89 -9.99 -44.69 68.80
CA ASP F 89 -9.64 -44.62 67.40
C ASP F 89 -10.14 -45.81 66.59
N THR F 90 -10.91 -46.71 67.20
CA THR F 90 -11.45 -47.84 66.45
C THR F 90 -12.47 -47.36 65.43
N ALA F 91 -12.14 -47.49 64.16
CA ALA F 91 -13.00 -47.02 63.07
C ALA F 91 -12.45 -47.55 61.76
N VAL F 92 -13.24 -47.40 60.72
CA VAL F 92 -12.80 -47.64 59.35
C VAL F 92 -12.37 -46.32 58.76
N TYR F 93 -11.17 -46.29 58.18
CA TYR F 93 -10.57 -45.06 57.70
C TYR F 93 -10.67 -44.98 56.18
N TYR F 94 -11.10 -43.82 55.70
CA TYR F 94 -11.24 -43.56 54.27
C TYR F 94 -10.29 -42.44 53.87
N CYS F 95 -9.66 -42.59 52.71
CA CYS F 95 -8.88 -41.52 52.10
C CYS F 95 -9.73 -40.88 51.01
N ALA F 96 -10.01 -39.59 51.16
CA ALA F 96 -10.92 -38.88 50.28
C ALA F 96 -10.14 -37.83 49.48
N ARG F 97 -10.29 -37.87 48.17
CA ARG F 97 -9.71 -36.88 47.28
C ARG F 97 -10.67 -35.70 47.22
N GLU F 98 -10.11 -34.49 47.31
CA GLU F 98 -10.95 -33.29 47.26
C GLU F 98 -11.37 -33.04 45.82
N GLY F 99 -12.00 -31.90 45.56
CA GLY F 99 -12.51 -31.57 44.24
C GLY F 99 -11.39 -31.06 43.36
N GLU F 100 -11.24 -31.69 42.19
CA GLU F 100 -10.32 -31.22 41.17
C GLU F 100 -10.69 -29.81 40.76
N VAL F 101 -9.70 -29.04 40.30
CA VAL F 101 -9.95 -27.66 39.90
C VAL F 101 -10.88 -27.67 38.69
N GLU F 102 -11.86 -26.77 38.71
CA GLU F 102 -12.95 -26.75 37.72
C GLU F 102 -13.71 -28.07 37.69
N GLY F 103 -14.37 -28.41 38.81
CA GLY F 103 -15.16 -29.61 38.87
C GLY F 103 -16.48 -29.49 38.11
N TYR F 104 -16.65 -30.33 37.08
CA TYR F 104 -17.87 -30.37 36.27
C TYR F 104 -18.05 -29.08 35.48
N ASN F 105 -17.01 -28.25 35.58
CA ASN F 105 -16.81 -26.95 34.85
C ASN F 105 -18.08 -26.11 34.73
N ASP F 106 -18.66 -25.65 35.85
CA ASP F 106 -19.80 -24.70 35.72
C ASP F 106 -19.19 -23.49 35.02
N PHE F 107 -19.50 -23.29 33.73
CA PHE F 107 -18.81 -22.25 32.97
C PHE F 107 -19.13 -20.84 33.47
N TRP F 108 -18.77 -20.55 34.71
CA TRP F 108 -18.82 -19.17 35.19
C TRP F 108 -17.56 -18.78 35.95
N SER F 109 -17.00 -19.70 36.73
CA SER F 109 -15.86 -19.40 37.59
C SER F 109 -14.67 -20.22 37.08
N GLY F 110 -13.48 -19.62 37.15
CA GLY F 110 -12.33 -20.23 36.50
C GLY F 110 -11.11 -20.48 37.36
N TYR F 111 -10.86 -21.77 37.63
CA TYR F 111 -9.57 -22.29 38.08
C TYR F 111 -9.21 -21.96 39.53
N SER F 112 -9.98 -21.11 40.19
CA SER F 112 -9.83 -20.95 41.64
C SER F 112 -10.01 -22.31 42.34
N ARG F 113 -8.90 -22.81 42.89
CA ARG F 113 -8.80 -24.18 43.34
C ARG F 113 -9.91 -24.60 44.31
N ASP F 114 -10.45 -23.65 45.09
CA ASP F 114 -11.14 -23.90 46.37
C ASP F 114 -12.02 -25.14 46.25
N ARG F 115 -13.14 -25.09 45.52
CA ARG F 115 -14.00 -26.24 45.23
C ARG F 115 -14.05 -27.25 46.37
N TYR F 116 -14.20 -26.75 47.60
CA TYR F 116 -14.09 -27.61 48.78
C TYR F 116 -15.27 -28.57 48.90
N TYR F 117 -15.05 -29.81 48.47
CA TYR F 117 -15.96 -30.91 48.69
C TYR F 117 -15.17 -32.20 48.58
N PHE F 118 -15.86 -33.33 48.57
CA PHE F 118 -15.21 -34.63 48.48
C PHE F 118 -15.60 -35.32 47.19
N ASP F 119 -14.59 -35.75 46.44
CA ASP F 119 -14.77 -36.55 45.24
C ASP F 119 -14.74 -38.02 45.63
N TYR F 120 -14.60 -38.96 44.69
CA TYR F 120 -14.69 -40.38 44.99
C TYR F 120 -13.72 -40.79 46.09
N TRP F 121 -14.15 -41.74 46.91
CA TRP F 121 -13.47 -42.16 48.13
C TRP F 121 -12.71 -43.45 47.90
N GLY F 122 -11.99 -43.88 48.93
CA GLY F 122 -11.39 -45.20 48.94
C GLY F 122 -12.39 -46.26 49.38
N GLN F 123 -11.88 -47.48 49.53
CA GLN F 123 -12.74 -48.57 49.96
C GLN F 123 -12.84 -48.65 51.48
N GLY F 124 -11.83 -48.19 52.20
CA GLY F 124 -11.85 -48.21 53.65
C GLY F 124 -11.22 -49.45 54.23
N THR F 125 -10.47 -49.29 55.32
CA THR F 125 -9.82 -50.41 55.99
C THR F 125 -10.13 -50.35 57.48
N LEU F 126 -10.30 -51.52 58.08
CA LEU F 126 -10.70 -51.61 59.47
C LEU F 126 -9.49 -51.40 60.38
N VAL F 127 -9.66 -50.52 61.38
CA VAL F 127 -8.64 -50.26 62.39
C VAL F 127 -9.26 -50.55 63.75
N THR F 128 -8.82 -51.61 64.39
CA THR F 128 -9.32 -52.01 65.70
C THR F 128 -8.17 -51.94 66.71
N VAL F 129 -8.26 -50.99 67.63
CA VAL F 129 -7.24 -50.79 68.65
C VAL F 129 -7.68 -51.50 69.92
N SER F 130 -6.96 -52.56 70.28
CA SER F 130 -7.26 -53.32 71.48
C SER F 130 -6.05 -54.12 71.93
N ALA G 3 30.70 -66.95 8.91
CA ALA G 3 29.66 -67.20 9.91
C ALA G 3 29.98 -66.44 11.21
N LEU G 4 29.11 -66.61 12.21
CA LEU G 4 29.26 -65.95 13.49
C LEU G 4 29.42 -66.99 14.59
N THR G 5 30.48 -66.86 15.38
CA THR G 5 30.77 -67.78 16.47
C THR G 5 30.31 -67.19 17.79
N GLN G 6 29.66 -68.02 18.60
CA GLN G 6 29.18 -67.63 19.92
C GLN G 6 29.56 -68.68 20.94
N PRO G 7 29.68 -68.30 22.21
CA PRO G 7 29.85 -69.31 23.27
C PRO G 7 28.61 -70.17 23.39
N ALA G 8 28.81 -71.48 23.47
CA ALA G 8 27.68 -72.40 23.47
C ALA G 8 26.76 -72.21 24.67
N SER G 9 27.28 -71.67 25.77
CA SER G 9 26.47 -71.43 26.95
C SER G 9 27.19 -70.47 27.88
N VAL G 10 26.41 -69.70 28.64
CA VAL G 10 26.92 -68.85 29.71
C VAL G 10 26.01 -69.03 30.92
N SER G 11 26.52 -68.62 32.08
CA SER G 11 25.80 -68.83 33.33
C SER G 11 26.08 -67.69 34.28
N GLY G 12 25.14 -67.43 35.19
CA GLY G 12 25.31 -66.41 36.19
C GLY G 12 24.21 -66.50 37.23
N SER G 13 24.36 -65.71 38.28
CA SER G 13 23.41 -65.61 39.37
C SER G 13 22.55 -64.37 39.21
N PRO G 14 21.33 -64.38 39.76
CA PRO G 14 20.48 -63.18 39.67
C PRO G 14 21.12 -61.98 40.36
N GLY G 15 20.92 -60.81 39.76
CA GLY G 15 21.40 -59.57 40.35
C GLY G 15 22.58 -58.93 39.64
N GLN G 16 23.52 -59.74 39.17
CA GLN G 16 24.73 -59.23 38.54
C GLN G 16 24.52 -59.07 37.03
N SER G 17 25.62 -58.92 36.30
CA SER G 17 25.59 -58.74 34.86
C SER G 17 26.35 -59.88 34.17
N ILE G 18 26.04 -60.10 32.90
CA ILE G 18 26.75 -61.06 32.07
C ILE G 18 26.99 -60.43 30.70
N THR G 19 28.17 -60.67 30.14
CA THR G 19 28.49 -60.28 28.79
C THR G 19 28.46 -61.50 27.87
N ILE G 20 28.10 -61.26 26.61
CA ILE G 20 28.02 -62.32 25.60
C ILE G 20 28.75 -61.85 24.35
N SER G 21 29.71 -62.64 23.89
CA SER G 21 30.55 -62.28 22.77
C SER G 21 30.07 -62.92 21.48
N CYS G 22 30.45 -62.29 20.36
CA CYS G 22 30.17 -62.83 19.03
C CYS G 22 31.22 -62.28 18.08
N THR G 23 32.20 -63.10 17.74
CA THR G 23 33.28 -62.70 16.85
C THR G 23 32.94 -63.07 15.41
N GLY G 24 33.25 -62.19 14.48
CA GLY G 24 33.00 -62.43 13.06
C GLY G 24 34.07 -61.71 12.25
N THR G 25 33.84 -61.61 10.94
CA THR G 25 34.80 -60.99 10.04
C THR G 25 34.64 -59.47 10.06
N SER G 26 35.46 -58.79 9.27
CA SER G 26 35.39 -57.34 9.11
C SER G 26 34.41 -56.92 8.01
N SER G 27 33.70 -57.87 7.41
CA SER G 27 32.78 -57.53 6.34
C SER G 27 31.45 -57.02 6.88
N ASP G 28 30.84 -57.78 7.80
CA ASP G 28 29.50 -57.48 8.28
C ASP G 28 29.52 -56.79 9.65
N VAL G 29 30.15 -57.40 10.65
CA VAL G 29 30.20 -56.78 11.97
C VAL G 29 31.23 -55.66 12.00
N GLY G 30 32.44 -55.93 11.50
CA GLY G 30 33.48 -54.92 11.54
C GLY G 30 33.29 -53.81 10.51
N GLY G 31 32.61 -54.11 9.42
CA GLY G 31 32.39 -53.12 8.38
C GLY G 31 31.08 -52.37 8.53
N TYR G 32 30.00 -53.09 8.75
CA TYR G 32 28.67 -52.52 8.84
C TYR G 32 28.23 -52.39 10.30
N ASN G 33 27.07 -51.79 10.50
CA ASN G 33 26.65 -51.35 11.83
C ASN G 33 25.22 -51.80 12.15
N TYR G 34 24.76 -52.91 11.60
CA TYR G 34 23.38 -53.36 11.77
C TYR G 34 23.30 -54.67 12.55
N VAL G 35 24.22 -54.82 13.49
CA VAL G 35 24.29 -56.02 14.38
C VAL G 35 23.02 -56.08 15.24
N SER G 36 22.34 -57.23 15.30
CA SER G 36 21.14 -57.33 16.11
C SER G 36 21.28 -58.50 17.07
N TRP G 37 20.34 -58.57 18.03
CA TRP G 37 20.31 -59.64 19.02
C TRP G 37 18.87 -60.08 19.24
N TYR G 38 18.69 -61.38 19.52
CA TYR G 38 17.36 -61.94 19.68
C TYR G 38 17.33 -62.89 20.88
N GLN G 39 16.12 -63.13 21.38
CA GLN G 39 15.88 -64.05 22.48
C GLN G 39 14.78 -65.02 22.10
N GLN G 40 15.06 -66.32 22.22
CA GLN G 40 14.12 -67.36 21.83
C GLN G 40 13.95 -68.36 22.97
N HIS G 41 12.74 -68.39 23.56
CA HIS G 41 12.41 -69.39 24.57
C HIS G 41 12.04 -70.70 23.89
N PRO G 42 12.30 -71.83 24.55
CA PRO G 42 11.98 -73.13 23.93
C PRO G 42 10.50 -73.23 23.58
N GLY G 43 10.22 -73.47 22.30
CA GLY G 43 8.86 -73.54 21.81
C GLY G 43 8.26 -72.23 21.36
N LYS G 44 8.96 -71.11 21.53
CA LYS G 44 8.49 -69.81 21.10
C LYS G 44 9.37 -69.29 19.97
N ALA G 45 8.81 -68.39 19.16
CA ALA G 45 9.56 -67.71 18.12
C ALA G 45 10.49 -66.66 18.73
N PRO G 46 11.66 -66.43 18.13
CA PRO G 46 12.59 -65.44 18.70
C PRO G 46 11.97 -64.06 18.81
N LYS G 47 12.62 -63.21 19.60
CA LYS G 47 12.15 -61.87 19.89
C LYS G 47 13.31 -60.90 19.73
N LEU G 48 13.05 -59.79 19.04
CA LEU G 48 14.09 -58.78 18.83
C LEU G 48 14.51 -58.16 20.16
N MET G 49 15.77 -58.38 20.53
CA MET G 49 16.31 -57.82 21.75
C MET G 49 17.13 -56.55 21.52
N ILE G 50 18.07 -56.62 20.59
CA ILE G 50 18.89 -55.41 20.29
C ILE G 50 18.92 -55.27 18.77
N TYR G 51 18.92 -54.03 18.27
CA TYR G 51 19.10 -53.70 16.86
C TYR G 51 19.81 -52.35 16.79
N ASP G 52 20.54 -52.17 15.68
CA ASP G 52 21.39 -50.99 15.34
C ASP G 52 22.71 -51.05 16.12
N VAL G 53 22.91 -52.14 16.88
CA VAL G 53 24.14 -52.44 17.68
C VAL G 53 24.53 -51.30 18.63
N SER G 54 23.53 -50.67 19.25
CA SER G 54 23.70 -49.56 20.23
C SER G 54 22.34 -49.33 20.88
N ASN G 55 21.32 -49.20 20.03
CA ASN G 55 19.88 -49.04 20.38
C ASN G 55 19.23 -50.30 20.99
N ARG G 56 17.99 -50.13 21.48
CA ARG G 56 17.13 -51.19 22.01
C ARG G 56 15.68 -50.91 21.65
N PRO G 57 14.94 -51.89 21.17
CA PRO G 57 13.52 -51.66 20.85
C PRO G 57 12.71 -51.35 22.09
N SER G 58 11.82 -50.37 21.97
CA SER G 58 10.91 -50.02 23.07
C SER G 58 10.02 -51.20 23.43
N GLY G 59 9.53 -51.18 24.66
CA GLY G 59 8.79 -52.30 25.20
C GLY G 59 9.63 -53.44 25.73
N VAL G 60 10.93 -53.21 25.90
CA VAL G 60 11.87 -54.22 26.37
C VAL G 60 12.54 -53.69 27.63
N SER G 61 12.81 -54.59 28.58
CA SER G 61 13.52 -54.22 29.80
C SER G 61 14.80 -53.46 29.45
N ASN G 62 15.03 -52.36 30.16
CA ASN G 62 16.16 -51.49 29.89
C ASN G 62 17.49 -52.06 30.36
N ARG G 63 17.47 -53.20 31.05
CA ARG G 63 18.72 -53.82 31.47
C ARG G 63 19.51 -54.34 30.26
N PHE G 64 18.82 -54.76 29.20
CA PHE G 64 19.51 -55.23 28.02
C PHE G 64 20.33 -54.12 27.40
N SER G 65 21.53 -54.46 26.93
CA SER G 65 22.42 -53.48 26.33
C SER G 65 23.38 -54.23 25.41
N GLY G 66 23.77 -53.56 24.31
CA GLY G 66 24.64 -54.17 23.34
C GLY G 66 25.70 -53.19 22.88
N SER G 67 26.76 -53.74 22.30
CA SER G 67 27.87 -52.97 21.77
C SER G 67 28.71 -53.88 20.88
N LYS G 68 29.58 -53.26 20.09
CA LYS G 68 30.49 -54.00 19.23
C LYS G 68 31.82 -53.28 19.15
N SER G 69 32.90 -54.00 19.41
CA SER G 69 34.26 -53.46 19.35
C SER G 69 34.97 -54.13 18.18
N GLY G 70 34.98 -53.45 17.04
CA GLY G 70 35.61 -54.02 15.85
C GLY G 70 34.81 -55.21 15.35
N ASN G 71 35.51 -56.33 15.14
CA ASN G 71 34.91 -57.53 14.59
C ASN G 71 34.16 -58.35 15.62
N THR G 72 34.04 -57.87 16.86
CA THR G 72 33.39 -58.62 17.93
C THR G 72 32.18 -57.85 18.42
N ALA G 73 31.05 -58.54 18.53
CA ALA G 73 29.82 -57.98 19.07
C ALA G 73 29.65 -58.40 20.52
N SER G 74 28.88 -57.62 21.27
CA SER G 74 28.70 -57.85 22.70
C SER G 74 27.26 -57.56 23.11
N LEU G 75 26.67 -58.51 23.86
CA LEU G 75 25.37 -58.32 24.48
C LEU G 75 25.57 -58.35 25.99
N THR G 76 25.48 -57.19 26.62
CA THR G 76 25.75 -57.05 28.05
C THR G 76 24.41 -56.98 28.79
N ILE G 77 23.90 -58.15 29.16
CA ILE G 77 22.69 -58.21 29.98
C ILE G 77 23.05 -57.87 31.42
N SER G 78 22.18 -57.09 32.08
CA SER G 78 22.39 -56.70 33.46
C SER G 78 21.18 -57.13 34.28
N GLY G 79 21.44 -57.39 35.57
CA GLY G 79 20.39 -57.79 36.49
C GLY G 79 19.58 -58.97 36.01
N LEU G 80 20.20 -60.14 35.94
CA LEU G 80 19.52 -61.34 35.47
C LEU G 80 18.35 -61.69 36.38
N GLN G 81 17.21 -61.99 35.78
CA GLN G 81 16.06 -62.55 36.48
C GLN G 81 15.82 -63.98 36.03
N ALA G 82 14.75 -64.58 36.55
CA ALA G 82 14.44 -65.98 36.22
C ALA G 82 13.93 -66.13 34.80
N GLU G 83 13.27 -65.10 34.26
CA GLU G 83 12.71 -65.23 32.91
C GLU G 83 13.79 -65.18 31.83
N ASP G 84 14.97 -64.64 32.13
CA ASP G 84 16.01 -64.48 31.12
C ASP G 84 16.50 -65.81 30.55
N GLU G 85 16.10 -66.94 31.12
CA GLU G 85 16.61 -68.24 30.67
C GLU G 85 16.10 -68.52 29.25
N ALA G 86 17.00 -68.40 28.27
CA ALA G 86 16.71 -68.64 26.87
C ALA G 86 18.03 -68.51 26.10
N ASP G 87 17.99 -68.89 24.84
CA ASP G 87 19.16 -68.77 23.97
C ASP G 87 19.11 -67.44 23.24
N TYR G 88 20.29 -66.89 22.97
CA TYR G 88 20.42 -65.57 22.36
C TYR G 88 21.26 -65.69 21.09
N TYR G 89 20.73 -65.19 19.99
CA TYR G 89 21.40 -65.24 18.70
C TYR G 89 21.79 -63.83 18.28
N CYS G 90 23.02 -63.68 17.83
CA CYS G 90 23.53 -62.41 17.31
C CYS G 90 23.45 -62.44 15.80
N SER G 91 22.61 -61.57 15.24
CA SER G 91 22.44 -61.47 13.78
C SER G 91 23.00 -60.13 13.33
N SER G 92 24.17 -60.17 12.70
CA SER G 92 24.79 -58.97 12.17
C SER G 92 24.13 -58.59 10.84
N TYR G 93 24.67 -57.55 10.20
CA TYR G 93 24.28 -57.30 8.83
C TYR G 93 24.77 -58.43 7.93
N THR G 94 24.34 -58.37 6.67
CA THR G 94 24.48 -59.50 5.77
C THR G 94 25.68 -59.43 4.84
N SER G 95 26.20 -58.24 4.54
CA SER G 95 27.28 -58.06 3.57
C SER G 95 26.86 -58.61 2.19
N SER G 96 25.93 -57.86 1.58
CA SER G 96 25.39 -58.15 0.24
C SER G 96 24.41 -59.33 0.26
N SER G 97 23.48 -59.31 1.22
CA SER G 97 22.22 -60.05 1.19
C SER G 97 22.39 -61.55 1.39
N THR G 98 23.45 -61.99 2.06
CA THR G 98 23.59 -63.37 2.53
C THR G 98 23.68 -63.32 4.06
N ARG G 99 22.52 -63.26 4.70
CA ARG G 99 22.47 -62.99 6.13
C ARG G 99 23.10 -64.13 6.94
N VAL G 100 23.48 -63.81 8.18
CA VAL G 100 24.20 -64.74 9.05
C VAL G 100 23.63 -64.64 10.46
N PHE G 101 23.84 -65.71 11.23
CA PHE G 101 23.42 -65.78 12.62
C PHE G 101 24.51 -66.45 13.43
N GLY G 102 24.52 -66.16 14.73
CA GLY G 102 25.46 -66.80 15.63
C GLY G 102 25.04 -68.22 15.99
N THR G 103 25.97 -68.94 16.63
CA THR G 103 25.70 -70.32 17.02
C THR G 103 24.72 -70.42 18.18
N GLY G 104 24.53 -69.35 18.94
CA GLY G 104 23.58 -69.37 20.04
C GLY G 104 24.24 -69.50 21.40
N THR G 105 23.74 -68.74 22.37
CA THR G 105 24.26 -68.75 23.75
C THR G 105 23.10 -69.02 24.69
N LYS G 106 23.01 -70.25 25.17
CA LYS G 106 21.96 -70.63 26.13
C LYS G 106 22.38 -70.18 27.52
N VAL G 107 21.69 -69.17 28.05
CA VAL G 107 22.01 -68.63 29.37
C VAL G 107 21.29 -69.47 30.43
N THR G 108 21.95 -69.69 31.54
CA THR G 108 21.39 -70.44 32.67
C THR G 108 21.52 -69.60 33.93
N VAL G 109 20.38 -69.25 34.52
CA VAL G 109 20.34 -68.42 35.72
C VAL G 109 20.36 -69.31 36.95
N LEU G 110 21.20 -68.97 37.92
CA LEU G 110 21.31 -69.72 39.16
C LEU G 110 20.13 -69.40 40.09
N ALA H 3 -51.17 -52.86 -8.71
CA ALA H 3 -50.28 -53.73 -7.95
C ALA H 3 -49.11 -54.19 -8.81
N LEU H 4 -48.24 -55.01 -8.22
CA LEU H 4 -47.05 -55.51 -8.90
C LEU H 4 -47.13 -57.03 -9.00
N THR H 5 -46.98 -57.55 -10.22
CA THR H 5 -47.03 -58.98 -10.46
C THR H 5 -45.62 -59.55 -10.57
N GLN H 6 -45.39 -60.69 -9.92
CA GLN H 6 -44.11 -61.38 -9.94
C GLN H 6 -44.33 -62.85 -10.22
N PRO H 7 -43.32 -63.53 -10.78
CA PRO H 7 -43.40 -64.99 -10.90
C PRO H 7 -43.38 -65.63 -9.50
N ALA H 8 -44.29 -66.57 -9.29
CA ALA H 8 -44.44 -67.17 -7.97
C ALA H 8 -43.19 -67.90 -7.51
N SER H 9 -42.34 -68.36 -8.44
CA SER H 9 -41.11 -69.04 -8.08
C SER H 9 -40.20 -69.10 -9.29
N VAL H 10 -38.89 -69.12 -9.01
CA VAL H 10 -37.86 -69.35 -10.02
C VAL H 10 -36.86 -70.33 -9.45
N SER H 11 -36.06 -70.90 -10.35
CA SER H 11 -35.12 -71.95 -9.94
C SER H 11 -33.88 -71.89 -10.82
N GLY H 12 -32.77 -72.36 -10.27
CA GLY H 12 -31.52 -72.41 -11.02
C GLY H 12 -30.48 -73.20 -10.25
N SER H 13 -29.37 -73.44 -10.93
CA SER H 13 -28.23 -74.15 -10.37
C SER H 13 -27.15 -73.17 -9.93
N PRO H 14 -26.31 -73.55 -8.97
CA PRO H 14 -25.24 -72.64 -8.55
C PRO H 14 -24.27 -72.35 -9.69
N GLY H 15 -23.78 -71.11 -9.73
CA GLY H 15 -22.79 -70.72 -10.72
C GLY H 15 -23.29 -69.80 -11.81
N GLN H 16 -24.51 -70.03 -12.29
CA GLN H 16 -25.06 -69.26 -13.39
C GLN H 16 -25.81 -68.05 -12.86
N SER H 17 -26.62 -67.43 -13.72
CA SER H 17 -27.40 -66.25 -13.39
C SER H 17 -28.88 -66.54 -13.53
N ILE H 18 -29.70 -65.74 -12.85
CA ILE H 18 -31.15 -65.80 -12.97
C ILE H 18 -31.69 -64.37 -13.03
N THR H 19 -32.68 -64.16 -13.90
CA THR H 19 -33.40 -62.90 -13.96
C THR H 19 -34.77 -63.06 -13.31
N ILE H 20 -35.26 -61.96 -12.73
CA ILE H 20 -36.55 -61.93 -12.06
C ILE H 20 -37.32 -60.71 -12.55
N SER H 21 -38.52 -60.94 -13.05
CA SER H 21 -39.33 -59.89 -13.65
C SER H 21 -40.38 -59.35 -12.67
N CYS H 22 -40.82 -58.12 -12.93
CA CYS H 22 -41.89 -57.50 -12.16
C CYS H 22 -42.56 -56.45 -13.05
N THR H 23 -43.72 -56.79 -13.59
CA THR H 23 -44.45 -55.89 -14.47
C THR H 23 -45.45 -55.09 -13.66
N GLY H 24 -45.58 -53.81 -14.00
CA GLY H 24 -46.52 -52.92 -13.32
C GLY H 24 -47.00 -51.87 -14.32
N THR H 25 -47.66 -50.83 -13.81
CA THR H 25 -48.19 -49.77 -14.65
C THR H 25 -47.10 -48.76 -14.98
N SER H 26 -47.49 -47.73 -15.75
CA SER H 26 -46.60 -46.64 -16.11
C SER H 26 -46.60 -45.53 -15.07
N SER H 27 -47.33 -45.70 -13.97
CA SER H 27 -47.40 -44.65 -12.95
C SER H 27 -46.18 -44.67 -12.05
N ASP H 28 -45.85 -45.84 -11.49
CA ASP H 28 -44.79 -45.95 -10.49
C ASP H 28 -43.48 -46.49 -11.07
N VAL H 29 -43.53 -47.66 -11.72
CA VAL H 29 -42.31 -48.22 -12.29
C VAL H 29 -41.97 -47.51 -13.60
N GLY H 30 -42.95 -47.36 -14.49
CA GLY H 30 -42.69 -46.73 -15.77
C GLY H 30 -42.53 -45.23 -15.69
N GLY H 31 -43.12 -44.60 -14.68
CA GLY H 31 -43.03 -43.16 -14.54
C GLY H 31 -41.91 -42.72 -13.63
N TYR H 32 -41.80 -43.35 -12.47
CA TYR H 32 -40.82 -42.98 -11.46
C TYR H 32 -39.65 -43.96 -11.49
N ASN H 33 -38.63 -43.67 -10.66
CA ASN H 33 -37.34 -44.34 -10.75
C ASN H 33 -36.85 -44.84 -9.40
N TYR H 34 -37.75 -45.16 -8.47
CA TYR H 34 -37.37 -45.55 -7.13
C TYR H 34 -37.72 -47.01 -6.83
N VAL H 35 -37.63 -47.85 -7.86
CA VAL H 35 -37.90 -49.31 -7.77
C VAL H 35 -36.86 -49.92 -6.82
N SER H 36 -37.31 -50.74 -5.85
CA SER H 36 -36.37 -51.38 -4.94
C SER H 36 -36.60 -52.88 -4.93
N TRP H 37 -35.67 -53.60 -4.30
CA TRP H 37 -35.73 -55.05 -4.20
C TRP H 37 -35.30 -55.47 -2.80
N TYR H 38 -35.90 -56.54 -2.29
CA TYR H 38 -35.64 -57.01 -0.93
C TYR H 38 -35.50 -58.53 -0.92
N GLN H 39 -34.86 -59.03 0.14
CA GLN H 39 -34.68 -60.46 0.37
C GLN H 39 -35.11 -60.79 1.78
N GLN H 40 -36.01 -61.77 1.91
CA GLN H 40 -36.56 -62.16 3.21
C GLN H 40 -36.44 -63.66 3.37
N HIS H 41 -35.59 -64.09 4.34
CA HIS H 41 -35.49 -65.50 4.70
C HIS H 41 -36.63 -65.88 5.63
N PRO H 42 -37.08 -67.13 5.59
CA PRO H 42 -38.19 -67.55 6.45
C PRO H 42 -37.87 -67.31 7.92
N GLY H 43 -38.72 -66.54 8.58
CA GLY H 43 -38.52 -66.18 9.97
C GLY H 43 -37.68 -64.95 10.22
N LYS H 44 -37.12 -64.33 9.18
CA LYS H 44 -36.32 -63.12 9.30
C LYS H 44 -37.07 -61.96 8.64
N ALA H 45 -36.74 -60.74 9.06
CA ALA H 45 -37.25 -59.54 8.42
C ALA H 45 -36.55 -59.31 7.08
N PRO H 46 -37.24 -58.74 6.10
CA PRO H 46 -36.63 -58.51 4.79
C PRO H 46 -35.38 -57.64 4.89
N LYS H 47 -34.60 -57.67 3.80
CA LYS H 47 -33.33 -56.96 3.73
C LYS H 47 -33.25 -56.22 2.41
N LEU H 48 -32.84 -54.96 2.47
CA LEU H 48 -32.73 -54.14 1.26
C LEU H 48 -31.67 -54.72 0.33
N MET H 49 -32.10 -55.17 -0.84
CA MET H 49 -31.18 -55.71 -1.83
C MET H 49 -30.81 -54.71 -2.92
N ILE H 50 -31.83 -54.09 -3.51
CA ILE H 50 -31.56 -53.09 -4.57
C ILE H 50 -32.42 -51.86 -4.25
N TYR H 51 -31.93 -50.66 -4.52
CA TYR H 51 -32.66 -49.41 -4.43
C TYR H 51 -32.09 -48.47 -5.48
N ASP H 52 -32.89 -47.45 -5.79
CA ASP H 52 -32.57 -46.41 -6.81
C ASP H 52 -32.31 -47.14 -8.13
N VAL H 53 -33.05 -48.22 -8.38
CA VAL H 53 -32.89 -49.02 -9.63
C VAL H 53 -31.43 -49.49 -9.73
N SER H 54 -30.70 -49.04 -10.75
CA SER H 54 -29.29 -49.38 -11.02
C SER H 54 -28.40 -49.53 -9.78
N ASN H 55 -28.63 -48.76 -8.70
CA ASN H 55 -27.71 -48.87 -7.53
C ASN H 55 -27.88 -50.13 -6.68
N ARG H 56 -26.94 -50.36 -5.75
CA ARG H 56 -26.96 -51.44 -4.77
C ARG H 56 -26.39 -50.94 -3.45
N PRO H 57 -27.04 -51.24 -2.33
CA PRO H 57 -26.51 -50.80 -1.02
C PRO H 57 -25.19 -51.48 -0.70
N SER H 58 -24.25 -50.70 -0.17
CA SER H 58 -22.97 -51.25 0.25
C SER H 58 -23.15 -52.28 1.35
N GLY H 59 -22.18 -53.17 1.47
CA GLY H 59 -22.28 -54.29 2.37
C GLY H 59 -23.04 -55.47 1.82
N VAL H 60 -23.32 -55.50 0.52
CA VAL H 60 -24.08 -56.55 -0.13
C VAL H 60 -23.22 -57.14 -1.24
N SER H 61 -23.32 -58.45 -1.44
CA SER H 61 -22.62 -59.11 -2.52
C SER H 61 -22.85 -58.38 -3.84
N ASN H 62 -21.77 -58.17 -4.58
CA ASN H 62 -21.83 -57.40 -5.82
C ASN H 62 -22.46 -58.18 -6.97
N ARG H 63 -22.78 -59.46 -6.77
CA ARG H 63 -23.43 -60.22 -7.82
C ARG H 63 -24.85 -59.72 -8.07
N PHE H 64 -25.51 -59.19 -7.03
CA PHE H 64 -26.85 -58.66 -7.19
C PHE H 64 -26.84 -57.48 -8.14
N SER H 65 -27.85 -57.40 -9.00
CA SER H 65 -27.95 -56.32 -9.97
C SER H 65 -29.40 -56.17 -10.37
N GLY H 66 -29.81 -54.94 -10.65
CA GLY H 66 -31.18 -54.65 -11.01
C GLY H 66 -31.26 -53.69 -12.17
N SER H 67 -32.43 -53.67 -12.80
CA SER H 67 -32.69 -52.78 -13.92
C SER H 67 -34.19 -52.78 -14.17
N LYS H 68 -34.64 -51.79 -14.95
CA LYS H 68 -36.04 -51.68 -15.32
C LYS H 68 -36.16 -51.17 -16.75
N SER H 69 -36.91 -51.89 -17.57
CA SER H 69 -37.16 -51.51 -18.96
C SER H 69 -38.63 -51.13 -19.10
N GLY H 70 -38.89 -49.83 -19.03
CA GLY H 70 -40.27 -49.36 -19.11
C GLY H 70 -41.05 -49.77 -17.88
N ASN H 71 -42.21 -50.39 -18.11
CA ASN H 71 -43.10 -50.78 -17.02
C ASN H 71 -42.70 -52.08 -16.35
N THR H 72 -41.55 -52.66 -16.71
CA THR H 72 -41.10 -53.94 -16.16
C THR H 72 -39.79 -53.74 -15.43
N ALA H 73 -39.72 -54.25 -14.20
CA ALA H 73 -38.50 -54.24 -13.40
C ALA H 73 -37.81 -55.59 -13.49
N SER H 74 -36.51 -55.59 -13.22
CA SER H 74 -35.69 -56.78 -13.36
C SER H 74 -34.66 -56.86 -12.24
N LEU H 75 -34.56 -58.02 -11.60
CA LEU H 75 -33.52 -58.32 -10.62
C LEU H 75 -32.68 -59.46 -11.19
N THR H 76 -31.48 -59.13 -11.65
CA THR H 76 -30.59 -60.09 -12.31
C THR H 76 -29.54 -60.57 -11.31
N ILE H 77 -29.88 -61.61 -10.55
CA ILE H 77 -28.91 -62.22 -9.65
C ILE H 77 -27.92 -63.05 -10.45
N SER H 78 -26.65 -62.99 -10.09
CA SER H 78 -25.60 -63.75 -10.76
C SER H 78 -24.86 -64.60 -9.74
N GLY H 79 -24.34 -65.73 -10.21
CA GLY H 79 -23.60 -66.64 -9.36
C GLY H 79 -24.36 -67.07 -8.13
N LEU H 80 -25.43 -67.84 -8.30
CA LEU H 80 -26.24 -68.28 -7.16
C LEU H 80 -25.42 -69.17 -6.23
N GLN H 81 -25.53 -68.89 -4.94
CA GLN H 81 -24.99 -69.74 -3.89
C GLN H 81 -26.13 -70.38 -3.11
N ALA H 82 -25.76 -71.13 -2.07
CA ALA H 82 -26.76 -71.82 -1.26
C ALA H 82 -27.54 -70.86 -0.37
N GLU H 83 -26.94 -69.74 0.04
CA GLU H 83 -27.62 -68.83 0.93
C GLU H 83 -28.71 -68.03 0.22
N ASP H 84 -28.66 -67.93 -1.11
CA ASP H 84 -29.61 -67.10 -1.84
C ASP H 84 -31.05 -67.60 -1.72
N GLU H 85 -31.29 -68.77 -1.14
CA GLU H 85 -32.64 -69.33 -1.08
C GLU H 85 -33.50 -68.47 -0.16
N ALA H 86 -34.39 -67.69 -0.76
CA ALA H 86 -35.32 -66.81 -0.06
C ALA H 86 -36.25 -66.19 -1.10
N ASP H 87 -37.29 -65.52 -0.61
CA ASP H 87 -38.22 -64.83 -1.49
C ASP H 87 -37.78 -63.39 -1.68
N TYR H 88 -38.06 -62.86 -2.88
CA TYR H 88 -37.62 -61.52 -3.26
C TYR H 88 -38.84 -60.70 -3.65
N TYR H 89 -38.99 -59.53 -3.04
CA TYR H 89 -40.10 -58.63 -3.30
C TYR H 89 -39.59 -57.39 -4.01
N CYS H 90 -40.27 -56.98 -5.07
CA CYS H 90 -39.96 -55.77 -5.79
C CYS H 90 -40.90 -54.66 -5.33
N SER H 91 -40.34 -53.64 -4.69
CA SER H 91 -41.10 -52.49 -4.19
C SER H 91 -40.72 -51.27 -5.02
N SER H 92 -41.62 -50.87 -5.91
CA SER H 92 -41.41 -49.68 -6.71
C SER H 92 -41.73 -48.43 -5.90
N TYR H 93 -41.67 -47.28 -6.55
CA TYR H 93 -42.19 -46.08 -5.93
C TYR H 93 -43.70 -46.19 -5.77
N THR H 94 -44.28 -45.22 -5.08
CA THR H 94 -45.65 -45.32 -4.60
C THR H 94 -46.68 -44.63 -5.48
N SER H 95 -46.28 -43.62 -6.26
CA SER H 95 -47.23 -42.82 -7.05
C SER H 95 -48.27 -42.16 -6.14
N SER H 96 -47.79 -41.18 -5.38
CA SER H 96 -48.59 -40.38 -4.44
C SER H 96 -48.96 -41.15 -3.17
N SER H 97 -47.96 -41.82 -2.59
CA SER H 97 -47.95 -42.27 -1.20
C SER H 97 -48.90 -43.44 -0.91
N THR H 98 -49.20 -44.25 -1.93
CA THR H 98 -49.88 -45.54 -1.73
C THR H 98 -48.93 -46.62 -2.23
N ARG H 99 -48.00 -47.04 -1.35
CA ARG H 99 -46.92 -47.91 -1.76
C ARG H 99 -47.43 -49.29 -2.18
N VAL H 100 -46.60 -49.99 -2.94
CA VAL H 100 -46.95 -51.28 -3.52
C VAL H 100 -45.77 -52.23 -3.41
N PHE H 101 -46.09 -53.53 -3.45
CA PHE H 101 -45.09 -54.58 -3.40
C PHE H 101 -45.47 -55.67 -4.39
N GLY H 102 -44.47 -56.44 -4.83
CA GLY H 102 -44.73 -57.55 -5.71
C GLY H 102 -45.26 -58.76 -4.98
N THR H 103 -45.72 -59.75 -5.76
CA THR H 103 -46.28 -60.96 -5.18
C THR H 103 -45.22 -61.86 -4.54
N GLY H 104 -43.95 -61.68 -4.91
CA GLY H 104 -42.89 -62.48 -4.32
C GLY H 104 -42.40 -63.58 -5.23
N THR H 105 -41.08 -63.77 -5.27
CA THR H 105 -40.44 -64.80 -6.09
C THR H 105 -39.56 -65.65 -5.19
N LYS H 106 -40.03 -66.84 -4.83
CA LYS H 106 -39.25 -67.76 -4.01
C LYS H 106 -38.25 -68.49 -4.90
N VAL H 107 -36.97 -68.19 -4.73
CA VAL H 107 -35.92 -68.80 -5.53
C VAL H 107 -35.51 -70.12 -4.88
N THR H 108 -35.23 -71.11 -5.71
CA THR H 108 -34.80 -72.43 -5.24
C THR H 108 -33.50 -72.80 -5.95
N VAL H 109 -32.43 -72.96 -5.18
CA VAL H 109 -31.12 -73.28 -5.73
C VAL H 109 -30.94 -74.79 -5.77
N LEU H 110 -30.46 -75.29 -6.90
CA LEU H 110 -30.22 -76.72 -7.07
C LEU H 110 -28.95 -77.15 -6.35
N ALA I 3 -18.74 -28.30 66.05
CA ALA I 3 -19.22 -29.46 65.30
C ALA I 3 -20.55 -29.16 64.62
N LEU I 4 -21.10 -30.16 63.93
CA LEU I 4 -22.35 -30.01 63.20
C LEU I 4 -23.38 -30.98 63.77
N THR I 5 -24.54 -30.46 64.15
CA THR I 5 -25.61 -31.26 64.71
C THR I 5 -26.66 -31.58 63.65
N GLN I 6 -27.10 -32.83 63.61
CA GLN I 6 -28.10 -33.31 62.68
C GLN I 6 -29.15 -34.11 63.41
N PRO I 7 -30.38 -34.17 62.88
CA PRO I 7 -31.38 -35.09 63.44
C PRO I 7 -30.93 -36.53 63.23
N ALA I 8 -31.04 -37.34 64.30
CA ALA I 8 -30.55 -38.71 64.25
C ALA I 8 -31.27 -39.55 63.21
N SER I 9 -32.49 -39.20 62.85
CA SER I 9 -33.25 -39.95 61.85
C SER I 9 -34.43 -39.12 61.37
N VAL I 10 -34.81 -39.34 60.12
CA VAL I 10 -36.02 -38.77 59.55
C VAL I 10 -36.74 -39.87 58.79
N SER I 11 -38.02 -39.63 58.49
CA SER I 11 -38.85 -40.64 57.86
C SER I 11 -39.88 -39.98 56.96
N GLY I 12 -40.31 -40.72 55.94
CA GLY I 12 -41.33 -40.23 55.04
C GLY I 12 -41.82 -41.34 54.14
N SER I 13 -42.87 -41.02 53.39
CA SER I 13 -43.46 -41.93 52.42
C SER I 13 -43.00 -41.58 51.02
N PRO I 14 -43.01 -42.55 50.10
CA PRO I 14 -42.61 -42.25 48.72
C PRO I 14 -43.53 -41.24 48.07
N GLY I 15 -42.95 -40.36 47.25
CA GLY I 15 -43.73 -39.40 46.51
C GLY I 15 -43.58 -37.96 46.99
N GLN I 16 -43.53 -37.76 48.29
CA GLN I 16 -43.48 -36.41 48.86
C GLN I 16 -42.03 -35.96 49.01
N SER I 17 -41.82 -34.90 49.79
CA SER I 17 -40.50 -34.33 50.03
C SER I 17 -40.16 -34.41 51.51
N ILE I 18 -38.86 -34.34 51.81
CA ILE I 18 -38.36 -34.28 53.17
C ILE I 18 -37.24 -33.24 53.23
N THR I 19 -37.22 -32.46 54.31
CA THR I 19 -36.13 -31.55 54.58
C THR I 19 -35.24 -32.11 55.69
N ILE I 20 -33.96 -31.77 55.62
CA ILE I 20 -32.97 -32.23 56.59
C ILE I 20 -32.15 -31.03 57.04
N SER I 21 -32.10 -30.81 58.35
CA SER I 21 -31.44 -29.64 58.92
C SER I 21 -30.05 -29.98 59.42
N CYS I 22 -29.21 -28.94 59.51
CA CYS I 22 -27.87 -29.07 60.07
C CYS I 22 -27.45 -27.69 60.58
N THR I 23 -27.52 -27.51 61.90
CA THR I 23 -27.17 -26.25 62.54
C THR I 23 -25.72 -26.27 62.97
N GLY I 24 -25.03 -25.15 62.76
CA GLY I 24 -23.63 -25.02 63.15
C GLY I 24 -23.36 -23.57 63.53
N THR I 25 -22.08 -23.23 63.66
CA THR I 25 -21.68 -21.89 64.04
C THR I 25 -21.68 -20.96 62.83
N SER I 26 -21.33 -19.69 63.08
CA SER I 26 -21.20 -18.70 62.01
C SER I 26 -19.82 -18.69 61.38
N SER I 27 -18.93 -19.60 61.79
CA SER I 27 -17.59 -19.63 61.23
C SER I 27 -17.55 -20.32 59.88
N ASP I 28 -18.11 -21.53 59.80
CA ASP I 28 -18.01 -22.35 58.58
C ASP I 28 -19.28 -22.30 57.74
N VAL I 29 -20.42 -22.64 58.34
CA VAL I 29 -21.67 -22.61 57.56
C VAL I 29 -22.16 -21.17 57.40
N GLY I 30 -22.21 -20.41 58.49
CA GLY I 30 -22.70 -19.05 58.41
C GLY I 30 -21.74 -18.09 57.77
N GLY I 31 -20.44 -18.38 57.83
CA GLY I 31 -19.44 -17.50 57.25
C GLY I 31 -19.06 -17.88 55.84
N TYR I 32 -18.79 -19.16 55.61
CA TYR I 32 -18.34 -19.66 54.32
C TYR I 32 -19.48 -20.32 53.58
N ASN I 33 -19.21 -20.73 52.34
CA ASN I 33 -20.26 -21.14 51.40
C ASN I 33 -19.94 -22.47 50.73
N TYR I 34 -19.21 -23.35 51.39
CA TYR I 34 -18.77 -24.61 50.79
C TYR I 34 -19.40 -25.83 51.48
N VAL I 35 -20.64 -25.64 51.92
CA VAL I 35 -21.44 -26.70 52.61
C VAL I 35 -21.70 -27.84 51.62
N SER I 36 -21.42 -29.10 52.00
CA SER I 36 -21.66 -30.20 51.10
C SER I 36 -22.55 -31.24 51.78
N TRP I 37 -23.03 -32.20 50.99
CA TRP I 37 -23.89 -33.27 51.48
C TRP I 37 -23.47 -34.58 50.82
N TYR I 38 -23.61 -35.68 51.56
CA TYR I 38 -23.18 -36.99 51.09
C TYR I 38 -24.22 -38.05 51.45
N GLN I 39 -24.16 -39.17 50.72
CA GLN I 39 -25.04 -40.31 50.94
C GLN I 39 -24.19 -41.57 51.04
N GLN I 40 -24.38 -42.31 52.13
CA GLN I 40 -23.60 -43.51 52.40
C GLN I 40 -24.52 -44.67 52.71
N HIS I 41 -24.56 -45.68 51.80
CA HIS I 41 -25.32 -46.90 52.05
C HIS I 41 -24.50 -47.83 52.95
N PRO I 42 -25.16 -48.66 53.76
CA PRO I 42 -24.42 -49.56 54.65
C PRO I 42 -23.49 -50.47 53.87
N GLY I 43 -22.21 -50.41 54.22
CA GLY I 43 -21.19 -51.18 53.53
C GLY I 43 -20.58 -50.52 52.32
N LYS I 44 -21.06 -49.36 51.90
CA LYS I 44 -20.52 -48.62 50.77
C LYS I 44 -19.87 -47.34 51.26
N ALA I 45 -18.93 -46.82 50.46
CA ALA I 45 -18.33 -45.53 50.72
C ALA I 45 -19.30 -44.39 50.39
N PRO I 46 -19.25 -43.28 51.12
CA PRO I 46 -20.18 -42.18 50.85
C PRO I 46 -20.07 -41.67 49.42
N LYS I 47 -21.09 -40.91 49.03
CA LYS I 47 -21.21 -40.39 47.67
C LYS I 47 -21.58 -38.92 47.74
N LEU I 48 -20.88 -38.09 46.96
CA LEU I 48 -21.15 -36.66 46.94
C LEU I 48 -22.55 -36.39 46.42
N MET I 49 -23.41 -35.84 47.28
CA MET I 49 -24.77 -35.50 46.89
C MET I 49 -24.94 -34.02 46.56
N ILE I 50 -24.50 -33.15 47.44
CA ILE I 50 -24.60 -31.69 47.19
C ILE I 50 -23.24 -31.08 47.49
N TYR I 51 -22.81 -30.07 46.72
CA TYR I 51 -21.62 -29.27 46.97
C TYR I 51 -21.90 -27.87 46.46
N ASP I 52 -21.20 -26.90 47.08
CA ASP I 52 -21.29 -25.43 46.86
C ASP I 52 -22.55 -24.88 47.52
N VAL I 53 -23.29 -25.75 48.24
CA VAL I 53 -24.51 -25.43 49.04
C VAL I 53 -25.59 -24.72 48.20
N SER I 54 -25.77 -25.16 46.95
CA SER I 54 -26.77 -24.64 45.99
C SER I 54 -26.75 -25.56 44.77
N ASN I 55 -25.53 -25.79 44.27
CA ASN I 55 -25.20 -26.71 43.15
C ASN I 55 -25.40 -28.19 43.50
N ARG I 56 -25.47 -29.04 42.47
CA ARG I 56 -25.57 -30.48 42.55
C ARG I 56 -24.66 -31.11 41.51
N PRO I 57 -23.87 -32.13 41.87
CA PRO I 57 -23.00 -32.78 40.88
C PRO I 57 -23.81 -33.51 39.82
N SER I 58 -23.35 -33.37 38.57
CA SER I 58 -23.99 -34.06 37.46
C SER I 58 -23.91 -35.58 37.65
N GLY I 59 -24.83 -36.27 37.00
CA GLY I 59 -24.96 -37.71 37.19
C GLY I 59 -25.77 -38.10 38.41
N VAL I 60 -26.47 -37.16 39.04
CA VAL I 60 -27.24 -37.39 40.24
C VAL I 60 -28.69 -37.00 39.96
N SER I 61 -29.63 -37.75 40.52
CA SER I 61 -31.05 -37.43 40.39
C SER I 61 -31.29 -35.97 40.75
N ASN I 62 -32.07 -35.29 39.91
CA ASN I 62 -32.31 -33.86 40.07
C ASN I 62 -33.28 -33.55 41.19
N ARG I 63 -33.85 -34.56 41.83
CA ARG I 63 -34.73 -34.31 42.98
C ARG I 63 -33.96 -33.77 44.17
N PHE I 64 -32.69 -34.16 44.31
CA PHE I 64 -31.88 -33.66 45.40
C PHE I 64 -31.70 -32.16 45.29
N SER I 65 -31.75 -31.47 46.42
CA SER I 65 -31.61 -30.02 46.44
C SER I 65 -31.14 -29.61 47.83
N GLY I 66 -30.34 -28.55 47.88
CA GLY I 66 -29.80 -28.08 49.14
C GLY I 66 -29.85 -26.57 49.22
N SER I 67 -29.74 -26.09 50.45
CA SER I 67 -29.75 -24.65 50.73
C SER I 67 -29.26 -24.46 52.16
N LYS I 68 -28.92 -23.21 52.48
CA LYS I 68 -28.49 -22.85 53.82
C LYS I 68 -29.00 -21.46 54.16
N SER I 69 -29.64 -21.34 55.31
CA SER I 69 -30.18 -20.06 55.80
C SER I 69 -29.39 -19.68 57.04
N GLY I 70 -28.37 -18.84 56.86
CA GLY I 70 -27.54 -18.45 57.98
C GLY I 70 -26.71 -19.61 58.48
N ASN I 71 -26.77 -19.85 59.78
CA ASN I 71 -25.98 -20.91 60.42
C ASN I 71 -26.58 -22.29 60.26
N THR I 72 -27.67 -22.44 59.52
CA THR I 72 -28.35 -23.71 59.36
C THR I 72 -28.32 -24.13 57.89
N ALA I 73 -27.93 -25.38 57.65
CA ALA I 73 -27.93 -25.96 56.32
C ALA I 73 -29.17 -26.83 56.14
N SER I 74 -29.54 -27.05 54.88
CA SER I 74 -30.77 -27.77 54.55
C SER I 74 -30.55 -28.65 53.33
N LEU I 75 -30.94 -29.91 53.43
CA LEU I 75 -30.98 -30.85 52.30
C LEU I 75 -32.43 -31.22 52.06
N THR I 76 -33.02 -30.68 50.99
CA THR I 76 -34.44 -30.86 50.69
C THR I 76 -34.55 -31.93 49.60
N ILE I 77 -34.64 -33.18 50.02
CA ILE I 77 -34.88 -34.27 49.08
C ILE I 77 -36.35 -34.27 48.68
N SER I 78 -36.61 -34.51 47.40
CA SER I 78 -37.97 -34.56 46.86
C SER I 78 -38.21 -35.90 46.19
N GLY I 79 -39.47 -36.32 46.21
CA GLY I 79 -39.85 -37.58 45.58
C GLY I 79 -39.04 -38.77 46.06
N LEU I 80 -39.21 -39.14 47.32
CA LEU I 80 -38.45 -40.27 47.87
C LEU I 80 -38.78 -41.56 47.14
N GLN I 81 -37.75 -42.31 46.80
CA GLN I 81 -37.89 -43.67 46.28
C GLN I 81 -37.34 -44.67 47.29
N ALA I 82 -37.34 -45.95 46.90
CA ALA I 82 -36.86 -46.99 47.80
C ALA I 82 -35.35 -46.97 47.96
N GLU I 83 -34.62 -46.52 46.94
CA GLU I 83 -33.16 -46.53 47.02
C GLU I 83 -32.63 -45.45 47.96
N ASP I 84 -33.42 -44.42 48.25
CA ASP I 84 -32.93 -43.31 49.06
C ASP I 84 -32.57 -43.70 50.49
N GLU I 85 -32.88 -44.93 50.91
CA GLU I 85 -32.63 -45.35 52.29
C GLU I 85 -31.13 -45.42 52.54
N ALA I 86 -30.62 -44.44 53.28
CA ALA I 86 -29.21 -44.33 53.65
C ALA I 86 -29.07 -43.14 54.59
N ASP I 87 -27.89 -43.02 55.18
CA ASP I 87 -27.58 -41.91 56.06
C ASP I 87 -26.95 -40.78 55.25
N TYR I 88 -27.22 -39.55 55.67
CA TYR I 88 -26.76 -38.35 54.97
C TYR I 88 -25.96 -37.49 55.92
N TYR I 89 -24.74 -37.14 55.51
CA TYR I 89 -23.84 -36.32 56.32
C TYR I 89 -23.67 -34.96 55.65
N CYS I 90 -23.78 -33.91 56.45
CA CYS I 90 -23.57 -32.54 55.98
C CYS I 90 -22.16 -32.12 56.35
N SER I 91 -21.32 -31.89 55.34
CA SER I 91 -19.94 -31.46 55.53
C SER I 91 -19.81 -30.02 55.04
N SER I 92 -19.72 -29.09 55.98
CA SER I 92 -19.52 -27.69 55.65
C SER I 92 -18.06 -27.43 55.31
N TYR I 93 -17.74 -26.16 55.07
CA TYR I 93 -16.34 -25.80 54.98
C TYR I 93 -15.68 -25.97 56.35
N THR I 94 -14.37 -25.80 56.38
CA THR I 94 -13.56 -26.19 57.52
C THR I 94 -13.22 -25.07 58.48
N SER I 95 -13.21 -23.81 58.02
CA SER I 95 -12.77 -22.68 58.84
C SER I 95 -11.33 -22.87 59.33
N SER I 96 -10.42 -22.77 58.37
CA SER I 96 -8.96 -22.89 58.58
C SER I 96 -8.53 -24.35 58.80
N SER I 97 -9.02 -25.24 57.94
CA SER I 97 -8.45 -26.56 57.68
C SER I 97 -8.65 -27.55 58.83
N THR I 98 -9.68 -27.38 59.64
CA THR I 98 -10.12 -28.39 60.60
C THR I 98 -11.55 -28.78 60.23
N ARG I 99 -11.66 -29.71 59.28
CA ARG I 99 -12.95 -30.02 58.68
C ARG I 99 -13.89 -30.65 59.70
N VAL I 100 -15.19 -30.59 59.38
CA VAL I 100 -16.24 -31.04 60.27
C VAL I 100 -17.30 -31.80 59.47
N PHE I 101 -18.04 -32.65 60.18
CA PHE I 101 -19.14 -33.42 59.60
C PHE I 101 -20.31 -33.43 60.56
N GLY I 102 -21.51 -33.65 60.02
CA GLY I 102 -22.68 -33.77 60.84
C GLY I 102 -22.80 -35.13 61.50
N THR I 103 -23.74 -35.22 62.45
CA THR I 103 -23.94 -36.47 63.17
C THR I 103 -24.57 -37.55 62.32
N GLY I 104 -25.22 -37.19 61.21
CA GLY I 104 -25.83 -38.17 60.34
C GLY I 104 -27.33 -38.27 60.50
N THR I 105 -28.04 -38.39 59.37
CA THR I 105 -29.49 -38.51 59.35
C THR I 105 -29.87 -39.75 58.56
N LYS I 106 -30.23 -40.82 59.27
CA LYS I 106 -30.64 -42.06 58.62
C LYS I 106 -32.10 -41.93 58.19
N VAL I 107 -32.33 -41.85 56.89
CA VAL I 107 -33.68 -41.70 56.35
C VAL I 107 -34.31 -43.08 56.21
N THR I 108 -35.61 -43.17 56.51
CA THR I 108 -36.37 -44.40 56.40
C THR I 108 -37.59 -44.16 55.54
N VAL I 109 -37.67 -44.85 54.40
CA VAL I 109 -38.77 -44.68 53.47
C VAL I 109 -39.87 -45.68 53.80
N LEU I 110 -41.10 -45.20 53.83
CA LEU I 110 -42.26 -46.07 54.11
C LEU I 110 -42.62 -46.90 52.89
C1 NAG J . 43.31 -17.87 39.10
C2 NAG J . 44.50 -18.76 39.50
C3 NAG J . 44.15 -20.24 39.32
C4 NAG J . 42.81 -20.52 39.96
C5 NAG J . 41.71 -19.82 39.17
C6 NAG J . 40.60 -19.29 40.03
C7 NAG J . 46.87 -18.16 39.30
C8 NAG J . 46.92 -18.22 40.79
N2 NAG J . 45.69 -18.42 38.73
O3 NAG J . 45.16 -21.04 39.91
O4 NAG J . 42.55 -21.93 39.96
O5 NAG J . 42.25 -18.70 38.44
O6 NAG J . 40.98 -19.23 41.40
O7 NAG J . 47.85 -17.87 38.63
C1 NAG K . 22.36 -28.63 39.51
C2 NAG K . 21.05 -28.23 40.18
C3 NAG K . 19.94 -28.11 39.14
C4 NAG K . 20.36 -27.16 38.03
C5 NAG K . 21.70 -27.59 37.43
C6 NAG K . 22.23 -26.62 36.41
C7 NAG K . 20.47 -30.48 41.03
C8 NAG K . 20.09 -31.26 42.25
N2 NAG K . 20.67 -29.17 41.23
O3 NAG K . 18.76 -27.62 39.77
O4 NAG K . 19.37 -27.15 37.00
O5 NAG K . 22.69 -27.69 38.46
O6 NAG K . 22.26 -25.30 36.92
O7 NAG K . 20.57 -31.01 39.93
C1 NAG L . 45.60 6.86 11.26
C2 NAG L . 45.92 8.31 11.62
C3 NAG L . 47.29 8.72 11.07
C4 NAG L . 48.35 7.72 11.52
C5 NAG L . 47.93 6.30 11.14
C6 NAG L . 48.89 5.25 11.65
C7 NAG L . 44.34 10.20 11.83
C8 NAG L . 44.85 10.34 13.24
N2 NAG L . 44.89 9.22 11.11
O3 NAG L . 47.62 10.02 11.53
O4 NAG L . 49.59 8.02 10.89
O5 NAG L . 46.65 6.01 11.72
O6 NAG L . 48.20 4.16 12.23
O7 NAG L . 43.48 10.94 11.38
C1 NAG M . -25.00 8.31 39.74
C2 NAG M . -26.42 7.74 39.72
C3 NAG M . -27.44 8.87 39.91
C4 NAG M . -27.11 9.68 41.15
C5 NAG M . -25.67 10.17 41.09
C6 NAG M . -25.24 10.90 42.34
C7 NAG M . -27.54 5.99 38.41
C8 NAG M . -27.69 5.36 37.05
N2 NAG M . -26.69 7.02 38.49
O3 NAG M . -28.74 8.32 40.02
O4 NAG M . -27.98 10.80 41.25
O5 NAG M . -24.78 9.06 40.93
O6 NAG M . -25.82 10.31 43.50
O7 NAG M . -28.16 5.59 39.39
C1 NAG N . 35.92 30.45 13.39
C2 NAG N . 36.51 29.99 12.05
C3 NAG N . 38.02 30.25 12.02
C4 NAG N . 38.30 31.70 12.35
C5 NAG N . 37.63 32.10 13.66
C6 NAG N . 37.77 33.57 13.98
C7 NAG N . 36.63 27.57 12.57
C8 NAG N . 36.22 26.20 12.10
N2 NAG N . 36.23 28.58 11.79
O3 NAG N . 38.52 29.93 10.73
O4 NAG N . 39.71 31.90 12.47
O5 NAG N . 36.22 31.83 13.59
O6 NAG N . 36.54 34.26 13.80
O7 NAG N . 37.29 27.74 13.58
C1 NAG O . -0.96 34.52 27.50
C2 NAG O . -2.39 34.75 27.00
C3 NAG O . -2.74 36.23 27.09
C4 NAG O . -2.52 36.73 28.52
C5 NAG O . -1.09 36.39 28.98
C6 NAG O . -0.86 36.74 30.43
C7 NAG O . -3.48 33.38 25.28
C8 NAG O . -3.51 33.00 23.82
N2 NAG O . -2.55 34.28 25.63
O3 NAG O . -4.09 36.43 26.72
O4 NAG O . -2.70 38.15 28.57
O5 NAG O . -0.85 34.99 28.85
O6 NAG O . -1.33 35.71 31.30
O7 NAG O . -4.28 32.92 26.08
C1 NAG P . 11.82 49.85 27.19
C2 NAG P . 12.12 49.57 28.66
C3 NAG P . 10.82 49.56 29.47
C4 NAG P . 10.03 50.83 29.23
C5 NAG P . 9.82 51.05 27.73
C6 NAG P . 9.13 52.36 27.41
C7 NAG P . 13.61 48.03 29.87
C8 NAG P . 14.26 46.68 29.86
N2 NAG P . 12.83 48.32 28.81
O3 NAG P . 11.12 49.43 30.85
O4 NAG P . 8.76 50.75 29.87
O5 NAG P . 11.09 51.08 27.07
O6 NAG P . 8.79 53.07 28.60
O7 NAG P . 13.77 48.83 30.78
C1 NAG Q . 5.72 77.16 -3.41
C2 NAG Q . 5.34 78.10 -4.57
C3 NAG Q . 5.29 79.55 -4.08
C4 NAG Q . 4.40 79.67 -2.86
C5 NAG Q . 4.83 78.68 -1.79
C6 NAG Q . 3.92 78.67 -0.58
C7 NAG Q . 6.13 77.04 -6.63
C8 NAG Q . 7.19 77.03 -7.69
N2 NAG Q . 6.27 77.96 -5.68
O3 NAG Q . 4.81 80.38 -5.13
O4 NAG Q . 4.48 80.99 -2.32
O5 NAG Q . 4.81 77.35 -2.32
O6 NAG Q . 4.18 79.78 0.27
O7 NAG Q . 5.21 76.23 -6.62
C1 NAG R . 34.33 62.87 -7.08
C2 NAG R . 35.34 63.89 -6.58
C3 NAG R . 36.75 63.29 -6.64
C4 NAG R . 36.80 61.96 -5.90
C5 NAG R . 35.72 61.03 -6.44
C6 NAG R . 35.64 59.72 -5.68
C7 NAG R . 34.53 66.17 -6.94
C8 NAG R . 34.56 67.36 -7.84
N2 NAG R . 35.27 65.13 -7.32
O3 NAG R . 37.67 64.21 -6.06
O4 NAG R . 38.08 61.37 -6.06
O5 NAG R . 34.44 61.65 -6.35
O6 NAG R . 36.92 59.33 -5.20
O7 NAG R . 33.87 66.15 -5.90
C1 NAG S . 26.79 81.65 -9.06
C2 NAG S . 27.72 82.32 -8.03
C3 NAG S . 28.41 83.54 -8.66
C4 NAG S . 29.10 83.14 -9.96
C5 NAG S . 28.11 82.47 -10.89
C6 NAG S . 28.75 81.98 -12.17
C7 NAG S . 26.83 81.90 -5.79
C8 NAG S . 26.04 82.47 -4.64
N2 NAG S . 26.98 82.71 -6.85
O3 NAG S . 29.35 84.07 -7.74
O4 NAG S . 29.64 84.31 -10.59
O5 NAG S . 27.53 81.33 -10.24
O6 NAG S . 28.43 82.83 -13.27
O7 NAG S . 27.30 80.78 -5.76
C1 NAG T . 8.54 89.33 -15.10
C2 NAG T . 7.90 89.92 -13.84
C3 NAG T . 6.52 90.45 -14.15
C4 NAG T . 6.59 91.45 -15.31
C5 NAG T . 7.27 90.81 -16.51
C6 NAG T . 7.48 91.79 -17.65
C7 NAG T . 8.61 88.97 -11.69
C8 NAG T . 8.40 87.87 -10.69
N2 NAG T . 7.84 88.93 -12.78
O3 NAG T . 5.97 91.09 -13.00
O4 NAG T . 5.27 91.86 -15.68
O5 NAG T . 8.57 90.33 -16.14
O6 NAG T . 8.84 91.81 -18.07
O7 NAG T . 9.43 89.87 -11.51
C1 NAG U . -53.01 3.62 29.96
C2 NAG U . -53.84 3.67 31.26
C3 NAG U . -53.48 2.50 32.16
C4 NAG U . -53.50 1.21 31.36
C5 NAG U . -52.35 1.23 30.37
C6 NAG U . -52.68 0.57 29.04
C7 NAG U . -54.66 5.71 32.35
C8 NAG U . -56.04 5.21 32.04
N2 NAG U . -53.65 4.93 31.96
O3 NAG U . -54.42 2.42 33.23
O4 NAG U . -53.35 0.09 32.23
O5 NAG U . -51.95 2.59 30.07
O6 NAG U . -54.08 0.42 28.88
O7 NAG U . -54.48 6.77 32.93
C1 NAG V . -44.33 -17.60 24.58
C2 NAG V . -44.41 -18.40 23.28
C3 NAG V . -43.01 -18.71 22.76
C4 NAG V . -42.20 -17.43 22.63
C5 NAG V . -42.19 -16.65 23.94
C6 NAG V . -41.52 -15.31 23.83
C7 NAG V . -44.88 -20.59 24.32
C8 NAG V . -45.80 -21.77 24.35
N2 NAG V . -45.18 -19.63 23.45
O3 NAG V . -43.09 -19.36 21.49
O4 NAG V . -40.85 -17.75 22.27
O5 NAG V . -43.54 -16.40 24.36
O6 NAG V . -42.04 -14.56 22.75
O7 NAG V . -43.90 -20.53 25.07
C1 NAG W . -29.41 30.98 20.63
C2 NAG W . -29.91 32.07 19.67
C3 NAG W . -29.99 33.41 20.39
C4 NAG W . -30.81 33.29 21.66
C5 NAG W . -30.26 32.17 22.53
C6 NAG W . -31.09 31.92 23.78
C7 NAG W . -29.51 32.24 17.25
C8 NAG W . -31.00 32.21 17.09
N2 NAG W . -29.05 32.16 18.50
O3 NAG W . -30.59 34.37 19.52
O4 NAG W . -30.77 34.51 22.38
O5 NAG W . -30.24 30.94 21.79
O6 NAG W . -31.29 30.53 23.99
O7 NAG W . -28.76 32.32 16.28
C1 NAG X . -25.92 -23.66 -32.27
C2 NAG X . -25.30 -24.97 -32.76
C3 NAG X . -25.08 -24.94 -34.27
C4 NAG X . -26.37 -24.57 -34.99
C5 NAG X . -26.93 -23.27 -34.43
C6 NAG X . -28.27 -22.89 -35.01
C7 NAG X . -23.58 -26.48 -31.83
C8 NAG X . -22.28 -26.57 -31.11
N2 NAG X . -24.04 -25.24 -32.07
O3 NAG X . -24.63 -26.21 -34.72
O4 NAG X . -26.12 -24.41 -36.38
O5 NAG X . -27.12 -23.39 -33.01
O6 NAG X . -29.06 -24.05 -35.26
O7 NAG X . -24.21 -27.47 -32.19
C1 NAG Y . -28.02 39.98 -3.27
C2 NAG Y . -27.04 40.49 -2.21
C3 NAG Y . -27.64 41.66 -1.45
C4 NAG Y . -28.11 42.74 -2.42
C5 NAG Y . -29.03 42.14 -3.48
C6 NAG Y . -29.43 43.13 -4.55
C7 NAG Y . -27.48 38.76 -0.50
C8 NAG Y . -26.86 37.70 0.36
N2 NAG Y . -26.64 39.43 -1.29
O3 NAG Y . -26.67 42.20 -0.56
O4 NAG Y . -28.80 43.76 -1.72
O5 NAG Y . -28.37 41.06 -4.15
O6 NAG Y . -28.77 42.86 -5.78
O7 NAG Y . -28.68 38.98 -0.48
C1 NAG Z . -25.60 13.94 -33.15
C2 NAG Z . -24.56 13.33 -34.08
C3 NAG Z . -24.55 14.07 -35.40
C4 NAG Z . -25.94 14.10 -36.01
C5 NAG Z . -26.95 14.65 -35.00
C6 NAG Z . -28.38 14.57 -35.47
C7 NAG Z . -22.50 12.23 -33.31
C8 NAG Z . -21.16 12.43 -32.67
N2 NAG Z . -23.23 13.34 -33.47
O3 NAG Z . -23.65 13.43 -36.30
O4 NAG Z . -25.96 14.92 -37.18
O5 NAG Z . -26.88 13.90 -33.77
O6 NAG Z . -28.93 13.28 -35.24
O7 NAG Z . -22.89 11.13 -33.69
C1 NAG AA . -31.10 32.89 -36.26
C2 NAG AA . -32.56 32.41 -36.26
C3 NAG AA . -32.75 31.28 -37.27
C4 NAG AA . -32.25 31.71 -38.64
C5 NAG AA . -30.81 32.21 -38.54
C6 NAG AA . -30.26 32.75 -39.84
C7 NAG AA . -34.24 31.94 -34.51
C8 NAG AA . -34.45 31.46 -33.11
N2 NAG AA . -32.96 31.97 -34.93
O3 NAG AA . -34.13 30.95 -37.36
O4 NAG AA . -32.29 30.61 -39.54
O5 NAG AA . -30.73 33.27 -37.58
O6 NAG AA . -31.22 32.62 -40.88
O7 NAG AA . -35.16 32.30 -35.23
C1 NAG BA . -1.57 57.37 -52.01
C2 NAG BA . -0.40 58.12 -52.64
C3 NAG BA . -0.87 58.92 -53.84
C4 NAG BA . -1.61 58.03 -54.83
C5 NAG BA . -2.74 57.29 -54.11
C6 NAG BA . -3.45 56.29 -55.00
C7 NAG BA . 1.17 58.59 -50.81
C8 NAG BA . 1.70 59.63 -49.87
N2 NAG BA . 0.22 59.00 -51.66
O3 NAG BA . 0.26 59.51 -54.49
O4 NAG BA . -2.16 58.81 -55.89
O5 NAG BA . -2.20 56.54 -53.00
O6 NAG BA . -4.36 56.94 -55.86
O7 NAG BA . 1.58 57.44 -50.80
C1 NAG CA . -9.73 67.62 -22.62
C2 NAG CA . -10.65 68.82 -22.86
C3 NAG CA . -11.16 69.37 -21.52
C4 NAG CA . -11.81 68.26 -20.71
C5 NAG CA . -10.84 67.09 -20.56
C6 NAG CA . -11.47 65.90 -19.86
C7 NAG CA . -10.05 69.96 -24.94
C8 NAG CA . -9.29 71.09 -25.56
N2 NAG CA . -9.97 69.86 -23.61
O3 NAG CA . -12.09 70.41 -21.77
O4 NAG CA . -12.18 68.74 -19.43
O5 NAG CA . -10.42 66.64 -21.84
O6 NAG CA . -12.42 66.31 -18.89
O7 NAG CA . -10.70 69.18 -25.61
C1 NAG DA . -5.36 76.10 -40.58
C2 NAG DA . -6.69 76.84 -40.75
C3 NAG DA . -6.45 78.31 -41.04
C4 NAG DA . -5.55 78.92 -39.98
C5 NAG DA . -4.27 78.11 -39.86
C6 NAG DA . -3.35 78.61 -38.77
C7 NAG DA . -8.35 75.23 -41.60
C8 NAG DA . -9.08 74.74 -42.81
N2 NAG DA . -7.48 76.22 -41.82
O3 NAG DA . -7.70 79.00 -41.08
O4 NAG DA . -5.24 80.27 -40.33
O5 NAG DA . -4.59 76.76 -39.56
O6 NAG DA . -2.26 79.34 -39.30
O7 NAG DA . -8.55 74.77 -40.48
C1 NAG EA . 7.50 71.29 -56.07
C2 NAG EA . 6.60 70.86 -57.22
C3 NAG EA . 7.45 70.42 -58.41
C4 NAG EA . 8.44 71.52 -58.80
C5 NAG EA . 9.27 71.92 -57.58
C6 NAG EA . 10.19 73.09 -57.85
C7 NAG EA . 4.38 69.98 -56.67
C8 NAG EA . 3.60 68.78 -56.24
N2 NAG EA . 5.69 69.80 -56.83
O3 NAG EA . 6.60 70.11 -59.52
O4 NAG EA . 9.31 71.05 -59.83
O5 NAG EA . 8.39 72.33 -56.51
O6 NAG EA . 10.00 74.13 -56.92
O7 NAG EA . 3.85 71.07 -56.84
C1 NAG FA . -5.26 -42.09 -43.86
C2 NAG FA . -6.10 -43.02 -44.76
C3 NAG FA . -7.03 -43.87 -43.91
C4 NAG FA . -6.25 -44.50 -42.77
C5 NAG FA . -5.83 -43.42 -41.80
C6 NAG FA . -4.47 -43.65 -41.18
C7 NAG FA . -6.81 -42.53 -47.05
C8 NAG FA . -5.93 -43.67 -47.47
N2 NAG FA . -6.84 -42.26 -45.74
O3 NAG FA . -7.60 -44.90 -44.74
O4 NAG FA . -7.07 -45.45 -42.09
O5 NAG FA . -5.78 -42.14 -42.47
O6 NAG FA . -3.74 -44.63 -41.90
O7 NAG FA . -7.46 -41.87 -47.87
C1 NAG GA . -3.35 -49.09 -21.46
C2 NAG GA . -2.11 -49.26 -20.58
C3 NAG GA . -2.21 -48.38 -19.33
C4 NAG GA . -2.47 -46.93 -19.71
C5 NAG GA . -3.69 -46.84 -20.64
C6 NAG GA . -3.91 -45.44 -21.17
C7 NAG GA . -2.80 -51.40 -19.54
C8 NAG GA . -2.40 -52.81 -19.26
N2 NAG GA . -1.91 -50.66 -20.20
O3 NAG GA . -1.01 -48.48 -18.58
O4 NAG GA . -2.69 -46.15 -18.55
O5 NAG GA . -3.52 -47.69 -21.77
O6 NAG GA . -2.73 -44.91 -21.76
O7 NAG GA . -3.89 -50.96 -19.17
C1 NAG HA . -7.42 -4.94 -46.60
C2 NAG HA . -6.37 -4.22 -47.46
C3 NAG HA . -7.03 -3.58 -48.69
C4 NAG HA . -7.85 -4.62 -49.45
C5 NAG HA . -8.84 -5.30 -48.51
C6 NAG HA . -9.61 -6.42 -49.17
C7 NAG HA . -4.35 -3.05 -46.70
C8 NAG HA . -3.59 -4.00 -47.57
N2 NAG HA . -5.68 -3.21 -46.69
O3 NAG HA . -6.02 -3.05 -49.53
O4 NAG HA . -8.56 -4.00 -50.51
O5 NAG HA . -8.14 -5.88 -47.40
O6 NAG HA . -9.68 -7.57 -48.35
O7 NAG HA . -3.79 -2.19 -46.03
C1 NAG IA . 40.83 -22.72 9.53
C2 NAG IA . 41.05 -23.04 11.02
C3 NAG IA . 42.34 -22.39 11.52
C4 NAG IA . 43.52 -22.75 10.64
C5 NAG IA . 43.20 -22.41 9.19
C6 NAG IA . 44.28 -22.85 8.22
C7 NAG IA . 39.55 -23.24 12.95
C8 NAG IA . 38.35 -22.67 13.65
N2 NAG IA . 39.91 -22.62 11.82
O3 NAG IA . 42.59 -22.80 12.86
O4 NAG IA . 44.68 -22.03 11.04
O5 NAG IA . 42.00 -23.08 8.78
O6 NAG IA . 44.87 -24.08 8.63
O7 NAG IA . 40.16 -24.21 13.38
C1 NAG JA . 13.44 9.84 -46.02
C2 NAG JA . 12.07 10.48 -46.05
C3 NAG JA . 11.59 10.64 -47.49
C4 NAG JA . 12.64 11.38 -48.32
C5 NAG JA . 14.00 10.71 -48.18
C6 NAG JA . 15.11 11.47 -48.87
C7 NAG JA . 10.74 8.46 -45.52
C8 NAG JA . 9.73 7.88 -44.58
N2 NAG JA . 11.10 9.73 -45.26
O3 NAG JA . 10.35 11.36 -47.51
O4 NAG JA . 12.25 11.39 -49.69
O5 NAG JA . 14.36 10.62 -46.80
O6 NAG JA . 15.96 12.11 -47.93
O7 NAG JA . 11.22 7.81 -46.44
C1 NAG KA . 40.36 3.37 -17.55
C2 NAG KA . 40.80 3.94 -16.21
C3 NAG KA . 41.98 4.89 -16.40
C4 NAG KA . 43.11 4.18 -17.14
C5 NAG KA . 42.59 3.57 -18.44
C6 NAG KA . 43.63 2.72 -19.15
C7 NAG KA . 39.28 4.30 -14.33
C8 NAG KA . 38.13 5.10 -13.79
N2 NAG KA . 39.70 4.61 -15.55
O3 NAG KA . 42.44 5.32 -15.13
O4 NAG KA . 44.15 5.10 -17.43
O5 NAG KA . 41.47 2.70 -18.17
O6 NAG KA . 43.69 1.40 -18.61
O7 NAG KA . 39.81 3.41 -13.66
C1 NAG LA . 44.92 13.64 -34.07
C2 NAG LA . 45.54 12.37 -34.63
C3 NAG LA . 46.58 11.80 -33.66
C4 NAG LA . 47.60 12.87 -33.29
C5 NAG LA . 46.89 14.12 -32.78
C6 NAG LA . 47.84 15.26 -32.49
C7 NAG LA . 44.66 10.39 -35.80
C8 NAG LA . 43.50 9.46 -35.96
N2 NAG LA . 44.51 11.38 -34.91
O3 NAG LA . 47.24 10.70 -34.26
O4 NAG LA . 48.47 12.38 -32.28
O5 NAG LA . 45.95 14.59 -33.76
O6 NAG LA . 49.18 14.89 -32.72
O7 NAG LA . 45.70 10.26 -36.46
C1 NAG MA . 46.21 54.83 -29.29
C2 NAG MA . 46.26 56.31 -28.94
C3 NAG MA . 47.54 56.94 -29.49
C4 NAG MA . 48.77 56.16 -29.04
C5 NAG MA . 48.60 54.68 -29.40
C6 NAG MA . 49.73 53.82 -28.89
C7 NAG MA . 43.94 57.07 -28.78
C8 NAG MA . 42.83 57.82 -29.45
N2 NAG MA . 45.10 57.00 -29.45
O3 NAG MA . 47.63 58.29 -29.05
O4 NAG MA . 49.92 56.67 -29.69
O5 NAG MA . 47.40 54.17 -28.81
O6 NAG MA . 50.89 53.95 -29.71
O7 NAG MA . 43.80 56.55 -27.67
C1 NAG NA . 22.59 46.93 -49.67
C2 NAG NA . 23.15 47.22 -51.06
C3 NAG NA . 22.13 46.82 -52.12
C4 NAG NA . 21.70 45.37 -51.94
C5 NAG NA . 21.19 45.17 -50.52
C6 NAG NA . 20.85 43.73 -50.22
C7 NAG NA . 24.76 49.06 -50.97
C8 NAG NA . 24.97 50.53 -51.14
N2 NAG NA . 23.52 48.62 -51.19
O3 NAG NA . 22.71 46.99 -53.42
O4 NAG NA . 20.67 45.05 -52.87
O5 NAG NA . 22.20 45.55 -49.58
O6 NAG NA . 20.36 43.06 -51.38
O7 NAG NA . 25.67 48.31 -50.63
C1 NAG OA . 36.84 61.38 -48.39
C2 NAG OA . 37.53 61.06 -49.72
C3 NAG OA . 37.64 62.32 -50.57
C4 NAG OA . 36.29 62.98 -50.74
C5 NAG OA . 35.67 63.24 -49.37
C6 NAG OA . 34.28 63.82 -49.44
C7 NAG OA . 39.04 59.16 -49.38
C8 NAG OA . 40.45 58.73 -49.14
N2 NAG OA . 38.84 60.48 -49.49
O3 NAG OA . 38.18 61.97 -51.85
O4 NAG OA . 36.43 64.22 -51.43
O5 NAG OA . 35.57 62.01 -48.65
O6 NAG OA . 34.28 65.22 -49.14
O7 NAG OA . 38.12 58.35 -49.45
C1 NAG PA . 45.70 71.57 -32.70
C2 NAG PA . 47.14 71.07 -32.65
C3 NAG PA . 47.88 71.71 -31.49
C4 NAG PA . 47.78 73.22 -31.56
C5 NAG PA . 46.33 73.65 -31.66
C6 NAG PA . 46.16 75.14 -31.86
C7 NAG PA . 47.58 68.82 -33.55
C8 NAG PA . 47.56 67.35 -33.28
N2 NAG PA . 47.18 69.62 -32.55
O3 NAG PA . 49.25 71.30 -31.50
O4 NAG PA . 48.37 73.81 -30.40
O5 NAG PA . 45.70 73.00 -32.78
O6 NAG PA . 45.35 75.42 -33.00
O7 NAG PA . 47.94 69.28 -34.64
#